data_5WP6
#
_entry.id   5WP6
#
_cell.length_a   1.0
_cell.length_b   1.0
_cell.length_c   1.0
_cell.angle_alpha   90.00
_cell.angle_beta   90.00
_cell.angle_gamma   90.00
#
_symmetry.space_group_name_H-M   'P 1'
#
loop_
_entity.id
_entity.type
_entity.pdbx_description
1 polymer 'Transient receptor potential cation channel subfamily M member 4'
2 non-polymer DECAVANADATE
#
_entity_poly.entity_id   1
_entity_poly.type   'polypeptide(L)'
_entity_poly.pdbx_seq_one_letter_code
;MVVPEKEQSWIPKIFKKKTCTTFIVDSTDPGGTLCQCGRPRTAHPAVAMEDAFGAAVVTVWDSDAHTTEKPTDAYGELDF
TGAGRKHSNFLRLSDRTDPAAVYSLVTRTWGFRAPNLVVSVLGGSGGPVLQTWLQDLLRRGLVRAAQSTGAWIVTGGLHT
GIGRHVGVAVRDHQMASTGGTKVVAMGVAPWGVVRNRDTLINPKGSFPARYRWRGDPEDGVQFPLDYNYSAFFLVDDGTH
GCLGGENRFRLRLESYISQQKTGVGGTGIDIPVLLLLIDGDEKMLTRIENATQAQLPCLLVAGSGGAADCLAETLEDTLA
PGSGGARQGEARDRIRRFFPKGDLEVLQAQVERIMTRKELLTVYSSEDGSEEFETIVLKALVKACGSSEASAYLDELRLA
VAWNRVDIAQSELFRGDIQWRSFHLEASLMDALLNDRPEFVRLLISHGLSLGHFLTPMRLAQLYSAAPSNSLIRNLLDQA
SHSAGTKAPALKGGAAELRPPDVGHVLRMLLGKMCAPRYPSGGAWDPHPGQGFGESMYLLSDKATSPLSLDAGLGQAPWS
DLLLWALLLNRAQMAMYFWEMGSNAVSSALGACLLLRVMARLEPDAEEAARRKDLAFKFEGMGVDLFGECYRSSEVRAAR
LLLRRCPLWGDATCLQLAMQADARAFFAQDGVQSLLTQKWWGDMASTTPIWALVLAFFCPPLIYTRLITFRKSEEEPTRE
ELEFDMDSVINGEGPVGTADPAEKTPLGVPRQSGRPGCCGGRCGGRRCLRRWFHFWGAPVTIFMGNVVSYLLFLLLFSRV
LLVDFQPAPPGSLELLLYFWAFTLLCEELRQGLSGGGGSLASGGPGPGHASLSQRLRLYLADSWNQCDLVALTCFLLGVG
CRLTPGLYHLGRTVLCIDFMVFTVRLLHIFTVNKQLGPKIVIVSKMMKDVFFFLFFLGVWLVAYGVATEGLLRPRDSDFP
SILRRVFYRPYLQIFGQIPQEDMDVALMEHSNCSSEPGFWAHPPGAQAGTCVSQYANWLVVLLLVIFLLVANILLVNLLI
AMFSYTFGKVQGNSDLYWKAQRYRLIREFHSRPALAPPFIVISHLRLLLRQLCRRPRSPQPSSPALEHFRVYLSKEAERK
LLTWESVHKENFLLARARDKRESDSERLKRTSQKVDLALKQLGHIREYEQRLKVLEREVQQCSRVLGWVAEALSRSALLP
PGGPPPPDLPGSKD
;
_entity_poly.pdbx_strand_id   A,B,C,D
#
loop_
_chem_comp.id
_chem_comp.type
_chem_comp.name
_chem_comp.formula
DVT non-polymer DECAVANADATE 'O28 V10 -6'
#
# COMPACT_ATOMS: atom_id res chain seq x y z
N GLU A 7 55.63 2.48 5.81
CA GLU A 7 54.91 1.60 4.90
C GLU A 7 55.87 1.02 3.86
N GLN A 8 55.70 1.40 2.60
CA GLN A 8 56.64 0.96 1.58
C GLN A 8 57.96 1.70 1.72
N SER A 9 59.03 1.06 1.26
CA SER A 9 60.35 1.66 1.37
C SER A 9 61.21 1.43 0.14
N TRP A 10 60.69 0.84 -0.92
CA TRP A 10 61.42 0.66 -2.16
C TRP A 10 61.43 1.93 -3.00
N ILE A 11 60.60 2.90 -2.65
CA ILE A 11 60.59 4.20 -3.34
C ILE A 11 61.91 4.95 -3.21
N PRO A 12 62.52 5.11 -2.03
CA PRO A 12 63.87 5.70 -2.02
C PRO A 12 64.96 4.72 -2.38
N LYS A 13 64.63 3.47 -2.71
CA LYS A 13 65.63 2.56 -3.23
C LYS A 13 65.79 2.69 -4.73
N ILE A 14 64.70 2.85 -5.47
CA ILE A 14 64.82 2.90 -6.93
C ILE A 14 64.93 4.33 -7.45
N PHE A 15 63.93 5.16 -7.14
CA PHE A 15 63.86 6.51 -7.69
C PHE A 15 64.90 7.41 -7.07
N LYS A 16 65.54 8.21 -7.90
CA LYS A 16 66.69 9.02 -7.50
C LYS A 16 66.36 10.50 -7.68
N LYS A 17 67.25 11.35 -7.19
CA LYS A 17 67.17 12.78 -7.46
C LYS A 17 68.58 13.33 -7.59
N LYS A 18 68.65 14.63 -7.86
CA LYS A 18 69.90 15.28 -8.22
C LYS A 18 69.99 16.64 -7.55
N THR A 19 71.24 17.08 -7.34
CA THR A 19 71.54 18.34 -6.66
C THR A 19 72.49 19.18 -7.49
N CYS A 20 72.99 20.29 -6.93
CA CYS A 20 73.94 21.13 -7.64
C CYS A 20 75.38 20.68 -7.42
N HIS A 66 77.96 17.41 -13.94
CA HIS A 66 77.71 18.69 -13.30
C HIS A 66 76.76 18.52 -12.12
N THR A 67 76.40 17.28 -11.83
CA THR A 67 75.49 16.98 -10.74
C THR A 67 75.72 15.56 -10.26
N THR A 68 74.96 15.16 -9.24
CA THR A 68 75.11 13.85 -8.60
C THR A 68 73.76 13.14 -8.56
N GLU A 69 73.75 11.97 -7.92
CA GLU A 69 72.54 11.19 -7.75
C GLU A 69 72.43 10.71 -6.31
N LYS A 70 71.24 10.85 -5.74
CA LYS A 70 70.99 10.50 -4.35
C LYS A 70 69.62 9.83 -4.25
N PRO A 71 69.35 9.11 -3.16
CA PRO A 71 67.97 8.67 -2.90
C PRO A 71 67.05 9.85 -2.66
N THR A 72 65.76 9.55 -2.75
CA THR A 72 64.73 10.57 -2.89
C THR A 72 63.93 10.72 -1.61
N ASP A 73 63.79 11.94 -1.14
CA ASP A 73 62.93 12.25 -0.03
C ASP A 73 61.63 12.83 -0.55
N ALA A 74 60.81 13.34 0.37
CA ALA A 74 59.61 14.14 0.11
C ALA A 74 58.58 13.38 -0.73
N TYR A 75 58.03 12.35 -0.14
CA TYR A 75 56.99 11.61 -0.83
C TYR A 75 55.97 11.11 0.17
N GLY A 76 54.76 10.88 -0.32
CA GLY A 76 53.66 10.39 0.50
C GLY A 76 52.33 10.90 0.01
N GLU A 77 51.30 10.82 0.84
CA GLU A 77 50.01 11.39 0.49
C GLU A 77 49.95 12.85 0.93
N LEU A 78 49.02 13.58 0.31
CA LEU A 78 48.83 15.01 0.58
C LEU A 78 47.37 15.32 0.91
N ASP A 79 47.14 16.10 1.96
CA ASP A 79 45.78 16.45 2.35
C ASP A 79 45.51 17.95 2.47
N PHE A 80 44.39 18.39 1.91
CA PHE A 80 43.98 19.79 1.97
C PHE A 80 42.80 19.80 2.93
N THR A 81 42.83 20.68 3.93
CA THR A 81 41.76 20.68 4.93
C THR A 81 40.50 21.30 4.31
N GLY A 82 39.92 20.51 3.40
CA GLY A 82 38.77 20.96 2.65
C GLY A 82 37.80 19.81 2.45
N ALA A 83 36.73 20.09 1.70
CA ALA A 83 35.75 19.06 1.41
C ALA A 83 36.25 18.13 0.31
N GLY A 84 36.61 16.91 0.71
CA GLY A 84 37.11 15.91 -0.21
C GLY A 84 37.02 14.50 0.33
N ARG A 85 37.04 13.52 -0.55
CA ARG A 85 36.97 12.13 -0.14
C ARG A 85 38.32 11.39 -0.12
N LYS A 86 39.40 12.08 -0.49
CA LYS A 86 40.70 11.42 -0.53
C LYS A 86 41.92 12.33 -0.40
N HIS A 87 43.06 11.71 -0.08
CA HIS A 87 44.33 12.40 0.04
C HIS A 87 45.07 12.13 -1.26
N SER A 88 45.61 13.17 -1.88
CA SER A 88 46.26 13.00 -3.17
C SER A 88 47.73 12.63 -3.04
N ASN A 89 48.24 11.86 -3.99
CA ASN A 89 49.61 11.37 -3.93
C ASN A 89 50.54 12.30 -4.68
N PHE A 90 51.79 12.31 -4.23
CA PHE A 90 52.83 13.08 -4.90
C PHE A 90 54.15 12.35 -4.81
N LEU A 91 55.01 12.64 -5.77
CA LEU A 91 56.33 12.03 -5.80
C LEU A 91 57.31 12.96 -6.48
N ARG A 92 58.44 13.20 -5.84
CA ARG A 92 59.56 13.88 -6.47
C ARG A 92 60.39 12.86 -7.22
N LEU A 93 60.72 13.16 -8.48
CA LEU A 93 61.55 12.20 -9.19
C LEU A 93 62.42 12.94 -10.19
N SER A 94 63.54 12.31 -10.51
CA SER A 94 64.53 12.92 -11.38
C SER A 94 64.23 12.65 -12.83
N ASP A 95 64.68 13.57 -13.66
CA ASP A 95 64.57 13.42 -15.10
C ASP A 95 65.52 12.33 -15.59
N ARG A 96 65.27 11.86 -16.81
CA ARG A 96 65.96 10.75 -17.46
C ARG A 96 65.83 9.47 -16.64
N THR A 97 64.58 9.11 -16.36
CA THR A 97 64.23 7.87 -15.70
C THR A 97 63.35 7.08 -16.66
N ASP A 98 63.44 5.76 -16.60
CA ASP A 98 62.61 4.91 -17.44
C ASP A 98 61.16 5.00 -16.98
N PRO A 99 60.24 5.45 -17.83
CA PRO A 99 58.87 5.68 -17.38
C PRO A 99 58.07 4.41 -17.19
N ALA A 100 58.62 3.25 -17.55
CA ALA A 100 57.93 2.00 -17.27
C ALA A 100 57.79 1.79 -15.77
N ALA A 101 58.79 2.25 -15.00
CA ALA A 101 58.72 2.14 -13.56
C ALA A 101 57.63 3.03 -12.98
N VAL A 102 57.47 4.24 -13.51
CA VAL A 102 56.47 5.12 -12.92
C VAL A 102 55.07 4.70 -13.36
N TYR A 103 54.94 4.11 -14.56
CA TYR A 103 53.64 3.58 -14.95
C TYR A 103 53.27 2.37 -14.11
N SER A 104 54.24 1.52 -13.80
CA SER A 104 53.98 0.38 -12.92
C SER A 104 53.67 0.84 -11.51
N LEU A 105 54.27 1.95 -11.08
CA LEU A 105 53.94 2.52 -9.79
C LEU A 105 52.49 3.00 -9.74
N VAL A 106 52.06 3.73 -10.77
CA VAL A 106 50.72 4.31 -10.75
C VAL A 106 49.66 3.23 -10.91
N THR A 107 49.93 2.22 -11.73
CA THR A 107 48.94 1.18 -11.91
C THR A 107 48.88 0.24 -10.70
N ARG A 108 50.03 -0.22 -10.23
CA ARG A 108 50.05 -1.29 -9.24
C ARG A 108 49.84 -0.79 -7.81
N THR A 109 50.73 0.08 -7.33
CA THR A 109 50.76 0.40 -5.91
C THR A 109 49.60 1.28 -5.50
N TRP A 110 49.53 2.48 -6.08
CA TRP A 110 48.39 3.35 -5.88
C TRP A 110 47.16 2.76 -6.56
N GLY A 111 45.99 3.14 -6.09
CA GLY A 111 44.80 2.43 -6.51
C GLY A 111 44.17 2.84 -7.82
N PHE A 112 44.96 3.30 -8.79
CA PHE A 112 44.37 3.78 -10.02
C PHE A 112 44.17 2.64 -11.00
N ARG A 113 43.08 2.72 -11.75
CA ARG A 113 42.78 1.77 -12.81
C ARG A 113 43.50 2.19 -14.08
N ALA A 114 43.80 1.22 -14.92
CA ALA A 114 44.50 1.49 -16.17
C ALA A 114 43.59 2.28 -17.10
N PRO A 115 44.10 3.28 -17.78
CA PRO A 115 43.23 4.20 -18.51
C PRO A 115 42.81 3.64 -19.86
N ASN A 116 41.75 4.26 -20.40
CA ASN A 116 41.28 3.97 -21.75
C ASN A 116 41.57 5.08 -22.73
N LEU A 117 41.76 6.31 -22.28
CA LEU A 117 41.94 7.43 -23.19
C LEU A 117 42.76 8.51 -22.50
N VAL A 118 43.80 8.99 -23.17
CA VAL A 118 44.68 10.00 -22.62
C VAL A 118 44.62 11.22 -23.54
N VAL A 119 43.92 12.26 -23.12
CA VAL A 119 43.98 13.55 -23.78
C VAL A 119 44.97 14.40 -23.01
N SER A 120 45.53 15.39 -23.69
CA SER A 120 46.51 16.24 -23.02
C SER A 120 46.27 17.69 -23.45
N VAL A 121 45.72 18.48 -22.53
CA VAL A 121 45.55 19.90 -22.75
C VAL A 121 46.90 20.57 -22.74
N LEU A 122 47.24 21.25 -23.82
CA LEU A 122 48.59 21.79 -23.88
C LEU A 122 48.55 23.15 -24.57
N GLY A 123 48.44 24.21 -23.76
CA GLY A 123 48.37 25.55 -24.29
C GLY A 123 48.65 26.58 -23.22
N GLY A 124 48.80 27.82 -23.66
CA GLY A 124 48.94 28.93 -22.74
C GLY A 124 48.16 30.15 -23.19
N SER A 125 47.22 30.60 -22.37
CA SER A 125 46.50 31.83 -22.66
C SER A 125 47.17 33.05 -22.06
N GLY A 126 48.16 32.87 -21.19
CA GLY A 126 48.80 33.96 -20.50
C GLY A 126 48.14 34.38 -19.19
N GLY A 127 46.95 33.89 -18.89
CA GLY A 127 46.26 34.25 -17.67
C GLY A 127 45.19 35.35 -17.55
N PRO A 128 44.61 35.90 -18.62
CA PRO A 128 43.35 36.63 -18.42
C PRO A 128 42.18 35.68 -18.36
N VAL A 129 41.00 36.26 -18.10
CA VAL A 129 39.78 35.47 -18.16
C VAL A 129 39.42 35.22 -19.61
N LEU A 130 39.08 33.98 -19.92
CA LEU A 130 38.77 33.56 -21.28
C LEU A 130 37.33 33.91 -21.64
N GLN A 131 37.08 34.03 -22.94
CA GLN A 131 35.72 34.31 -23.40
C GLN A 131 34.85 33.07 -23.21
N THR A 132 33.53 33.30 -23.27
CA THR A 132 32.58 32.40 -22.62
C THR A 132 32.44 31.06 -23.33
N TRP A 133 32.58 31.03 -24.66
CA TRP A 133 32.39 29.76 -25.33
C TRP A 133 33.56 28.81 -25.16
N LEU A 134 34.74 29.32 -24.84
CA LEU A 134 35.83 28.43 -24.43
C LEU A 134 35.52 27.78 -23.09
N GLN A 135 34.93 28.54 -22.16
CA GLN A 135 34.49 27.96 -20.90
C GLN A 135 33.40 26.92 -21.14
N ASP A 136 32.52 27.18 -22.11
CA ASP A 136 31.49 26.20 -22.45
C ASP A 136 32.12 24.94 -23.05
N LEU A 137 33.17 25.09 -23.84
CA LEU A 137 33.83 23.94 -24.45
C LEU A 137 34.52 23.08 -23.40
N LEU A 138 35.32 23.70 -22.53
CA LEU A 138 35.98 22.91 -21.51
C LEU A 138 35.05 22.44 -20.40
N ARG A 139 33.86 23.05 -20.33
CA ARG A 139 32.85 22.68 -19.35
C ARG A 139 31.85 21.64 -19.86
N ARG A 140 31.85 21.39 -21.17
CA ARG A 140 30.96 20.41 -21.77
C ARG A 140 31.68 19.25 -22.44
N GLY A 141 32.78 19.51 -23.15
CA GLY A 141 33.39 18.50 -23.98
C GLY A 141 34.50 17.68 -23.35
N LEU A 142 35.34 18.30 -22.53
CA LEU A 142 36.48 17.59 -21.95
C LEU A 142 36.24 17.14 -20.53
N VAL A 143 35.02 17.22 -20.02
CA VAL A 143 34.71 16.68 -18.71
C VAL A 143 33.62 15.63 -18.81
N ARG A 144 32.58 15.89 -19.58
CA ARG A 144 31.53 14.89 -19.76
C ARG A 144 32.04 13.67 -20.49
N ALA A 145 32.82 13.88 -21.54
CA ALA A 145 33.45 12.76 -22.22
C ALA A 145 34.51 12.11 -21.35
N ALA A 146 35.12 12.87 -20.46
CA ALA A 146 36.21 12.34 -19.67
C ALA A 146 35.75 11.55 -18.45
N GLN A 147 34.49 11.69 -18.02
CA GLN A 147 33.98 10.75 -17.04
C GLN A 147 33.01 9.74 -17.64
N SER A 148 32.62 9.91 -18.90
CA SER A 148 31.86 8.85 -19.54
C SER A 148 32.73 7.62 -19.75
N THR A 149 33.79 7.78 -20.53
CA THR A 149 34.82 6.77 -20.62
C THR A 149 35.81 7.01 -19.50
N GLY A 150 36.39 5.93 -18.97
CA GLY A 150 37.41 6.09 -17.97
C GLY A 150 38.66 6.67 -18.58
N ALA A 151 38.94 7.93 -18.31
CA ALA A 151 40.00 8.63 -19.03
C ALA A 151 40.87 9.41 -18.06
N TRP A 152 41.97 9.91 -18.58
CA TRP A 152 42.89 10.76 -17.83
C TRP A 152 42.98 12.13 -18.49
N ILE A 153 43.46 13.09 -17.73
CA ILE A 153 43.76 14.42 -18.25
C ILE A 153 45.14 14.80 -17.75
N VAL A 154 46.09 14.92 -18.66
CA VAL A 154 47.45 15.33 -18.31
C VAL A 154 47.55 16.83 -18.52
N THR A 155 47.92 17.54 -17.46
CA THR A 155 47.94 19.00 -17.46
C THR A 155 49.12 19.44 -16.62
N GLY A 156 49.77 20.53 -17.05
CA GLY A 156 50.67 21.25 -16.17
C GLY A 156 49.95 21.62 -14.88
N GLY A 157 50.32 20.97 -13.79
CA GLY A 157 49.48 20.91 -12.62
C GLY A 157 49.58 22.06 -11.63
N LEU A 158 50.07 23.19 -12.06
CA LEU A 158 50.26 24.32 -11.15
C LEU A 158 48.94 25.03 -10.92
N HIS A 159 49.00 26.21 -10.33
CA HIS A 159 47.87 27.09 -10.23
C HIS A 159 48.21 28.36 -10.98
N THR A 160 47.18 29.06 -11.46
CA THR A 160 47.27 30.18 -12.39
C THR A 160 48.09 29.82 -13.63
N GLY A 161 47.59 28.83 -14.35
CA GLY A 161 48.11 28.52 -15.66
C GLY A 161 46.93 28.25 -16.54
N ILE A 162 47.09 27.39 -17.55
CA ILE A 162 45.92 26.95 -18.29
C ILE A 162 45.09 26.00 -17.44
N GLY A 163 45.74 25.28 -16.53
CA GLY A 163 45.06 24.24 -15.78
C GLY A 163 44.12 24.76 -14.73
N ARG A 164 44.17 26.05 -14.40
CA ARG A 164 43.24 26.60 -13.45
C ARG A 164 41.82 26.58 -14.00
N HIS A 165 41.67 26.85 -15.30
CA HIS A 165 40.35 26.77 -15.93
C HIS A 165 39.88 25.33 -16.01
N VAL A 166 40.81 24.40 -16.21
CA VAL A 166 40.47 22.99 -16.22
C VAL A 166 39.95 22.55 -14.85
N GLY A 167 40.62 23.04 -13.80
CA GLY A 167 40.17 22.72 -12.46
C GLY A 167 38.81 23.33 -12.15
N VAL A 168 38.55 24.54 -12.64
CA VAL A 168 37.24 25.16 -12.47
C VAL A 168 36.17 24.34 -13.18
N ALA A 169 36.49 23.83 -14.36
CA ALA A 169 35.52 23.03 -15.10
C ALA A 169 35.23 21.70 -14.40
N VAL A 170 36.26 21.04 -13.89
CA VAL A 170 36.09 19.78 -13.17
C VAL A 170 35.27 19.99 -11.90
N ARG A 171 35.60 21.04 -11.16
CA ARG A 171 34.90 21.35 -9.91
C ARG A 171 33.43 21.68 -10.16
N ASP A 172 33.16 22.45 -11.21
CA ASP A 172 31.78 22.79 -11.53
C ASP A 172 30.99 21.57 -11.96
N HIS A 173 31.62 20.67 -12.70
CA HIS A 173 30.87 19.50 -13.15
C HIS A 173 30.62 18.52 -12.03
N GLN A 174 31.51 18.46 -11.03
CA GLN A 174 31.19 17.64 -9.87
C GLN A 174 30.10 18.30 -9.03
N MET A 175 30.13 19.62 -8.88
CA MET A 175 29.13 20.30 -8.07
C MET A 175 27.77 20.37 -8.74
N ALA A 176 27.69 20.17 -10.05
CA ALA A 176 26.41 20.28 -10.74
C ALA A 176 25.55 19.03 -10.52
N SER A 177 26.16 17.86 -10.65
CA SER A 177 25.41 16.62 -10.50
C SER A 177 26.34 15.52 -10.01
N THR A 178 25.75 14.41 -9.58
CA THR A 178 26.47 13.26 -9.08
C THR A 178 26.09 12.04 -9.92
N GLY A 179 26.96 11.67 -10.85
CA GLY A 179 26.73 10.51 -11.67
C GLY A 179 27.75 9.42 -11.42
N GLY A 180 28.59 9.64 -10.39
CA GLY A 180 29.60 8.68 -10.03
C GLY A 180 30.82 8.74 -10.93
N THR A 181 31.85 8.01 -10.51
CA THR A 181 33.13 7.84 -11.21
C THR A 181 33.79 9.21 -11.45
N LYS A 182 34.25 9.80 -10.35
CA LYS A 182 34.74 11.17 -10.34
C LYS A 182 35.97 11.32 -11.23
N VAL A 183 36.14 12.53 -11.77
CA VAL A 183 37.13 12.75 -12.81
C VAL A 183 38.52 12.80 -12.18
N VAL A 184 39.41 11.95 -12.66
CA VAL A 184 40.77 11.93 -12.20
C VAL A 184 41.58 12.83 -13.11
N ALA A 185 42.75 13.24 -12.63
CA ALA A 185 43.66 14.08 -13.38
C ALA A 185 45.03 13.99 -12.75
N MET A 186 46.06 13.95 -13.58
CA MET A 186 47.41 14.00 -13.05
C MET A 186 47.98 15.38 -13.29
N GLY A 187 49.02 15.70 -12.54
CA GLY A 187 49.72 16.96 -12.77
C GLY A 187 51.22 16.78 -12.82
N VAL A 188 51.80 17.09 -13.96
CA VAL A 188 53.24 17.12 -14.12
C VAL A 188 53.68 18.54 -13.85
N ALA A 189 54.65 18.72 -12.96
CA ALA A 189 55.06 20.08 -12.67
C ALA A 189 56.53 20.08 -12.27
N PRO A 190 57.24 21.17 -12.55
CA PRO A 190 58.65 21.23 -12.15
C PRO A 190 58.84 21.67 -10.71
N TRP A 191 59.64 20.89 -9.99
CA TRP A 191 60.11 21.24 -8.64
C TRP A 191 60.95 22.50 -8.72
N GLY A 192 60.47 23.60 -8.16
CA GLY A 192 61.21 24.83 -8.28
C GLY A 192 60.33 26.05 -8.37
N VAL A 193 59.03 25.83 -8.57
CA VAL A 193 58.07 26.92 -8.59
C VAL A 193 56.98 26.76 -7.53
N VAL A 194 56.99 25.65 -6.80
CA VAL A 194 56.04 25.44 -5.72
C VAL A 194 56.41 26.36 -4.55
N ARG A 195 55.39 27.00 -3.97
CA ARG A 195 55.62 28.13 -3.06
C ARG A 195 56.27 27.68 -1.75
N ASN A 196 55.59 26.84 -0.99
CA ASN A 196 56.07 26.45 0.33
C ASN A 196 56.67 25.07 0.26
N ARG A 197 57.99 24.99 0.42
CA ARG A 197 58.66 23.75 0.72
C ARG A 197 58.67 23.57 2.24
N ASP A 198 59.53 22.65 2.71
CA ASP A 198 59.82 22.41 4.12
C ASP A 198 58.61 21.98 4.94
N THR A 199 57.50 21.67 4.29
CA THR A 199 56.39 20.97 4.90
C THR A 199 56.09 19.70 4.15
N LEU A 200 56.88 19.37 3.15
CA LEU A 200 56.78 18.13 2.43
C LEU A 200 58.00 17.26 2.58
N ILE A 201 59.16 17.84 2.85
CA ILE A 201 60.43 17.11 2.80
C ILE A 201 60.75 16.54 4.17
N ASN A 202 60.91 15.22 4.22
CA ASN A 202 61.27 14.46 5.40
C ASN A 202 61.81 13.12 4.95
N PRO A 203 62.93 12.66 5.50
CA PRO A 203 63.62 11.50 4.89
C PRO A 203 62.89 10.20 5.05
N LYS A 204 62.04 10.06 6.05
CA LYS A 204 61.18 8.88 6.12
C LYS A 204 59.90 9.11 5.33
N GLY A 205 59.35 10.31 5.41
CA GLY A 205 58.17 10.65 4.65
C GLY A 205 56.96 10.85 5.55
N SER A 206 56.08 11.75 5.13
CA SER A 206 54.91 12.12 5.91
C SER A 206 53.68 11.58 5.21
N PHE A 207 52.88 10.78 5.91
CA PHE A 207 51.72 10.21 5.27
C PHE A 207 50.52 11.15 5.24
N PRO A 208 50.16 11.88 6.30
CA PRO A 208 49.44 13.13 6.04
C PRO A 208 50.41 14.28 5.97
N ALA A 209 50.07 15.33 5.23
CA ALA A 209 50.89 16.53 5.20
C ALA A 209 49.99 17.74 5.11
N ARG A 210 49.91 18.50 6.20
CA ARG A 210 49.16 19.74 6.18
C ARG A 210 49.90 20.76 5.33
N TYR A 211 49.14 21.54 4.55
CA TYR A 211 49.71 22.38 3.53
C TYR A 211 49.20 23.80 3.71
N ARG A 212 50.08 24.78 3.52
CA ARG A 212 49.79 26.18 3.79
C ARG A 212 50.08 27.01 2.54
N TRP A 213 49.11 27.83 2.12
CA TRP A 213 49.37 28.72 1.00
C TRP A 213 50.06 29.98 1.47
N ARG A 214 49.48 30.65 2.45
CA ARG A 214 50.05 31.88 2.98
C ARG A 214 50.84 31.61 4.27
N GLY A 215 51.91 32.37 4.46
CA GLY A 215 52.74 32.22 5.64
C GLY A 215 54.00 33.08 5.58
N VAL A 221 59.73 34.31 -8.50
CA VAL A 221 58.52 33.76 -9.11
C VAL A 221 58.16 32.44 -8.48
N GLN A 222 56.99 32.35 -7.87
CA GLN A 222 56.51 31.13 -7.26
C GLN A 222 55.03 30.97 -7.55
N PHE A 223 54.51 29.78 -7.24
CA PHE A 223 53.12 29.42 -7.50
C PHE A 223 52.70 28.42 -6.45
N PRO A 224 51.41 28.35 -6.13
CA PRO A 224 50.90 27.28 -5.27
C PRO A 224 50.43 26.10 -6.10
N LEU A 225 50.14 25.00 -5.42
CA LEU A 225 49.56 23.83 -6.08
C LEU A 225 48.05 23.91 -6.05
N ASP A 226 47.42 23.49 -7.14
CA ASP A 226 45.98 23.56 -7.23
C ASP A 226 45.35 22.48 -6.35
N TYR A 227 44.12 22.72 -5.93
CA TYR A 227 43.40 21.74 -5.14
C TYR A 227 42.23 21.21 -5.96
N ASN A 228 42.55 20.45 -6.96
CA ASN A 228 41.49 19.68 -7.58
C ASN A 228 41.98 18.34 -8.08
N TYR A 229 43.26 18.05 -7.96
CA TYR A 229 43.86 16.94 -8.69
C TYR A 229 43.96 15.72 -7.79
N SER A 230 44.60 14.68 -8.32
CA SER A 230 44.74 13.45 -7.57
C SER A 230 46.14 12.86 -7.68
N ALA A 231 47.06 13.46 -8.42
CA ALA A 231 48.40 12.94 -8.52
C ALA A 231 49.33 14.07 -8.90
N PHE A 232 50.52 14.07 -8.30
CA PHE A 232 51.48 15.15 -8.52
C PHE A 232 52.86 14.58 -8.77
N PHE A 233 53.26 14.54 -10.02
CA PHE A 233 54.65 14.24 -10.35
C PHE A 233 55.41 15.53 -10.32
N LEU A 234 56.50 15.56 -9.58
CA LEU A 234 57.33 16.74 -9.51
C LEU A 234 58.67 16.37 -10.13
N VAL A 235 58.86 16.82 -11.35
CA VAL A 235 60.11 16.63 -12.05
C VAL A 235 61.10 17.63 -11.47
N ASP A 236 62.35 17.22 -11.32
CA ASP A 236 63.36 18.15 -10.89
C ASP A 236 64.53 18.12 -11.86
N ASP A 237 65.12 19.29 -12.09
CA ASP A 237 66.29 19.42 -12.92
C ASP A 237 67.41 20.19 -12.25
N GLY A 238 67.11 20.94 -11.19
CA GLY A 238 68.12 21.65 -10.42
C GLY A 238 68.15 23.10 -10.84
N THR A 239 67.40 23.92 -10.11
CA THR A 239 67.20 25.34 -10.38
C THR A 239 66.36 25.94 -9.26
N HIS A 240 66.04 27.22 -9.37
CA HIS A 240 65.12 27.86 -8.43
C HIS A 240 64.27 28.85 -9.22
N GLY A 241 63.10 28.39 -9.69
CA GLY A 241 62.18 29.28 -10.35
C GLY A 241 62.31 29.39 -11.85
N CYS A 242 62.63 28.29 -12.53
CA CYS A 242 62.71 28.29 -13.99
C CYS A 242 61.43 27.66 -14.53
N LEU A 243 60.45 28.49 -14.88
CA LEU A 243 59.22 27.99 -15.47
C LEU A 243 59.46 27.57 -16.91
N GLY A 244 58.81 26.48 -17.31
CA GLY A 244 59.05 25.90 -18.62
C GLY A 244 60.43 25.28 -18.72
N GLY A 245 60.69 24.26 -17.91
CA GLY A 245 62.01 23.67 -17.84
C GLY A 245 62.03 22.16 -17.91
N GLU A 246 60.87 21.55 -18.11
CA GLU A 246 60.80 20.10 -18.28
C GLU A 246 59.71 19.75 -19.26
N ASN A 247 60.10 19.10 -20.36
CA ASN A 247 59.16 18.61 -21.36
C ASN A 247 59.44 17.20 -21.84
N ARG A 248 60.69 16.74 -21.81
CA ARG A 248 61.01 15.45 -22.43
C ARG A 248 60.48 14.30 -21.61
N PHE A 249 60.39 14.47 -20.29
CA PHE A 249 59.72 13.49 -19.45
C PHE A 249 58.26 13.35 -19.82
N ARG A 250 57.58 14.47 -20.05
CA ARG A 250 56.18 14.46 -20.43
C ARG A 250 55.97 13.82 -21.79
N LEU A 251 56.86 14.11 -22.74
CA LEU A 251 56.73 13.52 -24.06
C LEU A 251 57.02 12.03 -24.03
N ARG A 252 57.99 11.59 -23.24
CA ARG A 252 58.29 10.17 -23.19
C ARG A 252 57.21 9.39 -22.46
N LEU A 253 56.57 9.98 -21.44
CA LEU A 253 55.44 9.30 -20.80
C LEU A 253 54.26 9.17 -21.75
N GLU A 254 53.93 10.25 -22.43
CA GLU A 254 52.82 10.25 -23.35
C GLU A 254 53.10 9.22 -24.44
N SER A 255 54.35 9.11 -24.85
CA SER A 255 54.67 8.17 -25.91
C SER A 255 54.71 6.72 -25.42
N TYR A 256 55.10 6.50 -24.17
CA TYR A 256 55.16 5.13 -23.67
C TYR A 256 53.78 4.55 -23.44
N ILE A 257 52.78 5.40 -23.15
CA ILE A 257 51.44 4.87 -22.92
C ILE A 257 50.87 4.26 -24.20
N SER A 258 51.18 4.83 -25.36
CA SER A 258 50.57 4.38 -26.60
C SER A 258 51.19 3.12 -27.17
N GLN A 259 51.94 2.34 -26.41
CA GLN A 259 52.47 1.05 -26.86
C GLN A 259 52.23 -0.01 -25.80
N GLN A 260 51.01 -0.04 -25.30
CA GLN A 260 50.63 -0.90 -24.20
C GLN A 260 49.19 -1.32 -24.41
N LYS A 261 48.90 -2.59 -24.22
CA LYS A 261 47.56 -3.07 -24.57
C LYS A 261 46.56 -2.71 -23.49
N THR A 262 45.29 -2.82 -23.84
CA THR A 262 44.19 -2.62 -22.92
C THR A 262 43.57 -3.95 -22.56
N GLY A 263 42.60 -3.90 -21.66
CA GLY A 263 41.87 -5.09 -21.27
C GLY A 263 42.69 -5.98 -20.37
N VAL A 264 42.13 -7.16 -20.08
CA VAL A 264 42.79 -8.09 -19.17
C VAL A 264 43.94 -8.81 -19.87
N GLY A 265 43.62 -9.60 -20.88
CA GLY A 265 44.65 -10.18 -21.71
C GLY A 265 45.04 -9.24 -22.81
N GLY A 266 46.14 -9.55 -23.47
CA GLY A 266 46.49 -8.72 -24.60
C GLY A 266 45.77 -9.24 -25.82
N THR A 267 44.59 -8.70 -26.06
CA THR A 267 43.75 -9.09 -27.18
C THR A 267 43.35 -7.92 -28.05
N GLY A 268 42.88 -6.84 -27.44
CA GLY A 268 42.25 -5.75 -28.17
C GLY A 268 43.23 -4.77 -28.77
N ILE A 269 43.00 -3.49 -28.52
CA ILE A 269 43.70 -2.44 -29.20
C ILE A 269 44.72 -1.79 -28.26
N ASP A 270 45.58 -0.97 -28.85
CA ASP A 270 46.45 -0.08 -28.10
C ASP A 270 45.68 1.17 -27.69
N ILE A 271 46.09 1.76 -26.57
CA ILE A 271 45.39 2.91 -26.01
C ILE A 271 45.61 4.11 -26.92
N PRO A 272 44.57 4.81 -27.32
CA PRO A 272 44.76 6.03 -28.10
C PRO A 272 45.09 7.21 -27.22
N VAL A 273 45.87 8.13 -27.77
CA VAL A 273 46.32 9.31 -27.04
C VAL A 273 46.27 10.50 -27.98
N LEU A 274 45.88 11.67 -27.47
CA LEU A 274 45.79 12.82 -28.34
C LEU A 274 46.07 14.12 -27.59
N LEU A 275 46.69 15.05 -28.31
CA LEU A 275 47.10 16.35 -27.79
C LEU A 275 46.12 17.40 -28.30
N LEU A 276 45.50 18.12 -27.37
CA LEU A 276 44.51 19.13 -27.69
C LEU A 276 45.08 20.48 -27.33
N LEU A 277 45.17 21.38 -28.31
CA LEU A 277 45.69 22.70 -28.02
C LEU A 277 44.70 23.79 -28.40
N ILE A 278 44.32 24.58 -27.40
CA ILE A 278 43.85 25.94 -27.56
C ILE A 278 45.11 26.80 -27.62
N ASP A 279 44.93 28.10 -27.87
CA ASP A 279 45.95 29.15 -28.03
C ASP A 279 47.15 29.00 -27.11
N GLY A 280 48.34 29.11 -27.70
CA GLY A 280 49.57 29.05 -26.94
C GLY A 280 50.38 30.32 -27.05
N ASP A 281 51.63 30.19 -27.46
CA ASP A 281 52.53 31.33 -27.61
C ASP A 281 53.51 31.01 -28.73
N GLU A 282 54.61 31.76 -28.79
CA GLU A 282 55.52 31.69 -29.91
C GLU A 282 56.48 30.52 -29.86
N LYS A 283 56.39 29.67 -28.84
CA LYS A 283 57.25 28.49 -28.74
C LYS A 283 56.45 27.20 -28.73
N MET A 284 55.15 27.27 -28.97
CA MET A 284 54.32 26.08 -28.93
C MET A 284 54.44 25.24 -30.19
N LEU A 285 54.90 25.84 -31.29
CA LEU A 285 55.06 25.11 -32.54
C LEU A 285 56.15 24.07 -32.46
N THR A 286 57.19 24.35 -31.66
CA THR A 286 58.23 23.36 -31.42
C THR A 286 57.66 22.16 -30.67
N ARG A 287 56.80 22.43 -29.69
CA ARG A 287 56.16 21.37 -28.91
C ARG A 287 55.24 20.53 -29.79
N ILE A 288 54.60 21.16 -30.77
CA ILE A 288 53.79 20.42 -31.75
C ILE A 288 54.67 19.52 -32.60
N GLU A 289 55.75 20.09 -33.16
CA GLU A 289 56.52 19.38 -34.17
C GLU A 289 57.32 18.22 -33.59
N ASN A 290 57.72 18.33 -32.31
CA ASN A 290 58.44 17.22 -31.67
C ASN A 290 57.58 15.96 -31.61
N ALA A 291 56.35 16.10 -31.09
CA ALA A 291 55.46 14.96 -30.93
C ALA A 291 55.02 14.42 -32.28
N THR A 292 54.55 15.31 -33.16
CA THR A 292 54.02 14.84 -34.43
C THR A 292 55.10 14.38 -35.39
N GLN A 293 56.37 14.63 -35.09
CA GLN A 293 57.43 13.98 -35.84
C GLN A 293 57.85 12.68 -35.20
N ALA A 294 57.85 12.61 -33.86
CA ALA A 294 58.42 11.46 -33.19
C ALA A 294 57.46 10.27 -33.16
N GLN A 295 56.32 10.43 -32.48
CA GLN A 295 55.65 9.24 -31.97
C GLN A 295 54.31 8.98 -32.62
N LEU A 296 53.96 9.75 -33.65
CA LEU A 296 52.66 9.78 -34.32
C LEU A 296 51.45 9.79 -33.37
N PRO A 297 51.24 10.79 -32.52
CA PRO A 297 49.91 10.92 -31.92
C PRO A 297 49.04 11.85 -32.73
N CYS A 298 47.73 11.62 -32.64
CA CYS A 298 46.80 12.48 -33.35
C CYS A 298 46.68 13.81 -32.64
N LEU A 299 46.65 14.89 -33.40
CA LEU A 299 46.54 16.22 -32.84
C LEU A 299 45.12 16.75 -32.97
N LEU A 300 44.83 17.80 -32.22
CA LEU A 300 43.58 18.52 -32.41
C LEU A 300 43.79 19.98 -32.06
N VAL A 301 43.33 20.85 -32.95
CA VAL A 301 43.56 22.29 -32.87
C VAL A 301 42.22 22.96 -32.67
N ALA A 302 42.01 23.58 -31.51
CA ALA A 302 40.76 24.28 -31.29
C ALA A 302 40.77 25.58 -32.08
N GLY A 303 39.70 25.82 -32.83
CA GLY A 303 39.62 27.02 -33.63
C GLY A 303 39.44 28.26 -32.79
N SER A 304 39.73 29.41 -33.42
CA SER A 304 39.58 30.75 -32.83
C SER A 304 40.43 30.93 -31.57
N GLY A 305 41.68 30.52 -31.65
CA GLY A 305 42.64 30.85 -30.61
C GLY A 305 43.41 32.10 -30.98
N GLY A 306 44.71 32.11 -30.71
CA GLY A 306 45.56 33.21 -31.12
C GLY A 306 46.97 32.83 -31.52
N ALA A 307 47.30 31.54 -31.45
CA ALA A 307 48.63 31.09 -31.87
C ALA A 307 48.59 29.76 -32.61
N ALA A 308 47.41 29.19 -32.83
CA ALA A 308 47.26 28.00 -33.63
C ALA A 308 46.32 28.20 -34.80
N ASP A 309 45.67 29.36 -34.91
CA ASP A 309 44.84 29.65 -36.06
C ASP A 309 45.67 29.87 -37.32
N CYS A 310 46.96 30.18 -37.16
CA CYS A 310 47.88 30.16 -38.28
C CYS A 310 47.93 28.79 -38.93
N LEU A 311 47.93 27.73 -38.12
CA LEU A 311 47.91 26.38 -38.66
C LEU A 311 46.58 26.06 -39.30
N ALA A 312 45.48 26.63 -38.79
CA ALA A 312 44.18 26.44 -39.41
C ALA A 312 44.11 27.10 -40.78
N GLU A 313 44.64 28.32 -40.89
CA GLU A 313 44.64 28.99 -42.19
C GLU A 313 45.59 28.31 -43.18
N THR A 314 46.74 27.83 -42.72
CA THR A 314 47.63 27.19 -43.67
C THR A 314 47.21 25.76 -43.99
N LEU A 315 46.31 25.17 -43.22
CA LEU A 315 45.75 23.88 -43.60
C LEU A 315 44.49 24.04 -44.43
N GLU A 316 43.81 25.17 -44.31
CA GLU A 316 42.61 25.40 -45.12
C GLU A 316 42.91 25.88 -46.54
N ASP A 317 44.18 25.86 -46.95
CA ASP A 317 44.50 26.18 -48.34
C ASP A 317 44.03 25.07 -49.28
N THR A 318 44.14 23.82 -48.84
CA THR A 318 43.71 22.70 -49.66
C THR A 318 42.28 22.29 -49.30
N ARG A 327 55.47 36.17 -50.66
CA ARG A 327 54.86 34.91 -50.26
C ARG A 327 53.73 35.15 -49.29
N GLN A 328 52.71 34.28 -49.36
CA GLN A 328 51.56 34.40 -48.47
C GLN A 328 51.86 33.93 -47.06
N GLY A 329 52.92 33.14 -46.88
CA GLY A 329 53.29 32.69 -45.54
C GLY A 329 53.74 33.82 -44.65
N GLU A 330 54.39 34.83 -45.23
CA GLU A 330 54.74 36.03 -44.48
C GLU A 330 53.49 36.86 -44.19
N ALA A 331 52.48 36.79 -45.07
CA ALA A 331 51.23 37.47 -44.80
C ALA A 331 50.48 36.78 -43.66
N ARG A 332 50.64 35.46 -43.54
CA ARG A 332 49.92 34.72 -42.52
C ARG A 332 50.64 34.78 -41.17
N ASP A 333 51.97 34.75 -41.17
CA ASP A 333 52.75 34.71 -39.92
C ASP A 333 52.77 36.04 -39.18
N ARG A 334 52.24 37.10 -39.76
CA ARG A 334 52.18 38.38 -39.08
C ARG A 334 50.75 38.89 -38.90
N ILE A 335 49.76 38.14 -39.38
CA ILE A 335 48.37 38.56 -39.23
C ILE A 335 47.63 37.80 -38.15
N ARG A 336 47.79 36.47 -38.08
CA ARG A 336 47.06 35.65 -37.10
C ARG A 336 47.94 35.25 -35.92
N ARG A 337 49.01 36.00 -35.67
CA ARG A 337 49.89 35.71 -34.55
C ARG A 337 50.58 37.00 -34.16
N PHE A 338 51.55 36.88 -33.25
CA PHE A 338 52.32 38.04 -32.83
C PHE A 338 53.20 38.51 -33.99
N PHE A 339 52.96 39.73 -34.44
CA PHE A 339 53.66 40.28 -35.58
C PHE A 339 55.16 40.49 -35.30
N PRO A 340 55.61 40.97 -34.10
CA PRO A 340 57.06 40.89 -33.88
C PRO A 340 57.48 39.47 -33.51
N LYS A 341 58.01 38.75 -34.47
CA LYS A 341 58.61 37.46 -34.20
C LYS A 341 59.95 37.28 -34.89
N GLY A 342 60.10 37.80 -36.10
CA GLY A 342 61.28 37.56 -36.89
C GLY A 342 61.07 36.45 -37.90
N ASP A 343 60.82 36.83 -39.15
CA ASP A 343 60.56 35.86 -40.22
C ASP A 343 61.90 35.28 -40.68
N LEU A 344 62.38 34.33 -39.93
CA LEU A 344 63.64 33.70 -40.31
C LEU A 344 63.53 32.19 -40.44
N GLU A 345 62.81 31.53 -39.53
CA GLU A 345 62.68 30.09 -39.57
C GLU A 345 61.24 29.71 -39.30
N VAL A 346 60.48 30.67 -38.77
CA VAL A 346 59.07 30.45 -38.46
C VAL A 346 58.28 30.15 -39.73
N LEU A 347 58.58 30.90 -40.80
CA LEU A 347 57.94 30.62 -42.09
C LEU A 347 58.41 29.30 -42.67
N GLN A 348 59.66 28.92 -42.42
CA GLN A 348 60.22 27.73 -43.05
C GLN A 348 60.07 26.49 -42.16
N ALA A 349 60.69 26.51 -40.98
CA ALA A 349 60.76 25.32 -40.16
C ALA A 349 59.44 25.08 -39.43
N GLN A 350 59.03 26.04 -38.62
CA GLN A 350 57.89 25.88 -37.72
C GLN A 350 56.55 25.90 -38.43
N VAL A 351 56.52 25.94 -39.76
CA VAL A 351 55.32 25.65 -40.53
C VAL A 351 55.53 24.47 -41.46
N GLU A 352 56.69 24.39 -42.11
CA GLU A 352 56.92 23.34 -43.10
C GLU A 352 57.08 21.97 -42.45
N ARG A 353 57.65 21.90 -41.25
CA ARG A 353 57.78 20.62 -40.56
C ARG A 353 56.42 20.12 -40.09
N ILE A 354 55.47 21.02 -39.89
CA ILE A 354 54.12 20.61 -39.56
C ILE A 354 53.35 20.24 -40.83
N MET A 355 53.40 21.10 -41.84
CA MET A 355 52.64 20.90 -43.06
C MET A 355 53.33 19.96 -44.05
N THR A 356 54.33 19.19 -43.61
CA THR A 356 54.86 18.12 -44.44
C THR A 356 54.01 16.87 -44.37
N ARG A 357 53.00 16.89 -43.48
CA ARG A 357 52.02 15.83 -43.34
C ARG A 357 50.71 16.49 -42.93
N LYS A 358 49.57 15.99 -43.40
CA LYS A 358 48.30 16.57 -42.98
C LYS A 358 47.29 15.51 -42.58
N GLU A 359 47.64 14.23 -42.66
CA GLU A 359 46.75 13.17 -42.20
C GLU A 359 46.64 13.11 -40.69
N LEU A 360 47.51 13.80 -39.97
CA LEU A 360 47.53 13.80 -38.51
C LEU A 360 46.75 14.96 -37.93
N LEU A 361 46.94 16.17 -38.45
CA LEU A 361 46.25 17.32 -37.93
C LEU A 361 44.78 17.30 -38.34
N THR A 362 43.95 17.98 -37.55
CA THR A 362 42.52 18.01 -37.78
C THR A 362 41.98 19.32 -37.24
N VAL A 363 41.22 20.04 -38.06
CA VAL A 363 40.62 21.29 -37.64
C VAL A 363 39.31 20.99 -36.93
N TYR A 364 39.20 21.43 -35.68
CA TYR A 364 37.93 21.35 -34.99
C TYR A 364 36.98 22.41 -35.51
N SER A 365 35.71 22.04 -35.62
CA SER A 365 34.72 22.96 -36.18
C SER A 365 34.41 24.07 -35.20
N SER A 366 34.45 25.30 -35.67
CA SER A 366 34.05 26.44 -34.86
C SER A 366 32.57 26.77 -35.01
N GLU A 367 31.98 26.42 -36.17
CA GLU A 367 30.56 26.63 -36.36
C GLU A 367 29.71 25.54 -35.73
N ASP A 368 30.27 24.36 -35.51
CA ASP A 368 29.59 23.27 -34.83
C ASP A 368 30.16 23.18 -33.43
N GLY A 369 29.34 23.47 -32.43
CA GLY A 369 29.82 23.60 -31.07
C GLY A 369 29.96 22.29 -30.34
N SER A 370 29.43 22.24 -29.12
CA SER A 370 29.59 21.09 -28.25
C SER A 370 28.55 20.03 -28.60
N GLU A 371 28.43 19.03 -27.71
CA GLU A 371 27.53 17.88 -27.83
C GLU A 371 27.80 17.03 -29.06
N GLU A 372 28.99 17.15 -29.65
CA GLU A 372 29.40 16.27 -30.74
C GLU A 372 30.86 15.87 -30.59
N PHE A 373 31.42 16.05 -29.39
CA PHE A 373 32.87 16.12 -29.24
C PHE A 373 33.54 14.77 -29.42
N GLU A 374 32.99 13.72 -28.80
CA GLU A 374 33.58 12.40 -28.95
C GLU A 374 33.38 11.85 -30.35
N THR A 375 32.38 12.32 -31.09
CA THR A 375 32.27 11.97 -32.50
C THR A 375 33.43 12.54 -33.31
N ILE A 376 33.79 13.80 -33.04
CA ILE A 376 34.90 14.43 -33.75
C ILE A 376 36.21 13.76 -33.37
N VAL A 377 36.37 13.43 -32.09
CA VAL A 377 37.54 12.71 -31.61
C VAL A 377 37.67 11.36 -32.31
N LEU A 378 36.55 10.64 -32.40
CA LEU A 378 36.54 9.31 -32.99
C LEU A 378 36.87 9.37 -34.47
N LYS A 379 36.31 10.35 -35.18
CA LYS A 379 36.57 10.47 -36.61
C LYS A 379 38.02 10.85 -36.88
N ALA A 380 38.57 11.79 -36.12
CA ALA A 380 39.97 12.19 -36.34
C ALA A 380 40.92 11.07 -35.97
N LEU A 381 40.59 10.33 -34.93
CA LEU A 381 41.47 9.27 -34.46
C LEU A 381 41.42 8.05 -35.37
N VAL A 382 40.29 7.84 -36.06
CA VAL A 382 40.25 6.81 -37.10
C VAL A 382 41.01 7.27 -38.33
N LYS A 383 40.80 8.53 -38.73
CA LYS A 383 41.37 9.06 -39.95
C LYS A 383 42.89 9.07 -39.92
N ALA A 384 43.48 9.42 -38.78
CA ALA A 384 44.92 9.48 -38.71
C ALA A 384 45.59 8.12 -38.61
N CYS A 385 44.81 7.04 -38.47
CA CYS A 385 45.41 5.72 -38.26
C CYS A 385 46.07 5.20 -39.53
N GLY A 386 45.48 5.50 -40.69
CA GLY A 386 45.99 4.96 -41.93
C GLY A 386 47.09 5.78 -42.57
N SER A 387 48.12 6.11 -41.81
CA SER A 387 49.23 6.91 -42.33
C SER A 387 50.48 6.07 -42.53
N TYR A 393 44.84 -3.64 -36.62
CA TYR A 393 44.29 -2.52 -37.37
C TYR A 393 43.14 -1.89 -36.60
N LEU A 394 43.25 -0.59 -36.35
CA LEU A 394 42.26 0.11 -35.55
C LEU A 394 41.01 0.40 -36.37
N ASP A 395 39.85 0.09 -35.78
CA ASP A 395 38.56 0.30 -36.42
C ASP A 395 37.64 1.02 -35.46
N GLU A 396 36.36 1.09 -35.78
CA GLU A 396 35.45 1.87 -34.95
C GLU A 396 34.79 1.05 -33.86
N LEU A 397 34.36 -0.17 -34.18
CA LEU A 397 33.62 -0.95 -33.21
C LEU A 397 34.50 -1.42 -32.05
N ARG A 398 35.75 -1.76 -32.33
CA ARG A 398 36.63 -2.19 -31.26
C ARG A 398 36.96 -1.05 -30.33
N LEU A 399 37.04 0.17 -30.86
CA LEU A 399 37.22 1.34 -30.02
C LEU A 399 35.96 1.63 -29.23
N ALA A 400 34.78 1.30 -29.77
CA ALA A 400 33.55 1.53 -29.01
C ALA A 400 33.42 0.52 -27.88
N VAL A 401 33.82 -0.72 -28.12
CA VAL A 401 33.76 -1.74 -27.08
C VAL A 401 34.83 -1.52 -26.04
N ALA A 402 35.95 -0.90 -26.42
CA ALA A 402 36.96 -0.54 -25.43
C ALA A 402 36.46 0.56 -24.50
N TRP A 403 35.60 1.43 -25.01
CA TRP A 403 34.88 2.36 -24.16
C TRP A 403 33.62 1.65 -23.69
N ASN A 404 32.70 2.37 -23.06
CA ASN A 404 31.49 1.72 -22.61
C ASN A 404 30.26 2.34 -23.26
N ARG A 405 30.47 3.21 -24.23
CA ARG A 405 29.37 3.94 -24.84
C ARG A 405 28.61 3.02 -25.79
N VAL A 406 27.29 3.00 -25.65
CA VAL A 406 26.45 2.14 -26.47
C VAL A 406 25.94 2.89 -27.70
N ASP A 407 25.70 4.20 -27.57
CA ASP A 407 25.10 4.99 -28.64
C ASP A 407 25.99 5.09 -29.87
N ILE A 408 27.30 5.01 -29.69
CA ILE A 408 28.21 4.99 -30.82
C ILE A 408 28.00 3.74 -31.66
N ALA A 409 27.86 2.58 -30.99
CA ALA A 409 27.53 1.35 -31.70
C ALA A 409 26.13 1.41 -32.29
N GLN A 410 25.20 2.07 -31.58
CA GLN A 410 23.84 2.27 -32.09
C GLN A 410 23.85 3.01 -33.42
N SER A 411 24.55 4.14 -33.47
CA SER A 411 24.56 4.95 -34.68
C SER A 411 25.36 4.27 -35.78
N GLU A 412 26.47 3.64 -35.43
CA GLU A 412 27.30 2.99 -36.44
C GLU A 412 26.60 1.78 -37.04
N LEU A 413 25.84 1.03 -36.23
CA LEU A 413 25.15 -0.14 -36.76
C LEU A 413 23.91 0.26 -37.53
N PHE A 414 23.08 1.15 -36.96
CA PHE A 414 21.79 1.45 -37.59
C PHE A 414 21.92 2.41 -38.75
N ARG A 415 23.03 3.16 -38.81
CA ARG A 415 23.23 4.09 -39.91
C ARG A 415 23.51 3.33 -41.20
N GLY A 416 22.80 3.71 -42.25
CA GLY A 416 22.87 3.00 -43.51
C GLY A 416 23.86 3.53 -44.51
N ASP A 417 24.81 4.38 -44.10
CA ASP A 417 25.76 4.96 -45.03
C ASP A 417 26.73 3.92 -45.56
N ILE A 418 27.22 3.04 -44.69
CA ILE A 418 28.19 2.01 -45.07
C ILE A 418 27.60 0.66 -44.70
N GLN A 419 27.61 -0.27 -45.65
CA GLN A 419 27.22 -1.64 -45.35
C GLN A 419 28.32 -2.31 -44.54
N TRP A 420 27.92 -3.01 -43.48
CA TRP A 420 28.88 -3.62 -42.57
C TRP A 420 29.30 -4.99 -43.06
N ARG A 421 30.56 -5.32 -42.82
CA ARG A 421 31.11 -6.60 -43.23
C ARG A 421 30.90 -7.63 -42.11
N SER A 422 31.56 -8.77 -42.22
CA SER A 422 31.47 -9.83 -41.22
C SER A 422 32.69 -9.94 -40.34
N PHE A 423 33.86 -9.57 -40.85
CA PHE A 423 35.10 -9.72 -40.11
C PHE A 423 35.14 -8.81 -38.90
N HIS A 424 34.57 -7.61 -39.01
CA HIS A 424 34.58 -6.66 -37.91
C HIS A 424 33.77 -7.19 -36.73
N LEU A 425 32.57 -7.71 -37.01
CA LEU A 425 31.74 -8.26 -35.97
C LEU A 425 32.38 -9.52 -35.38
N GLU A 426 32.93 -10.38 -36.25
CA GLU A 426 33.50 -11.63 -35.79
C GLU A 426 34.74 -11.42 -34.95
N ALA A 427 35.45 -10.31 -35.17
CA ALA A 427 36.57 -10.01 -34.30
C ALA A 427 36.13 -9.34 -33.02
N SER A 428 35.20 -8.38 -33.11
CA SER A 428 34.85 -7.57 -31.96
C SER A 428 34.04 -8.30 -30.91
N LEU A 429 33.34 -9.36 -31.29
CA LEU A 429 32.62 -10.15 -30.29
C LEU A 429 33.59 -10.82 -29.31
N MET A 430 34.77 -11.18 -29.79
CA MET A 430 35.78 -11.78 -28.93
C MET A 430 36.25 -10.79 -27.88
N ASP A 431 36.35 -9.52 -28.23
CA ASP A 431 36.74 -8.54 -27.24
C ASP A 431 35.57 -8.16 -26.36
N ALA A 432 34.34 -8.36 -26.84
CA ALA A 432 33.19 -8.03 -26.01
C ALA A 432 32.99 -9.07 -24.91
N LEU A 433 33.33 -10.33 -25.19
CA LEU A 433 33.08 -11.36 -24.20
C LEU A 433 34.07 -11.32 -23.04
N LEU A 434 35.28 -10.83 -23.27
CA LEU A 434 36.33 -10.94 -22.25
C LEU A 434 36.16 -9.92 -21.15
N ASN A 435 35.84 -8.67 -21.49
CA ASN A 435 35.83 -7.58 -20.53
C ASN A 435 34.48 -7.40 -19.85
N ASP A 436 33.56 -8.35 -20.00
CA ASP A 436 32.27 -8.41 -19.32
C ASP A 436 31.43 -7.16 -19.59
N ARG A 437 31.05 -7.03 -20.86
CA ARG A 437 30.17 -5.96 -21.32
C ARG A 437 28.88 -6.61 -21.82
N PRO A 438 27.95 -6.92 -20.93
CA PRO A 438 26.78 -7.71 -21.33
C PRO A 438 25.79 -6.97 -22.19
N GLU A 439 25.82 -5.65 -22.21
CA GLU A 439 24.86 -4.94 -23.04
C GLU A 439 25.23 -4.93 -24.51
N PHE A 440 26.48 -5.25 -24.86
CA PHE A 440 26.87 -5.23 -26.25
C PHE A 440 26.61 -6.52 -26.99
N VAL A 441 26.52 -7.64 -26.28
CA VAL A 441 26.45 -8.92 -26.97
C VAL A 441 25.08 -9.09 -27.61
N ARG A 442 24.05 -8.45 -27.06
CA ARG A 442 22.74 -8.44 -27.71
C ARG A 442 22.77 -7.72 -29.04
N LEU A 443 23.48 -6.61 -29.11
CA LEU A 443 23.60 -5.91 -30.39
C LEU A 443 24.47 -6.68 -31.36
N LEU A 444 25.58 -7.22 -30.91
CA LEU A 444 26.48 -7.87 -31.85
C LEU A 444 25.99 -9.23 -32.29
N ILE A 445 24.99 -9.81 -31.63
CA ILE A 445 24.45 -11.08 -32.09
C ILE A 445 23.03 -10.94 -32.61
N SER A 446 22.38 -9.79 -32.42
CA SER A 446 21.01 -9.66 -32.86
C SER A 446 20.92 -9.50 -34.37
N HIS A 447 21.47 -8.42 -34.92
CA HIS A 447 21.46 -8.23 -36.36
C HIS A 447 22.81 -8.60 -36.97
N GLY A 448 23.50 -9.54 -36.37
CA GLY A 448 24.80 -9.89 -36.87
C GLY A 448 24.92 -11.32 -37.32
N LEU A 449 26.03 -11.94 -36.96
CA LEU A 449 26.41 -13.24 -37.46
C LEU A 449 25.60 -14.35 -36.82
N SER A 450 25.59 -15.49 -37.48
CA SER A 450 25.13 -16.72 -36.87
C SER A 450 26.25 -17.33 -36.06
N LEU A 451 25.88 -17.92 -34.92
CA LEU A 451 26.87 -18.40 -33.99
C LEU A 451 27.50 -19.70 -34.46
N GLY A 452 26.85 -20.40 -35.41
CA GLY A 452 27.44 -21.57 -36.02
C GLY A 452 28.69 -21.25 -36.84
N HIS A 453 28.78 -20.03 -37.36
CA HIS A 453 30.04 -19.60 -37.96
C HIS A 453 31.07 -19.27 -36.91
N PHE A 454 30.65 -18.69 -35.79
CA PHE A 454 31.57 -18.09 -34.83
C PHE A 454 32.31 -19.15 -34.02
N LEU A 455 31.56 -20.00 -33.33
CA LEU A 455 32.13 -20.84 -32.29
C LEU A 455 32.91 -21.98 -32.93
N THR A 456 34.23 -21.92 -32.83
CA THR A 456 35.21 -22.86 -33.31
C THR A 456 36.08 -23.29 -32.13
N PRO A 457 36.62 -24.52 -32.14
CA PRO A 457 37.31 -25.03 -30.94
C PRO A 457 38.60 -24.33 -30.61
N MET A 458 39.28 -23.75 -31.59
CA MET A 458 40.42 -22.89 -31.29
C MET A 458 39.97 -21.64 -30.54
N ARG A 459 38.85 -21.06 -30.97
CA ARG A 459 38.31 -19.88 -30.31
C ARG A 459 37.86 -20.19 -28.89
N LEU A 460 37.21 -21.34 -28.71
CA LEU A 460 36.72 -21.71 -27.39
C LEU A 460 37.88 -22.05 -26.46
N ALA A 461 38.93 -22.65 -27.00
CA ALA A 461 40.15 -22.88 -26.24
C ALA A 461 40.78 -21.56 -25.83
N GLN A 462 40.73 -20.57 -26.72
CA GLN A 462 41.25 -19.25 -26.39
C GLN A 462 40.42 -18.59 -25.30
N LEU A 463 39.11 -18.84 -25.31
CA LEU A 463 38.23 -18.20 -24.33
C LEU A 463 38.39 -18.81 -22.95
N TYR A 464 38.50 -20.14 -22.88
CA TYR A 464 38.87 -20.79 -21.64
C TYR A 464 40.27 -20.39 -21.20
N SER A 465 41.14 -20.13 -22.17
CA SER A 465 42.53 -19.79 -21.87
C SER A 465 42.64 -18.48 -21.11
N ALA A 466 41.72 -17.55 -21.36
CA ALA A 466 41.60 -16.41 -20.48
C ALA A 466 41.03 -16.86 -19.16
N ALA A 467 41.74 -16.54 -18.08
CA ALA A 467 41.26 -16.83 -16.73
C ALA A 467 41.35 -15.55 -15.92
N PRO A 468 40.22 -14.86 -15.70
CA PRO A 468 40.30 -13.51 -15.11
C PRO A 468 40.66 -13.50 -13.65
N SER A 469 40.45 -14.60 -12.93
CA SER A 469 40.76 -14.62 -11.52
C SER A 469 41.99 -15.48 -11.29
N ASN A 470 42.32 -15.70 -10.02
CA ASN A 470 43.47 -16.53 -9.66
C ASN A 470 43.16 -17.58 -8.62
N SER A 471 41.90 -17.75 -8.22
CA SER A 471 41.62 -18.63 -7.08
C SER A 471 40.42 -19.56 -7.23
N LEU A 472 39.57 -19.42 -8.24
CA LEU A 472 38.37 -20.24 -8.30
C LEU A 472 38.44 -21.29 -9.41
N ILE A 473 38.64 -20.87 -10.65
CA ILE A 473 38.91 -21.82 -11.72
C ILE A 473 40.40 -22.06 -11.86
N ARG A 474 41.24 -21.12 -11.42
CA ARG A 474 42.67 -21.34 -11.46
C ARG A 474 43.09 -22.41 -10.45
N ASN A 475 42.51 -22.38 -9.26
CA ASN A 475 42.78 -23.41 -8.28
C ASN A 475 42.21 -24.75 -8.71
N LEU A 476 41.06 -24.76 -9.39
CA LEU A 476 40.47 -26.01 -9.84
C LEU A 476 41.07 -26.52 -11.14
N LEU A 477 41.91 -25.73 -11.80
CA LEU A 477 42.73 -26.24 -12.89
C LEU A 477 44.17 -26.46 -12.46
N ASP A 478 44.50 -26.11 -11.23
CA ASP A 478 45.80 -26.51 -10.67
C ASP A 478 45.89 -28.02 -10.53
N GLN A 479 44.77 -28.69 -10.25
CA GLN A 479 44.74 -30.14 -10.26
C GLN A 479 44.81 -30.73 -11.66
N ALA A 480 44.48 -29.95 -12.68
CA ALA A 480 44.44 -30.46 -14.05
C ALA A 480 45.67 -30.06 -14.85
N PRO A 558 25.39 -25.52 -29.24
CA PRO A 558 26.62 -24.82 -28.89
C PRO A 558 26.45 -23.91 -27.69
N TRP A 559 25.20 -23.54 -27.38
CA TRP A 559 24.94 -22.53 -26.36
C TRP A 559 25.31 -23.01 -24.97
N SER A 560 25.10 -24.29 -24.68
CA SER A 560 25.40 -24.80 -23.34
C SER A 560 26.88 -24.77 -23.03
N ASP A 561 27.71 -24.86 -24.06
CA ASP A 561 29.15 -24.70 -23.88
C ASP A 561 29.49 -23.31 -23.37
N LEU A 562 28.75 -22.29 -23.80
CA LEU A 562 28.94 -20.98 -23.22
C LEU A 562 28.26 -20.85 -21.87
N LEU A 563 27.18 -21.59 -21.64
CA LEU A 563 26.45 -21.46 -20.39
C LEU A 563 27.25 -21.98 -19.21
N LEU A 564 27.97 -23.09 -19.40
CA LEU A 564 28.85 -23.57 -18.35
C LEU A 564 29.98 -22.59 -18.08
N TRP A 565 30.48 -21.94 -19.13
CA TRP A 565 31.53 -20.95 -18.99
C TRP A 565 31.04 -19.75 -18.19
N ALA A 566 29.82 -19.32 -18.44
CA ALA A 566 29.30 -18.19 -17.69
C ALA A 566 29.01 -18.57 -16.25
N LEU A 567 28.59 -19.80 -16.00
CA LEU A 567 28.27 -20.20 -14.64
C LEU A 567 29.51 -20.42 -13.79
N LEU A 568 30.64 -20.75 -14.41
CA LEU A 568 31.84 -20.95 -13.60
C LEU A 568 32.40 -19.64 -13.05
N LEU A 569 32.32 -18.56 -13.82
CA LEU A 569 33.05 -17.35 -13.48
C LEU A 569 32.17 -16.26 -12.87
N ASN A 570 30.96 -16.63 -12.45
CA ASN A 570 30.04 -15.72 -11.77
C ASN A 570 29.52 -14.46 -12.47
N ARG A 571 29.19 -14.55 -13.74
CA ARG A 571 28.63 -13.39 -14.42
C ARG A 571 27.13 -13.60 -14.51
N ALA A 572 26.36 -12.77 -13.82
CA ALA A 572 24.90 -12.87 -13.86
C ALA A 572 24.19 -12.40 -15.14
N GLN A 573 24.60 -11.28 -15.68
CA GLN A 573 23.98 -10.71 -16.86
C GLN A 573 24.40 -11.42 -18.14
N MET A 574 25.48 -12.19 -18.11
CA MET A 574 25.75 -13.08 -19.22
C MET A 574 24.90 -14.34 -19.13
N ALA A 575 24.75 -14.86 -17.92
CA ALA A 575 24.16 -16.17 -17.74
C ALA A 575 22.67 -16.17 -18.01
N MET A 576 21.98 -15.09 -17.65
CA MET A 576 20.55 -15.01 -17.95
C MET A 576 20.31 -14.97 -19.45
N TYR A 577 21.18 -14.28 -20.19
CA TYR A 577 21.00 -14.19 -21.62
C TYR A 577 21.28 -15.53 -22.29
N PHE A 578 22.35 -16.21 -21.88
CA PHE A 578 22.62 -17.51 -22.48
C PHE A 578 21.59 -18.57 -22.09
N TRP A 579 20.96 -18.44 -20.92
CA TRP A 579 19.87 -19.38 -20.63
C TRP A 579 18.66 -19.07 -21.48
N GLU A 580 18.40 -17.78 -21.73
CA GLU A 580 17.22 -17.41 -22.50
C GLU A 580 17.35 -17.79 -23.96
N MET A 581 18.58 -17.88 -24.48
CA MET A 581 18.76 -18.39 -25.83
C MET A 581 19.11 -19.88 -25.85
N GLY A 582 18.68 -20.63 -24.85
CA GLY A 582 19.06 -22.02 -24.74
C GLY A 582 18.11 -22.95 -25.46
N SER A 583 18.32 -24.26 -25.27
CA SER A 583 17.50 -25.27 -25.90
C SER A 583 16.68 -26.09 -24.90
N ASN A 584 17.34 -26.79 -23.98
CA ASN A 584 16.65 -27.61 -23.01
C ASN A 584 16.36 -26.75 -21.79
N ALA A 585 15.09 -26.44 -21.58
CA ALA A 585 14.76 -25.33 -20.71
C ALA A 585 14.80 -25.70 -19.24
N VAL A 586 13.94 -26.64 -18.83
CA VAL A 586 13.64 -26.80 -17.42
C VAL A 586 14.77 -27.50 -16.68
N SER A 587 15.42 -28.48 -17.32
CA SER A 587 16.50 -29.20 -16.65
C SER A 587 17.72 -28.32 -16.42
N SER A 588 17.96 -27.37 -17.33
CA SER A 588 19.14 -26.53 -17.23
C SER A 588 19.08 -25.61 -16.02
N ALA A 589 17.88 -25.17 -15.65
CA ALA A 589 17.73 -24.28 -14.50
C ALA A 589 18.11 -24.97 -13.21
N LEU A 590 17.56 -26.16 -12.97
CA LEU A 590 17.85 -26.84 -11.73
C LEU A 590 19.29 -27.32 -11.68
N GLY A 591 19.86 -27.68 -12.82
CA GLY A 591 21.28 -28.02 -12.83
C GLY A 591 22.17 -26.82 -12.52
N ALA A 592 21.78 -25.64 -12.99
CA ALA A 592 22.55 -24.44 -12.65
C ALA A 592 22.45 -24.13 -11.17
N CYS A 593 21.27 -24.34 -10.58
CA CYS A 593 21.11 -24.16 -9.15
C CYS A 593 22.00 -25.14 -8.38
N LEU A 594 22.07 -26.39 -8.85
CA LEU A 594 22.94 -27.40 -8.24
C LEU A 594 24.40 -26.99 -8.28
N LEU A 595 24.85 -26.51 -9.44
CA LEU A 595 26.28 -26.22 -9.59
C LEU A 595 26.68 -24.99 -8.80
N LEU A 596 25.78 -24.02 -8.65
CA LEU A 596 26.09 -22.91 -7.77
C LEU A 596 26.11 -23.32 -6.31
N ARG A 597 25.16 -24.16 -5.87
CA ARG A 597 25.16 -24.58 -4.47
C ARG A 597 26.37 -25.42 -4.14
N VAL A 598 26.89 -26.18 -5.09
CA VAL A 598 28.13 -26.92 -4.85
C VAL A 598 29.32 -25.98 -4.79
N MET A 599 29.47 -25.12 -5.81
CA MET A 599 30.68 -24.28 -5.85
C MET A 599 30.66 -23.13 -4.85
N ALA A 600 29.57 -22.96 -4.08
CA ALA A 600 29.58 -21.93 -3.04
C ALA A 600 30.43 -22.31 -1.84
N ARG A 601 30.74 -23.60 -1.69
CA ARG A 601 31.43 -24.03 -0.48
C ARG A 601 32.92 -23.79 -0.54
N LEU A 602 33.53 -23.96 -1.72
CA LEU A 602 34.98 -24.10 -1.79
C LEU A 602 35.70 -22.76 -1.63
N GLU A 603 35.04 -21.67 -2.01
CA GLU A 603 35.67 -20.35 -1.87
C GLU A 603 35.60 -19.89 -0.41
N PRO A 604 36.62 -19.14 0.07
CA PRO A 604 36.65 -18.78 1.50
C PRO A 604 35.82 -17.58 1.90
N ASP A 605 35.68 -16.59 1.01
CA ASP A 605 35.09 -15.31 1.40
C ASP A 605 33.59 -15.41 1.58
N ALA A 606 33.01 -14.37 2.19
CA ALA A 606 31.57 -14.21 2.30
C ALA A 606 30.98 -13.29 1.24
N GLU A 607 31.80 -12.38 0.70
CA GLU A 607 31.33 -11.48 -0.35
C GLU A 607 31.03 -12.24 -1.64
N GLU A 608 31.69 -13.37 -1.86
CA GLU A 608 31.32 -14.21 -2.99
C GLU A 608 30.05 -15.02 -2.71
N ALA A 609 29.86 -15.46 -1.46
CA ALA A 609 28.73 -16.30 -1.13
C ALA A 609 27.44 -15.52 -1.17
N ALA A 610 27.51 -14.24 -0.79
CA ALA A 610 26.34 -13.37 -0.88
C ALA A 610 25.91 -13.09 -2.32
N ARG A 611 26.76 -13.36 -3.30
CA ARG A 611 26.34 -13.32 -4.69
C ARG A 611 25.91 -14.70 -5.21
N ARG A 612 26.61 -15.75 -4.80
CA ARG A 612 26.30 -17.08 -5.29
C ARG A 612 24.92 -17.55 -4.83
N LYS A 613 24.58 -17.33 -3.56
CA LYS A 613 23.27 -17.74 -3.08
C LYS A 613 22.15 -16.95 -3.77
N ASP A 614 22.42 -15.69 -4.10
CA ASP A 614 21.39 -14.86 -4.72
C ASP A 614 21.15 -15.29 -6.17
N LEU A 615 22.23 -15.59 -6.89
CA LEU A 615 22.10 -16.07 -8.26
C LEU A 615 21.40 -17.43 -8.30
N ALA A 616 21.66 -18.29 -7.30
CA ALA A 616 20.96 -19.57 -7.26
C ALA A 616 19.47 -19.40 -7.00
N PHE A 617 19.09 -18.47 -6.12
CA PHE A 617 17.66 -18.20 -5.95
C PHE A 617 17.01 -17.67 -7.21
N LYS A 618 17.75 -16.86 -7.98
CA LYS A 618 17.19 -16.29 -9.19
C LYS A 618 16.90 -17.37 -10.23
N PHE A 619 17.85 -18.31 -10.40
CA PHE A 619 17.60 -19.42 -11.33
C PHE A 619 16.47 -20.33 -10.87
N GLU A 620 16.40 -20.62 -9.57
CA GLU A 620 15.34 -21.51 -9.10
C GLU A 620 13.96 -20.89 -9.29
N GLY A 621 13.85 -19.57 -9.05
CA GLY A 621 12.58 -18.90 -9.27
C GLY A 621 12.17 -18.84 -10.72
N MET A 622 13.15 -18.64 -11.62
CA MET A 622 12.84 -18.63 -13.04
C MET A 622 12.37 -19.99 -13.53
N GLY A 623 13.00 -21.06 -13.04
CA GLY A 623 12.57 -22.40 -13.40
C GLY A 623 11.17 -22.73 -12.90
N VAL A 624 10.85 -22.29 -11.68
CA VAL A 624 9.52 -22.52 -11.11
C VAL A 624 8.45 -21.84 -11.96
N ASP A 625 8.67 -20.58 -12.33
CA ASP A 625 7.64 -19.89 -13.09
C ASP A 625 7.50 -20.43 -14.50
N LEU A 626 8.59 -20.93 -15.09
CA LEU A 626 8.48 -21.55 -16.41
C LEU A 626 7.65 -22.82 -16.37
N PHE A 627 7.87 -23.66 -15.36
CA PHE A 627 7.07 -24.88 -15.27
C PHE A 627 5.61 -24.57 -14.96
N GLY A 628 5.36 -23.51 -14.19
CA GLY A 628 4.00 -23.11 -13.90
C GLY A 628 3.26 -22.58 -15.11
N GLU A 629 3.97 -21.97 -16.05
CA GLU A 629 3.33 -21.49 -17.27
C GLU A 629 3.19 -22.57 -18.33
N CYS A 630 3.66 -23.79 -18.05
CA CYS A 630 3.47 -24.91 -18.95
C CYS A 630 2.50 -25.95 -18.42
N TYR A 631 2.29 -26.00 -17.11
CA TYR A 631 1.31 -26.92 -16.57
C TYR A 631 -0.13 -26.53 -16.89
N ARG A 632 -0.34 -25.28 -17.29
CA ARG A 632 -1.69 -24.75 -17.55
C ARG A 632 -2.39 -25.50 -18.67
N SER A 633 -1.64 -25.94 -19.67
CA SER A 633 -2.23 -26.66 -20.79
C SER A 633 -1.63 -28.05 -20.87
N SER A 634 -2.50 -29.04 -21.06
CA SER A 634 -2.14 -30.41 -21.47
C SER A 634 -1.22 -31.07 -20.44
N GLU A 635 -1.81 -31.39 -19.29
CA GLU A 635 -1.07 -31.96 -18.16
C GLU A 635 -0.36 -33.27 -18.49
N VAL A 636 -0.85 -34.00 -19.49
CA VAL A 636 -0.13 -35.18 -19.98
C VAL A 636 1.23 -34.78 -20.54
N ARG A 637 1.28 -33.66 -21.24
CA ARG A 637 2.55 -33.19 -21.79
C ARG A 637 3.52 -32.79 -20.68
N ALA A 638 3.03 -32.16 -19.62
CA ALA A 638 3.91 -31.76 -18.53
C ALA A 638 4.42 -32.98 -17.77
N ALA A 639 3.55 -33.96 -17.56
CA ALA A 639 3.97 -35.19 -16.90
C ALA A 639 4.99 -35.94 -17.74
N ARG A 640 4.86 -35.89 -19.07
CA ARG A 640 5.86 -36.53 -19.90
C ARG A 640 7.16 -35.73 -19.89
N LEU A 641 7.07 -34.41 -19.76
CA LEU A 641 8.26 -33.57 -19.82
C LEU A 641 9.10 -33.72 -18.56
N LEU A 642 8.46 -33.84 -17.41
CA LEU A 642 9.21 -33.78 -16.16
C LEU A 642 10.00 -35.06 -15.92
N LEU A 643 9.42 -36.20 -16.26
CA LEU A 643 9.99 -37.48 -15.85
C LEU A 643 11.15 -37.95 -16.71
N ARG A 644 11.34 -37.40 -17.91
CA ARG A 644 12.24 -38.00 -18.87
C ARG A 644 13.69 -37.75 -18.50
N ARG A 645 14.59 -38.27 -19.34
CA ARG A 645 16.04 -38.16 -19.14
C ARG A 645 16.66 -37.16 -20.11
N CYS A 646 17.55 -36.30 -19.59
CA CYS A 646 18.18 -35.27 -20.38
C CYS A 646 19.61 -35.68 -20.69
N PRO A 647 20.01 -35.71 -21.96
CA PRO A 647 21.30 -36.31 -22.29
C PRO A 647 22.49 -35.42 -21.98
N LEU A 648 22.27 -34.12 -21.80
CA LEU A 648 23.37 -33.17 -21.70
C LEU A 648 24.18 -33.35 -20.42
N TRP A 649 23.54 -33.89 -19.38
CA TRP A 649 24.19 -34.11 -18.09
C TRP A 649 24.34 -35.58 -17.66
N GLY A 650 24.20 -36.51 -18.59
CA GLY A 650 24.21 -37.91 -18.23
C GLY A 650 22.82 -38.40 -17.93
N ASP A 651 22.72 -39.68 -17.61
CA ASP A 651 21.42 -40.32 -17.40
C ASP A 651 20.88 -39.90 -16.03
N ALA A 652 20.34 -38.69 -16.00
CA ALA A 652 19.68 -38.17 -14.82
C ALA A 652 18.37 -37.56 -15.24
N THR A 653 17.39 -37.62 -14.35
CA THR A 653 16.12 -36.99 -14.63
C THR A 653 16.10 -35.60 -14.01
N CYS A 654 15.01 -34.88 -14.28
CA CYS A 654 14.87 -33.54 -13.74
C CYS A 654 14.62 -33.58 -12.23
N LEU A 655 13.84 -34.56 -11.80
CA LEU A 655 13.35 -34.58 -10.43
C LEU A 655 14.47 -34.92 -9.46
N GLN A 656 15.38 -35.79 -9.86
CA GLN A 656 16.50 -36.15 -9.02
C GLN A 656 17.48 -35.00 -8.88
N LEU A 657 17.66 -34.22 -9.95
CA LEU A 657 18.45 -33.01 -9.87
C LEU A 657 17.82 -31.98 -8.95
N ALA A 658 16.49 -31.89 -8.94
CA ALA A 658 15.85 -31.00 -7.99
C ALA A 658 16.00 -31.53 -6.57
N MET A 659 16.11 -32.84 -6.40
CA MET A 659 16.22 -33.40 -5.06
C MET A 659 17.61 -33.18 -4.48
N GLN A 660 18.65 -33.39 -5.28
CA GLN A 660 19.99 -33.32 -4.71
C GLN A 660 20.51 -31.91 -4.55
N ALA A 661 19.73 -30.88 -4.86
CA ALA A 661 20.16 -29.51 -4.65
C ALA A 661 19.34 -28.80 -3.59
N ASP A 662 18.35 -29.47 -3.02
CA ASP A 662 17.49 -28.96 -1.95
C ASP A 662 16.78 -27.67 -2.36
N ALA A 663 16.03 -27.77 -3.44
CA ALA A 663 15.23 -26.65 -3.95
C ALA A 663 13.83 -26.78 -3.37
N ARG A 664 13.52 -25.94 -2.39
CA ARG A 664 12.23 -26.07 -1.72
C ARG A 664 11.10 -25.57 -2.61
N ALA A 665 11.31 -24.46 -3.30
CA ALA A 665 10.23 -23.81 -4.01
C ALA A 665 9.80 -24.58 -5.25
N PHE A 666 10.59 -25.55 -5.70
CA PHE A 666 10.18 -26.35 -6.84
C PHE A 666 9.26 -27.49 -6.44
N PHE A 667 9.48 -28.08 -5.27
CA PHE A 667 8.49 -29.00 -4.74
C PHE A 667 7.32 -28.30 -4.10
N ALA A 668 7.43 -26.99 -3.85
CA ALA A 668 6.38 -26.27 -3.14
C ALA A 668 5.10 -26.15 -3.96
N GLN A 669 5.21 -26.06 -5.27
CA GLN A 669 4.02 -25.84 -6.07
C GLN A 669 3.24 -27.13 -6.24
N ASP A 670 2.11 -27.05 -6.92
CA ASP A 670 1.08 -28.07 -6.84
C ASP A 670 1.21 -29.17 -7.86
N GLY A 671 1.76 -28.87 -9.04
CA GLY A 671 1.83 -29.86 -10.09
C GLY A 671 2.73 -31.02 -9.76
N VAL A 672 3.82 -30.74 -9.04
CA VAL A 672 4.71 -31.81 -8.62
C VAL A 672 4.02 -32.69 -7.59
N GLN A 673 3.19 -32.09 -6.72
CA GLN A 673 2.43 -32.88 -5.75
C GLN A 673 1.41 -33.77 -6.45
N SER A 674 0.74 -33.23 -7.46
CA SER A 674 -0.26 -34.03 -8.17
C SER A 674 0.38 -35.11 -9.02
N LEU A 675 1.63 -34.94 -9.42
CA LEU A 675 2.30 -36.06 -10.07
C LEU A 675 2.77 -37.11 -9.08
N LEU A 676 3.21 -36.68 -7.89
CA LEU A 676 3.63 -37.66 -6.90
C LEU A 676 2.48 -38.48 -6.37
N THR A 677 1.27 -37.92 -6.38
CA THR A 677 0.10 -38.70 -5.96
C THR A 677 -0.16 -39.86 -6.90
N GLN A 678 -0.17 -39.61 -8.22
CA GLN A 678 -0.35 -40.69 -9.17
C GLN A 678 0.84 -41.62 -9.22
N LYS A 679 2.04 -41.14 -8.87
CA LYS A 679 3.14 -42.07 -8.69
C LYS A 679 2.89 -42.99 -7.51
N TRP A 680 2.28 -42.47 -6.47
CA TRP A 680 2.10 -43.25 -5.25
C TRP A 680 0.93 -44.21 -5.35
N TRP A 681 -0.07 -43.92 -6.18
CA TRP A 681 -1.08 -44.95 -6.40
C TRP A 681 -0.62 -46.06 -7.31
N GLY A 682 0.60 -45.97 -7.84
CA GLY A 682 1.18 -47.08 -8.54
C GLY A 682 0.56 -47.29 -9.90
N ASP A 683 0.64 -48.54 -10.36
CA ASP A 683 0.20 -48.87 -11.71
C ASP A 683 -1.31 -48.88 -11.76
N MET A 684 -1.86 -47.91 -12.51
CA MET A 684 -3.25 -47.93 -12.99
C MET A 684 -4.27 -47.96 -11.87
N ALA A 685 -4.30 -46.87 -11.11
CA ALA A 685 -5.43 -46.59 -10.24
C ALA A 685 -5.61 -45.09 -10.24
N SER A 686 -6.81 -44.64 -9.89
CA SER A 686 -7.05 -43.21 -9.89
C SER A 686 -8.08 -42.90 -8.81
N THR A 687 -7.58 -42.53 -7.62
CA THR A 687 -8.35 -41.96 -6.51
C THR A 687 -9.53 -42.85 -6.08
N THR A 688 -9.32 -44.17 -6.10
CA THR A 688 -10.28 -45.06 -5.48
C THR A 688 -10.20 -44.92 -3.97
N PRO A 689 -11.33 -45.00 -3.27
CA PRO A 689 -11.31 -44.75 -1.83
C PRO A 689 -10.64 -45.87 -1.05
N ILE A 690 -10.54 -45.66 0.25
CA ILE A 690 -9.71 -46.52 1.09
C ILE A 690 -10.39 -47.88 1.30
N TRP A 691 -11.72 -47.88 1.47
CA TRP A 691 -12.42 -49.12 1.86
C TRP A 691 -12.38 -50.16 0.76
N ALA A 692 -12.32 -49.74 -0.50
CA ALA A 692 -12.14 -50.70 -1.58
C ALA A 692 -10.77 -51.35 -1.50
N LEU A 693 -9.75 -50.58 -1.09
CA LEU A 693 -8.41 -51.15 -0.97
C LEU A 693 -8.33 -52.12 0.19
N VAL A 694 -9.01 -51.83 1.30
CA VAL A 694 -8.97 -52.72 2.44
C VAL A 694 -9.75 -53.99 2.15
N LEU A 695 -10.91 -53.87 1.51
CA LEU A 695 -11.69 -55.04 1.13
C LEU A 695 -10.99 -55.87 0.06
N ALA A 696 -10.15 -55.25 -0.76
CA ALA A 696 -9.35 -56.02 -1.72
C ALA A 696 -8.20 -56.74 -1.03
N PHE A 697 -7.54 -56.09 -0.08
CA PHE A 697 -6.41 -56.71 0.58
C PHE A 697 -6.85 -57.82 1.52
N PHE A 698 -8.06 -57.73 2.05
CA PHE A 698 -8.56 -58.80 2.92
C PHE A 698 -8.90 -60.06 2.13
N CYS A 699 -9.53 -59.92 0.98
CA CYS A 699 -9.94 -61.06 0.16
C CYS A 699 -9.34 -60.96 -1.22
N PRO A 700 -8.41 -61.84 -1.59
CA PRO A 700 -7.72 -61.72 -2.88
C PRO A 700 -8.61 -61.95 -4.10
N PRO A 701 -9.67 -62.85 -4.06
CA PRO A 701 -10.57 -62.85 -5.23
C PRO A 701 -11.62 -61.75 -5.22
N LEU A 702 -11.20 -60.50 -5.05
CA LEU A 702 -12.03 -59.35 -5.36
C LEU A 702 -11.34 -58.37 -6.28
N ILE A 703 -10.09 -58.63 -6.66
CA ILE A 703 -9.38 -57.74 -7.56
C ILE A 703 -9.65 -58.13 -9.01
N TYR A 704 -10.00 -59.38 -9.25
CA TYR A 704 -10.31 -59.83 -10.61
C TYR A 704 -11.66 -59.30 -11.09
N THR A 705 -12.42 -58.74 -10.14
CA THR A 705 -13.76 -58.22 -10.42
C THR A 705 -13.87 -56.70 -10.66
N ARG A 706 -15.11 -56.25 -10.60
CA ARG A 706 -15.53 -54.86 -10.82
C ARG A 706 -15.06 -53.76 -9.87
N LEU A 707 -14.95 -54.06 -8.58
CA LEU A 707 -14.61 -53.01 -7.60
C LEU A 707 -13.29 -52.29 -7.83
N ILE A 708 -12.23 -53.01 -8.19
CA ILE A 708 -10.96 -52.34 -8.45
C ILE A 708 -11.13 -51.52 -9.72
N THR A 709 -10.55 -50.32 -9.76
CA THR A 709 -10.67 -49.47 -10.94
C THR A 709 -9.31 -49.17 -11.55
N PHE A 710 -9.20 -49.38 -12.86
CA PHE A 710 -7.94 -49.13 -13.55
C PHE A 710 -8.09 -48.01 -14.58
N ARG A 766 -1.72 -64.48 -19.27
CA ARG A 766 -2.27 -63.74 -20.39
C ARG A 766 -2.77 -62.38 -19.93
N ARG A 767 -3.85 -62.38 -19.15
CA ARG A 767 -4.41 -61.15 -18.60
C ARG A 767 -4.41 -61.13 -17.08
N CYS A 768 -4.89 -62.21 -16.43
CA CYS A 768 -5.01 -62.22 -14.98
C CYS A 768 -3.65 -62.32 -14.30
N LEU A 769 -2.73 -63.07 -14.91
CA LEU A 769 -1.41 -63.22 -14.30
C LEU A 769 -0.56 -61.97 -14.47
N ARG A 770 -0.96 -61.05 -15.33
CA ARG A 770 -0.34 -59.74 -15.36
C ARG A 770 -1.07 -58.73 -14.50
N ARG A 771 -2.39 -58.90 -14.36
CA ARG A 771 -3.18 -58.04 -13.49
C ARG A 771 -2.76 -58.22 -12.03
N TRP A 772 -2.51 -59.48 -11.63
CA TRP A 772 -2.09 -59.79 -10.28
C TRP A 772 -0.68 -59.32 -10.00
N PHE A 773 0.15 -59.16 -11.02
CA PHE A 773 1.46 -58.59 -10.81
C PHE A 773 1.44 -57.08 -10.82
N HIS A 774 0.50 -56.46 -11.53
CA HIS A 774 0.36 -55.01 -11.45
C HIS A 774 -0.18 -54.55 -10.11
N PHE A 775 -1.06 -55.35 -9.49
CA PHE A 775 -1.71 -54.87 -8.27
C PHE A 775 -0.76 -54.83 -7.09
N TRP A 776 0.10 -55.84 -6.96
CA TRP A 776 0.96 -55.90 -5.79
C TRP A 776 2.25 -55.12 -5.99
N GLY A 777 2.46 -54.58 -7.19
CA GLY A 777 3.64 -53.77 -7.39
C GLY A 777 3.54 -52.35 -6.91
N ALA A 778 2.33 -51.87 -6.66
CA ALA A 778 2.15 -50.48 -6.30
C ALA A 778 2.64 -50.24 -4.87
N PRO A 779 3.22 -49.06 -4.59
CA PRO A 779 3.75 -48.82 -3.25
C PRO A 779 2.68 -48.72 -2.16
N VAL A 780 1.44 -48.37 -2.49
CA VAL A 780 0.42 -48.24 -1.48
C VAL A 780 -0.05 -49.59 -0.97
N THR A 781 0.38 -50.67 -1.61
CA THR A 781 0.06 -52.01 -1.13
C THR A 781 1.19 -52.59 -0.29
N ILE A 782 2.44 -52.36 -0.69
CA ILE A 782 3.57 -52.84 0.12
C ILE A 782 3.64 -52.07 1.44
N PHE A 783 3.15 -50.82 1.46
CA PHE A 783 3.01 -50.07 2.69
C PHE A 783 2.03 -50.74 3.65
N MET A 784 0.88 -51.16 3.13
CA MET A 784 -0.13 -51.82 3.93
C MET A 784 0.38 -53.15 4.46
N GLY A 785 1.11 -53.88 3.63
CA GLY A 785 1.67 -55.16 4.07
C GLY A 785 2.70 -54.99 5.17
N ASN A 786 3.53 -53.94 5.08
CA ASN A 786 4.52 -53.67 6.10
C ASN A 786 3.87 -53.34 7.44
N VAL A 787 2.81 -52.51 7.40
CA VAL A 787 2.13 -52.11 8.64
C VAL A 787 1.44 -53.30 9.30
N VAL A 788 0.80 -54.17 8.50
CA VAL A 788 0.11 -55.33 9.07
C VAL A 788 1.11 -56.30 9.70
N SER A 789 2.26 -56.51 9.04
CA SER A 789 3.28 -57.39 9.61
C SER A 789 3.82 -56.84 10.93
N TYR A 790 3.99 -55.52 11.01
CA TYR A 790 4.56 -54.93 12.22
C TYR A 790 3.59 -55.01 13.40
N LEU A 791 2.30 -54.83 13.13
CA LEU A 791 1.32 -54.95 14.21
C LEU A 791 1.19 -56.39 14.71
N LEU A 792 1.31 -57.36 13.80
CA LEU A 792 1.32 -58.75 14.26
C LEU A 792 2.54 -59.07 15.11
N PHE A 793 3.68 -58.46 14.78
CA PHE A 793 4.87 -58.60 15.62
C PHE A 793 4.64 -58.07 17.03
N LEU A 794 3.98 -56.91 17.14
CA LEU A 794 3.72 -56.38 18.48
C LEU A 794 2.75 -57.24 19.28
N LEU A 795 1.71 -57.79 18.62
CA LEU A 795 0.75 -58.60 19.38
C LEU A 795 1.39 -59.90 19.86
N LEU A 796 2.24 -60.50 19.02
CA LEU A 796 2.96 -61.70 19.45
C LEU A 796 3.91 -61.39 20.61
N PHE A 797 4.56 -60.23 20.58
CA PHE A 797 5.49 -59.88 21.63
C PHE A 797 4.76 -59.66 22.95
N SER A 798 3.56 -59.08 22.89
CA SER A 798 2.77 -58.89 24.10
C SER A 798 2.32 -60.22 24.68
N ARG A 799 1.93 -61.16 23.83
CA ARG A 799 1.47 -62.45 24.37
C ARG A 799 2.63 -63.26 24.91
N VAL A 800 3.84 -63.01 24.41
CA VAL A 800 5.01 -63.62 25.05
C VAL A 800 5.23 -63.02 26.43
N LEU A 801 5.14 -61.70 26.56
CA LEU A 801 5.55 -61.06 27.80
C LEU A 801 4.56 -61.27 28.94
N LEU A 802 3.25 -61.23 28.65
CA LEU A 802 2.30 -61.20 29.76
C LEU A 802 2.09 -62.57 30.40
N VAL A 803 1.81 -63.59 29.60
CA VAL A 803 1.42 -64.90 30.15
C VAL A 803 2.60 -65.85 30.20
N ASP A 804 3.40 -65.89 29.14
CA ASP A 804 4.53 -66.80 28.98
C ASP A 804 5.75 -66.25 29.72
N PHE A 805 6.96 -66.63 29.27
CA PHE A 805 8.27 -66.18 29.75
C PHE A 805 8.49 -66.70 31.16
N GLN A 806 8.39 -67.99 31.32
CA GLN A 806 8.54 -68.71 32.57
C GLN A 806 9.99 -69.12 32.77
N PRO A 807 10.42 -69.41 34.02
CA PRO A 807 11.79 -69.89 34.21
C PRO A 807 11.99 -71.30 33.69
N ALA A 808 12.17 -71.45 32.38
CA ALA A 808 12.09 -72.75 31.73
C ALA A 808 12.99 -72.73 30.50
N PRO A 809 13.23 -73.89 29.89
CA PRO A 809 13.73 -73.88 28.53
C PRO A 809 12.73 -73.21 27.60
N PRO A 810 13.22 -72.49 26.58
CA PRO A 810 12.39 -71.46 25.94
C PRO A 810 11.16 -71.92 25.16
N GLY A 811 11.33 -72.80 24.17
CA GLY A 811 10.20 -73.30 23.43
C GLY A 811 9.90 -72.51 22.17
N SER A 812 8.86 -72.99 21.47
CA SER A 812 8.56 -72.51 20.12
C SER A 812 8.09 -71.07 20.11
N LEU A 813 7.30 -70.68 21.11
CA LEU A 813 6.73 -69.34 21.13
C LEU A 813 7.74 -68.28 21.51
N GLU A 814 8.95 -68.65 21.91
CA GLU A 814 10.05 -67.70 21.97
C GLU A 814 11.03 -67.82 20.82
N LEU A 815 11.23 -69.05 20.30
CA LEU A 815 12.12 -69.21 19.15
C LEU A 815 11.59 -68.49 17.92
N LEU A 816 10.26 -68.43 17.78
CA LEU A 816 9.66 -67.65 16.71
C LEU A 816 10.02 -66.16 16.85
N LEU A 817 10.01 -65.67 18.08
CA LEU A 817 10.38 -64.28 18.36
C LEU A 817 11.85 -64.02 18.04
N TYR A 818 12.73 -64.97 18.37
CA TYR A 818 14.15 -64.78 18.08
C TYR A 818 14.42 -64.75 16.59
N PHE A 819 13.77 -65.65 15.85
CA PHE A 819 13.86 -65.66 14.40
C PHE A 819 13.37 -64.35 13.80
N TRP A 820 12.30 -63.81 14.38
CA TRP A 820 11.72 -62.55 13.95
C TRP A 820 12.69 -61.38 14.15
N ALA A 821 13.38 -61.35 15.28
CA ALA A 821 14.32 -60.28 15.59
C ALA A 821 15.56 -60.37 14.70
N PHE A 822 15.97 -61.60 14.37
CA PHE A 822 17.09 -61.76 13.46
C PHE A 822 16.76 -61.23 12.07
N THR A 823 15.52 -61.44 11.62
CA THR A 823 15.11 -60.88 10.33
C THR A 823 15.06 -59.36 10.36
N LEU A 824 14.63 -58.77 11.48
CA LEU A 824 14.61 -57.31 11.56
C LEU A 824 15.99 -56.71 11.56
N LEU A 825 16.95 -57.38 12.23
CA LEU A 825 18.33 -56.92 12.16
C LEU A 825 18.89 -57.03 10.75
N CYS A 826 18.50 -58.08 10.02
CA CYS A 826 18.94 -58.24 8.63
C CYS A 826 18.40 -57.13 7.73
N GLU A 827 17.12 -56.77 7.88
CA GLU A 827 16.56 -55.72 7.05
C GLU A 827 17.12 -54.35 7.40
N GLU A 828 17.41 -54.10 8.68
CA GLU A 828 18.07 -52.85 9.04
C GLU A 828 19.48 -52.77 8.48
N LEU A 829 20.19 -53.91 8.44
CA LEU A 829 21.53 -53.93 7.85
C LEU A 829 21.48 -53.67 6.36
N ARG A 830 20.46 -54.21 5.67
CA ARG A 830 20.31 -53.97 4.24
C ARG A 830 20.04 -52.51 3.93
N GLN A 831 19.13 -51.89 4.70
CA GLN A 831 18.84 -50.47 4.49
C GLN A 831 20.06 -49.61 4.77
N GLY A 832 20.84 -49.97 5.80
CA GLY A 832 22.04 -49.20 6.09
C GLY A 832 23.12 -49.34 5.04
N LEU A 833 23.32 -50.56 4.54
CA LEU A 833 24.42 -50.81 3.63
C LEU A 833 24.10 -50.38 2.21
N SER A 834 22.83 -50.35 1.82
CA SER A 834 22.49 -49.94 0.47
C SER A 834 22.72 -48.45 0.23
N GLY A 835 22.75 -47.64 1.29
CA GLY A 835 23.06 -46.23 1.17
C GLY A 835 21.89 -45.37 0.71
N GLY A 838 24.45 -38.75 -0.18
CA GLY A 838 23.21 -38.54 0.54
C GLY A 838 22.52 -37.24 0.20
N SER A 839 23.31 -36.17 0.16
CA SER A 839 22.79 -34.85 -0.19
C SER A 839 23.96 -34.00 -0.66
N LEU A 840 24.00 -33.69 -1.96
CA LEU A 840 25.12 -32.96 -2.53
C LEU A 840 25.14 -31.50 -2.12
N ALA A 841 24.00 -30.97 -1.66
CA ALA A 841 23.96 -29.58 -1.23
C ALA A 841 24.76 -29.36 0.03
N SER A 842 24.85 -30.38 0.89
CA SER A 842 25.71 -30.27 2.06
C SER A 842 27.18 -30.42 1.68
N GLY A 843 27.47 -31.27 0.69
CA GLY A 843 28.83 -31.57 0.32
C GLY A 843 29.13 -33.03 0.54
N GLY A 844 28.09 -33.87 0.44
CA GLY A 844 28.23 -35.28 0.66
C GLY A 844 28.97 -35.98 -0.46
N PRO A 845 29.23 -37.27 -0.28
CA PRO A 845 30.03 -38.01 -1.27
C PRO A 845 29.30 -38.26 -2.57
N GLY A 846 27.98 -38.20 -2.59
CA GLY A 846 27.24 -38.33 -3.81
C GLY A 846 27.04 -39.77 -4.23
N PRO A 847 26.29 -39.99 -5.31
CA PRO A 847 26.04 -41.36 -5.78
C PRO A 847 27.26 -42.00 -6.43
N GLY A 848 27.09 -43.22 -6.89
CA GLY A 848 28.21 -43.96 -7.45
C GLY A 848 28.91 -44.75 -6.37
N HIS A 849 30.19 -44.44 -6.17
CA HIS A 849 31.00 -45.12 -5.17
C HIS A 849 31.41 -44.14 -4.07
N ALA A 850 31.37 -44.62 -2.84
CA ALA A 850 31.87 -43.87 -1.70
C ALA A 850 32.56 -44.84 -0.76
N SER A 851 33.05 -44.31 0.36
CA SER A 851 33.79 -45.14 1.29
C SER A 851 32.85 -45.79 2.29
N LEU A 852 33.32 -46.88 2.90
CA LEU A 852 32.64 -47.42 4.06
C LEU A 852 32.71 -46.44 5.22
N SER A 853 33.83 -45.73 5.34
CA SER A 853 33.98 -44.66 6.32
C SER A 853 33.14 -43.43 5.99
N GLN A 854 32.53 -43.38 4.81
CA GLN A 854 31.58 -42.33 4.49
C GLN A 854 30.14 -42.77 4.72
N ARG A 855 29.78 -43.98 4.31
CA ARG A 855 28.42 -44.46 4.55
C ARG A 855 28.16 -44.72 6.02
N LEU A 856 29.19 -45.15 6.77
CA LEU A 856 29.03 -45.33 8.21
C LEU A 856 28.80 -44.00 8.91
N ARG A 857 29.48 -42.95 8.46
CA ARG A 857 29.23 -41.64 9.02
C ARG A 857 27.87 -41.09 8.58
N LEU A 858 27.44 -41.44 7.37
CA LEU A 858 26.16 -40.97 6.87
C LEU A 858 24.99 -41.58 7.63
N TYR A 859 25.04 -42.90 7.85
CA TYR A 859 23.89 -43.62 8.37
C TYR A 859 23.59 -43.29 9.82
N LEU A 860 24.61 -42.94 10.60
CA LEU A 860 24.43 -42.72 12.03
C LEU A 860 24.09 -41.27 12.36
N ALA A 861 23.65 -40.48 11.39
CA ALA A 861 23.28 -39.11 11.66
C ALA A 861 21.78 -38.88 11.65
N ASP A 862 21.00 -39.79 11.08
CA ASP A 862 19.55 -39.68 11.10
C ASP A 862 19.03 -40.40 12.34
N SER A 863 18.18 -39.70 13.11
CA SER A 863 17.93 -40.08 14.49
C SER A 863 17.11 -41.36 14.62
N TRP A 864 16.24 -41.63 13.66
CA TRP A 864 15.30 -42.75 13.81
C TRP A 864 16.00 -44.10 13.70
N ASN A 865 16.94 -44.22 12.76
CA ASN A 865 17.69 -45.47 12.65
C ASN A 865 18.63 -45.65 13.83
N GLN A 866 19.09 -44.55 14.41
CA GLN A 866 19.86 -44.60 15.64
C GLN A 866 19.04 -45.16 16.79
N CYS A 867 17.76 -44.75 16.86
CA CYS A 867 16.86 -45.26 17.88
C CYS A 867 16.56 -46.75 17.68
N ASP A 868 16.39 -47.18 16.43
CA ASP A 868 16.14 -48.60 16.19
C ASP A 868 17.36 -49.46 16.50
N LEU A 869 18.56 -48.91 16.27
CA LEU A 869 19.80 -49.62 16.63
C LEU A 869 19.90 -49.79 18.14
N VAL A 870 19.58 -48.72 18.89
CA VAL A 870 19.59 -48.80 20.35
C VAL A 870 18.57 -49.83 20.85
N ALA A 871 17.40 -49.88 20.21
CA ALA A 871 16.37 -50.84 20.58
C ALA A 871 16.83 -52.28 20.35
N LEU A 872 17.49 -52.54 19.22
CA LEU A 872 17.97 -53.89 18.95
C LEU A 872 19.06 -54.33 19.92
N THR A 873 19.97 -53.42 20.28
CA THR A 873 21.01 -53.79 21.23
C THR A 873 20.46 -54.03 22.63
N CYS A 874 19.44 -53.26 23.02
CA CYS A 874 18.80 -53.49 24.32
C CYS A 874 18.06 -54.82 24.33
N PHE A 875 17.43 -55.17 23.20
CA PHE A 875 16.78 -56.48 23.07
C PHE A 875 17.78 -57.62 23.22
N LEU A 876 18.97 -57.47 22.60
CA LEU A 876 20.00 -58.51 22.73
C LEU A 876 20.48 -58.64 24.15
N LEU A 877 20.63 -57.52 24.87
CA LEU A 877 21.07 -57.58 26.27
C LEU A 877 20.07 -58.34 27.12
N GLY A 878 18.78 -58.07 26.94
CA GLY A 878 17.78 -58.79 27.71
C GLY A 878 17.71 -60.27 27.38
N VAL A 879 17.73 -60.61 26.09
CA VAL A 879 17.56 -62.02 25.75
C VAL A 879 18.81 -62.82 26.01
N GLY A 880 19.97 -62.17 26.11
CA GLY A 880 21.14 -62.87 26.61
C GLY A 880 21.15 -62.93 28.11
N CYS A 881 20.52 -61.96 28.77
CA CYS A 881 20.49 -61.95 30.22
C CYS A 881 19.73 -63.17 30.73
N ARG A 882 18.62 -63.47 30.09
CA ARG A 882 17.78 -64.60 30.44
C ARG A 882 18.38 -66.00 30.30
N LEU A 883 19.15 -66.23 29.22
CA LEU A 883 19.69 -67.56 28.98
C LEU A 883 20.67 -67.99 30.08
N THR A 884 21.39 -67.04 30.67
CA THR A 884 22.18 -67.41 31.84
C THR A 884 21.26 -67.56 33.04
N PRO A 885 21.50 -68.57 33.88
CA PRO A 885 20.67 -68.71 35.08
C PRO A 885 21.20 -67.87 36.23
N GLY A 886 20.28 -67.49 37.12
CA GLY A 886 20.62 -66.67 38.26
C GLY A 886 20.39 -65.19 38.08
N LEU A 887 20.05 -64.75 36.88
CA LEU A 887 19.70 -63.36 36.60
C LEU A 887 18.38 -63.31 35.87
N TYR A 888 17.39 -64.02 36.41
CA TYR A 888 16.12 -64.16 35.72
C TYR A 888 15.29 -62.89 35.73
N HIS A 889 15.32 -62.12 36.82
CA HIS A 889 14.43 -60.99 36.94
C HIS A 889 14.87 -59.81 36.09
N LEU A 890 16.18 -59.61 35.97
CA LEU A 890 16.70 -58.43 35.31
C LEU A 890 16.43 -58.47 33.81
N GLY A 891 16.31 -59.66 33.24
CA GLY A 891 15.97 -59.76 31.83
C GLY A 891 14.55 -59.30 31.54
N ARG A 892 13.61 -59.69 32.39
CA ARG A 892 12.25 -59.18 32.29
C ARG A 892 12.20 -57.68 32.47
N THR A 893 12.95 -57.15 33.43
CA THR A 893 12.93 -55.72 33.71
C THR A 893 13.48 -54.91 32.54
N VAL A 894 14.52 -55.42 31.88
CA VAL A 894 15.07 -54.70 30.73
C VAL A 894 14.15 -54.81 29.52
N LEU A 895 13.59 -56.00 29.30
CA LEU A 895 12.80 -56.25 28.09
C LEU A 895 11.47 -55.51 28.13
N CYS A 896 10.88 -55.34 29.32
CA CYS A 896 9.65 -54.57 29.43
C CYS A 896 9.85 -53.10 29.07
N ILE A 897 10.99 -52.53 29.44
CA ILE A 897 11.27 -51.16 29.04
C ILE A 897 11.56 -51.08 27.56
N ASP A 898 12.22 -52.10 27.00
CA ASP A 898 12.54 -52.05 25.57
C ASP A 898 11.31 -52.19 24.68
N PHE A 899 10.24 -52.79 25.19
CA PHE A 899 8.95 -52.82 24.47
C PHE A 899 8.45 -51.41 24.15
N MET A 900 8.68 -50.47 25.06
CA MET A 900 8.31 -49.08 24.85
C MET A 900 9.02 -48.49 23.63
N VAL A 901 10.32 -48.78 23.49
CA VAL A 901 11.08 -48.20 22.39
C VAL A 901 10.70 -48.87 21.08
N PHE A 902 10.35 -50.15 21.11
CA PHE A 902 9.78 -50.75 19.91
C PHE A 902 8.44 -50.13 19.54
N THR A 903 7.62 -49.77 20.52
CA THR A 903 6.28 -49.28 20.20
C THR A 903 6.32 -47.85 19.69
N VAL A 904 7.26 -47.03 20.15
CA VAL A 904 7.21 -45.61 19.79
C VAL A 904 7.73 -45.35 18.38
N ARG A 905 8.23 -46.38 17.71
CA ARG A 905 8.70 -46.19 16.34
C ARG A 905 7.52 -46.16 15.35
N LEU A 906 6.32 -46.41 15.86
CA LEU A 906 5.14 -46.50 15.01
C LEU A 906 4.62 -45.13 14.61
N LEU A 907 5.37 -44.07 14.91
CA LEU A 907 5.08 -42.75 14.37
C LEU A 907 5.91 -42.42 13.16
N HIS A 908 7.11 -42.98 13.06
CA HIS A 908 7.95 -42.69 11.91
C HIS A 908 7.42 -43.33 10.65
N ILE A 909 6.62 -44.39 10.76
CA ILE A 909 6.06 -45.02 9.58
C ILE A 909 4.95 -44.17 9.01
N PHE A 910 4.10 -43.60 9.86
CA PHE A 910 2.97 -42.82 9.34
C PHE A 910 3.34 -41.40 8.97
N THR A 911 4.61 -41.09 8.73
CA THR A 911 4.96 -39.76 8.27
C THR A 911 4.57 -39.58 6.81
N VAL A 912 4.43 -40.67 6.08
CA VAL A 912 4.23 -40.61 4.64
C VAL A 912 2.82 -40.15 4.31
N ASN A 913 1.85 -40.51 5.15
CA ASN A 913 0.44 -40.33 4.82
C ASN A 913 0.06 -38.86 4.82
N LYS A 914 -1.05 -38.56 4.17
CA LYS A 914 -1.40 -37.18 3.86
C LYS A 914 -1.98 -36.44 5.06
N GLN A 915 -2.82 -37.09 5.84
CA GLN A 915 -3.55 -36.39 6.90
C GLN A 915 -2.81 -36.33 8.22
N LEU A 916 -1.67 -36.97 8.35
CA LEU A 916 -0.88 -36.87 9.56
C LEU A 916 0.50 -36.30 9.32
N GLY A 917 0.88 -36.11 8.06
CA GLY A 917 2.19 -35.65 7.67
C GLY A 917 2.60 -34.31 8.24
N PRO A 918 1.88 -33.24 7.91
CA PRO A 918 2.21 -31.94 8.52
C PRO A 918 1.83 -31.81 9.99
N LYS A 919 1.26 -32.84 10.62
CA LYS A 919 0.93 -32.75 12.03
C LYS A 919 1.97 -33.42 12.92
N ILE A 920 2.59 -34.52 12.48
CA ILE A 920 3.58 -35.18 13.31
C ILE A 920 4.83 -34.33 13.47
N VAL A 921 5.22 -33.61 12.43
CA VAL A 921 6.51 -32.92 12.42
C VAL A 921 6.53 -31.73 13.38
N ILE A 922 5.38 -31.10 13.60
CA ILE A 922 5.33 -29.90 14.42
C ILE A 922 5.56 -30.22 15.90
N VAL A 923 5.29 -31.45 16.32
CA VAL A 923 5.39 -31.84 17.72
C VAL A 923 6.84 -31.79 18.21
N SER A 924 7.81 -32.07 17.34
CA SER A 924 9.19 -32.02 17.78
C SER A 924 9.71 -30.60 17.94
N LYS A 925 9.11 -29.63 17.25
CA LYS A 925 9.57 -28.25 17.36
C LYS A 925 8.97 -27.53 18.54
N MET A 926 8.10 -28.17 19.31
CA MET A 926 7.51 -27.56 20.49
C MET A 926 8.23 -27.96 21.76
N MET A 927 9.49 -28.36 21.66
CA MET A 927 10.29 -28.71 22.82
C MET A 927 11.14 -27.57 23.31
N LYS A 928 10.78 -26.34 22.98
CA LYS A 928 11.46 -25.18 23.53
C LYS A 928 10.72 -24.60 24.72
N ASP A 929 9.61 -25.21 25.12
CA ASP A 929 8.77 -24.68 26.17
C ASP A 929 8.54 -25.64 27.31
N VAL A 930 8.55 -26.95 27.03
CA VAL A 930 8.40 -27.95 28.07
C VAL A 930 9.58 -27.90 29.02
N PHE A 931 10.77 -27.56 28.51
CA PHE A 931 11.92 -27.44 29.40
C PHE A 931 11.82 -26.21 30.28
N PHE A 932 11.25 -25.12 29.76
CA PHE A 932 10.98 -23.95 30.59
C PHE A 932 9.98 -24.28 31.70
N PHE A 933 8.94 -25.02 31.36
CA PHE A 933 7.95 -25.43 32.36
C PHE A 933 8.57 -26.30 33.43
N LEU A 934 9.41 -27.25 33.04
CA LEU A 934 10.04 -28.13 34.02
C LEU A 934 10.99 -27.37 34.92
N PHE A 935 11.72 -26.40 34.37
CA PHE A 935 12.62 -25.58 35.17
C PHE A 935 11.86 -24.79 36.22
N PHE A 936 10.83 -24.08 35.80
CA PHE A 936 10.12 -23.20 36.72
C PHE A 936 9.38 -24.01 37.78
N LEU A 937 8.86 -25.16 37.38
CA LEU A 937 8.10 -25.96 38.33
C LEU A 937 9.01 -26.68 39.30
N GLY A 938 10.21 -27.08 38.87
CA GLY A 938 11.12 -27.73 39.79
C GLY A 938 11.65 -26.78 40.85
N VAL A 939 12.03 -25.57 40.42
CA VAL A 939 12.49 -24.56 41.37
C VAL A 939 11.39 -24.17 42.34
N TRP A 940 10.17 -24.01 41.84
CA TRP A 940 9.11 -23.63 42.75
C TRP A 940 8.62 -24.79 43.62
N LEU A 941 8.86 -26.03 43.21
CA LEU A 941 8.33 -27.19 43.92
C LEU A 941 9.22 -27.61 45.08
N VAL A 942 10.54 -27.55 44.90
CA VAL A 942 11.44 -28.05 45.94
C VAL A 942 11.32 -27.21 47.22
N ALA A 943 11.03 -25.93 47.08
CA ALA A 943 10.97 -25.05 48.24
C ALA A 943 9.71 -25.32 49.06
N TYR A 944 8.58 -25.53 48.39
CA TYR A 944 7.36 -25.89 49.09
C TYR A 944 7.50 -27.20 49.82
N GLY A 945 8.15 -28.19 49.18
CA GLY A 945 8.34 -29.47 49.83
C GLY A 945 9.18 -29.39 51.09
N VAL A 946 10.30 -28.66 51.01
CA VAL A 946 11.17 -28.55 52.17
C VAL A 946 10.51 -27.74 53.28
N ALA A 947 9.76 -26.69 52.93
CA ALA A 947 9.11 -25.89 53.97
C ALA A 947 8.01 -26.66 54.67
N THR A 948 7.25 -27.47 53.93
CA THR A 948 6.21 -28.28 54.58
C THR A 948 6.83 -29.32 55.49
N GLU A 949 7.85 -30.03 55.03
CA GLU A 949 8.42 -31.04 55.91
C GLU A 949 9.31 -30.46 56.99
N GLY A 950 9.58 -29.17 56.96
CA GLY A 950 10.19 -28.53 58.10
C GLY A 950 9.17 -28.12 59.12
N LEU A 951 7.99 -27.68 58.68
CA LEU A 951 7.00 -27.27 59.65
C LEU A 951 6.34 -28.44 60.36
N LEU A 952 6.12 -29.56 59.66
CA LEU A 952 5.40 -30.63 60.33
C LEU A 952 6.29 -31.46 61.26
N ARG A 953 7.58 -31.64 60.91
CA ARG A 953 8.58 -32.44 61.63
C ARG A 953 8.12 -33.85 61.92
N PRO A 954 8.09 -34.77 60.96
CA PRO A 954 7.67 -36.14 61.26
C PRO A 954 8.69 -36.85 62.14
N ARG A 955 8.23 -37.40 63.25
CA ARG A 955 9.11 -38.16 64.14
C ARG A 955 9.15 -39.63 63.75
N ASP A 956 9.32 -39.89 62.46
CA ASP A 956 9.67 -41.22 61.95
C ASP A 956 10.27 -40.98 60.58
N SER A 957 11.57 -41.13 60.46
CA SER A 957 12.25 -40.65 59.28
C SER A 957 13.30 -41.64 58.80
N ASP A 958 13.47 -41.68 57.48
CA ASP A 958 14.54 -42.41 56.82
C ASP A 958 15.02 -41.54 55.67
N PHE A 959 15.74 -42.15 54.76
CA PHE A 959 16.03 -41.50 53.48
C PHE A 959 14.89 -41.62 52.45
N PRO A 960 14.31 -42.79 52.17
CA PRO A 960 13.27 -42.82 51.13
C PRO A 960 11.99 -42.15 51.54
N SER A 961 11.63 -42.22 52.82
CA SER A 961 10.41 -41.57 53.29
C SER A 961 10.49 -40.06 53.14
N ILE A 962 11.63 -39.47 53.51
CA ILE A 962 11.78 -38.02 53.38
C ILE A 962 11.84 -37.61 51.92
N LEU A 963 12.53 -38.40 51.09
CA LEU A 963 12.63 -38.04 49.67
C LEU A 963 11.28 -38.15 48.97
N ARG A 964 10.49 -39.16 49.33
CA ARG A 964 9.13 -39.31 48.82
C ARG A 964 8.26 -38.15 49.25
N ARG A 965 8.21 -37.89 50.54
CA ARG A 965 7.29 -36.92 51.09
C ARG A 965 7.71 -35.48 50.79
N VAL A 966 8.91 -35.26 50.27
CA VAL A 966 9.25 -33.93 49.77
C VAL A 966 8.96 -33.80 48.29
N PHE A 967 9.40 -34.74 47.44
CA PHE A 967 9.15 -34.52 46.02
C PHE A 967 7.80 -35.01 45.53
N TYR A 968 7.47 -36.27 45.79
CA TYR A 968 6.42 -36.97 45.07
C TYR A 968 5.03 -36.52 45.47
N ARG A 969 4.82 -36.11 46.70
CA ARG A 969 3.49 -35.69 47.12
C ARG A 969 3.08 -34.32 46.58
N PRO A 970 3.93 -33.29 46.48
CA PRO A 970 3.50 -32.08 45.77
C PRO A 970 3.31 -32.26 44.29
N TYR A 971 3.96 -33.24 43.67
CA TYR A 971 3.83 -33.35 42.23
C TYR A 971 2.46 -33.87 41.82
N LEU A 972 1.82 -34.66 42.66
CA LEU A 972 0.48 -35.09 42.37
C LEU A 972 -0.58 -34.15 42.90
N GLN A 973 -0.23 -32.93 43.28
CA GLN A 973 -1.24 -31.98 43.68
C GLN A 973 -1.62 -31.02 42.59
N ILE A 974 -0.91 -31.00 41.47
CA ILE A 974 -1.32 -30.15 40.37
C ILE A 974 -2.16 -30.93 39.37
N PHE A 975 -2.60 -32.12 39.72
CA PHE A 975 -3.47 -32.91 38.86
C PHE A 975 -4.71 -33.36 39.60
N GLY A 976 -5.21 -32.53 40.52
CA GLY A 976 -6.47 -32.80 41.17
C GLY A 976 -6.45 -33.94 42.15
N GLN A 977 -5.39 -34.06 42.95
CA GLN A 977 -5.33 -35.04 44.03
C GLN A 977 -4.78 -34.31 45.26
N ILE A 978 -5.67 -33.75 46.06
CA ILE A 978 -5.23 -32.96 47.21
C ILE A 978 -5.74 -33.66 48.47
N PRO A 979 -4.93 -34.54 49.06
CA PRO A 979 -5.37 -35.18 50.30
C PRO A 979 -5.06 -34.24 51.48
N GLN A 980 -6.06 -33.93 52.29
CA GLN A 980 -5.88 -33.02 53.42
C GLN A 980 -5.71 -33.67 54.80
N GLU A 981 -5.69 -34.99 54.85
CA GLU A 981 -5.56 -35.70 56.11
C GLU A 981 -4.26 -35.46 56.88
N ASP A 982 -3.15 -35.40 56.17
CA ASP A 982 -1.85 -35.19 56.82
C ASP A 982 -1.44 -33.73 56.92
N MET A 983 -2.30 -32.85 56.43
CA MET A 983 -1.98 -31.43 56.43
C MET A 983 -2.56 -30.74 57.66
N ASP A 984 -3.87 -30.83 57.87
CA ASP A 984 -4.45 -30.24 59.05
C ASP A 984 -4.15 -31.07 60.30
N VAL A 985 -4.55 -30.53 61.44
CA VAL A 985 -4.69 -31.33 62.64
C VAL A 985 -6.12 -31.40 63.11
N ALA A 986 -7.00 -30.58 62.57
CA ALA A 986 -8.40 -30.55 62.99
C ALA A 986 -9.22 -31.65 62.32
N LEU A 987 -8.58 -32.57 61.63
CA LEU A 987 -9.23 -33.77 61.16
C LEU A 987 -8.64 -35.01 61.80
N MET A 988 -7.70 -34.87 62.72
CA MET A 988 -7.04 -36.01 63.32
C MET A 988 -7.33 -36.04 64.82
N GLU A 989 -6.85 -37.10 65.47
CA GLU A 989 -7.09 -37.34 66.87
C GLU A 989 -5.95 -36.78 67.69
N HIS A 990 -6.28 -36.03 68.74
CA HIS A 990 -5.26 -35.42 69.59
C HIS A 990 -4.67 -36.48 70.49
N SER A 991 -3.54 -37.04 70.08
CA SER A 991 -2.89 -38.08 70.87
C SER A 991 -1.45 -37.72 71.19
N ASN A 992 -1.07 -37.82 72.46
CA ASN A 992 0.30 -37.53 72.83
C ASN A 992 1.08 -38.81 73.08
N CYS A 993 1.86 -39.21 72.08
CA CYS A 993 2.69 -40.40 72.17
C CYS A 993 4.15 -40.03 71.97
N SER A 994 4.42 -38.73 71.92
CA SER A 994 5.78 -38.24 71.69
C SER A 994 6.38 -37.75 73.00
N SER A 995 7.71 -37.67 73.02
CA SER A 995 8.44 -37.35 74.24
C SER A 995 9.02 -35.95 74.26
N GLU A 996 9.30 -35.35 73.11
CA GLU A 996 9.78 -33.99 73.07
C GLU A 996 8.64 -33.04 73.46
N PRO A 997 8.92 -31.96 74.19
CA PRO A 997 7.83 -31.14 74.72
C PRO A 997 7.10 -30.35 73.66
N GLY A 998 5.79 -30.26 73.82
CA GLY A 998 4.95 -29.54 72.90
C GLY A 998 3.56 -30.18 72.86
N PHE A 999 3.01 -30.28 71.65
CA PHE A 999 1.73 -30.92 71.43
C PHE A 999 1.82 -31.70 70.14
N TRP A 1000 1.19 -32.88 70.11
CA TRP A 1000 1.38 -33.81 69.01
C TRP A 1000 0.05 -34.36 68.55
N ALA A 1001 0.01 -34.81 67.31
CA ALA A 1001 -1.21 -35.34 66.73
C ALA A 1001 -0.87 -36.58 65.92
N HIS A 1002 -1.89 -37.41 65.71
CA HIS A 1002 -1.73 -38.74 65.13
C HIS A 1002 -2.30 -38.78 63.73
N PRO A 1003 -1.51 -39.13 62.72
CA PRO A 1003 -2.04 -39.22 61.37
C PRO A 1003 -2.83 -40.51 61.18
N PRO A 1004 -3.88 -40.48 60.38
CA PRO A 1004 -4.64 -41.70 60.14
C PRO A 1004 -4.12 -42.49 58.94
N GLY A 1005 -3.35 -41.85 58.07
CA GLY A 1005 -2.91 -42.48 56.85
C GLY A 1005 -1.72 -43.38 57.02
N ALA A 1006 -1.02 -43.60 55.91
CA ALA A 1006 0.28 -44.26 55.89
C ALA A 1006 1.30 -43.30 55.31
N GLN A 1007 2.57 -43.55 55.65
CA GLN A 1007 3.78 -42.84 55.21
C GLN A 1007 3.95 -41.44 55.81
N ALA A 1008 2.93 -40.92 56.47
CA ALA A 1008 3.05 -39.60 57.09
C ALA A 1008 3.40 -39.71 58.56
N GLY A 1009 4.41 -40.53 58.87
CA GLY A 1009 4.93 -40.79 60.19
C GLY A 1009 3.88 -41.35 61.12
N THR A 1010 4.13 -41.17 62.42
CA THR A 1010 3.13 -41.43 63.44
C THR A 1010 2.92 -40.25 64.37
N CYS A 1011 3.69 -39.18 64.23
CA CYS A 1011 3.52 -38.01 65.09
C CYS A 1011 3.74 -36.77 64.24
N VAL A 1012 2.81 -35.82 64.33
CA VAL A 1012 2.94 -34.54 63.62
C VAL A 1012 2.79 -33.44 64.65
N SER A 1013 3.64 -32.43 64.57
CA SER A 1013 3.55 -31.30 65.47
C SER A 1013 2.31 -30.46 65.19
N GLN A 1014 1.96 -29.62 66.16
CA GLN A 1014 0.81 -28.74 66.03
C GLN A 1014 1.14 -27.28 66.16
N TYR A 1015 2.42 -26.92 66.25
CA TYR A 1015 2.78 -25.54 66.53
C TYR A 1015 2.60 -24.73 65.27
N ALA A 1016 1.67 -23.78 65.32
CA ALA A 1016 1.36 -22.84 64.24
C ALA A 1016 0.98 -23.58 62.96
N ASN A 1017 -0.14 -24.28 63.03
CA ASN A 1017 -0.50 -25.12 61.90
C ASN A 1017 -1.11 -24.33 60.76
N TRP A 1018 -1.54 -23.10 60.99
CA TRP A 1018 -2.20 -22.34 59.94
C TRP A 1018 -1.25 -21.92 58.83
N LEU A 1019 0.05 -21.85 59.12
CA LEU A 1019 1.03 -21.53 58.10
C LEU A 1019 1.09 -22.59 57.01
N VAL A 1020 0.80 -23.85 57.37
CA VAL A 1020 0.75 -24.94 56.40
C VAL A 1020 -0.38 -24.72 55.41
N VAL A 1021 -1.56 -24.35 55.90
CA VAL A 1021 -2.71 -24.15 55.03
C VAL A 1021 -2.50 -22.94 54.13
N LEU A 1022 -1.86 -21.90 54.66
CA LEU A 1022 -1.59 -20.72 53.85
C LEU A 1022 -0.59 -21.02 52.73
N LEU A 1023 0.44 -21.84 53.03
CA LEU A 1023 1.37 -22.24 51.98
C LEU A 1023 0.71 -23.13 50.95
N LEU A 1024 -0.25 -23.98 51.36
CA LEU A 1024 -0.99 -24.79 50.40
C LEU A 1024 -1.78 -23.94 49.43
N VAL A 1025 -2.42 -22.88 49.94
CA VAL A 1025 -3.20 -22.01 49.07
C VAL A 1025 -2.29 -21.25 48.09
N ILE A 1026 -1.15 -20.77 48.57
CA ILE A 1026 -0.21 -20.04 47.71
C ILE A 1026 0.32 -20.94 46.60
N PHE A 1027 0.73 -22.17 46.94
CA PHE A 1027 1.28 -23.06 45.92
C PHE A 1027 0.25 -23.47 44.90
N LEU A 1028 -0.98 -23.73 45.33
CA LEU A 1028 -1.99 -24.16 44.38
C LEU A 1028 -2.37 -23.03 43.43
N LEU A 1029 -2.42 -21.80 43.95
CA LEU A 1029 -2.74 -20.65 43.11
C LEU A 1029 -1.63 -20.36 42.09
N VAL A 1030 -0.37 -20.53 42.49
CA VAL A 1030 0.71 -20.28 41.54
C VAL A 1030 0.75 -21.35 40.47
N ALA A 1031 0.90 -22.61 40.85
CA ALA A 1031 1.01 -23.66 39.82
C ALA A 1031 -0.23 -23.85 38.96
N ASN A 1032 -1.40 -23.91 39.57
CA ASN A 1032 -2.64 -24.12 38.83
C ASN A 1032 -3.19 -23.01 37.92
N ILE A 1033 -3.15 -21.77 38.39
CA ILE A 1033 -3.73 -20.65 37.62
C ILE A 1033 -2.82 -19.78 36.75
N LEU A 1034 -1.51 -19.79 37.01
CA LEU A 1034 -0.60 -18.97 36.22
C LEU A 1034 0.20 -19.79 35.21
N LEU A 1035 0.78 -20.91 35.63
CA LEU A 1035 1.75 -21.59 34.78
C LEU A 1035 1.11 -22.32 33.63
N VAL A 1036 0.01 -23.03 33.89
CA VAL A 1036 -0.64 -23.81 32.85
C VAL A 1036 -1.23 -22.89 31.78
N ASN A 1037 -1.83 -21.77 32.19
CA ASN A 1037 -2.40 -20.86 31.23
C ASN A 1037 -1.31 -20.11 30.46
N LEU A 1038 -0.19 -19.81 31.12
CA LEU A 1038 0.95 -19.22 30.42
C LEU A 1038 1.51 -20.17 29.38
N LEU A 1039 1.53 -21.47 29.71
CA LEU A 1039 2.05 -22.45 28.77
C LEU A 1039 1.13 -22.61 27.57
N ILE A 1040 -0.18 -22.49 27.78
CA ILE A 1040 -1.13 -22.47 26.66
C ILE A 1040 -0.86 -21.29 25.74
N ALA A 1041 -0.60 -20.11 26.33
CA ALA A 1041 -0.31 -18.94 25.50
C ALA A 1041 0.97 -19.12 24.68
N MET A 1042 2.00 -19.70 25.29
CA MET A 1042 3.26 -19.87 24.55
C MET A 1042 3.13 -20.91 23.44
N PHE A 1043 2.35 -21.98 23.66
CA PHE A 1043 2.14 -22.93 22.57
C PHE A 1043 1.39 -22.30 21.41
N SER A 1044 0.38 -21.48 21.70
CA SER A 1044 -0.37 -20.85 20.61
C SER A 1044 0.52 -19.92 19.80
N TYR A 1045 1.32 -19.09 20.47
CA TYR A 1045 2.18 -18.16 19.76
C TYR A 1045 3.31 -18.83 19.00
N THR A 1046 3.83 -19.96 19.50
CA THR A 1046 4.89 -20.64 18.74
C THR A 1046 4.32 -21.37 17.54
N PHE A 1047 3.15 -21.98 17.70
CA PHE A 1047 2.54 -22.76 16.64
C PHE A 1047 2.17 -21.88 15.46
N GLY A 1048 1.52 -20.75 15.73
CA GLY A 1048 1.06 -19.87 14.66
C GLY A 1048 2.18 -19.25 13.84
N LYS A 1049 3.41 -19.27 14.35
CA LYS A 1049 4.56 -18.81 13.59
C LYS A 1049 5.24 -19.93 12.83
N VAL A 1050 5.51 -21.06 13.48
CA VAL A 1050 6.36 -22.08 12.86
C VAL A 1050 5.60 -22.97 11.89
N GLN A 1051 4.28 -22.87 11.85
CA GLN A 1051 3.47 -23.74 10.99
C GLN A 1051 3.80 -23.55 9.50
N GLY A 1052 4.00 -22.30 9.09
CA GLY A 1052 4.24 -22.00 7.69
C GLY A 1052 5.58 -22.47 7.16
N ASN A 1053 6.55 -22.70 8.03
CA ASN A 1053 7.81 -23.26 7.59
C ASN A 1053 7.79 -24.78 7.66
N SER A 1054 7.12 -25.33 8.69
CA SER A 1054 7.08 -26.76 8.84
C SER A 1054 6.31 -27.43 7.72
N ASP A 1055 5.28 -26.76 7.19
CA ASP A 1055 4.53 -27.36 6.09
C ASP A 1055 5.37 -27.49 4.82
N LEU A 1056 6.17 -26.47 4.50
CA LEU A 1056 7.08 -26.53 3.38
C LEU A 1056 8.13 -27.61 3.54
N TYR A 1057 8.68 -27.72 4.76
CA TYR A 1057 9.69 -28.75 4.98
C TYR A 1057 9.10 -30.15 4.90
N TRP A 1058 7.82 -30.32 5.26
CA TRP A 1058 7.23 -31.64 5.04
C TRP A 1058 7.03 -31.91 3.57
N LYS A 1059 6.61 -30.89 2.80
CA LYS A 1059 6.43 -31.09 1.37
C LYS A 1059 7.71 -31.42 0.65
N ALA A 1060 8.86 -31.04 1.19
CA ALA A 1060 10.11 -31.34 0.51
C ALA A 1060 10.50 -32.81 0.57
N GLN A 1061 10.27 -33.50 1.69
CA GLN A 1061 10.86 -34.81 1.91
C GLN A 1061 10.01 -35.95 1.39
N ARG A 1062 8.86 -35.64 0.80
CA ARG A 1062 7.91 -36.67 0.44
C ARG A 1062 8.43 -37.54 -0.68
N TYR A 1063 9.23 -36.96 -1.58
CA TYR A 1063 9.78 -37.74 -2.68
C TYR A 1063 10.77 -38.78 -2.17
N ARG A 1064 11.62 -38.43 -1.21
CA ARG A 1064 12.56 -39.39 -0.70
C ARG A 1064 11.86 -40.49 0.08
N LEU A 1065 10.80 -40.12 0.80
CA LEU A 1065 10.06 -41.15 1.52
C LEU A 1065 9.27 -42.06 0.60
N ILE A 1066 8.86 -41.58 -0.57
CA ILE A 1066 8.26 -42.51 -1.53
C ILE A 1066 9.32 -43.40 -2.16
N ARG A 1067 10.48 -42.81 -2.47
CA ARG A 1067 11.52 -43.52 -3.18
C ARG A 1067 12.13 -44.63 -2.34
N GLU A 1068 12.08 -44.49 -1.02
CA GLU A 1068 12.60 -45.56 -0.17
C GLU A 1068 11.80 -46.85 -0.28
N PHE A 1069 10.47 -46.76 -0.39
CA PHE A 1069 9.64 -47.97 -0.33
C PHE A 1069 9.72 -48.82 -1.58
N HIS A 1070 10.12 -48.25 -2.70
CA HIS A 1070 10.12 -49.04 -3.93
C HIS A 1070 11.31 -49.96 -3.99
N SER A 1071 12.45 -49.56 -3.41
CA SER A 1071 13.62 -50.41 -3.39
C SER A 1071 13.54 -51.49 -2.32
N ARG A 1072 12.63 -51.34 -1.36
CA ARG A 1072 12.44 -52.34 -0.33
C ARG A 1072 11.85 -53.61 -0.94
N PRO A 1073 12.17 -54.77 -0.38
CA PRO A 1073 11.64 -56.02 -0.95
C PRO A 1073 10.13 -56.15 -0.78
N ALA A 1074 9.52 -56.83 -1.75
CA ALA A 1074 8.07 -56.86 -1.90
C ALA A 1074 7.41 -58.02 -1.17
N LEU A 1075 8.06 -58.58 -0.17
CA LEU A 1075 7.50 -59.65 0.61
C LEU A 1075 7.55 -59.31 2.09
N ALA A 1076 6.70 -59.99 2.86
CA ALA A 1076 6.57 -59.73 4.28
C ALA A 1076 7.77 -60.27 5.04
N PRO A 1077 8.00 -59.80 6.27
CA PRO A 1077 9.05 -60.42 7.13
C PRO A 1077 8.80 -61.88 7.50
N PRO A 1078 7.58 -62.42 7.44
CA PRO A 1078 7.49 -63.89 7.40
C PRO A 1078 7.91 -64.51 6.07
N PHE A 1079 8.07 -63.74 4.99
CA PHE A 1079 8.62 -64.27 3.75
C PHE A 1079 9.96 -63.61 3.41
N ILE A 1080 10.57 -62.92 4.37
CA ILE A 1080 11.83 -62.23 4.13
C ILE A 1080 12.98 -63.20 3.98
N VAL A 1081 12.85 -64.42 4.48
CA VAL A 1081 13.87 -65.44 4.21
C VAL A 1081 13.84 -65.83 2.74
N ILE A 1082 12.65 -65.95 2.16
CA ILE A 1082 12.56 -66.27 0.73
C ILE A 1082 12.96 -65.06 -0.13
N SER A 1083 12.67 -63.85 0.34
CA SER A 1083 13.11 -62.65 -0.39
C SER A 1083 14.63 -62.50 -0.34
N HIS A 1084 15.25 -62.80 0.80
CA HIS A 1084 16.70 -62.81 0.89
C HIS A 1084 17.29 -63.97 0.09
N LEU A 1085 16.54 -65.06 -0.07
CA LEU A 1085 16.98 -66.14 -0.96
C LEU A 1085 16.99 -65.69 -2.41
N ARG A 1086 15.95 -64.96 -2.83
CA ARG A 1086 15.94 -64.39 -4.18
C ARG A 1086 16.98 -63.31 -4.35
N LEU A 1087 17.37 -62.63 -3.26
CA LEU A 1087 18.41 -61.61 -3.34
C LEU A 1087 19.80 -62.23 -3.43
N LEU A 1088 20.07 -63.25 -2.61
CA LEU A 1088 21.35 -63.93 -2.60
C LEU A 1088 21.36 -65.17 -3.49
N LEU A 1089 20.45 -65.26 -4.46
CA LEU A 1089 20.54 -66.27 -5.50
C LEU A 1089 21.43 -65.83 -6.65
N ARG A 1090 21.50 -64.53 -6.94
CA ARG A 1090 22.26 -63.99 -8.05
C ARG A 1090 23.35 -63.03 -7.60
N GLN A 1091 24.01 -63.32 -6.48
CA GLN A 1091 25.14 -62.49 -6.04
C GLN A 1091 26.11 -63.30 -5.19
N ALA A 1105 15.98 -48.58 -8.95
CA ALA A 1105 14.60 -48.21 -9.22
C ALA A 1105 14.36 -48.07 -10.72
N LEU A 1106 13.24 -48.60 -11.18
CA LEU A 1106 12.91 -48.53 -12.60
C LEU A 1106 11.52 -47.97 -12.86
N GLU A 1107 10.54 -48.28 -12.00
CA GLU A 1107 9.18 -47.82 -12.21
C GLU A 1107 9.04 -46.37 -11.77
N HIS A 1108 8.45 -45.55 -12.64
CA HIS A 1108 8.19 -44.12 -12.43
C HIS A 1108 9.48 -43.35 -12.14
N PHE A 1109 10.57 -43.77 -12.78
CA PHE A 1109 11.84 -43.05 -12.71
C PHE A 1109 12.53 -42.94 -14.05
N ARG A 1110 12.02 -43.59 -15.10
CA ARG A 1110 12.54 -43.44 -16.45
C ARG A 1110 11.41 -43.76 -17.42
N VAL A 1111 11.10 -42.82 -18.30
CA VAL A 1111 10.13 -43.01 -19.37
C VAL A 1111 10.87 -42.88 -20.68
N TYR A 1112 10.70 -43.84 -21.57
CA TYR A 1112 11.40 -43.86 -22.84
C TYR A 1112 10.43 -43.54 -23.96
N LEU A 1113 10.83 -42.59 -24.82
CA LEU A 1113 9.95 -42.01 -25.82
C LEU A 1113 10.55 -42.22 -27.21
N SER A 1114 9.72 -42.03 -28.22
CA SER A 1114 10.22 -42.00 -29.59
C SER A 1114 10.76 -40.60 -29.92
N LYS A 1115 11.77 -40.57 -30.79
CA LYS A 1115 12.52 -39.34 -30.96
C LYS A 1115 11.75 -38.27 -31.72
N GLU A 1116 10.77 -38.67 -32.52
CA GLU A 1116 9.90 -37.69 -33.17
C GLU A 1116 9.04 -36.97 -32.13
N ALA A 1117 8.55 -37.70 -31.13
CA ALA A 1117 7.79 -37.06 -30.06
C ALA A 1117 8.67 -36.18 -29.19
N GLU A 1118 9.94 -36.55 -29.03
CA GLU A 1118 10.89 -35.72 -28.31
C GLU A 1118 11.14 -34.40 -29.02
N ARG A 1119 11.39 -34.49 -30.33
CA ARG A 1119 11.62 -33.29 -31.14
C ARG A 1119 10.37 -32.44 -31.22
N LYS A 1120 9.19 -33.05 -31.13
CA LYS A 1120 7.97 -32.26 -31.09
C LYS A 1120 7.78 -31.59 -29.73
N LEU A 1121 8.14 -32.30 -28.66
CA LEU A 1121 7.91 -31.82 -27.31
C LEU A 1121 8.78 -30.62 -27.00
N LEU A 1122 10.02 -30.62 -27.49
CA LEU A 1122 10.90 -29.49 -27.24
C LEU A 1122 10.42 -28.23 -27.94
N THR A 1123 9.84 -28.39 -29.14
CA THR A 1123 9.19 -27.26 -29.80
C THR A 1123 8.00 -26.76 -28.99
N TRP A 1124 7.20 -27.68 -28.46
CA TRP A 1124 6.03 -27.31 -27.69
C TRP A 1124 6.40 -26.51 -26.45
N GLU A 1125 7.50 -26.85 -25.81
CA GLU A 1125 7.87 -26.05 -24.64
C GLU A 1125 8.59 -24.76 -25.02
N SER A 1126 9.34 -24.77 -26.12
CA SER A 1126 10.08 -23.57 -26.52
C SER A 1126 9.13 -22.45 -26.92
N VAL A 1127 7.98 -22.80 -27.49
CA VAL A 1127 6.96 -21.79 -27.78
C VAL A 1127 6.49 -21.10 -26.50
N HIS A 1128 6.25 -21.87 -25.44
CA HIS A 1128 5.82 -21.26 -24.19
C HIS A 1128 6.92 -20.42 -23.55
N LYS A 1129 8.18 -20.83 -23.70
CA LYS A 1129 9.26 -20.04 -23.10
C LYS A 1129 9.42 -18.70 -23.80
N GLU A 1130 9.40 -18.71 -25.14
CA GLU A 1130 9.49 -17.46 -25.88
C GLU A 1130 8.25 -16.61 -25.71
N ASN A 1131 7.11 -17.19 -25.35
CA ASN A 1131 5.96 -16.36 -25.05
C ASN A 1131 6.08 -15.73 -23.66
N PHE A 1132 6.61 -16.49 -22.71
CA PHE A 1132 6.70 -16.06 -21.32
C PHE A 1132 7.64 -14.87 -21.14
N LEU A 1133 8.82 -14.92 -21.76
CA LEU A 1133 9.77 -13.83 -21.60
C LEU A 1133 9.25 -12.53 -22.21
N LEU A 1134 8.61 -12.63 -23.37
CA LEU A 1134 8.06 -11.45 -24.03
C LEU A 1134 6.90 -10.86 -23.22
N ALA A 1135 6.10 -11.72 -22.59
CA ALA A 1135 5.01 -11.22 -21.75
C ALA A 1135 5.54 -10.45 -20.54
N ARG A 1136 6.59 -10.98 -19.90
CA ARG A 1136 7.17 -10.29 -18.75
C ARG A 1136 7.81 -8.96 -19.15
N ALA A 1137 8.48 -8.94 -20.30
CA ALA A 1137 9.13 -7.71 -20.75
C ALA A 1137 8.11 -6.63 -21.10
N ARG A 1138 7.01 -7.01 -21.75
CA ARG A 1138 6.00 -6.01 -22.07
C ARG A 1138 5.27 -5.53 -20.82
N ASP A 1139 5.10 -6.40 -19.83
CA ASP A 1139 4.48 -5.98 -18.58
C ASP A 1139 5.37 -4.98 -17.85
N LYS A 1140 6.69 -5.14 -17.95
CA LYS A 1140 7.55 -4.15 -17.35
C LYS A 1140 7.54 -2.86 -18.15
N ARG A 1141 7.45 -2.99 -19.47
CA ARG A 1141 7.44 -1.83 -20.37
C ARG A 1141 6.24 -0.90 -20.22
N GLU A 1142 5.06 -1.47 -20.00
CA GLU A 1142 3.84 -0.68 -19.92
C GLU A 1142 3.39 -0.45 -18.49
N SER A 1143 4.33 -0.27 -17.57
CA SER A 1143 3.99 -0.02 -16.18
C SER A 1143 3.64 1.44 -15.99
N ASP A 1144 3.58 1.89 -14.74
CA ASP A 1144 3.24 3.28 -14.44
C ASP A 1144 4.41 4.03 -13.81
N SER A 1145 5.64 3.60 -14.10
CA SER A 1145 6.80 4.33 -13.69
C SER A 1145 7.78 4.55 -14.82
N GLU A 1146 7.56 3.93 -15.97
CA GLU A 1146 8.41 4.14 -17.13
C GLU A 1146 7.78 5.09 -18.14
N ARG A 1147 6.45 5.23 -18.09
CA ARG A 1147 5.78 6.32 -18.77
C ARG A 1147 6.37 7.66 -18.39
N LEU A 1148 6.63 7.84 -17.10
CA LEU A 1148 7.16 9.08 -16.59
C LEU A 1148 8.57 9.33 -17.10
N LYS A 1149 9.34 8.26 -17.23
CA LYS A 1149 10.70 8.41 -17.71
C LYS A 1149 10.74 8.75 -19.19
N ARG A 1150 9.89 8.11 -19.99
CA ARG A 1150 9.88 8.44 -21.42
C ARG A 1150 9.29 9.82 -21.67
N THR A 1151 8.33 10.26 -20.86
CA THR A 1151 7.87 11.63 -21.03
C THR A 1151 8.92 12.64 -20.61
N SER A 1152 9.74 12.31 -19.60
CA SER A 1152 10.85 13.19 -19.25
C SER A 1152 11.84 13.31 -20.39
N GLN A 1153 12.17 12.20 -21.05
CA GLN A 1153 13.10 12.25 -22.16
C GLN A 1153 12.52 13.01 -23.35
N LYS A 1154 11.22 12.84 -23.63
CA LYS A 1154 10.63 13.52 -24.77
C LYS A 1154 10.51 15.02 -24.52
N VAL A 1155 10.22 15.43 -23.28
CA VAL A 1155 10.16 16.86 -22.99
C VAL A 1155 11.55 17.47 -23.09
N ASP A 1156 12.59 16.73 -22.69
CA ASP A 1156 13.95 17.24 -22.86
C ASP A 1156 14.32 17.39 -24.34
N LEU A 1157 13.95 16.41 -25.16
CA LEU A 1157 14.19 16.50 -26.60
C LEU A 1157 13.46 17.67 -27.22
N ALA A 1158 12.21 17.89 -26.81
CA ALA A 1158 11.42 18.99 -27.36
C ALA A 1158 11.99 20.33 -26.96
N LEU A 1159 12.50 20.44 -25.73
CA LEU A 1159 13.12 21.69 -25.30
C LEU A 1159 14.42 21.95 -26.05
N LYS A 1160 15.20 20.90 -26.31
CA LYS A 1160 16.43 21.07 -27.06
C LYS A 1160 16.16 21.49 -28.51
N GLN A 1161 15.13 20.93 -29.13
CA GLN A 1161 14.80 21.34 -30.48
C GLN A 1161 14.18 22.73 -30.50
N LEU A 1162 13.47 23.13 -29.45
CA LEU A 1162 12.95 24.48 -29.36
C LEU A 1162 14.08 25.50 -29.17
N GLY A 1163 15.20 25.08 -28.60
CA GLY A 1163 16.34 25.97 -28.42
C GLY A 1163 16.97 26.47 -29.71
N HIS A 1164 16.70 25.84 -30.85
CA HIS A 1164 17.25 26.33 -32.10
C HIS A 1164 16.45 27.46 -32.72
N ILE A 1165 15.16 27.57 -32.41
CA ILE A 1165 14.30 28.48 -33.13
C ILE A 1165 14.56 29.94 -32.80
N ARG A 1166 15.17 30.22 -31.64
CA ARG A 1166 15.10 31.56 -31.07
C ARG A 1166 15.98 32.56 -31.83
N GLU A 1167 17.19 32.16 -32.21
CA GLU A 1167 18.14 33.11 -32.81
C GLU A 1167 17.81 33.46 -34.25
N TYR A 1168 16.97 32.65 -34.91
CA TYR A 1168 16.62 32.91 -36.30
C TYR A 1168 15.81 34.17 -36.44
N GLU A 1169 14.96 34.48 -35.46
CA GLU A 1169 14.18 35.71 -35.51
C GLU A 1169 15.07 36.94 -35.40
N GLN A 1170 16.12 36.86 -34.57
CA GLN A 1170 17.05 37.97 -34.42
C GLN A 1170 17.86 38.20 -35.69
N ARG A 1171 18.46 37.13 -36.23
CA ARG A 1171 19.26 37.30 -37.44
C ARG A 1171 18.40 37.65 -38.65
N LEU A 1172 17.16 37.16 -38.70
CA LEU A 1172 16.31 37.44 -39.84
C LEU A 1172 15.75 38.86 -39.76
N LYS A 1173 15.49 39.36 -38.55
CA LYS A 1173 15.13 40.77 -38.39
C LYS A 1173 16.28 41.69 -38.78
N VAL A 1174 17.52 41.29 -38.44
CA VAL A 1174 18.69 42.08 -38.83
C VAL A 1174 18.87 42.11 -40.35
N LEU A 1175 18.69 40.95 -41.00
CA LEU A 1175 18.82 40.90 -42.46
C LEU A 1175 17.69 41.64 -43.16
N GLU A 1176 16.47 41.60 -42.64
CA GLU A 1176 15.39 42.39 -43.22
C GLU A 1176 15.61 43.88 -43.02
N ARG A 1177 16.21 44.27 -41.89
CA ARG A 1177 16.58 45.68 -41.69
C ARG A 1177 17.66 46.11 -42.67
N GLU A 1178 18.61 45.22 -42.96
CA GLU A 1178 19.65 45.54 -43.94
C GLU A 1178 19.07 45.67 -45.35
N VAL A 1179 18.13 44.81 -45.71
CA VAL A 1179 17.51 44.88 -47.03
C VAL A 1179 16.65 46.14 -47.15
N GLN A 1180 15.98 46.53 -46.06
CA GLN A 1180 15.22 47.77 -46.05
C GLN A 1180 16.13 48.99 -46.19
N GLN A 1181 17.28 48.96 -45.53
CA GLN A 1181 18.24 50.06 -45.63
C GLN A 1181 18.85 50.16 -47.03
N CYS A 1182 19.13 49.00 -47.64
CA CYS A 1182 19.66 49.00 -49.01
C CYS A 1182 18.62 49.48 -50.01
N SER A 1183 17.34 49.14 -49.78
CA SER A 1183 16.28 49.64 -50.65
C SER A 1183 16.12 51.15 -50.50
N ARG A 1184 16.24 51.65 -49.26
CA ARG A 1184 16.16 53.09 -49.04
C ARG A 1184 17.33 53.84 -49.67
N VAL A 1185 18.53 53.25 -49.61
CA VAL A 1185 19.71 53.89 -50.19
C VAL A 1185 19.66 53.86 -51.72
N LEU A 1186 19.16 52.76 -52.30
CA LEU A 1186 19.05 52.67 -53.76
C LEU A 1186 17.96 53.58 -54.28
N GLY A 1187 16.84 53.68 -53.56
CA GLY A 1187 15.82 54.66 -53.91
C GLY A 1187 16.31 56.07 -53.74
N TRP A 1188 17.19 56.31 -52.77
CA TRP A 1188 17.81 57.63 -52.59
C TRP A 1188 18.70 57.99 -53.77
N VAL A 1189 19.57 57.06 -54.19
CA VAL A 1189 20.49 57.36 -55.29
C VAL A 1189 19.75 57.41 -56.63
N ALA A 1190 18.59 56.75 -56.72
CA ALA A 1190 17.83 56.79 -57.96
C ALA A 1190 16.98 58.07 -58.05
N GLU A 1191 16.04 58.24 -57.12
CA GLU A 1191 15.05 59.30 -57.21
C GLU A 1191 15.23 60.35 -56.12
N ALA A 1192 16.46 60.53 -55.65
CA ALA A 1192 16.76 61.59 -54.71
C ALA A 1192 18.13 62.21 -54.96
N LEU A 1193 18.76 61.93 -56.10
CA LEU A 1193 20.06 62.50 -56.43
C LEU A 1193 20.25 62.61 -57.93
N GLU B 7 -4.11 47.55 29.22
CA GLU B 7 -2.87 46.83 28.95
C GLU B 7 -1.67 47.72 29.23
N GLN B 8 -0.94 48.11 28.19
CA GLN B 8 0.18 49.02 28.39
C GLN B 8 -0.36 50.43 28.62
N SER B 9 0.44 51.22 29.33
CA SER B 9 0.03 52.59 29.65
C SER B 9 1.16 53.60 29.54
N TRP B 10 2.34 53.20 29.09
CA TRP B 10 3.43 54.12 28.88
C TRP B 10 3.30 54.91 27.58
N ILE B 11 2.39 54.47 26.71
CA ILE B 11 2.12 55.18 25.46
C ILE B 11 1.59 56.61 25.68
N PRO B 12 0.59 56.85 26.55
CA PRO B 12 0.27 58.26 26.82
C PRO B 12 1.20 58.91 27.82
N LYS B 13 2.22 58.22 28.30
CA LYS B 13 3.24 58.85 29.12
C LYS B 13 4.33 59.49 28.27
N ILE B 14 4.77 58.82 27.21
CA ILE B 14 5.88 59.36 26.42
C ILE B 14 5.40 60.18 25.24
N PHE B 15 4.59 59.57 24.36
CA PHE B 15 4.18 60.21 23.13
C PHE B 15 3.17 61.31 23.39
N LYS B 16 3.33 62.43 22.71
CA LYS B 16 2.57 63.63 22.97
C LYS B 16 1.75 64.00 21.72
N LYS B 17 0.88 64.99 21.87
CA LYS B 17 0.20 65.57 20.73
C LYS B 17 0.00 67.05 20.99
N LYS B 18 -0.60 67.73 20.01
CA LYS B 18 -0.68 69.17 19.99
C LYS B 18 -2.05 69.63 19.51
N THR B 19 -2.46 70.81 19.95
CA THR B 19 -3.76 71.39 19.65
C THR B 19 -3.60 72.80 19.10
N CYS B 20 -4.71 73.51 18.92
CA CYS B 20 -4.66 74.90 18.43
C CYS B 20 -4.49 75.88 19.57
N HIS B 66 2.73 78.67 19.41
CA HIS B 66 1.42 78.79 18.79
C HIS B 66 0.58 77.56 19.08
N THR B 67 1.11 76.66 19.89
CA THR B 67 0.41 75.43 20.24
C THR B 67 0.95 74.92 21.58
N THR B 68 0.36 73.81 22.04
CA THR B 68 0.70 73.22 23.33
C THR B 68 1.05 71.75 23.16
N GLU B 69 1.28 71.07 24.28
CA GLU B 69 1.60 69.65 24.29
C GLU B 69 0.78 68.95 25.35
N LYS B 70 0.20 67.82 24.99
CA LYS B 70 -0.67 67.06 25.87
C LYS B 70 -0.38 65.57 25.69
N PRO B 71 -0.78 64.73 26.64
CA PRO B 71 -0.77 63.29 26.40
C PRO B 71 -1.72 62.89 25.28
N THR B 72 -1.52 61.67 24.79
CA THR B 72 -2.08 61.24 23.52
C THR B 72 -3.19 60.24 23.74
N ASP B 73 -4.32 60.48 23.12
CA ASP B 73 -5.41 59.54 23.11
C ASP B 73 -5.42 58.80 21.77
N ALA B 74 -6.49 58.03 21.54
CA ALA B 74 -6.83 57.40 20.27
C ALA B 74 -5.73 56.43 19.79
N TYR B 75 -5.56 55.36 20.55
CA TYR B 75 -4.60 54.36 20.13
C TYR B 75 -5.10 52.98 20.52
N GLY B 76 -4.62 51.98 19.78
CA GLY B 76 -4.99 50.60 20.03
C GLY B 76 -4.97 49.80 18.75
N GLU B 77 -5.61 48.64 18.75
CA GLU B 77 -5.73 47.85 17.54
C GLU B 77 -7.00 48.25 16.78
N LEU B 78 -7.00 47.94 15.49
CA LEU B 78 -8.12 48.26 14.59
C LEU B 78 -8.61 47.03 13.84
N ASP B 79 -9.93 46.85 13.79
CA ASP B 79 -10.51 45.70 13.10
C ASP B 79 -11.55 46.05 12.03
N PHE B 80 -11.42 45.41 10.87
CA PHE B 80 -12.36 45.61 9.77
C PHE B 80 -13.15 44.31 9.71
N THR B 81 -14.48 44.41 9.70
CA THR B 81 -15.29 43.20 9.72
C THR B 81 -15.23 42.53 8.34
N GLY B 82 -14.06 41.97 8.06
CA GLY B 82 -13.79 41.37 6.77
C GLY B 82 -12.95 40.13 6.95
N ALA B 83 -12.59 39.53 5.82
CA ALA B 83 -11.74 38.34 5.85
C ALA B 83 -10.29 38.71 6.12
N GLY B 84 -9.83 38.40 7.32
CA GLY B 84 -8.47 38.71 7.73
C GLY B 84 -8.02 37.89 8.91
N ARG B 85 -6.71 37.77 9.09
CA ARG B 85 -6.16 37.02 10.22
C ARG B 85 -5.67 37.88 11.38
N LYS B 86 -5.77 39.21 11.26
CA LYS B 86 -5.28 40.07 12.33
C LYS B 86 -5.91 41.47 12.40
N HIS B 87 -5.73 42.12 13.55
CA HIS B 87 -6.22 43.46 13.80
C HIS B 87 -5.01 44.36 13.61
N SER B 88 -5.16 45.44 12.85
CA SER B 88 -4.01 46.30 12.57
C SER B 88 -3.84 47.38 13.62
N ASN B 89 -2.59 47.79 13.84
CA ASN B 89 -2.28 48.76 14.89
C ASN B 89 -2.26 50.16 14.32
N PHE B 90 -2.57 51.12 15.17
CA PHE B 90 -2.49 52.52 14.81
C PHE B 90 -2.06 53.35 16.01
N LEU B 91 -1.46 54.49 15.71
CA LEU B 91 -1.01 55.40 16.76
C LEU B 91 -1.03 56.82 16.24
N ARG B 92 -1.63 57.71 17.01
CA ARG B 92 -1.53 59.14 16.75
C ARG B 92 -0.28 59.65 17.42
N LEU B 93 0.52 60.42 16.71
CA LEU B 93 1.70 60.96 17.36
C LEU B 93 2.06 62.30 16.73
N SER B 94 2.73 63.11 17.53
CA SER B 94 3.06 64.47 17.15
C SER B 94 4.35 64.52 16.37
N ASP B 95 4.45 65.53 15.51
CA ASP B 95 5.65 65.78 14.75
C ASP B 95 6.75 66.29 15.69
N ARG B 96 7.99 66.24 15.18
CA ARG B 96 9.22 66.57 15.91
C ARG B 96 9.36 65.70 17.16
N THR B 97 9.33 64.40 16.93
CA THR B 97 9.59 63.40 17.94
C THR B 97 10.79 62.59 17.49
N ASP B 98 11.58 62.12 18.46
CA ASP B 98 12.74 61.29 18.14
C ASP B 98 12.28 59.94 17.62
N PRO B 99 12.61 59.57 16.38
CA PRO B 99 12.08 58.33 15.80
C PRO B 99 12.69 57.07 16.35
N ALA B 100 13.72 57.18 17.20
CA ALA B 100 14.25 56.00 17.85
C ALA B 100 13.21 55.36 18.76
N ALA B 101 12.37 56.19 19.37
CA ALA B 101 11.30 55.67 20.21
C ALA B 101 10.26 54.92 19.40
N VAL B 102 9.91 55.42 18.22
CA VAL B 102 8.87 54.75 17.47
C VAL B 102 9.42 53.49 16.80
N TYR B 103 10.72 53.48 16.46
CA TYR B 103 11.32 52.26 15.96
C TYR B 103 11.40 51.19 17.03
N SER B 104 11.73 51.60 18.26
CA SER B 104 11.74 50.66 19.38
C SER B 104 10.34 50.17 19.70
N LEU B 105 9.33 51.01 19.50
CA LEU B 105 7.95 50.59 19.67
C LEU B 105 7.57 49.52 18.66
N VAL B 106 7.90 49.74 17.39
CA VAL B 106 7.48 48.82 16.35
C VAL B 106 8.24 47.50 16.44
N THR B 107 9.52 47.55 16.80
CA THR B 107 10.28 46.32 16.90
C THR B 107 9.92 45.54 18.17
N ARG B 108 9.88 46.22 19.32
CA ARG B 108 9.78 45.51 20.59
C ARG B 108 8.35 45.12 20.95
N THR B 109 7.46 46.11 21.08
CA THR B 109 6.15 45.86 21.67
C THR B 109 5.25 45.09 20.72
N TRP B 110 4.94 45.68 19.58
CA TRP B 110 4.20 44.99 18.55
C TRP B 110 5.06 43.89 17.95
N GLY B 111 4.41 42.89 17.36
CA GLY B 111 5.14 41.69 17.02
C GLY B 111 5.88 41.69 15.70
N PHE B 112 6.38 42.83 15.25
CA PHE B 112 7.02 42.88 13.95
C PHE B 112 8.50 42.52 14.06
N ARG B 113 8.99 41.82 13.05
CA ARG B 113 10.39 41.49 12.95
C ARG B 113 11.14 42.65 12.32
N ALA B 114 12.43 42.75 12.65
CA ALA B 114 13.24 43.83 12.12
C ALA B 114 13.44 43.63 10.63
N PRO B 115 13.37 44.68 9.84
CA PRO B 115 13.34 44.51 8.38
C PRO B 115 14.72 44.30 7.79
N ASN B 116 14.72 43.79 6.56
CA ASN B 116 15.93 43.66 5.76
C ASN B 116 16.02 44.65 4.62
N LEU B 117 14.90 45.18 4.15
CA LEU B 117 14.91 46.05 2.98
C LEU B 117 13.74 47.00 3.06
N VAL B 118 13.99 48.29 2.88
CA VAL B 118 12.95 49.30 2.95
C VAL B 118 12.91 50.02 1.61
N VAL B 119 11.91 49.71 0.80
CA VAL B 119 11.62 50.48 -0.40
C VAL B 119 10.53 51.46 -0.05
N SER B 120 10.45 52.55 -0.80
CA SER B 120 9.43 53.56 -0.52
C SER B 120 8.86 54.06 -1.83
N VAL B 121 7.62 53.64 -2.11
CA VAL B 121 6.90 54.13 -3.28
C VAL B 121 6.51 55.57 -3.04
N LEU B 122 6.95 56.46 -3.93
CA LEU B 122 6.71 57.88 -3.65
C LEU B 122 6.38 58.58 -4.96
N GLY B 123 5.10 58.68 -5.26
CA GLY B 123 4.66 59.32 -6.48
C GLY B 123 3.20 59.67 -6.45
N GLY B 124 2.78 60.43 -7.43
CA GLY B 124 1.37 60.74 -7.59
C GLY B 124 0.92 60.70 -9.04
N SER B 125 -0.02 59.83 -9.36
CA SER B 125 -0.59 59.79 -10.69
C SER B 125 -1.80 60.69 -10.84
N GLY B 126 -2.34 61.21 -9.74
CA GLY B 126 -3.53 62.02 -9.75
C GLY B 126 -4.84 61.26 -9.64
N GLY B 127 -4.81 59.93 -9.75
CA GLY B 127 -6.01 59.12 -9.64
C GLY B 127 -6.82 58.62 -10.84
N PRO B 128 -6.35 58.65 -12.10
CA PRO B 128 -7.00 57.80 -13.09
C PRO B 128 -6.51 56.36 -13.01
N VAL B 129 -7.11 55.51 -13.85
CA VAL B 129 -6.62 54.15 -13.96
C VAL B 129 -5.33 54.15 -14.77
N LEU B 130 -4.33 53.43 -14.29
CA LEU B 130 -3.02 53.40 -14.92
C LEU B 130 -3.01 52.40 -16.06
N GLN B 131 -2.09 52.60 -17.01
CA GLN B 131 -1.94 51.66 -18.11
C GLN B 131 -1.35 50.35 -17.62
N THR B 132 -1.49 49.32 -18.46
CA THR B 132 -1.47 47.95 -17.96
C THR B 132 -0.08 47.49 -17.55
N TRP B 133 0.98 47.97 -18.20
CA TRP B 133 2.29 47.47 -17.82
C TRP B 133 2.79 48.06 -16.51
N LEU B 134 2.26 49.20 -16.08
CA LEU B 134 2.54 49.66 -14.72
C LEU B 134 1.89 48.75 -13.69
N GLN B 135 0.67 48.27 -13.98
CA GLN B 135 0.04 47.29 -13.12
C GLN B 135 0.82 46.00 -13.10
N ASP B 136 1.40 45.61 -14.24
CA ASP B 136 2.24 44.43 -14.29
C ASP B 136 3.51 44.62 -13.48
N LEU B 137 4.08 45.83 -13.49
CA LEU B 137 5.29 46.10 -12.74
C LEU B 137 5.03 46.05 -11.24
N LEU B 138 4.00 46.75 -10.78
CA LEU B 138 3.72 46.71 -9.35
C LEU B 138 3.12 45.39 -8.89
N ARG B 139 2.63 44.59 -9.83
CA ARG B 139 2.06 43.27 -9.55
C ARG B 139 3.10 42.14 -9.64
N ARG B 140 4.27 42.42 -10.20
CA ARG B 140 5.31 41.40 -10.31
C ARG B 140 6.58 41.76 -9.57
N GLY B 141 7.01 43.01 -9.59
CA GLY B 141 8.31 43.38 -9.07
C GLY B 141 8.37 43.83 -7.63
N LEU B 142 7.37 44.57 -7.16
CA LEU B 142 7.40 45.09 -5.81
C LEU B 142 6.57 44.30 -4.83
N VAL B 143 6.08 43.13 -5.21
CA VAL B 143 5.39 42.26 -4.28
C VAL B 143 6.09 40.92 -4.17
N ARG B 144 6.49 40.34 -5.29
CA ARG B 144 7.20 39.08 -5.26
C ARG B 144 8.57 39.23 -4.59
N ALA B 145 9.28 40.30 -4.93
CA ALA B 145 10.54 40.58 -4.25
C ALA B 145 10.30 40.98 -2.80
N ALA B 146 9.15 41.56 -2.51
CA ALA B 146 8.90 42.07 -1.17
C ALA B 146 8.42 40.99 -0.20
N GLN B 147 7.97 39.85 -0.68
CA GLN B 147 7.77 38.72 0.24
C GLN B 147 8.83 37.66 0.09
N SER B 148 9.69 37.75 -0.91
CA SER B 148 10.83 36.84 -0.94
C SER B 148 11.79 37.17 0.19
N THR B 149 12.34 38.37 0.18
CA THR B 149 13.07 38.86 1.32
C THR B 149 12.09 39.50 2.28
N GLY B 150 12.37 39.42 3.57
CA GLY B 150 11.52 40.07 4.53
C GLY B 150 11.68 41.57 4.43
N ALA B 151 10.70 42.25 3.88
CA ALA B 151 10.86 43.65 3.55
C ALA B 151 9.64 44.45 3.99
N TRP B 152 9.77 45.76 3.91
CA TRP B 152 8.69 46.69 4.21
C TRP B 152 8.35 47.51 2.99
N ILE B 153 7.18 48.11 3.00
CA ILE B 153 6.76 49.05 1.99
C ILE B 153 6.17 50.26 2.70
N VAL B 154 6.85 51.40 2.60
CA VAL B 154 6.37 52.63 3.18
C VAL B 154 5.59 53.40 2.12
N THR B 155 4.34 53.70 2.42
CA THR B 155 3.43 54.31 1.46
C THR B 155 2.53 55.28 2.21
N GLY B 156 2.21 56.41 1.58
CA GLY B 156 1.11 57.22 2.04
C GLY B 156 -0.15 56.39 2.15
N GLY B 157 -0.59 56.12 3.38
CA GLY B 157 -1.49 55.03 3.65
C GLY B 157 -2.98 55.30 3.49
N LEU B 158 -3.33 56.31 2.72
CA LEU B 158 -4.73 56.68 2.58
C LEU B 158 -5.41 55.74 1.58
N HIS B 159 -6.60 56.12 1.16
CA HIS B 159 -7.28 55.46 0.06
C HIS B 159 -7.47 56.50 -1.04
N THR B 160 -7.57 56.02 -2.27
CA THR B 160 -7.55 56.83 -3.50
C THR B 160 -6.33 57.74 -3.54
N GLY B 161 -5.17 57.12 -3.53
CA GLY B 161 -3.94 57.81 -3.80
C GLY B 161 -3.10 56.94 -4.69
N ILE B 162 -1.79 57.02 -4.60
CA ILE B 162 -0.97 56.04 -5.30
C ILE B 162 -1.06 54.70 -4.61
N GLY B 163 -1.31 54.69 -3.29
CA GLY B 163 -1.27 53.48 -2.53
C GLY B 163 -2.44 52.56 -2.76
N ARG B 164 -3.49 53.04 -3.41
CA ARG B 164 -4.62 52.17 -3.70
C ARG B 164 -4.22 51.10 -4.71
N HIS B 165 -3.40 51.45 -5.68
CA HIS B 165 -2.89 50.47 -6.64
C HIS B 165 -1.95 49.49 -5.96
N VAL B 166 -1.19 49.97 -4.98
CA VAL B 166 -0.29 49.11 -4.23
C VAL B 166 -1.11 48.10 -3.44
N GLY B 167 -2.22 48.55 -2.84
CA GLY B 167 -3.08 47.65 -2.11
C GLY B 167 -3.75 46.64 -3.01
N VAL B 168 -4.13 47.05 -4.22
CA VAL B 168 -4.69 46.11 -5.19
C VAL B 168 -3.67 45.06 -5.57
N ALA B 169 -2.41 45.46 -5.73
CA ALA B 169 -1.37 44.51 -6.09
C ALA B 169 -1.09 43.52 -4.96
N VAL B 170 -1.04 44.00 -3.72
CA VAL B 170 -0.83 43.13 -2.58
C VAL B 170 -1.97 42.13 -2.42
N ARG B 171 -3.20 42.64 -2.53
CA ARG B 171 -4.38 41.80 -2.40
C ARG B 171 -4.44 40.73 -3.48
N ASP B 172 -4.12 41.10 -4.71
CA ASP B 172 -4.13 40.15 -5.81
C ASP B 172 -3.07 39.08 -5.62
N HIS B 173 -1.90 39.48 -5.12
CA HIS B 173 -0.84 38.49 -4.98
C HIS B 173 -1.12 37.55 -3.82
N GLN B 174 -1.82 38.01 -2.79
CA GLN B 174 -2.23 37.06 -1.76
C GLN B 174 -3.33 36.14 -2.26
N MET B 175 -4.27 36.66 -3.04
CA MET B 175 -5.37 35.84 -3.54
C MET B 175 -4.94 34.87 -4.63
N ALA B 176 -3.79 35.10 -5.27
CA ALA B 176 -3.37 34.24 -6.36
C ALA B 176 -2.79 32.92 -5.84
N SER B 177 -1.93 33.00 -4.83
CA SER B 177 -1.30 31.81 -4.29
C SER B 177 -0.97 32.03 -2.83
N THR B 178 -0.62 30.94 -2.15
CA THR B 178 -0.27 30.95 -0.74
C THR B 178 1.13 30.36 -0.59
N GLY B 179 2.12 31.24 -0.42
CA GLY B 179 3.49 30.81 -0.22
C GLY B 179 3.99 31.18 1.15
N GLY B 180 3.10 31.69 1.99
CA GLY B 180 3.44 32.08 3.34
C GLY B 180 4.15 33.41 3.40
N THR B 181 4.31 33.89 4.64
CA THR B 181 5.01 35.14 5.00
C THR B 181 4.37 36.33 4.28
N LYS B 182 3.15 36.65 4.72
CA LYS B 182 2.30 37.64 4.07
C LYS B 182 2.95 39.02 4.08
N VAL B 183 2.63 39.81 3.06
CA VAL B 183 3.33 41.07 2.84
C VAL B 183 2.86 42.10 3.83
N VAL B 184 3.79 42.66 4.57
CA VAL B 184 3.49 43.71 5.52
C VAL B 184 3.67 45.04 4.82
N ALA B 185 3.08 46.08 5.40
CA ALA B 185 3.17 47.43 4.86
C ALA B 185 2.79 48.39 5.97
N MET B 186 3.49 49.51 6.04
CA MET B 186 3.10 50.55 6.97
C MET B 186 2.43 51.68 6.21
N GLY B 187 1.68 52.50 6.92
CA GLY B 187 1.11 53.67 6.32
C GLY B 187 1.31 54.91 7.15
N VAL B 188 2.03 55.87 6.60
CA VAL B 188 2.18 57.17 7.20
C VAL B 188 1.11 58.07 6.62
N ALA B 189 0.33 58.71 7.47
CA ALA B 189 -0.74 59.54 6.95
C ALA B 189 -1.01 60.71 7.89
N PRO B 190 -1.43 61.86 7.37
CA PRO B 190 -1.74 62.99 8.25
C PRO B 190 -3.12 62.92 8.86
N TRP B 191 -3.18 63.08 10.18
CA TRP B 191 -4.42 63.23 10.92
C TRP B 191 -5.12 64.50 10.46
N GLY B 192 -6.26 64.37 9.80
CA GLY B 192 -6.91 65.55 9.28
C GLY B 192 -7.63 65.31 7.98
N VAL B 193 -7.39 64.15 7.37
CA VAL B 193 -8.10 63.77 6.16
C VAL B 193 -8.85 62.46 6.32
N VAL B 194 -8.73 61.80 7.46
CA VAL B 194 -9.48 60.58 7.73
C VAL B 194 -10.94 60.94 7.95
N ARG B 195 -11.84 60.15 7.34
CA ARG B 195 -13.24 60.54 7.22
C ARG B 195 -13.96 60.55 8.56
N ASN B 196 -14.05 59.40 9.21
CA ASN B 196 -14.82 59.27 10.43
C ASN B 196 -13.87 59.25 11.62
N ARG B 197 -13.91 60.32 12.40
CA ARG B 197 -13.34 60.31 13.75
C ARG B 197 -14.40 59.82 14.70
N ASP B 198 -14.18 60.03 16.01
CA ASP B 198 -15.11 59.79 17.10
C ASP B 198 -15.53 58.32 17.24
N THR B 199 -14.86 57.42 16.54
CA THR B 199 -14.95 56.01 16.78
C THR B 199 -13.57 55.44 17.07
N LEU B 200 -12.56 56.28 17.12
CA LEU B 200 -11.23 55.89 17.50
C LEU B 200 -10.75 56.56 18.78
N ILE B 201 -11.29 57.72 19.11
CA ILE B 201 -10.75 58.54 20.19
C ILE B 201 -11.45 58.19 21.50
N ASN B 202 -10.65 57.78 22.49
CA ASN B 202 -11.10 57.44 23.83
C ASN B 202 -9.89 57.49 24.74
N PRO B 203 -9.98 58.11 25.90
CA PRO B 203 -8.76 58.43 26.67
C PRO B 203 -8.08 57.21 27.27
N LYS B 204 -8.83 56.13 27.50
CA LYS B 204 -8.17 54.89 27.89
C LYS B 204 -7.73 54.09 26.67
N GLY B 205 -8.57 54.09 25.64
CA GLY B 205 -8.24 53.41 24.40
C GLY B 205 -9.10 52.19 24.17
N SER B 206 -9.37 51.91 22.90
CA SER B 206 -10.24 50.82 22.50
C SER B 206 -9.41 49.74 21.86
N PHE B 207 -9.49 48.53 22.39
CA PHE B 207 -8.66 47.46 21.83
C PHE B 207 -9.27 46.82 20.59
N PRO B 208 -10.56 46.51 20.52
CA PRO B 208 -11.17 46.46 19.18
C PRO B 208 -11.80 47.79 18.86
N ALA B 209 -11.89 48.13 17.58
CA ALA B 209 -12.59 49.34 17.18
C ALA B 209 -13.31 49.08 15.87
N ARG B 210 -14.63 49.01 15.93
CA ARG B 210 -15.42 48.87 14.72
C ARG B 210 -15.38 50.17 13.94
N TYR B 211 -15.29 50.05 12.61
CA TYR B 211 -14.99 51.19 11.76
C TYR B 211 -16.04 51.27 10.66
N ARG B 212 -16.47 52.49 10.35
CA ARG B 212 -17.56 52.73 9.42
C ARG B 212 -17.10 53.67 8.31
N TRP B 213 -17.32 53.29 7.06
CA TRP B 213 -17.00 54.20 5.97
C TRP B 213 -18.12 55.18 5.73
N ARG B 214 -19.33 54.67 5.54
CA ARG B 214 -20.49 55.51 5.31
C ARG B 214 -21.30 55.71 6.60
N GLY B 215 -21.90 56.90 6.72
CA GLY B 215 -22.68 57.22 7.90
C GLY B 215 -23.12 58.68 7.92
N VAL B 221 -12.72 68.18 2.12
CA VAL B 221 -11.95 67.10 1.53
C VAL B 221 -11.62 66.06 2.60
N GLN B 222 -12.08 64.83 2.40
CA GLN B 222 -11.81 63.75 3.32
C GLN B 222 -11.54 62.48 2.53
N PHE B 223 -11.05 61.47 3.23
CA PHE B 223 -10.68 60.18 2.64
C PHE B 223 -10.88 59.10 3.68
N PRO B 224 -11.14 57.87 3.26
CA PRO B 224 -11.15 56.75 4.21
C PRO B 224 -9.78 56.09 4.29
N LEU B 225 -9.64 55.20 5.26
CA LEU B 225 -8.41 54.41 5.38
C LEU B 225 -8.54 53.12 4.59
N ASP B 226 -7.45 52.73 3.95
CA ASP B 226 -7.48 51.53 3.13
C ASP B 226 -7.50 50.30 4.03
N TYR B 227 -8.03 49.20 3.49
CA TYR B 227 -8.06 47.95 4.24
C TYR B 227 -7.12 46.96 3.55
N ASN B 228 -5.86 47.22 3.65
CA ASN B 228 -4.92 46.16 3.29
C ASN B 228 -3.68 46.19 4.15
N TYR B 229 -3.55 47.14 5.06
CA TYR B 229 -2.27 47.40 5.68
C TYR B 229 -2.21 46.75 7.04
N SER B 230 -1.12 47.04 7.75
CA SER B 230 -0.93 46.44 9.05
C SER B 230 -0.42 47.43 10.10
N ALA B 231 -0.19 48.69 9.73
CA ALA B 231 0.26 49.68 10.69
C ALA B 231 -0.12 51.06 10.19
N PHE B 232 -0.54 51.91 11.11
CA PHE B 232 -1.02 53.24 10.75
C PHE B 232 -0.41 54.27 11.69
N PHE B 233 0.61 54.97 11.21
CA PHE B 233 1.10 56.13 11.92
C PHE B 233 0.29 57.33 11.45
N LEU B 234 -0.26 58.06 12.40
CA LEU B 234 -1.04 59.25 12.06
C LEU B 234 -0.27 60.44 12.62
N VAL B 235 0.41 61.13 11.73
CA VAL B 235 1.12 62.34 12.10
C VAL B 235 0.08 63.44 12.24
N ASP B 236 0.26 64.31 13.22
CA ASP B 236 -0.63 65.45 13.36
C ASP B 236 0.19 66.72 13.41
N ASP B 237 -0.35 67.77 12.79
CA ASP B 237 0.27 69.09 12.84
C ASP B 237 -0.70 70.18 13.25
N GLY B 238 -2.00 69.93 13.20
CA GLY B 238 -3.01 70.86 13.64
C GLY B 238 -3.59 71.60 12.47
N THR B 239 -4.70 71.08 11.96
CA THR B 239 -5.38 71.55 10.75
C THR B 239 -6.65 70.74 10.56
N HIS B 240 -7.38 71.01 9.48
CA HIS B 240 -8.55 70.21 9.13
C HIS B 240 -8.59 70.11 7.61
N GLY B 241 -7.98 69.05 7.07
CA GLY B 241 -8.05 68.80 5.65
C GLY B 241 -6.94 69.39 4.81
N CYS B 242 -5.71 69.41 5.32
CA CYS B 242 -4.57 69.90 4.55
C CYS B 242 -3.79 68.69 4.04
N LEU B 243 -4.07 68.29 2.80
CA LEU B 243 -3.35 67.18 2.18
C LEU B 243 -1.95 67.64 1.79
N GLY B 244 -0.98 66.74 1.96
CA GLY B 244 0.41 67.09 1.75
C GLY B 244 0.92 68.07 2.79
N GLY B 245 0.92 67.64 4.05
CA GLY B 245 1.29 68.53 5.14
C GLY B 245 2.30 67.94 6.11
N GLU B 246 2.79 66.73 5.83
CA GLU B 246 3.82 66.14 6.67
C GLU B 246 4.77 65.32 5.81
N ASN B 247 6.04 65.72 5.82
CA ASN B 247 7.10 65.00 5.13
C ASN B 247 8.37 64.81 5.93
N ARG B 248 8.68 65.70 6.88
CA ARG B 248 9.97 65.63 7.56
C ARG B 248 10.04 64.47 8.53
N PHE B 249 8.90 64.07 9.09
CA PHE B 249 8.83 62.85 9.88
C PHE B 249 9.16 61.63 9.04
N ARG B 250 8.61 61.57 7.83
CA ARG B 250 8.86 60.45 6.93
C ARG B 250 10.32 60.41 6.49
N LEU B 251 10.90 61.57 6.21
CA LEU B 251 12.30 61.60 5.80
C LEU B 251 13.23 61.23 6.96
N ARG B 252 12.92 61.68 8.17
CA ARG B 252 13.79 61.33 9.29
C ARG B 252 13.66 59.87 9.69
N LEU B 253 12.47 59.26 9.54
CA LEU B 253 12.36 57.83 9.79
C LEU B 253 13.14 57.02 8.76
N GLU B 254 12.97 57.37 7.49
CA GLU B 254 13.67 56.67 6.44
C GLU B 254 15.16 56.80 6.64
N SER B 255 15.60 57.97 7.12
CA SER B 255 17.02 58.17 7.31
C SER B 255 17.55 57.47 8.57
N TYR B 256 16.73 57.36 9.61
CA TYR B 256 17.19 56.71 10.83
C TYR B 256 17.32 55.21 10.65
N ILE B 257 16.54 54.61 9.75
CA ILE B 257 16.65 53.16 9.56
C ILE B 257 18.00 52.79 8.98
N SER B 258 18.55 53.62 8.10
CA SER B 258 19.78 53.27 7.41
C SER B 258 21.04 53.46 8.24
N GLN B 259 20.96 53.57 9.56
CA GLN B 259 22.14 53.63 10.42
C GLN B 259 21.97 52.69 11.60
N GLN B 260 21.55 51.47 11.29
CA GLN B 260 21.22 50.49 12.30
C GLN B 260 21.58 49.12 11.74
N LYS B 261 22.23 48.29 12.55
CA LYS B 261 22.75 47.05 12.01
C LYS B 261 21.65 46.01 11.87
N THR B 262 21.95 44.97 11.11
CA THR B 262 21.07 43.83 10.93
C THR B 262 21.59 42.64 11.71
N GLY B 263 20.82 41.56 11.71
CA GLY B 263 21.24 40.35 12.35
C GLY B 263 21.13 40.43 13.87
N VAL B 264 21.62 39.37 14.52
CA VAL B 264 21.51 39.30 15.98
C VAL B 264 22.55 40.21 16.63
N GLY B 265 23.83 39.90 16.44
CA GLY B 265 24.87 40.80 16.88
C GLY B 265 25.15 41.83 15.83
N GLY B 266 25.91 42.86 16.22
CA GLY B 266 26.28 43.82 15.22
C GLY B 266 27.52 43.34 14.52
N THR B 267 27.33 42.60 13.45
CA THR B 267 28.43 42.03 12.66
C THR B 267 28.35 42.43 11.20
N GLY B 268 27.18 42.27 10.59
CA GLY B 268 27.05 42.38 9.14
C GLY B 268 26.94 43.80 8.64
N ILE B 269 25.93 44.05 7.82
CA ILE B 269 25.83 45.28 7.09
C ILE B 269 24.74 46.16 7.69
N ASP B 270 24.70 47.40 7.24
CA ASP B 270 23.60 48.30 7.49
C ASP B 270 22.47 48.04 6.51
N ILE B 271 21.25 48.32 6.95
CA ILE B 271 20.06 48.01 6.15
C ILE B 271 20.03 48.96 4.95
N PRO B 272 19.86 48.45 3.74
CA PRO B 272 19.73 49.34 2.59
C PRO B 272 18.31 49.86 2.46
N VAL B 273 18.19 51.06 1.93
CA VAL B 273 16.90 51.72 1.77
C VAL B 273 16.89 52.43 0.43
N LEU B 274 15.73 52.42 -0.26
CA LEU B 274 15.69 53.07 -1.55
C LEU B 274 14.31 53.62 -1.86
N LEU B 275 14.31 54.74 -2.57
CA LEU B 275 13.11 55.48 -2.94
C LEU B 275 12.82 55.20 -4.41
N LEU B 276 11.62 54.69 -4.68
CA LEU B 276 11.19 54.33 -6.03
C LEU B 276 10.10 55.27 -6.44
N LEU B 277 10.30 56.00 -7.54
CA LEU B 277 9.26 56.92 -7.99
C LEU B 277 8.84 56.60 -9.43
N ILE B 278 7.56 56.32 -9.59
CA ILE B 278 6.81 56.51 -10.82
C ILE B 278 6.36 57.96 -10.79
N ASP B 279 5.74 58.41 -11.90
CA ASP B 279 5.24 59.76 -12.17
C ASP B 279 4.67 60.49 -10.97
N GLY B 280 5.10 61.73 -10.77
CA GLY B 280 4.60 62.55 -9.70
C GLY B 280 3.90 63.80 -10.20
N ASP B 281 4.36 64.95 -9.73
CA ASP B 281 3.79 66.23 -10.12
C ASP B 281 4.89 67.28 -10.04
N GLU B 282 4.51 68.55 -10.02
CA GLU B 282 5.47 69.64 -10.15
C GLU B 282 6.19 69.98 -8.86
N LYS B 283 5.92 69.26 -7.77
CA LYS B 283 6.61 69.50 -6.51
C LYS B 283 7.38 68.27 -6.03
N MET B 284 7.49 67.24 -6.86
CA MET B 284 8.16 66.03 -6.45
C MET B 284 9.67 66.15 -6.54
N LEU B 285 10.16 67.12 -7.33
CA LEU B 285 11.60 67.32 -7.47
C LEU B 285 12.23 67.81 -6.17
N THR B 286 11.49 68.60 -5.41
CA THR B 286 11.94 69.02 -4.09
C THR B 286 12.09 67.82 -3.16
N ARG B 287 11.12 66.91 -3.22
CA ARG B 287 11.17 65.70 -2.41
C ARG B 287 12.34 64.81 -2.80
N ILE B 288 12.69 64.80 -4.08
CA ILE B 288 13.88 64.08 -4.52
C ILE B 288 15.13 64.72 -3.96
N GLU B 289 15.25 66.04 -4.11
CA GLU B 289 16.53 66.70 -3.83
C GLU B 289 16.81 66.76 -2.34
N ASN B 290 15.77 66.80 -1.49
CA ASN B 290 15.98 66.78 -0.04
C ASN B 290 16.68 65.50 0.40
N ALA B 291 16.16 64.35 -0.01
CA ALA B 291 16.72 63.07 0.40
C ALA B 291 18.09 62.84 -0.22
N THR B 292 18.20 63.06 -1.53
CA THR B 292 19.47 62.77 -2.19
C THR B 292 20.54 63.80 -1.88
N GLN B 293 20.20 64.91 -1.25
CA GLN B 293 21.22 65.78 -0.71
C GLN B 293 21.55 65.44 0.73
N ALA B 294 20.55 65.02 1.51
CA ALA B 294 20.78 64.85 2.94
C ALA B 294 21.46 63.53 3.27
N GLN B 295 20.79 62.41 2.97
CA GLN B 295 21.10 61.20 3.72
C GLN B 295 21.74 60.12 2.86
N LEU B 296 22.04 60.42 1.60
CA LEU B 296 22.49 59.50 0.56
C LEU B 296 21.71 58.18 0.49
N PRO B 297 20.41 58.16 0.18
CA PRO B 297 19.82 56.89 -0.23
C PRO B 297 19.85 56.75 -1.74
N CYS B 298 19.86 55.50 -2.18
CA CYS B 298 19.86 55.24 -3.61
C CYS B 298 18.46 55.47 -4.15
N LEU B 299 18.38 56.11 -5.32
CA LEU B 299 17.10 56.40 -5.95
C LEU B 299 16.82 55.42 -7.08
N LEU B 300 15.57 55.36 -7.50
CA LEU B 300 15.23 54.63 -8.71
C LEU B 300 14.05 55.31 -9.38
N VAL B 301 14.18 55.53 -10.69
CA VAL B 301 13.23 56.29 -11.48
C VAL B 301 12.61 55.34 -12.49
N ALA B 302 11.31 55.08 -12.36
CA ALA B 302 10.65 54.22 -13.33
C ALA B 302 10.46 54.98 -14.63
N GLY B 303 10.86 54.37 -15.73
CA GLY B 303 10.73 55.02 -17.02
C GLY B 303 9.28 55.13 -17.46
N SER B 304 9.07 56.03 -18.44
CA SER B 304 7.77 56.28 -19.07
C SER B 304 6.71 56.72 -18.07
N GLY B 305 7.06 57.67 -17.22
CA GLY B 305 6.09 58.33 -16.39
C GLY B 305 5.62 59.61 -17.04
N GLY B 306 5.45 60.67 -16.25
CA GLY B 306 5.11 61.97 -16.79
C GLY B 306 5.70 63.15 -16.05
N ALA B 307 6.47 62.89 -15.00
CA ALA B 307 7.12 63.98 -14.26
C ALA B 307 8.53 63.61 -13.81
N ALA B 308 9.01 62.43 -14.14
CA ALA B 308 10.38 62.03 -13.87
C ALA B 308 11.13 61.65 -15.12
N ASP B 309 10.47 61.59 -16.28
CA ASP B 309 11.16 61.32 -17.53
C ASP B 309 12.03 62.48 -17.96
N CYS B 310 11.76 63.68 -17.43
CA CYS B 310 12.67 64.80 -17.58
C CYS B 310 14.05 64.47 -17.01
N LEU B 311 14.07 63.81 -15.85
CA LEU B 311 15.33 63.40 -15.25
C LEU B 311 15.99 62.29 -16.07
N ALA B 312 15.19 61.43 -16.70
CA ALA B 312 15.74 60.40 -17.57
C ALA B 312 16.40 61.00 -18.80
N GLU B 313 15.75 62.00 -19.42
CA GLU B 313 16.33 62.65 -20.59
C GLU B 313 17.57 63.46 -20.22
N THR B 314 17.55 64.14 -19.07
CA THR B 314 18.72 64.92 -18.72
C THR B 314 19.85 64.07 -18.17
N LEU B 315 19.60 62.82 -17.78
CA LEU B 315 20.67 61.92 -17.42
C LEU B 315 21.18 61.14 -18.62
N GLU B 316 20.35 60.98 -19.65
CA GLU B 316 20.80 60.25 -20.84
C GLU B 316 21.62 61.12 -21.79
N ASP B 317 21.99 62.33 -21.40
CA ASP B 317 22.90 63.14 -22.22
C ASP B 317 24.29 62.55 -22.23
N THR B 318 24.74 62.02 -21.11
CA THR B 318 26.06 61.42 -21.02
C THR B 318 25.99 59.92 -21.26
N ARG B 327 18.84 77.39 -24.70
CA ARG B 327 19.29 76.23 -23.93
C ARG B 327 18.35 75.07 -24.11
N GLN B 328 18.90 73.85 -24.09
CA GLN B 328 18.09 72.65 -24.24
C GLN B 328 17.31 72.31 -22.99
N GLY B 329 17.70 72.86 -21.84
CA GLY B 329 16.95 72.61 -20.62
C GLY B 329 15.55 73.20 -20.65
N GLU B 330 15.41 74.35 -21.32
CA GLU B 330 14.08 74.91 -21.53
C GLU B 330 13.29 74.09 -22.54
N ALA B 331 13.99 73.45 -23.48
CA ALA B 331 13.30 72.55 -24.41
C ALA B 331 12.82 71.30 -23.68
N ARG B 332 13.56 70.86 -22.67
CA ARG B 332 13.19 69.65 -21.96
C ARG B 332 12.13 69.91 -20.89
N ASP B 333 12.20 71.05 -20.21
CA ASP B 333 11.29 71.35 -19.11
C ASP B 333 9.87 71.70 -19.57
N ARG B 334 9.65 71.83 -20.87
CA ARG B 334 8.31 72.11 -21.37
C ARG B 334 7.80 71.02 -22.31
N ILE B 335 8.60 69.99 -22.57
CA ILE B 335 8.18 68.92 -23.46
C ILE B 335 7.78 67.66 -22.71
N ARG B 336 8.56 67.23 -21.72
CA ARG B 336 8.30 65.99 -20.99
C ARG B 336 7.66 66.24 -19.64
N ARG B 337 7.03 67.40 -19.45
CA ARG B 337 6.37 67.73 -18.20
C ARG B 337 5.28 68.74 -18.50
N PHE B 338 4.68 69.27 -17.44
CA PHE B 338 3.65 70.29 -17.59
C PHE B 338 4.29 71.57 -18.11
N PHE B 339 3.88 71.99 -19.30
CA PHE B 339 4.44 73.16 -19.95
C PHE B 339 4.15 74.46 -19.19
N PRO B 340 2.94 74.70 -18.60
CA PRO B 340 2.86 75.86 -17.70
C PRO B 340 3.46 75.54 -16.36
N LYS B 341 4.69 75.98 -16.15
CA LYS B 341 5.30 75.90 -14.83
C LYS B 341 6.01 77.19 -14.43
N GLY B 342 6.63 77.87 -15.38
CA GLY B 342 7.44 79.03 -15.07
C GLY B 342 8.90 78.68 -15.00
N ASP B 343 9.64 78.98 -16.07
CA ASP B 343 11.06 78.67 -16.14
C ASP B 343 11.83 79.72 -15.37
N LEU B 344 11.86 79.54 -14.07
CA LEU B 344 12.60 80.48 -13.23
C LEU B 344 13.63 79.81 -12.35
N GLU B 345 13.31 78.66 -11.77
CA GLU B 345 14.24 77.97 -10.89
C GLU B 345 14.21 76.49 -11.21
N VAL B 346 13.18 76.06 -11.93
CA VAL B 346 13.02 74.67 -12.31
C VAL B 346 14.17 74.24 -13.22
N LEU B 347 14.55 75.09 -14.16
CA LEU B 347 15.70 74.81 -15.00
C LEU B 347 17.01 74.85 -14.21
N GLN B 348 17.10 75.69 -13.20
CA GLN B 348 18.35 75.87 -12.47
C GLN B 348 18.42 74.99 -11.23
N ALA B 349 17.51 75.20 -10.28
CA ALA B 349 17.62 74.53 -8.99
C ALA B 349 17.16 73.09 -9.09
N GLN B 350 15.90 72.88 -9.48
CA GLN B 350 15.27 71.58 -9.44
C GLN B 350 15.76 70.62 -10.52
N VAL B 351 16.77 70.99 -11.31
CA VAL B 351 17.50 70.05 -12.13
C VAL B 351 18.99 70.03 -11.76
N GLU B 352 19.58 71.19 -11.49
CA GLU B 352 21.02 71.24 -11.23
C GLU B 352 21.38 70.64 -9.87
N ARG B 353 20.49 70.76 -8.88
CA ARG B 353 20.77 70.15 -7.58
C ARG B 353 20.66 68.63 -7.66
N ILE B 354 19.91 68.12 -8.62
CA ILE B 354 19.87 66.68 -8.84
C ILE B 354 21.05 66.24 -9.68
N MET B 355 21.30 66.91 -10.79
CA MET B 355 22.36 66.53 -11.71
C MET B 355 23.73 67.03 -11.30
N THR B 356 23.91 67.46 -10.04
CA THR B 356 25.25 67.72 -9.53
C THR B 356 25.95 66.44 -9.07
N ARG B 357 25.21 65.34 -9.10
CA ARG B 357 25.73 64.01 -8.81
C ARG B 357 24.94 63.02 -9.67
N LYS B 358 25.58 61.96 -10.16
CA LYS B 358 24.84 60.97 -10.94
C LYS B 358 25.17 59.55 -10.52
N GLU B 359 26.04 59.37 -9.53
CA GLU B 359 26.32 58.02 -9.02
C GLU B 359 25.17 57.48 -8.19
N LEU B 360 24.21 58.31 -7.81
CA LEU B 360 23.08 57.89 -7.00
C LEU B 360 21.86 57.53 -7.84
N LEU B 361 21.53 58.32 -8.83
CA LEU B 361 20.37 58.05 -9.65
C LEU B 361 20.65 56.89 -10.60
N THR B 362 19.58 56.22 -11.03
CA THR B 362 19.70 55.06 -11.89
C THR B 362 18.44 54.97 -12.73
N VAL B 363 18.60 54.84 -14.04
CA VAL B 363 17.47 54.71 -14.94
C VAL B 363 17.06 53.24 -14.98
N TYR B 364 15.80 52.97 -14.65
CA TYR B 364 15.26 51.63 -14.83
C TYR B 364 14.99 51.39 -16.31
N SER B 365 15.25 50.18 -16.76
CA SER B 365 15.09 49.86 -18.16
C SER B 365 13.61 49.75 -18.51
N SER B 366 13.20 50.44 -19.58
CA SER B 366 11.85 50.30 -20.09
C SER B 366 11.72 49.21 -21.12
N GLU B 367 12.81 48.88 -21.82
CA GLU B 367 12.78 47.80 -22.79
C GLU B 367 12.93 46.44 -22.13
N ASP B 368 13.53 46.38 -20.94
CA ASP B 368 13.65 45.15 -20.18
C ASP B 368 12.64 45.19 -19.05
N GLY B 369 11.65 44.32 -19.10
CA GLY B 369 10.52 44.40 -18.19
C GLY B 369 10.78 43.77 -16.85
N SER B 370 9.84 42.94 -16.40
CA SER B 370 9.89 42.35 -15.07
C SER B 370 10.79 41.13 -15.07
N GLU B 371 10.72 40.37 -13.97
CA GLU B 371 11.49 39.15 -13.71
C GLU B 371 13.00 39.39 -13.71
N GLU B 372 13.42 40.65 -13.52
CA GLU B 372 14.83 40.96 -13.34
C GLU B 372 15.01 42.02 -12.27
N PHE B 373 14.00 42.23 -11.43
CA PHE B 373 13.89 43.47 -10.67
C PHE B 373 14.89 43.55 -9.54
N GLU B 374 15.04 42.47 -8.78
CA GLU B 374 16.01 42.48 -7.69
C GLU B 374 17.44 42.50 -8.20
N THR B 375 17.68 42.03 -9.42
CA THR B 375 18.99 42.19 -10.03
C THR B 375 19.31 43.66 -10.28
N ILE B 376 18.33 44.42 -10.78
CA ILE B 376 18.52 45.83 -11.05
C ILE B 376 18.70 46.60 -9.75
N VAL B 377 17.91 46.23 -8.74
CA VAL B 377 18.03 46.81 -7.40
C VAL B 377 19.42 46.57 -6.83
N LEU B 378 19.90 45.33 -6.95
CA LEU B 378 21.20 44.96 -6.40
C LEU B 378 22.32 45.69 -7.10
N LYS B 379 22.24 45.81 -8.42
CA LYS B 379 23.28 46.50 -9.18
C LYS B 379 23.32 47.98 -8.85
N ALA B 380 22.15 48.63 -8.79
CA ALA B 380 22.12 50.07 -8.49
C ALA B 380 22.57 50.33 -7.06
N LEU B 381 22.21 49.45 -6.14
CA LEU B 381 22.53 49.63 -4.74
C LEU B 381 24.00 49.35 -4.46
N VAL B 382 24.64 48.50 -5.26
CA VAL B 382 26.08 48.34 -5.17
C VAL B 382 26.79 49.54 -5.79
N LYS B 383 26.30 49.98 -6.95
CA LYS B 383 26.94 51.05 -7.71
C LYS B 383 26.97 52.36 -6.93
N ALA B 384 25.87 52.68 -6.25
CA ALA B 384 25.83 53.95 -5.53
C ALA B 384 26.64 53.93 -4.24
N CYS B 385 27.18 52.78 -3.83
CA CYS B 385 27.86 52.70 -2.54
C CYS B 385 29.19 53.42 -2.58
N GLY B 386 29.89 53.37 -3.70
CA GLY B 386 31.21 53.95 -3.79
C GLY B 386 31.24 55.43 -4.14
N SER B 387 30.47 56.23 -3.42
CA SER B 387 30.42 57.67 -3.69
C SER B 387 31.14 58.46 -2.61
N TYR B 393 32.42 47.92 4.32
CA TYR B 393 32.27 48.12 2.89
C TYR B 393 31.25 47.15 2.33
N LEU B 394 30.24 47.71 1.65
CA LEU B 394 29.14 46.90 1.13
C LEU B 394 29.56 46.17 -0.13
N ASP B 395 29.25 44.87 -0.18
CA ASP B 395 29.57 44.03 -1.31
C ASP B 395 28.34 43.24 -1.71
N GLU B 396 28.50 42.25 -2.57
CA GLU B 396 27.33 41.55 -3.09
C GLU B 396 26.98 40.32 -2.26
N LEU B 397 27.97 39.55 -1.84
CA LEU B 397 27.68 38.30 -1.14
C LEU B 397 27.10 38.55 0.23
N ARG B 398 27.57 39.57 0.94
CA ARG B 398 27.04 39.85 2.27
C ARG B 398 25.61 40.33 2.18
N LEU B 399 25.27 41.05 1.12
CA LEU B 399 23.88 41.44 0.90
C LEU B 399 23.04 40.23 0.51
N ALA B 400 23.63 39.24 -0.15
CA ALA B 400 22.85 38.05 -0.49
C ALA B 400 22.59 37.20 0.74
N VAL B 401 23.57 37.11 1.64
CA VAL B 401 23.40 36.34 2.86
C VAL B 401 22.48 37.06 3.83
N ALA B 402 22.43 38.40 3.76
CA ALA B 402 21.47 39.13 4.57
C ALA B 402 20.05 38.89 4.10
N TRP B 403 19.86 38.64 2.81
CA TRP B 403 18.60 38.15 2.30
C TRP B 403 18.62 36.63 2.41
N ASN B 404 17.65 35.95 1.84
CA ASN B 404 17.66 34.49 1.91
C ASN B 404 17.74 33.88 0.53
N ARG B 405 17.97 34.69 -0.49
CA ARG B 405 17.96 34.21 -1.86
C ARG B 405 19.23 33.45 -2.15
N VAL B 406 19.08 32.25 -2.72
CA VAL B 406 20.23 31.41 -3.03
C VAL B 406 20.71 31.63 -4.47
N ASP B 407 19.78 31.91 -5.38
CA ASP B 407 20.10 32.03 -6.80
C ASP B 407 21.03 33.19 -7.11
N ILE B 408 20.99 34.24 -6.30
CA ILE B 408 21.91 35.35 -6.47
C ILE B 408 23.34 34.90 -6.20
N ALA B 409 23.54 34.12 -5.14
CA ALA B 409 24.85 33.54 -4.88
C ALA B 409 25.21 32.52 -5.93
N GLN B 410 24.23 31.77 -6.45
CA GLN B 410 24.45 30.83 -7.54
C GLN B 410 25.03 31.51 -8.76
N SER B 411 24.38 32.59 -9.20
CA SER B 411 24.82 33.28 -10.40
C SER B 411 26.13 34.01 -10.17
N GLU B 412 26.29 34.62 -8.99
CA GLU B 412 27.51 35.36 -8.72
C GLU B 412 28.71 34.43 -8.59
N LEU B 413 28.52 33.24 -8.02
CA LEU B 413 29.64 32.33 -7.88
C LEU B 413 29.95 31.62 -9.20
N PHE B 414 28.92 31.11 -9.88
CA PHE B 414 29.17 30.28 -11.06
C PHE B 414 29.48 31.14 -12.29
N ARG B 415 29.10 32.41 -12.27
CA ARG B 415 29.38 33.29 -13.39
C ARG B 415 30.87 33.58 -13.47
N GLY B 416 31.44 33.44 -14.66
CA GLY B 416 32.86 33.57 -14.86
C GLY B 416 33.35 34.93 -15.27
N ASP B 417 32.52 35.97 -15.14
CA ASP B 417 32.93 37.31 -15.57
C ASP B 417 34.02 37.88 -14.68
N ILE B 418 33.91 37.70 -13.37
CA ILE B 418 34.87 38.21 -12.42
C ILE B 418 35.42 37.05 -11.60
N GLN B 419 36.74 36.96 -11.52
CA GLN B 419 37.35 35.98 -10.63
C GLN B 419 37.18 36.42 -9.19
N TRP B 420 36.78 35.49 -8.33
CA TRP B 420 36.48 35.81 -6.94
C TRP B 420 37.73 35.75 -6.08
N ARG B 421 37.80 36.63 -5.11
CA ARG B 421 38.93 36.71 -4.21
C ARG B 421 38.70 35.79 -3.02
N SER B 422 39.52 35.94 -1.99
CA SER B 422 39.40 35.14 -0.77
C SER B 422 38.82 35.90 0.41
N PHE B 423 39.03 37.21 0.45
CA PHE B 423 38.59 38.01 1.59
C PHE B 423 37.08 38.07 1.68
N HIS B 424 36.40 38.09 0.53
CA HIS B 424 34.95 38.17 0.51
C HIS B 424 34.33 36.91 1.11
N LEU B 425 34.83 35.75 0.71
CA LEU B 425 34.34 34.49 1.26
C LEU B 425 34.68 34.36 2.73
N GLU B 426 35.91 34.74 3.09
CA GLU B 426 36.37 34.60 4.46
C GLU B 426 35.61 35.52 5.41
N ALA B 427 35.11 36.65 4.89
CA ALA B 427 34.30 37.50 5.75
C ALA B 427 32.85 37.02 5.79
N SER B 428 32.30 36.62 4.64
CA SER B 428 30.89 36.33 4.57
C SER B 428 30.50 35.02 5.23
N LEU B 429 31.43 34.08 5.37
CA LEU B 429 31.12 32.85 6.10
C LEU B 429 30.80 33.14 7.57
N MET B 430 31.46 34.15 8.14
CA MET B 430 31.18 34.54 9.51
C MET B 430 29.77 35.04 9.67
N ASP B 431 29.25 35.75 8.68
CA ASP B 431 27.88 36.20 8.78
C ASP B 431 26.91 35.09 8.43
N ALA B 432 27.37 34.08 7.68
CA ALA B 432 26.49 32.98 7.36
C ALA B 432 26.27 32.08 8.56
N LEU B 433 27.28 31.93 9.41
CA LEU B 433 27.15 31.01 10.53
C LEU B 433 26.26 31.54 11.64
N LEU B 434 26.16 32.87 11.78
CA LEU B 434 25.48 33.44 12.94
C LEU B 434 23.97 33.39 12.79
N ASN B 435 23.45 33.71 11.61
CA ASN B 435 22.02 33.87 11.42
C ASN B 435 21.32 32.59 11.00
N ASP B 436 22.00 31.45 11.09
CA ASP B 436 21.46 30.10 10.88
C ASP B 436 20.87 29.95 9.46
N ARG B 437 21.76 30.05 8.49
CA ARG B 437 21.41 29.86 7.08
C ARG B 437 22.17 28.63 6.59
N PRO B 438 21.64 27.43 6.84
CA PRO B 438 22.40 26.20 6.56
C PRO B 438 22.57 25.90 5.09
N GLU B 439 21.77 26.47 4.21
CA GLU B 439 21.93 26.16 2.80
C GLU B 439 23.09 26.92 2.17
N PHE B 440 23.60 27.97 2.81
CA PHE B 440 24.70 28.71 2.21
C PHE B 440 26.07 28.17 2.54
N VAL B 441 26.21 27.44 3.64
CA VAL B 441 27.54 27.06 4.06
C VAL B 441 28.11 25.99 3.14
N ARG B 442 27.24 25.18 2.50
CA ARG B 442 27.68 24.23 1.49
C ARG B 442 28.28 24.94 0.28
N LEU B 443 27.68 26.04 -0.14
CA LEU B 443 28.23 26.79 -1.26
C LEU B 443 29.49 27.51 -0.86
N LEU B 444 29.52 28.13 0.30
CA LEU B 444 30.69 28.90 0.66
C LEU B 444 31.88 28.06 1.08
N ILE B 445 31.68 26.77 1.34
CA ILE B 445 32.82 25.91 1.65
C ILE B 445 33.08 24.89 0.56
N SER B 446 32.19 24.74 -0.41
CA SER B 446 32.40 23.73 -1.45
C SER B 446 33.48 24.16 -2.43
N HIS B 447 33.26 25.23 -3.18
CA HIS B 447 34.26 25.71 -4.10
C HIS B 447 35.02 26.90 -3.54
N GLY B 448 35.15 26.96 -2.22
CA GLY B 448 35.82 28.08 -1.63
C GLY B 448 37.07 27.73 -0.87
N LEU B 449 37.21 28.33 0.30
CA LEU B 449 38.43 28.28 1.09
C LEU B 449 38.59 26.93 1.77
N SER B 450 39.82 26.67 2.17
CA SER B 450 40.10 25.58 3.09
C SER B 450 39.89 26.07 4.50
N LEU B 451 39.35 25.18 5.33
CA LEU B 451 38.96 25.58 6.68
C LEU B 451 40.17 25.73 7.59
N GLY B 452 41.32 25.16 7.20
CA GLY B 452 42.54 25.38 7.94
C GLY B 452 43.03 26.81 7.88
N HIS B 453 42.68 27.54 6.84
CA HIS B 453 42.92 28.97 6.84
C HIS B 453 41.93 29.71 7.72
N PHE B 454 40.67 29.25 7.74
CA PHE B 454 39.59 30.01 8.35
C PHE B 454 39.65 29.99 9.86
N LEU B 455 39.62 28.80 10.44
CA LEU B 455 39.36 28.66 11.86
C LEU B 455 40.59 29.04 12.65
N THR B 456 40.51 30.19 13.32
CA THR B 456 41.51 30.80 14.17
C THR B 456 40.89 31.03 15.55
N PRO B 457 41.68 30.99 16.63
CA PRO B 457 41.08 31.04 17.98
C PRO B 457 40.44 32.36 18.33
N MET B 458 40.88 33.47 17.74
CA MET B 458 40.15 34.72 17.90
C MET B 458 38.76 34.62 17.27
N ARG B 459 38.69 34.00 16.09
CA ARG B 459 37.42 33.83 15.40
C ARG B 459 36.49 32.91 16.17
N LEU B 460 37.05 31.82 16.71
CA LEU B 460 36.23 30.87 17.45
C LEU B 460 35.76 31.45 18.77
N ALA B 461 36.60 32.29 19.39
CA ALA B 461 36.18 33.03 20.58
C ALA B 461 35.07 34.00 20.24
N GLN B 462 35.14 34.62 19.06
CA GLN B 462 34.07 35.51 18.62
C GLN B 462 32.77 34.74 18.38
N LEU B 463 32.90 33.51 17.89
CA LEU B 463 31.71 32.73 17.57
C LEU B 463 31.02 32.22 18.82
N TYR B 464 31.80 31.75 19.79
CA TYR B 464 31.25 31.45 21.11
C TYR B 464 30.71 32.69 21.78
N SER B 465 31.32 33.85 21.51
CA SER B 465 30.94 35.10 22.13
C SER B 465 29.52 35.50 21.74
N ALA B 466 29.11 35.16 20.53
CA ALA B 466 27.70 35.28 20.19
C ALA B 466 26.92 34.21 20.95
N ALA B 467 25.92 34.64 21.69
CA ALA B 467 25.03 33.72 22.38
C ALA B 467 23.60 34.09 22.03
N PRO B 468 22.96 33.33 21.13
CA PRO B 468 21.66 33.77 20.61
C PRO B 468 20.52 33.67 21.60
N SER B 469 20.64 32.84 22.61
CA SER B 469 19.56 32.69 23.57
C SER B 469 19.97 33.34 24.88
N ASN B 470 19.13 33.17 25.90
CA ASN B 470 19.41 33.72 27.21
C ASN B 470 19.23 32.73 28.35
N SER B 471 19.00 31.45 28.05
CA SER B 471 18.64 30.53 29.13
C SER B 471 19.29 29.15 29.07
N LEU B 472 19.97 28.76 28.00
CA LEU B 472 20.50 27.40 27.91
C LEU B 472 22.02 27.35 28.03
N ILE B 473 22.72 28.06 27.15
CA ILE B 473 24.16 28.20 27.33
C ILE B 473 24.48 29.44 28.15
N ARG B 474 23.57 30.42 28.19
CA ARG B 474 23.79 31.59 29.03
C ARG B 474 23.68 31.23 30.51
N ASN B 475 22.72 30.40 30.85
CA ASN B 475 22.61 29.93 32.23
C ASN B 475 23.76 29.01 32.59
N LEU B 476 24.25 28.21 31.65
CA LEU B 476 25.37 27.32 31.93
C LEU B 476 26.72 28.00 31.85
N LEU B 477 26.78 29.24 31.39
CA LEU B 477 27.97 30.06 31.52
C LEU B 477 27.83 31.10 32.61
N ASP B 478 26.65 31.18 33.24
CA ASP B 478 26.52 31.96 34.47
C ASP B 478 27.36 31.39 35.60
N GLN B 479 27.52 30.07 35.63
CA GLN B 479 28.43 29.46 36.59
C GLN B 479 29.89 29.67 36.22
N ALA B 480 30.19 30.00 34.97
CA ALA B 480 31.57 30.15 34.53
C ALA B 480 32.00 31.62 34.43
N PRO B 558 39.66 20.02 13.33
CA PRO B 558 38.99 21.27 13.65
C PRO B 558 37.48 21.16 13.64
N TRP B 559 36.96 20.13 12.94
CA TRP B 559 35.53 20.03 12.71
C TRP B 559 34.75 19.75 13.98
N SER B 560 35.33 18.97 14.91
CA SER B 560 34.62 18.62 16.13
C SER B 560 34.40 19.83 17.02
N ASP B 561 35.29 20.82 16.91
CA ASP B 561 35.10 22.08 17.62
C ASP B 561 33.84 22.78 17.16
N LEU B 562 33.53 22.68 15.87
CA LEU B 562 32.25 23.22 15.41
C LEU B 562 31.09 22.30 15.73
N LEU B 563 31.35 20.99 15.82
CA LEU B 563 30.27 20.05 16.07
C LEU B 563 29.69 20.20 17.47
N LEU B 564 30.55 20.42 18.45
CA LEU B 564 30.07 20.68 19.81
C LEU B 564 29.28 21.98 19.86
N TRP B 565 29.72 22.98 19.08
CA TRP B 565 29.02 24.26 19.03
C TRP B 565 27.64 24.11 18.43
N ALA B 566 27.53 23.28 17.40
CA ALA B 566 26.22 23.07 16.81
C ALA B 566 25.31 22.26 17.73
N LEU B 567 25.89 21.32 18.47
CA LEU B 567 25.05 20.49 19.33
C LEU B 567 24.57 21.22 20.56
N LEU B 568 25.30 22.26 21.02
CA LEU B 568 24.84 22.98 22.19
C LEU B 568 23.61 23.83 21.90
N LEU B 569 23.53 24.43 20.71
CA LEU B 569 22.53 25.46 20.45
C LEU B 569 21.35 24.97 19.64
N ASN B 570 21.20 23.65 19.53
CA ASN B 570 20.07 23.03 18.83
C ASN B 570 19.80 23.28 17.34
N ARG B 571 20.85 23.32 16.53
CA ARG B 571 20.63 23.51 15.11
C ARG B 571 20.79 22.15 14.44
N ALA B 572 19.69 21.62 13.90
CA ALA B 572 19.75 20.33 13.21
C ALA B 572 20.43 20.27 11.84
N GLN B 573 20.16 21.25 10.98
CA GLN B 573 20.70 21.28 9.64
C GLN B 573 22.15 21.71 9.61
N MET B 574 22.65 22.33 10.68
CA MET B 574 24.09 22.52 10.79
C MET B 574 24.77 21.24 11.25
N ALA B 575 24.15 20.55 12.20
CA ALA B 575 24.81 19.46 12.89
C ALA B 575 24.97 18.25 11.99
N MET B 576 23.98 17.98 11.13
CA MET B 576 24.12 16.87 10.20
C MET B 576 25.25 17.10 9.21
N TYR B 577 25.43 18.35 8.78
CA TYR B 577 26.48 18.64 7.84
C TYR B 577 27.85 18.53 8.49
N PHE B 578 28.00 19.06 9.70
CA PHE B 578 29.29 18.94 10.37
C PHE B 578 29.60 17.51 10.78
N TRP B 579 28.60 16.68 11.03
CA TRP B 579 28.91 15.27 11.28
C TRP B 579 29.33 14.59 10.00
N GLU B 580 28.72 14.96 8.87
CA GLU B 580 29.05 14.30 7.61
C GLU B 580 30.43 14.69 7.11
N MET B 581 30.94 15.86 7.50
CA MET B 581 32.32 16.20 7.18
C MET B 581 33.27 15.90 8.32
N GLY B 582 32.94 14.93 9.18
CA GLY B 582 33.74 14.66 10.35
C GLY B 582 34.86 13.67 10.09
N SER B 583 35.52 13.26 11.18
CA SER B 583 36.63 12.33 11.09
C SER B 583 36.33 11.01 11.78
N ASN B 584 36.07 11.02 13.08
CA ASN B 584 35.80 9.80 13.83
C ASN B 584 34.31 9.54 13.80
N ALA B 585 33.90 8.52 13.06
CA ALA B 585 32.51 8.45 12.64
C ALA B 585 31.61 7.89 13.73
N VAL B 586 31.85 6.66 14.16
CA VAL B 586 30.84 5.91 14.90
C VAL B 586 30.74 6.40 16.34
N SER B 587 31.86 6.75 16.96
CA SER B 587 31.83 7.19 18.35
C SER B 587 31.15 8.54 18.50
N SER B 588 31.27 9.40 17.49
CA SER B 588 30.71 10.74 17.57
C SER B 588 29.19 10.71 17.59
N ALA B 589 28.58 9.75 16.91
CA ALA B 589 27.13 9.65 16.88
C ALA B 589 26.56 9.33 18.25
N LEU B 590 27.10 8.30 18.90
CA LEU B 590 26.57 7.92 20.19
C LEU B 590 26.88 8.96 21.25
N GLY B 591 28.02 9.63 21.14
CA GLY B 591 28.28 10.73 22.06
C GLY B 591 27.33 11.89 21.88
N ALA B 592 26.94 12.18 20.65
CA ALA B 592 25.95 13.22 20.41
C ALA B 592 24.60 12.85 20.99
N CYS B 593 24.23 11.57 20.86
CA CYS B 593 23.00 11.08 21.48
C CYS B 593 23.04 11.23 22.98
N LEU B 594 24.19 10.93 23.59
CA LEU B 594 24.37 11.09 25.03
C LEU B 594 24.21 12.53 25.46
N LEU B 595 24.83 13.46 24.73
CA LEU B 595 24.81 14.85 25.16
C LEU B 595 23.44 15.48 24.99
N LEU B 596 22.69 15.05 23.97
CA LEU B 596 21.31 15.52 23.86
C LEU B 596 20.43 14.94 24.97
N ARG B 597 20.59 13.66 25.31
CA ARG B 597 19.76 13.08 26.35
C ARG B 597 20.07 13.70 27.71
N VAL B 598 21.30 14.11 27.93
CA VAL B 598 21.62 14.81 29.18
C VAL B 598 21.03 16.21 29.18
N MET B 599 21.28 16.99 28.12
CA MET B 599 20.84 18.38 28.13
C MET B 599 19.34 18.54 27.93
N ALA B 600 18.60 17.46 27.70
CA ALA B 600 17.14 17.57 27.59
C ALA B 600 16.47 17.81 28.94
N ARG B 601 17.16 17.52 30.03
CA ARG B 601 16.52 17.59 31.34
C ARG B 601 16.46 19.01 31.88
N LEU B 602 17.51 19.80 31.65
CA LEU B 602 17.70 21.02 32.42
C LEU B 602 16.77 22.14 31.96
N GLU B 603 16.36 22.13 30.70
CA GLU B 603 15.45 23.16 30.22
C GLU B 603 14.02 22.88 30.69
N PRO B 604 13.21 23.91 30.97
CA PRO B 604 11.88 23.69 31.54
C PRO B 604 10.79 23.33 30.54
N ASP B 605 10.85 23.88 29.32
CA ASP B 605 9.73 23.78 28.41
C ASP B 605 9.60 22.38 27.81
N ALA B 606 8.46 22.14 27.18
CA ALA B 606 8.22 20.91 26.42
C ALA B 606 8.45 21.09 24.92
N GLU B 607 8.33 22.31 24.41
CA GLU B 607 8.57 22.58 23.00
C GLU B 607 10.03 22.38 22.64
N GLU B 608 10.95 22.56 23.60
CA GLU B 608 12.33 22.21 23.34
C GLU B 608 12.57 20.71 23.40
N ALA B 609 11.87 20.00 24.30
CA ALA B 609 12.10 18.59 24.48
C ALA B 609 11.60 17.80 23.29
N ALA B 610 10.50 18.26 22.69
CA ALA B 610 9.98 17.63 21.48
C ALA B 610 10.92 17.79 20.29
N ARG B 611 11.89 18.70 20.34
CA ARG B 611 12.93 18.75 19.34
C ARG B 611 14.17 17.98 19.74
N ARG B 612 14.54 18.03 21.03
CA ARG B 612 15.74 17.36 21.49
C ARG B 612 15.63 15.84 21.36
N LYS B 613 14.49 15.27 21.75
CA LYS B 613 14.32 13.82 21.64
C LYS B 613 14.33 13.38 20.18
N ASP B 614 13.80 14.22 19.29
CA ASP B 614 13.75 13.84 17.88
C ASP B 614 15.12 13.88 17.24
N LEU B 615 15.91 14.90 17.58
CA LEU B 615 17.28 14.98 17.07
C LEU B 615 18.14 13.84 17.59
N ALA B 616 17.91 13.42 18.85
CA ALA B 616 18.66 12.29 19.39
C ALA B 616 18.30 10.99 18.68
N PHE B 617 17.00 10.78 18.35
CA PHE B 617 16.65 9.60 17.56
C PHE B 617 17.29 9.62 16.18
N LYS B 618 17.41 10.81 15.58
CA LYS B 618 17.98 10.91 14.24
C LYS B 618 19.45 10.52 14.25
N PHE B 619 20.20 11.00 15.24
CA PHE B 619 21.61 10.60 15.35
C PHE B 619 21.79 9.12 15.64
N GLU B 620 20.95 8.57 16.53
CA GLU B 620 21.09 7.16 16.86
C GLU B 620 20.81 6.26 15.64
N GLY B 621 19.80 6.64 14.85
CA GLY B 621 19.50 5.87 13.65
C GLY B 621 20.59 5.96 12.60
N MET B 622 21.19 7.15 12.45
CA MET B 622 22.29 7.29 11.49
C MET B 622 23.49 6.46 11.91
N GLY B 623 23.81 6.44 13.20
CA GLY B 623 24.92 5.63 13.67
C GLY B 623 24.69 4.14 13.48
N VAL B 624 23.44 3.68 13.70
CA VAL B 624 23.10 2.28 13.51
C VAL B 624 23.30 1.86 12.06
N ASP B 625 22.80 2.68 11.12
CA ASP B 625 22.92 2.29 9.72
C ASP B 625 24.37 2.35 9.23
N LEU B 626 25.18 3.27 9.78
CA LEU B 626 26.58 3.30 9.40
C LEU B 626 27.32 2.05 9.86
N PHE B 627 27.07 1.60 11.09
CA PHE B 627 27.73 0.38 11.55
C PHE B 627 27.24 -0.85 10.80
N GLY B 628 25.97 -0.84 10.39
CA GLY B 628 25.46 -1.95 9.61
C GLY B 628 26.04 -2.02 8.22
N GLU B 629 26.40 -0.89 7.63
CA GLU B 629 27.03 -0.90 6.32
C GLU B 629 28.54 -1.15 6.39
N CYS B 630 29.10 -1.32 7.59
CA CYS B 630 30.49 -1.68 7.74
C CYS B 630 30.69 -3.09 8.24
N TYR B 631 29.69 -3.68 8.89
CA TYR B 631 29.82 -5.06 9.33
C TYR B 631 29.78 -6.05 8.17
N ARG B 632 29.29 -5.62 6.99
CA ARG B 632 29.11 -6.49 5.85
C ARG B 632 30.43 -7.09 5.36
N SER B 633 31.51 -6.33 5.47
CA SER B 633 32.81 -6.81 5.04
C SER B 633 33.77 -6.83 6.22
N SER B 634 34.51 -7.93 6.34
CA SER B 634 35.68 -8.07 7.20
C SER B 634 35.35 -7.84 8.67
N GLU B 635 34.62 -8.81 9.23
CA GLU B 635 34.13 -8.71 10.60
C GLU B 635 35.22 -8.54 11.65
N VAL B 636 36.45 -8.98 11.34
CA VAL B 636 37.58 -8.69 12.21
C VAL B 636 37.82 -7.19 12.31
N ARG B 637 37.67 -6.48 11.19
CA ARG B 637 37.85 -5.03 11.20
C ARG B 637 36.78 -4.36 12.04
N ALA B 638 35.53 -4.83 11.97
CA ALA B 638 34.47 -4.23 12.75
C ALA B 638 34.65 -4.49 14.23
N ALA B 639 35.07 -5.71 14.57
CA ALA B 639 35.34 -6.02 15.96
C ALA B 639 36.50 -5.21 16.51
N ARG B 640 37.49 -4.91 15.67
CA ARG B 640 38.57 -4.07 16.13
C ARG B 640 38.13 -2.63 16.25
N LEU B 641 37.19 -2.20 15.40
CA LEU B 641 36.75 -0.81 15.40
C LEU B 641 35.90 -0.50 16.61
N LEU B 642 35.05 -1.45 17.02
CA LEU B 642 34.07 -1.13 18.04
C LEU B 642 34.71 -1.04 19.43
N LEU B 643 35.67 -1.91 19.71
CA LEU B 643 36.16 -2.05 21.07
C LEU B 643 37.16 -0.98 21.48
N ARG B 644 37.76 -0.25 20.54
CA ARG B 644 38.92 0.56 20.85
C ARG B 644 38.52 1.81 21.62
N ARG B 645 39.53 2.62 21.94
CA ARG B 645 39.36 3.86 22.70
C ARG B 645 39.52 5.10 21.80
N CYS B 646 38.61 6.06 21.97
CA CYS B 646 38.61 7.26 21.16
C CYS B 646 39.15 8.42 21.95
N PRO B 647 40.16 9.12 21.47
CA PRO B 647 40.85 10.10 22.33
C PRO B 647 40.09 11.39 22.50
N LEU B 648 39.12 11.67 21.62
CA LEU B 648 38.50 12.99 21.60
C LEU B 648 37.64 13.24 22.83
N TRP B 649 37.14 12.18 23.45
CA TRP B 649 36.29 12.28 24.65
C TRP B 649 36.89 11.69 25.93
N GLY B 650 38.18 11.46 25.97
CA GLY B 650 38.79 10.79 27.11
C GLY B 650 38.81 9.30 26.90
N ASP B 651 39.36 8.60 27.89
CA ASP B 651 39.54 7.15 27.79
C ASP B 651 38.19 6.46 28.00
N ALA B 652 37.40 6.47 26.93
CA ALA B 652 36.13 5.77 26.93
C ALA B 652 36.03 5.00 25.62
N THR B 653 35.35 3.89 25.67
CA THR B 653 35.11 3.11 24.47
C THR B 653 33.77 3.48 23.87
N CYS B 654 33.49 2.92 22.71
CA CYS B 654 32.22 3.17 22.05
C CYS B 654 31.07 2.51 22.79
N LEU B 655 31.31 1.31 23.29
CA LEU B 655 30.24 0.49 23.82
C LEU B 655 29.73 1.04 25.14
N GLN B 656 30.63 1.59 25.95
CA GLN B 656 30.23 2.17 27.23
C GLN B 656 29.45 3.46 27.02
N LEU B 657 29.79 4.23 25.99
CA LEU B 657 29.00 5.39 25.63
C LEU B 657 27.62 5.00 25.14
N ALA B 658 27.51 3.88 24.42
CA ALA B 658 26.19 3.41 24.05
C ALA B 658 25.41 2.92 25.26
N MET B 659 26.11 2.43 26.27
CA MET B 659 25.42 1.91 27.45
C MET B 659 24.88 3.04 28.32
N GLN B 660 25.66 4.08 28.54
CA GLN B 660 25.23 5.11 29.47
C GLN B 660 24.23 6.09 28.88
N ALA B 661 23.81 5.92 27.64
CA ALA B 661 22.80 6.80 27.06
C ALA B 661 21.51 6.07 26.77
N ASP B 662 21.45 4.77 27.03
CA ASP B 662 20.26 3.92 26.86
C ASP B 662 19.75 3.95 25.42
N ALA B 663 20.63 3.57 24.51
CA ALA B 663 20.30 3.48 23.09
C ALA B 663 19.88 2.05 22.80
N ARG B 664 18.58 1.84 22.63
CA ARG B 664 18.08 0.48 22.44
C ARG B 664 18.44 -0.05 21.06
N ALA B 665 18.28 0.79 20.04
CA ALA B 665 18.40 0.32 18.66
C ALA B 665 19.83 -0.01 18.28
N PHE B 666 20.80 0.42 19.07
CA PHE B 666 22.18 0.07 18.77
C PHE B 666 22.55 -1.31 19.29
N PHE B 667 22.02 -1.70 20.44
CA PHE B 667 22.15 -3.09 20.86
C PHE B 667 21.16 -4.01 20.16
N ALA B 668 20.16 -3.45 19.49
CA ALA B 668 19.12 -4.27 18.88
C ALA B 668 19.63 -5.10 17.72
N GLN B 669 20.61 -4.59 16.98
CA GLN B 669 21.05 -5.29 15.79
C GLN B 669 21.96 -6.45 16.18
N ASP B 670 22.40 -7.20 15.17
CA ASP B 670 22.94 -8.54 15.39
C ASP B 670 24.43 -8.58 15.62
N GLY B 671 25.18 -7.62 15.04
CA GLY B 671 26.62 -7.68 15.14
C GLY B 671 27.12 -7.45 16.55
N VAL B 672 26.43 -6.61 17.31
CA VAL B 672 26.79 -6.39 18.69
C VAL B 672 26.52 -7.65 19.51
N GLN B 673 25.44 -8.37 19.19
CA GLN B 673 25.15 -9.63 19.85
C GLN B 673 26.22 -10.67 19.56
N SER B 674 26.64 -10.76 18.30
CA SER B 674 27.66 -11.74 17.95
C SER B 674 29.02 -11.38 18.52
N LEU B 675 29.27 -10.10 18.80
CA LEU B 675 30.51 -9.79 19.52
C LEU B 675 30.40 -10.11 21.00
N LEU B 676 29.22 -9.89 21.60
CA LEU B 676 29.08 -10.20 23.01
C LEU B 676 29.13 -11.69 23.26
N THR B 677 28.75 -12.51 22.29
CA THR B 677 28.87 -13.96 22.46
C THR B 677 30.33 -14.39 22.58
N GLN B 678 31.18 -13.92 21.68
CA GLN B 678 32.60 -14.23 21.77
C GLN B 678 33.25 -13.57 22.97
N LYS B 679 32.73 -12.45 23.44
CA LYS B 679 33.22 -11.91 24.70
C LYS B 679 32.87 -12.84 25.84
N TRP B 680 31.69 -13.46 25.77
CA TRP B 680 31.24 -14.28 26.88
C TRP B 680 31.86 -15.66 26.89
N TRP B 681 32.29 -16.18 25.74
CA TRP B 681 33.07 -17.41 25.79
C TRP B 681 34.50 -17.19 26.26
N GLY B 682 34.90 -15.95 26.50
CA GLY B 682 36.17 -15.70 27.15
C GLY B 682 37.34 -15.93 26.22
N ASP B 683 38.47 -16.24 26.83
CA ASP B 683 39.72 -16.37 26.08
C ASP B 683 39.71 -17.67 25.30
N MET B 684 39.67 -17.53 23.97
CA MET B 684 40.01 -18.59 23.03
C MET B 684 39.11 -19.82 23.16
N ALA B 685 37.84 -19.63 22.85
CA ALA B 685 36.95 -20.73 22.58
C ALA B 685 35.99 -20.29 21.50
N SER B 686 35.40 -21.24 20.79
CA SER B 686 34.50 -20.87 19.72
C SER B 686 33.43 -21.94 19.60
N THR B 687 32.29 -21.70 20.27
CA THR B 687 31.04 -22.46 20.12
C THR B 687 31.22 -23.97 20.37
N THR B 688 32.06 -24.31 21.34
CA THR B 688 32.11 -25.69 21.80
C THR B 688 30.85 -26.00 22.58
N PRO B 689 30.31 -27.21 22.47
CA PRO B 689 29.03 -27.51 23.11
C PRO B 689 29.15 -27.60 24.63
N ILE B 690 28.00 -27.80 25.26
CA ILE B 690 27.93 -27.69 26.71
C ILE B 690 28.58 -28.88 27.39
N TRP B 691 28.41 -30.09 26.83
CA TRP B 691 28.85 -31.31 27.52
C TRP B 691 30.36 -31.39 27.63
N ALA B 692 31.08 -30.80 26.67
CA ALA B 692 32.53 -30.72 26.80
C ALA B 692 32.92 -29.81 27.96
N LEU B 693 32.16 -28.74 28.18
CA LEU B 693 32.46 -27.84 29.29
C LEU B 693 32.17 -28.51 30.63
N VAL B 694 31.11 -29.30 30.70
CA VAL B 694 30.77 -29.96 31.96
C VAL B 694 31.76 -31.06 32.26
N LEU B 695 32.14 -31.83 31.24
CA LEU B 695 33.15 -32.87 31.42
C LEU B 695 34.52 -32.29 31.73
N ALA B 696 34.81 -31.08 31.27
CA ALA B 696 36.06 -30.43 31.64
C ALA B 696 36.01 -29.93 33.08
N PHE B 697 34.89 -29.36 33.50
CA PHE B 697 34.80 -28.82 34.85
C PHE B 697 34.76 -29.92 35.89
N PHE B 698 34.25 -31.10 35.52
CA PHE B 698 34.22 -32.20 36.47
C PHE B 698 35.61 -32.78 36.70
N CYS B 699 36.39 -32.94 35.65
CA CYS B 699 37.73 -33.54 35.76
C CYS B 699 38.77 -32.57 35.22
N PRO B 700 39.63 -32.03 36.06
CA PRO B 700 40.59 -31.00 35.61
C PRO B 700 41.65 -31.52 34.64
N PRO B 701 42.16 -32.80 34.74
CA PRO B 701 43.03 -33.25 33.63
C PRO B 701 42.29 -33.72 32.39
N LEU B 702 41.40 -32.90 31.86
CA LEU B 702 40.89 -33.06 30.51
C LEU B 702 41.01 -31.79 29.68
N ILE B 703 41.52 -30.71 30.27
CA ILE B 703 41.70 -29.47 29.53
C ILE B 703 43.05 -29.45 28.84
N TYR B 704 44.01 -30.19 29.37
CA TYR B 704 45.34 -30.25 28.77
C TYR B 704 45.33 -31.07 27.48
N THR B 705 44.22 -31.76 27.25
CA THR B 705 44.07 -32.63 26.08
C THR B 705 43.30 -32.06 24.89
N ARG B 706 42.93 -32.96 23.99
CA ARG B 706 42.22 -32.69 22.73
C ARG B 706 40.80 -32.10 22.77
N LEU B 707 39.99 -32.50 23.74
CA LEU B 707 38.58 -32.07 23.76
C LEU B 707 38.36 -30.56 23.81
N ILE B 708 39.12 -29.83 24.62
CA ILE B 708 38.96 -28.39 24.65
C ILE B 708 39.42 -27.84 23.31
N THR B 709 38.72 -26.83 22.79
CA THR B 709 39.11 -26.25 21.51
C THR B 709 39.45 -24.78 21.64
N PHE B 710 40.60 -24.39 21.11
CA PHE B 710 41.03 -22.99 21.17
C PHE B 710 41.12 -22.37 19.78
N ARG B 766 55.29 -22.21 31.32
CA ARG B 766 55.69 -22.06 29.93
C ARG B 766 54.47 -22.08 29.01
N ARG B 767 53.81 -23.24 28.93
CA ARG B 767 52.60 -23.38 28.14
C ARG B 767 51.40 -23.81 28.96
N CYS B 768 51.56 -24.84 29.80
CA CYS B 768 50.43 -25.37 30.56
C CYS B 768 50.01 -24.43 31.67
N LEU B 769 50.97 -23.76 32.30
CA LEU B 769 50.65 -22.85 33.39
C LEU B 769 50.04 -21.56 32.89
N ARG B 770 50.12 -21.28 31.60
CA ARG B 770 49.34 -20.20 31.01
C ARG B 770 48.00 -20.68 30.47
N ARG B 771 47.95 -21.93 30.00
CA ARG B 771 46.72 -22.52 29.51
C ARG B 771 45.71 -22.65 30.66
N TRP B 772 46.20 -23.05 31.83
CA TRP B 772 45.35 -23.21 33.01
C TRP B 772 44.89 -21.87 33.56
N PHE B 773 45.61 -20.80 33.29
CA PHE B 773 45.13 -19.48 33.68
C PHE B 773 44.20 -18.88 32.66
N HIS B 774 44.33 -19.25 31.37
CA HIS B 774 43.36 -18.80 30.39
C HIS B 774 42.01 -19.48 30.57
N PHE B 775 41.99 -20.74 31.00
CA PHE B 775 40.72 -21.45 31.03
C PHE B 775 39.80 -20.94 32.15
N TRP B 776 40.37 -20.66 33.31
CA TRP B 776 39.53 -20.27 34.44
C TRP B 776 39.24 -18.78 34.44
N GLY B 777 39.83 -18.03 33.52
CA GLY B 777 39.54 -16.62 33.46
C GLY B 777 38.27 -16.27 32.73
N ALA B 778 37.73 -17.19 31.95
CA ALA B 778 36.57 -16.88 31.14
C ALA B 778 35.32 -16.77 32.01
N PRO B 779 34.39 -15.87 31.67
CA PRO B 779 33.21 -15.70 32.52
C PRO B 779 32.27 -16.90 32.53
N VAL B 780 32.26 -17.73 31.49
CA VAL B 780 31.35 -18.86 31.47
C VAL B 780 31.78 -19.97 32.42
N THR B 781 32.98 -19.85 32.99
CA THR B 781 33.43 -20.81 33.99
C THR B 781 33.17 -20.30 35.40
N ILE B 782 33.39 -19.02 35.66
CA ILE B 782 33.10 -18.47 36.98
C ILE B 782 31.59 -18.47 37.24
N PHE B 783 30.78 -18.39 36.17
CA PHE B 783 29.33 -18.56 36.29
C PHE B 783 28.97 -19.95 36.78
N MET B 784 29.61 -20.97 36.19
CA MET B 784 29.35 -22.35 36.58
C MET B 784 29.79 -22.60 38.02
N GLY B 785 30.93 -22.03 38.40
CA GLY B 785 31.39 -22.19 39.78
C GLY B 785 30.46 -21.55 40.79
N ASN B 786 29.91 -20.37 40.45
CA ASN B 786 28.98 -19.70 41.34
C ASN B 786 27.70 -20.52 41.53
N VAL B 787 27.18 -21.08 40.44
CA VAL B 787 25.95 -21.87 40.53
C VAL B 787 26.16 -23.14 41.34
N VAL B 788 27.29 -23.81 41.15
CA VAL B 788 27.56 -25.05 41.90
C VAL B 788 27.71 -24.76 43.39
N SER B 789 28.39 -23.66 43.74
CA SER B 789 28.53 -23.30 45.14
C SER B 789 27.18 -22.99 45.78
N TYR B 790 26.30 -22.33 45.04
CA TYR B 790 25.01 -21.94 45.60
C TYR B 790 24.11 -23.15 45.82
N LEU B 791 24.15 -24.13 44.91
CA LEU B 791 23.35 -25.33 45.11
C LEU B 791 23.86 -26.16 46.27
N LEU B 792 25.18 -26.20 46.48
CA LEU B 792 25.70 -26.90 47.66
C LEU B 792 25.26 -26.22 48.95
N PHE B 793 25.18 -24.88 48.94
CA PHE B 793 24.66 -24.14 50.08
C PHE B 793 23.22 -24.53 50.40
N LEU B 794 22.39 -24.67 49.37
CA LEU B 794 21.00 -25.06 49.63
C LEU B 794 20.88 -26.48 50.16
N LEU B 795 21.70 -27.41 49.65
CA LEU B 795 21.58 -28.79 50.12
C LEU B 795 22.04 -28.91 51.57
N LEU B 796 23.10 -28.18 51.94
CA LEU B 796 23.55 -28.16 53.33
C LEU B 796 22.48 -27.56 54.24
N PHE B 797 21.81 -26.50 53.77
CA PHE B 797 20.79 -25.86 54.60
C PHE B 797 19.59 -26.78 54.82
N SER B 798 19.25 -27.56 53.80
CA SER B 798 18.16 -28.52 53.95
C SER B 798 18.51 -29.62 54.93
N ARG B 799 19.76 -30.11 54.90
CA ARG B 799 20.13 -31.18 55.82
C ARG B 799 20.25 -30.64 57.24
N VAL B 800 20.53 -29.36 57.41
CA VAL B 800 20.45 -28.78 58.74
C VAL B 800 19.01 -28.73 59.22
N LEU B 801 18.08 -28.32 58.36
CA LEU B 801 16.72 -28.06 58.83
C LEU B 801 15.93 -29.33 59.11
N LEU B 802 16.08 -30.37 58.28
CA LEU B 802 15.17 -31.51 58.41
C LEU B 802 15.52 -32.42 59.57
N VAL B 803 16.78 -32.86 59.67
CA VAL B 803 17.15 -33.87 60.64
C VAL B 803 17.75 -33.26 61.91
N ASP B 804 18.63 -32.27 61.73
CA ASP B 804 19.36 -31.62 62.80
C ASP B 804 18.49 -30.54 63.46
N PHE B 805 19.11 -29.53 64.07
CA PHE B 805 18.51 -28.35 64.68
C PHE B 805 17.74 -28.78 65.92
N GLN B 806 18.42 -29.43 66.82
CA GLN B 806 17.90 -29.95 68.07
C GLN B 806 18.04 -28.92 69.18
N PRO B 807 17.28 -29.03 70.28
CA PRO B 807 17.47 -28.09 71.39
C PRO B 807 18.77 -28.34 72.13
N ALA B 808 19.88 -27.87 71.60
CA ALA B 808 21.20 -28.29 72.06
C ALA B 808 22.17 -27.15 71.82
N PRO B 809 23.39 -27.23 72.37
CA PRO B 809 24.47 -26.40 71.85
C PRO B 809 24.73 -26.73 70.40
N PRO B 810 25.10 -25.71 69.58
CA PRO B 810 24.92 -25.83 68.12
C PRO B 810 25.77 -26.86 67.40
N GLY B 811 27.09 -26.78 67.52
CA GLY B 811 27.95 -27.76 66.87
C GLY B 811 28.42 -27.34 65.49
N SER B 812 29.23 -28.22 64.91
CA SER B 812 29.98 -27.90 63.69
C SER B 812 29.07 -27.72 62.49
N LEU B 813 28.02 -28.54 62.39
CA LEU B 813 27.15 -28.49 61.22
C LEU B 813 26.22 -27.28 61.23
N GLU B 814 26.18 -26.50 62.30
CA GLU B 814 25.57 -25.18 62.24
C GLU B 814 26.59 -24.06 62.19
N LEU B 815 27.77 -24.22 62.80
CA LEU B 815 28.80 -23.20 62.72
C LEU B 815 29.28 -23.01 61.29
N LEU B 816 29.31 -24.09 60.51
CA LEU B 816 29.63 -23.99 59.09
C LEU B 816 28.60 -23.12 58.37
N LEU B 817 27.33 -23.28 58.72
CA LEU B 817 26.27 -22.46 58.13
C LEU B 817 26.40 -20.99 58.52
N TYR B 818 26.77 -20.72 59.77
CA TYR B 818 26.93 -19.33 60.18
C TYR B 818 28.09 -18.65 59.47
N PHE B 819 29.20 -19.36 59.33
CA PHE B 819 30.34 -18.87 58.58
C PHE B 819 29.97 -18.58 57.13
N TRP B 820 29.15 -19.47 56.57
CA TRP B 820 28.67 -19.33 55.20
C TRP B 820 27.81 -18.07 55.00
N ALA B 821 26.94 -17.79 55.97
CA ALA B 821 26.06 -16.63 55.89
C ALA B 821 26.85 -15.34 56.07
N PHE B 822 27.88 -15.38 56.90
CA PHE B 822 28.75 -14.22 57.07
C PHE B 822 29.48 -13.89 55.77
N THR B 823 29.93 -14.92 55.05
CA THR B 823 30.57 -14.67 53.75
C THR B 823 29.59 -14.10 52.73
N LEU B 824 28.33 -14.55 52.75
CA LEU B 824 27.36 -14.02 51.81
C LEU B 824 27.03 -12.56 52.11
N LEU B 825 26.97 -12.20 53.39
CA LEU B 825 26.77 -10.79 53.74
C LEU B 825 27.97 -9.94 53.31
N CYS B 826 29.18 -10.50 53.40
CA CYS B 826 30.37 -9.79 52.96
C CYS B 826 30.36 -9.54 51.45
N GLU B 827 29.97 -10.55 50.67
CA GLU B 827 29.96 -10.37 49.21
C GLU B 827 28.84 -9.42 48.78
N GLU B 828 27.69 -9.43 49.47
CA GLU B 828 26.66 -8.46 49.16
C GLU B 828 27.09 -7.05 49.50
N LEU B 829 27.85 -6.88 50.59
CA LEU B 829 28.37 -5.57 50.94
C LEU B 829 29.39 -5.07 49.92
N ARG B 830 30.21 -5.98 49.39
CA ARG B 830 31.18 -5.60 48.36
C ARG B 830 30.50 -5.15 47.07
N GLN B 831 29.47 -5.91 46.63
CA GLN B 831 28.74 -5.53 45.43
C GLN B 831 28.02 -4.20 45.63
N GLY B 832 27.48 -3.95 46.82
CA GLY B 832 26.80 -2.69 47.06
C GLY B 832 27.76 -1.52 47.11
N LEU B 833 28.91 -1.69 47.74
CA LEU B 833 29.81 -0.57 47.95
C LEU B 833 30.66 -0.26 46.72
N SER B 834 30.89 -1.25 45.85
CA SER B 834 31.67 -0.98 44.65
C SER B 834 30.93 -0.11 43.64
N GLY B 835 29.61 -0.06 43.71
CA GLY B 835 28.83 0.82 42.86
C GLY B 835 28.61 0.29 41.45
N GLY B 838 25.25 5.47 37.82
CA GLY B 838 24.52 4.26 37.47
C GLY B 838 23.94 4.30 36.08
N SER B 839 23.33 5.43 35.72
CA SER B 839 22.75 5.61 34.39
C SER B 839 22.64 7.11 34.15
N LEU B 840 23.46 7.64 33.24
CA LEU B 840 23.48 9.08 33.00
C LEU B 840 22.25 9.56 32.26
N ALA B 841 21.51 8.67 31.61
CA ALA B 841 20.31 9.07 30.90
C ALA B 841 19.22 9.50 31.85
N SER B 842 19.19 8.91 33.05
CA SER B 842 18.25 9.37 34.06
C SER B 842 18.69 10.68 34.67
N GLY B 843 20.00 10.87 34.83
CA GLY B 843 20.52 12.04 35.51
C GLY B 843 21.27 11.63 36.75
N GLY B 844 21.84 10.43 36.73
CA GLY B 844 22.55 9.91 37.86
C GLY B 844 23.88 10.59 38.07
N PRO B 845 24.57 10.24 39.16
CA PRO B 845 25.83 10.92 39.50
C PRO B 845 26.98 10.56 38.58
N GLY B 846 26.91 9.45 37.87
CA GLY B 846 27.91 9.09 36.91
C GLY B 846 29.13 8.45 37.54
N PRO B 847 30.09 8.03 36.71
CA PRO B 847 31.30 7.39 37.23
C PRO B 847 32.24 8.38 37.90
N GLY B 848 33.37 7.87 38.38
CA GLY B 848 34.31 8.69 39.12
C GLY B 848 33.97 8.67 40.59
N HIS B 849 33.68 9.84 41.14
CA HIS B 849 33.35 9.99 42.55
C HIS B 849 31.90 10.42 42.71
N ALA B 850 31.23 9.84 43.69
CA ALA B 850 29.90 10.24 44.07
C ALA B 850 29.78 10.18 45.59
N SER B 851 28.60 10.50 46.10
CA SER B 851 28.42 10.53 47.54
C SER B 851 28.01 9.16 48.06
N LEU B 852 28.24 8.95 49.36
CA LEU B 852 27.65 7.81 50.03
C LEU B 852 26.13 7.93 50.06
N SER B 853 25.64 9.16 50.21
CA SER B 853 24.21 9.43 50.11
C SER B 853 23.67 9.31 48.70
N GLN B 854 24.53 9.15 47.70
CA GLN B 854 24.10 8.83 46.35
C GLN B 854 24.14 7.35 46.05
N ARG B 855 25.21 6.66 46.46
CA ARG B 855 25.28 5.22 46.23
C ARG B 855 24.28 4.46 47.09
N LEU B 856 24.00 4.95 48.30
CA LEU B 856 22.98 4.33 49.15
C LEU B 856 21.60 4.47 48.54
N ARG B 857 21.31 5.62 47.92
CA ARG B 857 20.04 5.78 47.24
C ARG B 857 20.01 4.95 45.96
N LEU B 858 21.15 4.79 45.31
CA LEU B 858 21.20 4.00 44.07
C LEU B 858 20.95 2.53 44.33
N TYR B 859 21.60 1.98 45.35
CA TYR B 859 21.61 0.53 45.55
C TYR B 859 20.25 -0.01 45.99
N LEU B 860 19.46 0.78 46.69
CA LEU B 860 18.20 0.31 47.24
C LEU B 860 17.03 0.51 46.30
N ALA B 861 17.29 0.73 45.01
CA ALA B 861 16.20 0.89 44.07
C ALA B 861 16.01 -0.32 43.16
N ASP B 862 17.00 -1.20 43.06
CA ASP B 862 16.86 -2.42 42.28
C ASP B 862 16.33 -3.51 43.19
N SER B 863 15.27 -4.18 42.74
CA SER B 863 14.41 -4.96 43.63
C SER B 863 15.09 -6.21 44.14
N TRP B 864 15.98 -6.81 43.36
CA TRP B 864 16.53 -8.12 43.72
C TRP B 864 17.47 -8.03 44.91
N ASN B 865 18.32 -7.00 44.93
CA ASN B 865 19.21 -6.83 46.07
C ASN B 865 18.44 -6.43 47.31
N GLN B 866 17.31 -5.74 47.13
CA GLN B 866 16.42 -5.45 48.24
C GLN B 866 15.84 -6.73 48.84
N CYS B 867 15.48 -7.68 47.97
CA CYS B 867 14.98 -8.97 48.43
C CYS B 867 16.04 -9.77 49.17
N ASP B 868 17.29 -9.74 48.67
CA ASP B 868 18.36 -10.46 49.35
C ASP B 868 18.69 -9.85 50.71
N LEU B 869 18.58 -8.52 50.81
CA LEU B 869 18.78 -7.85 52.09
C LEU B 869 17.71 -8.25 53.10
N VAL B 870 16.46 -8.31 52.65
CA VAL B 870 15.36 -8.77 53.51
C VAL B 870 15.59 -10.19 53.97
N ALA B 871 16.07 -11.05 53.07
CA ALA B 871 16.34 -12.44 53.41
C ALA B 871 17.43 -12.56 54.46
N LEU B 872 18.50 -11.77 54.33
CA LEU B 872 19.58 -11.83 55.32
C LEU B 872 19.13 -11.35 56.69
N THR B 873 18.31 -10.29 56.73
CA THR B 873 17.84 -9.80 58.04
C THR B 873 16.88 -10.79 58.70
N CYS B 874 16.06 -11.46 57.90
CA CYS B 874 15.18 -12.49 58.46
C CYS B 874 15.97 -13.68 58.97
N PHE B 875 17.05 -14.04 58.27
CA PHE B 875 17.94 -15.10 58.75
C PHE B 875 18.58 -14.74 60.09
N LEU B 876 19.01 -13.47 60.23
CA LEU B 876 19.59 -13.04 61.50
C LEU B 876 18.58 -13.08 62.63
N LEU B 877 17.33 -12.70 62.35
CA LEU B 877 16.29 -12.75 63.39
C LEU B 877 16.05 -14.17 63.87
N GLY B 878 15.99 -15.12 62.95
CA GLY B 878 15.80 -16.51 63.36
C GLY B 878 16.98 -17.08 64.12
N VAL B 879 18.20 -16.83 63.64
CA VAL B 879 19.34 -17.46 64.31
C VAL B 879 19.69 -16.77 65.61
N GLY B 880 19.24 -15.53 65.81
CA GLY B 880 19.33 -14.94 67.13
C GLY B 880 18.19 -15.38 68.01
N CYS B 881 17.06 -15.73 67.42
CA CYS B 881 15.92 -16.17 68.20
C CYS B 881 16.25 -17.47 68.93
N ARG B 882 16.92 -18.37 68.22
CA ARG B 882 17.31 -19.67 68.75
C ARG B 882 18.33 -19.67 69.90
N LEU B 883 19.32 -18.79 69.83
CA LEU B 883 20.37 -18.79 70.86
C LEU B 883 19.82 -18.42 72.24
N THR B 884 18.79 -17.59 72.29
CA THR B 884 18.13 -17.40 73.58
C THR B 884 17.25 -18.60 73.90
N PRO B 885 17.23 -19.05 75.16
CA PRO B 885 16.37 -20.17 75.51
C PRO B 885 14.96 -19.69 75.84
N GLY B 886 13.99 -20.59 75.63
CA GLY B 886 12.60 -20.29 75.89
C GLY B 886 11.81 -19.84 74.69
N LEU B 887 12.46 -19.62 73.56
CA LEU B 887 11.80 -19.27 72.30
C LEU B 887 12.29 -20.19 71.20
N TYR B 888 12.27 -21.49 71.48
CA TYR B 888 12.87 -22.45 70.56
C TYR B 888 12.03 -22.64 69.31
N HIS B 889 10.71 -22.62 69.43
CA HIS B 889 9.86 -22.97 68.29
C HIS B 889 9.81 -21.85 67.26
N LEU B 890 9.83 -20.61 67.72
CA LEU B 890 9.62 -19.49 66.81
C LEU B 890 10.79 -19.31 65.87
N GLY B 891 11.99 -19.73 66.29
CA GLY B 891 13.14 -19.66 65.40
C GLY B 891 13.02 -20.61 64.23
N ARG B 892 12.57 -21.83 64.49
CA ARG B 892 12.29 -22.78 63.42
C ARG B 892 11.21 -22.26 62.48
N THR B 893 10.15 -21.67 63.05
CA THR B 893 9.04 -21.19 62.24
C THR B 893 9.48 -20.05 61.32
N VAL B 894 10.33 -19.17 61.81
CA VAL B 894 10.80 -18.06 60.97
C VAL B 894 11.77 -18.57 59.91
N LEU B 895 12.67 -19.46 60.31
CA LEU B 895 13.74 -19.89 59.41
C LEU B 895 13.21 -20.77 58.27
N CYS B 896 12.15 -21.55 58.53
CA CYS B 896 11.54 -22.34 57.46
C CYS B 896 10.91 -21.45 56.39
N ILE B 897 10.30 -20.34 56.78
CA ILE B 897 9.77 -19.43 55.78
C ILE B 897 10.89 -18.72 55.05
N ASP B 898 11.98 -18.40 55.75
CA ASP B 898 13.07 -17.69 55.08
C ASP B 898 13.81 -18.55 54.06
N PHE B 899 13.75 -19.88 54.21
CA PHE B 899 14.28 -20.79 53.19
C PHE B 899 13.63 -20.57 51.83
N MET B 900 12.35 -20.25 51.83
CA MET B 900 11.63 -19.93 50.59
C MET B 900 12.24 -18.73 49.88
N VAL B 901 12.58 -17.68 50.64
CA VAL B 901 13.09 -16.47 50.02
C VAL B 901 14.53 -16.69 49.55
N PHE B 902 15.29 -17.53 50.25
CA PHE B 902 16.58 -17.92 49.68
C PHE B 902 16.43 -18.72 48.40
N THR B 903 15.41 -19.57 48.30
CA THR B 903 15.30 -20.44 47.13
C THR B 903 14.82 -19.68 45.91
N VAL B 904 13.97 -18.67 46.10
CA VAL B 904 13.38 -18.03 44.92
C VAL B 904 14.32 -17.06 44.22
N ARG B 905 15.50 -16.85 44.78
CA ARG B 905 16.47 -15.97 44.13
C ARG B 905 17.18 -16.70 42.98
N LEU B 906 16.91 -17.99 42.82
CA LEU B 906 17.58 -18.80 41.83
C LEU B 906 17.01 -18.58 40.43
N LEU B 907 16.14 -17.58 40.27
CA LEU B 907 15.73 -17.15 38.96
C LEU B 907 16.49 -15.94 38.47
N HIS B 908 16.97 -15.11 39.38
CA HIS B 908 17.71 -13.92 38.96
C HIS B 908 19.08 -14.29 38.42
N ILE B 909 19.62 -15.44 38.80
CA ILE B 909 20.91 -15.84 38.27
C ILE B 909 20.79 -16.30 36.84
N PHE B 910 19.75 -17.05 36.51
CA PHE B 910 19.62 -17.55 35.15
C PHE B 910 19.03 -16.55 34.18
N THR B 911 19.07 -15.26 34.47
CA THR B 911 18.61 -14.28 33.50
C THR B 911 19.61 -14.12 32.37
N VAL B 912 20.87 -14.48 32.63
CA VAL B 912 21.94 -14.21 31.69
C VAL B 912 21.87 -15.16 30.50
N ASN B 913 21.41 -16.38 30.72
CA ASN B 913 21.50 -17.44 29.73
C ASN B 913 20.56 -17.17 28.55
N LYS B 914 20.85 -17.83 27.43
CA LYS B 914 20.21 -17.47 26.17
C LYS B 914 18.79 -18.02 26.05
N GLN B 915 18.55 -19.24 26.50
CA GLN B 915 17.28 -19.88 26.26
C GLN B 915 16.23 -19.60 27.32
N LEU B 916 16.58 -18.91 28.39
CA LEU B 916 15.59 -18.54 29.40
C LEU B 916 15.46 -17.03 29.57
N GLY B 917 16.34 -16.26 28.93
CA GLY B 917 16.41 -14.83 29.05
C GLY B 917 15.14 -14.10 28.69
N PRO B 918 14.70 -14.18 27.43
CA PRO B 918 13.43 -13.55 27.07
C PRO B 918 12.20 -14.25 27.61
N LYS B 919 12.32 -15.34 28.36
CA LYS B 919 11.16 -15.99 28.93
C LYS B 919 10.92 -15.63 30.38
N ILE B 920 11.96 -15.41 31.17
CA ILE B 920 11.76 -15.06 32.57
C ILE B 920 11.16 -13.67 32.72
N VAL B 921 11.53 -12.73 31.85
CA VAL B 921 11.15 -11.34 32.04
C VAL B 921 9.66 -11.12 31.78
N ILE B 922 9.05 -11.92 30.91
CA ILE B 922 7.66 -11.71 30.55
C ILE B 922 6.72 -12.06 31.69
N VAL B 923 7.15 -12.93 32.61
CA VAL B 923 6.30 -13.40 33.70
C VAL B 923 5.94 -12.26 34.67
N SER B 924 6.83 -11.29 34.85
CA SER B 924 6.50 -10.20 35.75
C SER B 924 5.51 -9.21 35.14
N LYS B 925 5.42 -9.14 33.82
CA LYS B 925 4.48 -8.21 33.20
C LYS B 925 3.09 -8.77 33.06
N MET B 926 2.86 -10.01 33.49
CA MET B 926 1.55 -10.63 33.44
C MET B 926 0.83 -10.51 34.78
N MET B 927 1.21 -9.56 35.62
CA MET B 927 0.55 -9.35 36.90
C MET B 927 -0.52 -8.28 36.82
N LYS B 928 -1.05 -8.00 35.64
CA LYS B 928 -2.17 -7.10 35.52
C LYS B 928 -3.49 -7.85 35.44
N ASP B 929 -3.46 -9.17 35.50
CA ASP B 929 -4.65 -9.99 35.32
C ASP B 929 -4.94 -10.91 36.48
N VAL B 930 -3.90 -11.35 37.19
CA VAL B 930 -4.10 -12.18 38.36
C VAL B 930 -4.82 -11.40 39.45
N PHE B 931 -4.59 -10.10 39.54
CA PHE B 931 -5.32 -9.31 40.52
C PHE B 931 -6.79 -9.15 40.14
N PHE B 932 -7.08 -9.04 38.84
CA PHE B 932 -8.48 -9.04 38.39
C PHE B 932 -9.17 -10.36 38.73
N PHE B 933 -8.47 -11.48 38.52
CA PHE B 933 -9.03 -12.78 38.85
C PHE B 933 -9.30 -12.91 40.33
N LEU B 934 -8.36 -12.45 41.17
CA LEU B 934 -8.57 -12.54 42.61
C LEU B 934 -9.71 -11.67 43.08
N PHE B 935 -9.86 -10.48 42.49
CA PHE B 935 -10.97 -9.60 42.84
C PHE B 935 -12.31 -10.24 42.52
N PHE B 936 -12.45 -10.73 41.29
CA PHE B 936 -13.74 -11.25 40.87
C PHE B 936 -14.09 -12.51 41.63
N LEU B 937 -13.08 -13.33 41.92
CA LEU B 937 -13.35 -14.59 42.60
C LEU B 937 -13.62 -14.37 44.07
N GLY B 938 -12.99 -13.37 44.70
CA GLY B 938 -13.28 -13.10 46.10
C GLY B 938 -14.67 -12.57 46.32
N VAL B 939 -15.09 -11.62 45.46
CA VAL B 939 -16.44 -11.08 45.54
C VAL B 939 -17.47 -12.17 45.28
N TRP B 940 -17.22 -13.02 44.28
CA TRP B 940 -18.22 -14.04 44.01
C TRP B 940 -18.19 -15.18 45.03
N LEU B 941 -17.08 -15.36 45.74
CA LEU B 941 -16.93 -16.49 46.65
C LEU B 941 -17.54 -16.23 48.01
N VAL B 942 -17.38 -15.01 48.54
CA VAL B 942 -17.86 -14.73 49.89
C VAL B 942 -19.37 -14.86 49.98
N ALA B 943 -20.09 -14.55 48.90
CA ALA B 943 -21.53 -14.58 48.94
C ALA B 943 -22.05 -16.00 48.94
N TYR B 944 -21.43 -16.89 48.16
CA TYR B 944 -21.80 -18.30 48.17
C TYR B 944 -21.54 -18.92 49.52
N GLY B 945 -20.41 -18.56 50.15
CA GLY B 945 -20.10 -19.12 51.46
C GLY B 945 -21.11 -18.72 52.52
N VAL B 946 -21.46 -17.43 52.55
CA VAL B 946 -22.41 -16.96 53.56
C VAL B 946 -23.80 -17.52 53.30
N ALA B 947 -24.21 -17.65 52.03
CA ALA B 947 -25.54 -18.18 51.75
C ALA B 947 -25.65 -19.64 52.12
N THR B 948 -24.59 -20.42 51.87
CA THR B 948 -24.63 -21.83 52.25
C THR B 948 -24.67 -22.00 53.75
N GLU B 949 -23.83 -21.27 54.48
CA GLU B 949 -23.86 -21.43 55.93
C GLU B 949 -25.04 -20.75 56.58
N GLY B 950 -25.81 -19.97 55.83
CA GLY B 950 -27.07 -19.51 56.35
C GLY B 950 -28.16 -20.53 56.14
N LEU B 951 -28.13 -21.24 55.02
CA LEU B 951 -29.19 -22.20 54.78
C LEU B 951 -29.03 -23.46 55.62
N LEU B 952 -27.79 -23.90 55.88
CA LEU B 952 -27.67 -25.17 56.61
C LEU B 952 -27.85 -24.99 58.13
N ARG B 953 -27.41 -23.84 58.68
CA ARG B 953 -27.43 -23.51 60.11
C ARG B 953 -26.80 -24.58 60.99
N PRO B 954 -25.47 -24.69 61.05
CA PRO B 954 -24.86 -25.71 61.92
C PRO B 954 -25.08 -25.35 63.39
N ARG B 955 -25.60 -26.31 64.14
CA ARG B 955 -25.79 -26.10 65.57
C ARG B 955 -24.58 -26.56 66.38
N ASP B 956 -23.40 -26.14 65.91
CA ASP B 956 -22.16 -26.25 66.67
C ASP B 956 -21.22 -25.23 66.05
N SER B 957 -20.98 -24.12 66.74
CA SER B 957 -20.34 -22.99 66.09
C SER B 957 -19.31 -22.35 67.00
N ASP B 958 -18.26 -21.83 66.38
CA ASP B 958 -17.24 -21.03 67.04
C ASP B 958 -16.87 -19.92 66.06
N PHE B 959 -15.75 -19.28 66.31
CA PHE B 959 -15.16 -18.40 65.32
C PHE B 959 -14.32 -19.13 64.25
N PRO B 960 -13.38 -20.04 64.59
CA PRO B 960 -12.59 -20.66 63.51
C PRO B 960 -13.38 -21.61 62.66
N SER B 961 -14.35 -22.32 63.24
CA SER B 961 -15.16 -23.25 62.46
C SER B 961 -15.98 -22.51 61.41
N ILE B 962 -16.61 -21.39 61.78
CA ILE B 962 -17.41 -20.64 60.83
C ILE B 962 -16.51 -20.00 59.78
N LEU B 963 -15.35 -19.48 60.18
CA LEU B 963 -14.46 -18.85 59.20
C LEU B 963 -13.90 -19.86 58.21
N ARG B 964 -13.59 -21.05 58.70
CA ARG B 964 -13.14 -22.15 57.84
C ARG B 964 -14.22 -22.56 56.87
N ARG B 965 -15.40 -22.87 57.39
CA ARG B 965 -16.47 -23.42 56.59
C ARG B 965 -17.11 -22.39 55.68
N VAL B 966 -16.82 -21.11 55.83
CA VAL B 966 -17.24 -20.13 54.85
C VAL B 966 -16.17 -19.90 53.79
N PHE B 967 -14.92 -19.66 54.16
CA PHE B 967 -13.95 -19.37 53.10
C PHE B 967 -13.31 -20.61 52.48
N TYR B 968 -12.73 -21.47 53.31
CA TYR B 968 -11.77 -22.46 52.84
C TYR B 968 -12.42 -23.61 52.07
N ARG B 969 -13.64 -23.97 52.39
CA ARG B 969 -14.28 -25.07 51.67
C ARG B 969 -14.72 -24.72 50.25
N PRO B 970 -15.25 -23.53 49.95
CA PRO B 970 -15.48 -23.22 48.53
C PRO B 970 -14.21 -23.01 47.73
N TYR B 971 -13.09 -22.68 48.35
CA TYR B 971 -11.90 -22.41 47.57
C TYR B 971 -11.31 -23.70 47.01
N LEU B 972 -11.51 -24.82 47.68
CA LEU B 972 -11.04 -26.08 47.13
C LEU B 972 -12.09 -26.76 46.28
N GLN B 973 -13.13 -26.06 45.85
CA GLN B 973 -14.08 -26.68 44.94
C GLN B 973 -13.84 -26.29 43.50
N ILE B 974 -12.96 -25.35 43.22
CA ILE B 974 -12.64 -25.04 41.85
C ILE B 974 -11.41 -25.80 41.38
N PHE B 975 -10.95 -26.78 42.16
CA PHE B 975 -9.81 -27.60 41.77
C PHE B 975 -10.16 -29.07 41.85
N GLY B 976 -11.41 -29.42 41.58
CA GLY B 976 -11.79 -30.82 41.49
C GLY B 976 -11.84 -31.55 42.81
N GLN B 977 -12.36 -30.91 43.86
CA GLN B 977 -12.59 -31.57 45.14
C GLN B 977 -13.97 -31.14 45.61
N ILE B 978 -14.98 -31.91 45.24
CA ILE B 978 -16.36 -31.56 45.57
C ILE B 978 -16.92 -32.64 46.48
N PRO B 979 -16.81 -32.46 47.80
CA PRO B 979 -17.38 -33.46 48.69
C PRO B 979 -18.87 -33.15 48.88
N GLN B 980 -19.74 -34.13 48.63
CA GLN B 980 -21.18 -33.92 48.74
C GLN B 980 -21.84 -34.43 50.02
N GLU B 981 -21.05 -34.97 50.94
CA GLU B 981 -21.59 -35.51 52.18
C GLU B 981 -22.29 -34.51 53.10
N ASP B 982 -21.74 -33.31 53.22
CA ASP B 982 -22.33 -32.29 54.09
C ASP B 982 -23.31 -31.37 53.37
N MET B 983 -23.51 -31.61 52.08
CA MET B 983 -24.40 -30.76 51.30
C MET B 983 -25.79 -31.33 51.23
N ASP B 984 -25.94 -32.57 50.77
CA ASP B 984 -27.27 -33.17 50.74
C ASP B 984 -27.70 -33.61 52.12
N VAL B 985 -28.95 -34.06 52.20
CA VAL B 985 -29.40 -34.85 53.33
C VAL B 985 -29.76 -36.26 52.93
N ALA B 986 -29.89 -36.53 51.64
CA ALA B 986 -30.27 -37.85 51.17
C ALA B 986 -29.10 -38.81 51.11
N LEU B 987 -27.96 -38.45 51.66
CA LEU B 987 -26.86 -39.36 51.88
C LEU B 987 -26.56 -39.54 53.36
N MET B 988 -27.34 -38.93 54.24
CA MET B 988 -27.07 -38.99 55.66
C MET B 988 -28.23 -39.69 56.38
N GLU B 989 -28.05 -39.89 57.68
CA GLU B 989 -29.01 -40.61 58.50
C GLU B 989 -29.96 -39.62 59.16
N HIS B 990 -31.25 -39.89 59.07
CA HIS B 990 -32.27 -39.01 59.63
C HIS B 990 -32.29 -39.19 61.15
N SER B 991 -31.57 -38.32 61.86
CA SER B 991 -31.52 -38.42 63.30
C SER B 991 -31.93 -37.11 63.97
N ASN B 992 -32.86 -37.19 64.92
CA ASN B 992 -33.28 -35.99 65.62
C ASN B 992 -32.64 -35.90 66.99
N CYS B 993 -31.59 -35.10 67.10
CA CYS B 993 -30.89 -34.90 68.35
C CYS B 993 -30.91 -33.42 68.71
N SER B 994 -31.68 -32.64 67.96
CA SER B 994 -31.75 -31.20 68.17
C SER B 994 -33.06 -30.86 68.88
N SER B 995 -33.08 -29.67 69.50
CA SER B 995 -34.20 -29.26 70.33
C SER B 995 -35.08 -28.20 69.70
N GLU B 996 -34.54 -27.37 68.80
CA GLU B 996 -35.36 -26.40 68.10
C GLU B 996 -36.27 -27.11 67.12
N PRO B 997 -37.51 -26.64 66.95
CA PRO B 997 -38.50 -27.40 66.15
C PRO B 997 -38.17 -27.41 64.67
N GLY B 998 -38.39 -28.55 64.06
CA GLY B 998 -38.16 -28.72 62.64
C GLY B 998 -37.79 -30.17 62.36
N PHE B 999 -36.80 -30.34 61.48
CA PHE B 999 -36.27 -31.65 61.15
C PHE B 999 -34.77 -31.52 60.99
N TRP B 1000 -34.04 -32.53 61.44
CA TRP B 1000 -32.60 -32.43 61.55
C TRP B 1000 -31.94 -33.69 61.00
N ALA B 1001 -30.68 -33.54 60.59
CA ALA B 1001 -29.94 -34.65 60.03
C ALA B 1001 -28.52 -34.63 60.56
N HIS B 1002 -27.88 -35.79 60.49
CA HIS B 1002 -26.59 -36.02 61.13
C HIS B 1002 -25.49 -36.12 60.09
N PRO B 1003 -24.46 -35.29 60.15
CA PRO B 1003 -23.36 -35.41 59.20
C PRO B 1003 -22.44 -36.56 59.56
N PRO B 1004 -21.87 -37.22 58.57
CA PRO B 1004 -20.95 -38.32 58.88
C PRO B 1004 -19.50 -37.85 59.00
N GLY B 1005 -19.20 -36.67 58.48
CA GLY B 1005 -17.84 -36.19 58.42
C GLY B 1005 -17.36 -35.56 59.71
N ALA B 1006 -16.34 -34.73 59.59
CA ALA B 1006 -15.87 -33.87 60.65
C ALA B 1006 -15.98 -32.43 60.20
N GLN B 1007 -16.03 -31.52 61.19
CA GLN B 1007 -16.11 -30.06 61.08
C GLN B 1007 -17.43 -29.52 60.56
N ALA B 1008 -18.32 -30.38 60.08
CA ALA B 1008 -19.62 -29.92 59.61
C ALA B 1008 -20.68 -30.08 60.67
N GLY B 1009 -20.37 -29.63 61.89
CA GLY B 1009 -21.22 -29.67 63.06
C GLY B 1009 -21.64 -31.07 63.43
N THR B 1010 -22.76 -31.15 64.15
CA THR B 1010 -23.42 -32.42 64.40
C THR B 1010 -24.90 -32.39 64.02
N CYS B 1011 -25.43 -31.25 63.62
CA CYS B 1011 -26.83 -31.17 63.23
C CYS B 1011 -26.94 -30.22 62.04
N VAL B 1012 -27.62 -30.66 60.99
CA VAL B 1012 -27.87 -29.83 59.82
C VAL B 1012 -29.37 -29.81 59.58
N SER B 1013 -29.91 -28.63 59.28
CA SER B 1013 -31.32 -28.51 58.99
C SER B 1013 -31.67 -29.17 57.67
N GLN B 1014 -32.97 -29.41 57.47
CA GLN B 1014 -33.46 -30.01 56.24
C GLN B 1014 -34.46 -29.15 55.50
N TYR B 1015 -34.71 -27.94 55.96
CA TYR B 1015 -35.78 -27.14 55.37
C TYR B 1015 -35.30 -26.60 54.03
N ALA B 1016 -35.97 -27.04 52.96
CA ALA B 1016 -35.73 -26.61 51.58
C ALA B 1016 -34.28 -26.87 51.17
N ASN B 1017 -33.94 -28.15 51.12
CA ASN B 1017 -32.55 -28.47 50.89
C ASN B 1017 -32.16 -28.36 49.42
N TRP B 1018 -33.13 -28.30 48.51
CA TRP B 1018 -32.82 -28.25 47.09
C TRP B 1018 -32.17 -26.94 46.67
N LEU B 1019 -32.40 -25.87 47.43
CA LEU B 1019 -31.78 -24.59 47.14
C LEU B 1019 -30.26 -24.66 47.28
N VAL B 1020 -29.76 -25.53 48.16
CA VAL B 1020 -28.33 -25.74 48.31
C VAL B 1020 -27.73 -26.35 47.06
N VAL B 1021 -28.38 -27.36 46.50
CA VAL B 1021 -27.88 -28.03 45.31
C VAL B 1021 -27.92 -27.09 44.11
N LEU B 1022 -28.96 -26.27 44.03
CA LEU B 1022 -29.06 -25.32 42.92
C LEU B 1022 -27.97 -24.25 43.01
N LEU B 1023 -27.65 -23.78 44.22
CA LEU B 1023 -26.55 -22.84 44.37
C LEU B 1023 -25.21 -23.47 44.06
N LEU B 1024 -25.03 -24.76 44.37
CA LEU B 1024 -23.80 -25.46 44.02
C LEU B 1024 -23.61 -25.52 42.51
N VAL B 1025 -24.69 -25.79 41.78
CA VAL B 1025 -24.59 -25.86 40.32
C VAL B 1025 -24.27 -24.49 39.73
N ILE B 1026 -24.90 -23.43 40.25
CA ILE B 1026 -24.65 -22.08 39.75
C ILE B 1026 -23.20 -21.65 39.99
N PHE B 1027 -22.68 -21.90 41.19
CA PHE B 1027 -21.31 -21.50 41.51
C PHE B 1027 -20.30 -22.27 40.69
N LEU B 1028 -20.52 -23.56 40.50
CA LEU B 1028 -19.54 -24.34 39.75
C LEU B 1028 -19.53 -23.93 38.28
N LEU B 1029 -20.70 -23.62 37.73
CA LEU B 1029 -20.77 -23.19 36.34
C LEU B 1029 -20.12 -21.82 36.13
N VAL B 1030 -20.28 -20.91 37.09
CA VAL B 1030 -19.65 -19.60 36.93
C VAL B 1030 -18.15 -19.70 37.07
N ALA B 1031 -17.66 -20.18 38.20
CA ALA B 1031 -16.20 -20.22 38.37
C ALA B 1031 -15.44 -21.13 37.40
N ASN B 1032 -15.92 -22.35 37.21
CA ASN B 1032 -15.25 -23.29 36.31
C ASN B 1032 -15.26 -23.06 34.79
N ILE B 1033 -16.41 -22.65 34.24
CA ILE B 1033 -16.53 -22.47 32.79
C ILE B 1033 -16.36 -21.08 32.18
N LEU B 1034 -16.51 -20.03 32.98
CA LEU B 1034 -16.38 -18.67 32.44
C LEU B 1034 -15.05 -18.02 32.83
N LEU B 1035 -14.66 -18.09 34.09
CA LEU B 1035 -13.53 -17.29 34.56
C LEU B 1035 -12.19 -17.82 34.09
N VAL B 1036 -11.99 -19.12 34.16
CA VAL B 1036 -10.72 -19.71 33.77
C VAL B 1036 -10.49 -19.53 32.27
N ASN B 1037 -11.52 -19.72 31.47
CA ASN B 1037 -11.37 -19.55 30.03
C ASN B 1037 -11.21 -18.09 29.65
N LEU B 1038 -11.86 -17.19 30.38
CA LEU B 1038 -11.64 -15.76 30.15
C LEU B 1038 -10.22 -15.35 30.50
N LEU B 1039 -9.67 -15.97 31.55
CA LEU B 1039 -8.31 -15.65 31.93
C LEU B 1039 -7.29 -16.17 30.92
N ILE B 1040 -7.58 -17.32 30.30
CA ILE B 1040 -6.76 -17.81 29.20
C ILE B 1040 -6.77 -16.83 28.03
N ALA B 1041 -7.94 -16.29 27.70
CA ALA B 1041 -8.03 -15.32 26.62
C ALA B 1041 -7.24 -14.06 26.91
N MET B 1042 -7.31 -13.56 28.15
CA MET B 1042 -6.58 -12.34 28.47
C MET B 1042 -5.07 -12.55 28.48
N PHE B 1043 -4.60 -13.72 28.92
CA PHE B 1043 -3.16 -13.99 28.84
C PHE B 1043 -2.67 -14.04 27.42
N SER B 1044 -3.45 -14.67 26.53
CA SER B 1044 -3.03 -14.73 25.13
C SER B 1044 -2.94 -13.36 24.50
N TYR B 1045 -3.96 -12.52 24.72
CA TYR B 1045 -3.96 -11.19 24.13
C TYR B 1045 -2.90 -10.27 24.73
N THR B 1046 -2.57 -10.42 26.01
CA THR B 1046 -1.53 -9.57 26.56
C THR B 1046 -0.14 -10.00 26.10
N PHE B 1047 0.07 -11.32 26.02
CA PHE B 1047 1.37 -11.86 25.63
C PHE B 1047 1.73 -11.48 24.21
N GLY B 1048 0.78 -11.67 23.29
CA GLY B 1048 1.05 -11.40 21.89
C GLY B 1048 1.34 -9.95 21.56
N LYS B 1049 1.01 -9.02 22.47
CA LYS B 1049 1.35 -7.63 22.31
C LYS B 1049 2.67 -7.27 22.97
N VAL B 1050 2.87 -7.68 24.23
CA VAL B 1050 4.03 -7.18 24.99
C VAL B 1050 5.32 -7.92 24.66
N GLN B 1051 5.24 -9.03 23.91
CA GLN B 1051 6.42 -9.83 23.61
C GLN B 1051 7.47 -9.04 22.82
N GLY B 1052 7.02 -8.23 21.85
CA GLY B 1052 7.93 -7.50 21.00
C GLY B 1052 8.68 -6.37 21.68
N ASN B 1053 8.18 -5.89 22.80
CA ASN B 1053 8.92 -4.89 23.56
C ASN B 1053 9.81 -5.55 24.60
N SER B 1054 9.33 -6.64 25.20
CA SER B 1054 10.11 -7.31 26.22
C SER B 1054 11.38 -7.94 25.66
N ASP B 1055 11.34 -8.39 24.41
CA ASP B 1055 12.54 -8.98 23.82
C ASP B 1055 13.64 -7.94 23.62
N LEU B 1056 13.27 -6.74 23.16
CA LEU B 1056 14.22 -5.63 23.02
C LEU B 1056 14.80 -5.22 24.36
N TYR B 1057 13.95 -5.14 25.38
CA TYR B 1057 14.46 -4.75 26.69
C TYR B 1057 15.36 -5.81 27.30
N TRP B 1058 15.15 -7.08 26.97
CA TRP B 1058 16.13 -8.07 27.43
C TRP B 1058 17.44 -7.93 26.69
N LYS B 1059 17.38 -7.66 25.38
CA LYS B 1059 18.61 -7.49 24.62
C LYS B 1059 19.43 -6.30 25.08
N ALA B 1060 18.81 -5.31 25.70
CA ALA B 1060 19.58 -4.14 26.14
C ALA B 1060 20.47 -4.43 27.35
N GLN B 1061 20.01 -5.23 28.31
CA GLN B 1061 20.67 -5.32 29.61
C GLN B 1061 21.77 -6.37 29.66
N ARG B 1062 21.99 -7.06 28.54
CA ARG B 1062 22.88 -8.21 28.56
C ARG B 1062 24.31 -7.78 28.77
N TYR B 1063 24.69 -6.60 28.28
CA TYR B 1063 26.05 -6.12 28.47
C TYR B 1063 26.34 -5.83 29.93
N ARG B 1064 25.40 -5.24 30.65
CA ARG B 1064 25.63 -4.95 32.06
C ARG B 1064 25.69 -6.24 32.86
N LEU B 1065 24.85 -7.21 32.49
CA LEU B 1065 24.92 -8.49 33.21
C LEU B 1065 26.18 -9.27 32.91
N ILE B 1066 26.78 -9.09 31.73
CA ILE B 1066 28.08 -9.72 31.51
C ILE B 1066 29.15 -8.98 32.29
N ARG B 1067 29.07 -7.65 32.30
CA ARG B 1067 30.12 -6.82 32.90
C ARG B 1067 30.18 -6.99 34.41
N GLU B 1068 29.07 -7.37 35.03
CA GLU B 1068 29.08 -7.59 36.46
C GLU B 1068 29.95 -8.79 36.87
N PHE B 1069 29.94 -9.87 36.08
CA PHE B 1069 30.61 -11.09 36.51
C PHE B 1069 32.12 -11.00 36.42
N HIS B 1070 32.66 -10.10 35.61
CA HIS B 1070 34.09 -10.07 35.46
C HIS B 1070 34.76 -9.40 36.64
N SER B 1071 34.11 -8.42 37.25
CA SER B 1071 34.66 -7.74 38.41
C SER B 1071 34.49 -8.57 39.69
N ARG B 1072 33.63 -9.57 39.66
CA ARG B 1072 33.44 -10.44 40.81
C ARG B 1072 34.69 -11.29 41.02
N PRO B 1073 35.00 -11.66 42.27
CA PRO B 1073 36.20 -12.46 42.52
C PRO B 1073 36.09 -13.86 41.94
N ALA B 1074 37.25 -14.40 41.56
CA ALA B 1074 37.35 -15.62 40.77
C ALA B 1074 37.47 -16.87 41.62
N LEU B 1075 37.07 -16.82 42.87
CA LEU B 1075 37.11 -17.97 43.75
C LEU B 1075 35.74 -18.22 44.36
N ALA B 1076 35.54 -19.45 44.83
CA ALA B 1076 34.26 -19.87 45.38
C ALA B 1076 34.05 -19.27 46.76
N PRO B 1077 32.80 -19.23 47.24
CA PRO B 1077 32.55 -18.81 48.65
C PRO B 1077 33.17 -19.73 49.71
N PRO B 1078 33.51 -21.00 49.43
CA PRO B 1078 34.47 -21.66 50.33
C PRO B 1078 35.91 -21.17 50.22
N PHE B 1079 36.27 -20.41 49.19
CA PHE B 1079 37.58 -19.78 49.13
C PHE B 1079 37.49 -18.26 49.16
N ILE B 1080 36.33 -17.72 49.54
CA ILE B 1080 36.12 -16.28 49.57
C ILE B 1080 36.90 -15.63 50.70
N VAL B 1081 37.27 -16.39 51.74
CA VAL B 1081 38.14 -15.85 52.77
C VAL B 1081 39.53 -15.61 52.20
N ILE B 1082 40.02 -16.51 51.36
CA ILE B 1082 41.33 -16.31 50.72
C ILE B 1082 41.26 -15.23 49.65
N SER B 1083 40.12 -15.11 48.97
CA SER B 1083 39.96 -14.04 47.98
C SER B 1083 39.87 -12.68 48.66
N HIS B 1084 39.19 -12.60 49.80
CA HIS B 1084 39.19 -11.37 50.58
C HIS B 1084 40.56 -11.10 51.20
N LEU B 1085 41.34 -12.14 51.47
CA LEU B 1085 42.72 -11.95 51.90
C LEU B 1085 43.57 -11.34 50.80
N ARG B 1086 43.41 -11.81 49.57
CA ARG B 1086 44.11 -11.21 48.44
C ARG B 1086 43.59 -9.81 48.14
N LEU B 1087 42.34 -9.51 48.49
CA LEU B 1087 41.80 -8.18 48.27
C LEU B 1087 42.30 -7.20 49.33
N LEU B 1088 42.31 -7.62 50.60
CA LEU B 1088 42.78 -6.79 51.70
C LEU B 1088 44.24 -7.03 52.03
N LEU B 1089 45.02 -7.57 51.09
CA LEU B 1089 46.46 -7.61 51.23
C LEU B 1089 47.12 -6.33 50.75
N ARG B 1090 46.53 -5.66 49.75
CA ARG B 1090 47.09 -4.45 49.16
C ARG B 1090 46.18 -3.24 49.32
N GLN B 1091 45.51 -3.11 50.46
CA GLN B 1091 44.68 -1.92 50.71
C GLN B 1091 44.57 -1.65 52.21
N ALA B 1105 37.93 -3.36 35.27
CA ALA B 1105 37.86 -4.33 34.19
C ALA B 1105 38.93 -4.05 33.14
N LEU B 1106 39.59 -5.10 32.69
CA LEU B 1106 40.65 -4.95 31.69
C LEU B 1106 40.45 -5.86 30.48
N GLU B 1107 39.93 -7.07 30.68
CA GLU B 1107 39.76 -8.01 29.57
C GLU B 1107 38.50 -7.67 28.78
N HIS B 1108 38.65 -7.60 27.46
CA HIS B 1108 37.59 -7.29 26.50
C HIS B 1108 36.93 -5.94 26.78
N PHE B 1109 37.72 -4.99 27.25
CA PHE B 1109 37.26 -3.62 27.44
C PHE B 1109 38.27 -2.59 26.97
N ARG B 1110 39.47 -2.99 26.56
CA ARG B 1110 40.44 -2.10 25.97
C ARG B 1110 41.36 -2.92 25.08
N VAL B 1111 41.45 -2.55 23.82
CA VAL B 1111 42.37 -3.17 22.86
C VAL B 1111 43.34 -2.09 22.41
N TYR B 1112 44.62 -2.38 22.47
CA TYR B 1112 45.65 -1.41 22.13
C TYR B 1112 46.29 -1.79 20.81
N LEU B 1113 46.38 -0.83 19.90
CA LEU B 1113 46.77 -1.05 18.52
C LEU B 1113 48.00 -0.22 18.18
N SER B 1114 48.65 -0.57 17.07
CA SER B 1114 49.70 0.27 16.55
C SER B 1114 49.11 1.38 15.70
N LYS B 1115 49.80 2.53 15.69
CA LYS B 1115 49.19 3.75 15.16
C LYS B 1115 49.09 3.73 13.64
N GLU B 1116 49.93 2.94 12.97
CA GLU B 1116 49.79 2.76 11.53
C GLU B 1116 48.50 2.02 11.20
N ALA B 1117 48.16 1.01 11.99
CA ALA B 1117 46.90 0.30 11.78
C ALA B 1117 45.70 1.18 12.12
N GLU B 1118 45.86 2.08 13.09
CA GLU B 1118 44.80 3.04 13.42
C GLU B 1118 44.54 3.99 12.26
N ARG B 1119 45.62 4.56 11.72
CA ARG B 1119 45.52 5.48 10.59
C ARG B 1119 45.01 4.76 9.35
N LYS B 1120 45.28 3.46 9.22
CA LYS B 1120 44.70 2.71 8.11
C LYS B 1120 43.22 2.43 8.33
N LEU B 1121 42.84 2.14 9.57
CA LEU B 1121 41.48 1.75 9.89
C LEU B 1121 40.52 2.90 9.70
N LEU B 1122 40.94 4.12 10.04
CA LEU B 1122 40.07 5.27 9.87
C LEU B 1122 39.82 5.57 8.40
N THR B 1123 40.83 5.35 7.55
CA THR B 1123 40.62 5.44 6.10
C THR B 1123 39.63 4.38 5.63
N TRP B 1124 39.78 3.15 6.15
CA TRP B 1124 38.89 2.06 5.74
C TRP B 1124 37.44 2.35 6.08
N GLU B 1125 37.19 2.99 7.22
CA GLU B 1125 35.79 3.30 7.51
C GLU B 1125 35.31 4.56 6.81
N SER B 1126 36.20 5.52 6.57
CA SER B 1126 35.78 6.76 5.91
C SER B 1126 35.36 6.53 4.47
N VAL B 1127 35.97 5.54 3.82
CA VAL B 1127 35.54 5.14 2.48
C VAL B 1127 34.10 4.66 2.49
N HIS B 1128 33.75 3.83 3.47
CA HIS B 1128 32.37 3.35 3.55
C HIS B 1128 31.39 4.45 3.90
N LYS B 1129 31.80 5.42 4.72
CA LYS B 1129 30.89 6.51 5.07
C LYS B 1129 30.59 7.39 3.86
N GLU B 1130 31.64 7.76 3.11
CA GLU B 1130 31.45 8.55 1.92
C GLU B 1130 30.74 7.79 0.82
N ASN B 1131 30.78 6.45 0.85
CA ASN B 1131 29.98 5.71 -0.11
C ASN B 1131 28.51 5.67 0.29
N PHE B 1132 28.26 5.55 1.60
CA PHE B 1132 26.92 5.40 2.12
C PHE B 1132 26.07 6.65 1.90
N LEU B 1133 26.63 7.82 2.18
CA LEU B 1133 25.85 9.05 2.01
C LEU B 1133 25.49 9.31 0.55
N LEU B 1134 26.44 9.04 -0.35
CA LEU B 1134 26.19 9.22 -1.77
C LEU B 1134 25.15 8.24 -2.28
N ALA B 1135 25.17 7.01 -1.76
CA ALA B 1135 24.16 6.03 -2.17
C ALA B 1135 22.76 6.46 -1.74
N ARG B 1136 22.63 6.97 -0.51
CA ARG B 1136 21.32 7.42 -0.04
C ARG B 1136 20.83 8.63 -0.83
N ALA B 1137 21.73 9.55 -1.15
CA ALA B 1137 21.33 10.74 -1.90
C ALA B 1137 20.90 10.41 -3.32
N ARG B 1138 21.60 9.48 -3.97
CA ARG B 1138 21.19 9.11 -5.32
C ARG B 1138 19.89 8.31 -5.31
N ASP B 1139 19.66 7.52 -4.26
CA ASP B 1139 18.39 6.79 -4.16
C ASP B 1139 17.23 7.76 -3.97
N LYS B 1140 17.46 8.86 -3.26
CA LYS B 1140 16.39 9.85 -3.16
C LYS B 1140 16.22 10.60 -4.48
N ARG B 1141 17.32 10.85 -5.17
CA ARG B 1141 17.31 11.56 -6.44
C ARG B 1141 16.56 10.86 -7.58
N GLU B 1142 16.71 9.54 -7.66
CA GLU B 1142 16.11 8.77 -8.75
C GLU B 1142 14.83 8.07 -8.33
N SER B 1143 14.04 8.69 -7.47
CA SER B 1143 12.78 8.10 -7.03
C SER B 1143 11.70 8.34 -8.08
N ASP B 1144 10.45 8.12 -7.71
CA ASP B 1144 9.34 8.30 -8.63
C ASP B 1144 8.42 9.43 -8.20
N SER B 1145 8.95 10.40 -7.47
CA SER B 1145 8.21 11.60 -7.15
C SER B 1145 8.99 12.86 -7.44
N GLU B 1146 10.28 12.75 -7.76
CA GLU B 1146 11.08 13.89 -8.14
C GLU B 1146 11.24 14.03 -9.63
N ARG B 1147 11.07 12.92 -10.36
CA ARG B 1147 10.90 12.97 -11.81
C ARG B 1147 9.79 13.93 -12.18
N LEU B 1148 8.68 13.85 -11.46
CA LEU B 1148 7.52 14.68 -11.75
C LEU B 1148 7.81 16.15 -11.50
N LYS B 1149 8.62 16.42 -10.47
CA LYS B 1149 8.94 17.80 -10.16
C LYS B 1149 9.89 18.39 -11.19
N ARG B 1150 10.88 17.62 -11.63
CA ARG B 1150 11.78 18.15 -12.65
C ARG B 1150 11.09 18.28 -14.00
N THR B 1151 10.15 17.40 -14.32
CA THR B 1151 9.41 17.61 -15.56
C THR B 1151 8.49 18.80 -15.47
N SER B 1152 7.94 19.09 -14.29
CA SER B 1152 7.15 20.31 -14.12
C SER B 1152 8.00 21.55 -14.36
N GLN B 1153 9.22 21.56 -13.81
CA GLN B 1153 10.08 22.72 -14.01
C GLN B 1153 10.53 22.86 -15.46
N LYS B 1154 10.80 21.75 -16.13
CA LYS B 1154 11.24 21.85 -17.52
C LYS B 1154 10.11 22.28 -18.44
N VAL B 1155 8.88 21.84 -18.16
CA VAL B 1155 7.75 22.28 -18.98
C VAL B 1155 7.49 23.77 -18.76
N ASP B 1156 7.68 24.25 -17.53
CA ASP B 1156 7.54 25.69 -17.29
C ASP B 1156 8.61 26.49 -18.01
N LEU B 1157 9.86 26.01 -18.01
CA LEU B 1157 10.93 26.68 -18.75
C LEU B 1157 10.65 26.69 -20.25
N ALA B 1158 10.16 25.57 -20.78
CA ALA B 1158 9.86 25.50 -22.21
C ALA B 1158 8.73 26.44 -22.59
N LEU B 1159 7.73 26.57 -21.73
CA LEU B 1159 6.63 27.48 -22.01
C LEU B 1159 7.11 28.93 -21.96
N LYS B 1160 7.99 29.26 -21.02
CA LYS B 1160 8.51 30.62 -20.93
C LYS B 1160 9.36 30.96 -22.15
N GLN B 1161 10.17 30.02 -22.63
CA GLN B 1161 10.96 30.30 -23.83
C GLN B 1161 10.08 30.33 -25.08
N LEU B 1162 8.99 29.56 -25.11
CA LEU B 1162 8.05 29.65 -26.22
C LEU B 1162 7.30 30.97 -26.23
N GLY B 1163 7.17 31.62 -25.06
CA GLY B 1163 6.51 32.92 -25.00
C GLY B 1163 7.21 34.04 -25.74
N HIS B 1164 8.49 33.88 -26.09
CA HIS B 1164 9.17 34.92 -26.84
C HIS B 1164 8.93 34.86 -28.33
N ILE B 1165 8.58 33.70 -28.86
CA ILE B 1165 8.54 33.52 -30.31
C ILE B 1165 7.36 34.25 -30.96
N ARG B 1166 6.31 34.55 -30.20
CA ARG B 1166 5.03 34.89 -30.81
C ARG B 1166 5.02 36.27 -31.46
N GLU B 1167 5.61 37.27 -30.80
CA GLU B 1167 5.52 38.65 -31.30
C GLU B 1167 6.41 38.91 -32.49
N TYR B 1168 7.41 38.05 -32.74
CA TYR B 1168 8.31 38.25 -33.85
C TYR B 1168 7.61 38.10 -35.18
N GLU B 1169 6.62 37.21 -35.26
CA GLU B 1169 5.87 37.05 -36.51
C GLU B 1169 5.04 38.30 -36.81
N GLN B 1170 4.48 38.92 -35.78
CA GLN B 1170 3.70 40.15 -35.97
C GLN B 1170 4.58 41.31 -36.43
N ARG B 1171 5.69 41.55 -35.71
CA ARG B 1171 6.55 42.67 -36.11
C ARG B 1171 7.24 42.41 -37.44
N LEU B 1172 7.55 41.14 -37.75
CA LEU B 1172 8.23 40.86 -39.00
C LEU B 1172 7.26 40.92 -40.18
N LYS B 1173 5.99 40.56 -39.97
CA LYS B 1173 4.98 40.76 -41.00
C LYS B 1173 4.74 42.25 -41.25
N VAL B 1174 4.78 43.07 -40.18
CA VAL B 1174 4.62 44.51 -40.34
C VAL B 1174 5.80 45.11 -41.11
N LEU B 1175 7.02 44.67 -40.80
CA LEU B 1175 8.19 45.18 -41.50
C LEU B 1175 8.25 44.72 -42.96
N GLU B 1176 7.81 43.49 -43.25
CA GLU B 1176 7.74 43.05 -44.64
C GLU B 1176 6.66 43.79 -45.40
N ARG B 1177 5.54 44.14 -44.74
CA ARG B 1177 4.54 44.97 -45.38
C ARG B 1177 5.07 46.36 -45.68
N GLU B 1178 5.89 46.91 -44.77
CA GLU B 1178 6.48 48.23 -45.01
C GLU B 1178 7.48 48.18 -46.16
N VAL B 1179 8.26 47.11 -46.26
CA VAL B 1179 9.23 46.98 -47.36
C VAL B 1179 8.50 46.79 -48.68
N GLN B 1180 7.38 46.05 -48.67
CA GLN B 1180 6.57 45.90 -49.88
C GLN B 1180 5.96 47.23 -50.31
N GLN B 1181 5.50 48.03 -49.35
CA GLN B 1181 4.92 49.33 -49.66
C GLN B 1181 5.97 50.29 -50.20
N CYS B 1182 7.18 50.25 -49.63
CA CYS B 1182 8.27 51.09 -50.12
C CYS B 1182 8.71 50.68 -51.52
N SER B 1183 8.71 49.37 -51.80
CA SER B 1183 9.03 48.91 -53.15
C SER B 1183 7.97 49.33 -54.15
N ARG B 1184 6.69 49.29 -53.74
CA ARG B 1184 5.61 49.73 -54.61
C ARG B 1184 5.68 51.24 -54.87
N VAL B 1185 6.04 52.03 -53.86
CA VAL B 1185 6.13 53.48 -54.02
C VAL B 1185 7.35 53.85 -54.87
N LEU B 1186 8.47 53.14 -54.70
CA LEU B 1186 9.65 53.43 -55.51
C LEU B 1186 9.46 53.01 -56.96
N GLY B 1187 8.80 51.87 -57.18
CA GLY B 1187 8.42 51.49 -58.53
C GLY B 1187 7.41 52.44 -59.14
N TRP B 1188 6.53 53.02 -58.31
CA TRP B 1188 5.60 54.04 -58.79
C TRP B 1188 6.33 55.29 -59.24
N VAL B 1189 7.26 55.79 -58.43
CA VAL B 1189 7.97 57.02 -58.78
C VAL B 1189 8.95 56.79 -59.91
N ALA B 1190 9.40 55.55 -60.11
CA ALA B 1190 10.30 55.26 -61.21
C ALA B 1190 9.55 55.07 -62.52
N GLU B 1191 8.69 54.06 -62.59
CA GLU B 1191 8.06 53.65 -63.85
C GLU B 1191 6.56 53.92 -63.85
N ALA B 1192 6.13 54.93 -63.09
CA ALA B 1192 4.74 55.36 -63.13
C ALA B 1192 4.60 56.87 -63.00
N LEU B 1193 5.68 57.63 -63.13
CA LEU B 1193 5.62 59.08 -63.04
C LEU B 1193 6.73 59.72 -63.86
N GLU C 7 -52.68 7.41 -17.40
CA GLU C 7 -51.97 8.27 -16.46
C GLU C 7 -52.70 9.60 -16.29
N GLN C 8 -52.11 10.68 -16.76
CA GLN C 8 -52.79 11.97 -16.71
C GLN C 8 -53.88 12.02 -17.77
N SER C 9 -54.90 12.83 -17.51
CA SER C 9 -56.01 12.94 -18.45
C SER C 9 -56.52 14.35 -18.63
N TRP C 10 -55.88 15.34 -18.02
CA TRP C 10 -56.26 16.73 -18.20
C TRP C 10 -55.73 17.32 -19.51
N ILE C 11 -54.81 16.59 -20.17
CA ILE C 11 -54.30 17.01 -21.46
C ILE C 11 -55.38 17.07 -22.55
N PRO C 12 -56.24 16.05 -22.74
CA PRO C 12 -57.36 16.27 -23.67
C PRO C 12 -58.50 17.06 -23.09
N LYS C 13 -58.40 17.52 -21.85
CA LYS C 13 -59.40 18.42 -21.32
C LYS C 13 -59.11 19.87 -21.67
N ILE C 14 -57.84 20.29 -21.59
CA ILE C 14 -57.53 21.69 -21.84
C ILE C 14 -57.14 21.95 -23.29
N PHE C 15 -56.10 21.26 -23.76
CA PHE C 15 -55.55 21.51 -25.08
C PHE C 15 -56.48 21.01 -26.18
N LYS C 16 -56.65 21.81 -27.21
CA LYS C 16 -57.63 21.55 -28.25
C LYS C 16 -56.91 21.36 -29.59
N LYS C 17 -57.68 20.97 -30.60
CA LYS C 17 -57.18 20.93 -31.97
C LYS C 17 -58.31 21.30 -32.91
N LYS C 18 -58.00 21.34 -34.20
CA LYS C 18 -58.89 21.86 -35.21
C LYS C 18 -58.84 21.00 -36.46
N THR C 19 -59.95 21.00 -37.20
CA THR C 19 -60.12 20.20 -38.40
C THR C 19 -60.57 21.07 -39.57
N CYS C 20 -60.92 20.45 -40.70
CA CYS C 20 -61.39 21.20 -41.86
C CYS C 20 -62.90 21.42 -41.80
N HIS C 66 -64.26 28.85 -40.15
CA HIS C 66 -63.89 27.94 -41.23
C HIS C 66 -63.38 26.63 -40.67
N THR C 67 -63.43 26.49 -39.35
CA THR C 67 -62.96 25.28 -38.68
C THR C 67 -63.66 25.15 -37.34
N THR C 68 -63.35 24.06 -36.64
CA THR C 68 -63.98 23.74 -35.36
C THR C 68 -62.91 23.50 -34.30
N GLU C 69 -63.35 23.10 -33.11
CA GLU C 69 -62.46 22.80 -32.00
C GLU C 69 -62.88 21.49 -31.35
N LYS C 70 -61.91 20.63 -31.09
CA LYS C 70 -62.14 19.32 -30.52
C LYS C 70 -61.07 19.01 -29.49
N PRO C 71 -61.30 18.04 -28.61
CA PRO C 71 -60.20 17.54 -27.77
C PRO C 71 -59.12 16.87 -28.60
N THR C 72 -57.97 16.69 -27.97
CA THR C 72 -56.72 16.41 -28.66
C THR C 72 -56.31 14.96 -28.43
N ASP C 73 -56.02 14.27 -29.51
CA ASP C 73 -55.46 12.93 -29.42
C ASP C 73 -53.96 13.01 -29.68
N ALA C 74 -53.33 11.84 -29.82
CA ALA C 74 -51.96 11.65 -30.28
C ALA C 74 -50.95 12.35 -29.36
N TYR C 75 -50.86 11.83 -28.14
CA TYR C 75 -49.87 12.38 -27.24
C TYR C 75 -49.33 11.27 -26.35
N GLY C 76 -48.11 11.49 -25.85
CA GLY C 76 -47.45 10.54 -24.98
C GLY C 76 -45.95 10.59 -25.15
N GLU C 77 -45.25 9.57 -24.70
CA GLU C 77 -43.81 9.49 -24.91
C GLU C 77 -43.52 8.79 -26.23
N LEU C 78 -42.32 9.02 -26.74
CA LEU C 78 -41.86 8.45 -28.00
C LEU C 78 -40.52 7.73 -27.86
N ASP C 79 -40.42 6.54 -28.42
CA ASP C 79 -39.19 5.76 -28.32
C ASP C 79 -38.61 5.31 -29.66
N PHE C 80 -37.30 5.49 -29.83
CA PHE C 80 -36.59 5.08 -31.04
C PHE C 80 -35.76 3.88 -30.61
N THR C 81 -35.88 2.77 -31.34
CA THR C 81 -35.15 1.56 -30.93
C THR C 81 -33.66 1.74 -31.23
N GLY C 82 -33.05 2.60 -30.43
CA GLY C 82 -31.67 2.97 -30.61
C GLY C 82 -30.99 3.13 -29.26
N ALA C 83 -29.72 3.53 -29.32
CA ALA C 83 -28.97 3.77 -28.09
C ALA C 83 -29.36 5.10 -27.46
N GLY C 84 -30.09 5.03 -26.36
CA GLY C 84 -30.55 6.22 -25.66
C GLY C 84 -30.94 5.94 -24.23
N ARG C 85 -30.96 6.97 -23.40
CA ARG C 85 -31.35 6.82 -22.00
C ARG C 85 -32.78 7.26 -21.67
N LYS C 86 -33.51 7.75 -22.67
CA LYS C 86 -34.87 8.21 -22.42
C LYS C 86 -35.82 8.21 -23.62
N HIS C 87 -37.12 8.31 -23.32
CA HIS C 87 -38.17 8.35 -24.32
C HIS C 87 -38.55 9.82 -24.42
N SER C 88 -38.63 10.36 -25.63
CA SER C 88 -38.91 11.78 -25.80
C SER C 88 -40.40 12.07 -25.83
N ASN C 89 -40.80 13.26 -25.36
CA ASN C 89 -42.20 13.62 -25.27
C ASN C 89 -42.63 14.38 -26.50
N PHE C 90 -43.92 14.25 -26.82
CA PHE C 90 -44.50 14.99 -27.93
C PHE C 90 -45.93 15.36 -27.59
N LEU C 91 -46.39 16.43 -28.21
CA LEU C 91 -47.76 16.88 -28.01
C LEU C 91 -48.25 17.60 -29.25
N ARG C 92 -49.43 17.22 -29.73
CA ARG C 92 -50.12 17.96 -30.77
C ARG C 92 -50.92 19.06 -30.11
N LEU C 93 -50.81 20.28 -30.62
CA LEU C 93 -51.62 21.34 -30.02
C LEU C 93 -51.96 22.37 -31.09
N SER C 94 -53.06 23.06 -30.85
CA SER C 94 -53.59 24.00 -31.80
C SER C 94 -52.97 25.37 -31.62
N ASP C 95 -52.94 26.10 -32.73
CA ASP C 95 -52.46 27.48 -32.72
C ASP C 95 -53.47 28.36 -31.99
N ARG C 96 -53.00 29.56 -31.62
CA ARG C 96 -53.73 30.55 -30.83
C ARG C 96 -54.16 29.96 -29.48
N THR C 97 -53.16 29.48 -28.76
CA THR C 97 -53.32 29.00 -27.40
C THR C 97 -52.41 29.84 -26.50
N ASP C 98 -52.84 30.05 -25.27
CA ASP C 98 -52.04 30.81 -24.32
C ASP C 98 -50.80 30.01 -23.94
N PRO C 99 -49.59 30.51 -24.21
CA PRO C 99 -48.39 29.70 -23.99
C PRO C 99 -48.00 29.56 -22.53
N ALA C 100 -48.70 30.25 -21.62
CA ALA C 100 -48.45 30.05 -20.20
C ALA C 100 -48.79 28.62 -19.79
N ALA C 101 -49.82 28.06 -20.42
CA ALA C 101 -50.18 26.68 -20.14
C ALA C 101 -49.12 25.70 -20.61
N VAL C 102 -48.53 25.94 -21.79
CA VAL C 102 -47.56 24.98 -22.27
C VAL C 102 -46.23 25.14 -21.53
N TYR C 103 -45.91 26.35 -21.07
CA TYR C 103 -44.73 26.52 -20.24
C TYR C 103 -44.90 25.84 -18.89
N SER C 104 -46.11 25.95 -18.31
CA SER C 104 -46.39 25.25 -17.06
C SER C 104 -46.38 23.75 -17.25
N LEU C 105 -46.79 23.27 -18.42
CA LEU C 105 -46.71 21.86 -18.73
C LEU C 105 -45.26 21.38 -18.78
N VAL C 106 -44.39 22.13 -19.46
CA VAL C 106 -43.02 21.67 -19.63
C VAL C 106 -42.24 21.77 -18.33
N THR C 107 -42.51 22.80 -17.53
CA THR C 107 -41.80 22.93 -16.28
C THR C 107 -42.30 21.94 -15.23
N ARG C 108 -43.63 21.84 -15.07
CA ARG C 108 -44.18 21.11 -13.93
C ARG C 108 -44.27 19.61 -14.18
N THR C 109 -45.01 19.20 -15.21
CA THR C 109 -45.36 17.79 -15.37
C THR C 109 -44.18 16.97 -15.84
N TRP C 110 -43.67 17.27 -17.03
CA TRP C 110 -42.46 16.64 -17.51
C TRP C 110 -41.28 17.11 -16.67
N GLY C 111 -40.22 16.31 -16.66
CA GLY C 111 -39.17 16.55 -15.70
C GLY C 111 -38.12 17.58 -16.05
N PHE C 112 -38.46 18.60 -16.82
CA PHE C 112 -37.45 19.55 -17.25
C PHE C 112 -37.27 20.65 -16.22
N ARG C 113 -36.03 21.09 -16.07
CA ARG C 113 -35.68 22.20 -15.21
C ARG C 113 -35.90 23.50 -15.95
N ALA C 114 -36.17 24.56 -15.20
CA ALA C 114 -36.40 25.86 -15.81
C ALA C 114 -35.11 26.38 -16.40
N PRO C 115 -35.15 26.97 -17.58
CA PRO C 115 -33.91 27.29 -18.30
C PRO C 115 -33.27 28.58 -17.80
N ASN C 116 -32.00 28.72 -18.14
CA ASN C 116 -31.24 29.95 -17.90
C ASN C 116 -30.97 30.76 -19.14
N LEU C 117 -30.98 30.14 -20.32
CA LEU C 117 -30.61 30.85 -21.54
C LEU C 117 -31.31 30.19 -22.72
N VAL C 118 -31.97 30.99 -23.54
CA VAL C 118 -32.69 30.48 -24.70
C VAL C 118 -32.10 31.12 -25.94
N VAL C 119 -31.31 30.36 -26.69
CA VAL C 119 -30.87 30.77 -28.00
C VAL C 119 -31.79 30.12 -29.01
N SER C 120 -31.89 30.72 -30.19
CA SER C 120 -32.77 30.15 -31.20
C SER C 120 -32.09 30.24 -32.56
N VAL C 121 -31.65 29.08 -33.05
CA VAL C 121 -31.07 29.00 -34.39
C VAL C 121 -32.18 29.18 -35.41
N LEU C 122 -32.02 30.17 -36.27
CA LEU C 122 -33.14 30.46 -37.18
C LEU C 122 -32.57 30.84 -38.55
N GLY C 123 -32.44 29.85 -39.41
CA GLY C 123 -31.90 30.10 -40.73
C GLY C 123 -32.22 28.95 -41.67
N GLY C 124 -31.93 29.18 -42.95
CA GLY C 124 -32.04 28.14 -43.93
C GLY C 124 -30.91 28.15 -44.93
N SER C 125 -30.15 27.06 -45.00
CA SER C 125 -29.10 26.94 -46.01
C SER C 125 -29.60 26.30 -47.30
N GLY C 126 -30.81 25.74 -47.30
CA GLY C 126 -31.34 25.03 -48.44
C GLY C 126 -30.99 23.56 -48.51
N GLY C 127 -30.08 23.07 -47.68
CA GLY C 127 -29.70 21.67 -47.68
C GLY C 127 -28.48 21.11 -48.41
N PRO C 128 -27.50 21.89 -48.89
CA PRO C 128 -26.22 21.26 -49.21
C PRO C 128 -25.37 21.07 -47.97
N VAL C 129 -24.20 20.45 -48.16
CA VAL C 129 -23.25 20.36 -47.08
C VAL C 129 -22.57 21.70 -46.89
N LEU C 130 -22.46 22.14 -45.65
CA LEU C 130 -21.90 23.45 -45.32
C LEU C 130 -20.38 23.38 -45.28
N GLN C 131 -19.74 24.53 -45.49
CA GLN C 131 -18.29 24.59 -45.41
C GLN C 131 -17.83 24.43 -43.97
N THR C 132 -16.54 24.12 -43.82
CA THR C 132 -16.06 23.45 -42.62
C THR C 132 -16.05 24.34 -41.38
N TRP C 133 -15.80 25.64 -41.55
CA TRP C 133 -15.74 26.47 -40.35
C TRP C 133 -17.11 26.77 -39.76
N LEU C 134 -18.18 26.64 -40.55
CA LEU C 134 -19.51 26.69 -39.96
C LEU C 134 -19.77 25.45 -39.11
N GLN C 135 -19.29 24.29 -39.55
CA GLN C 135 -19.37 23.09 -38.74
C GLN C 135 -18.54 23.24 -37.47
N ASP C 136 -17.40 23.90 -37.57
CA ASP C 136 -16.58 24.17 -36.38
C ASP C 136 -17.30 25.12 -35.43
N LEU C 137 -18.02 26.10 -35.96
CA LEU C 137 -18.73 27.05 -35.12
C LEU C 137 -19.88 26.37 -34.38
N LEU C 138 -20.72 25.62 -35.10
CA LEU C 138 -21.81 24.95 -34.42
C LEU C 138 -21.37 23.76 -33.58
N ARG C 139 -20.15 23.29 -33.82
CA ARG C 139 -19.57 22.18 -33.07
C ARG C 139 -18.75 22.63 -31.85
N ARG C 140 -18.44 23.93 -31.76
CA ARG C 140 -17.69 24.45 -30.64
C ARG C 140 -18.44 25.49 -29.82
N GLY C 141 -19.19 26.37 -30.45
CA GLY C 141 -19.78 27.50 -29.75
C GLY C 141 -21.19 27.31 -29.23
N LEU C 142 -22.05 26.62 -29.96
CA LEU C 142 -23.43 26.47 -29.54
C LEU C 142 -23.73 25.15 -28.88
N VAL C 143 -22.72 24.36 -28.55
CA VAL C 143 -22.92 23.13 -27.81
C VAL C 143 -22.15 23.15 -26.50
N ARG C 144 -20.90 23.59 -26.55
CA ARG C 144 -20.10 23.69 -25.33
C ARG C 144 -20.67 24.74 -24.39
N ALA C 145 -21.05 25.89 -24.93
CA ALA C 145 -21.71 26.90 -24.11
C ALA C 145 -23.10 26.44 -23.69
N ALA C 146 -23.73 25.59 -24.48
CA ALA C 146 -25.10 25.20 -24.20
C ALA C 146 -25.19 24.07 -23.18
N GLN C 147 -24.12 23.34 -22.91
CA GLN C 147 -24.14 22.45 -21.76
C GLN C 147 -23.32 22.98 -20.59
N SER C 148 -22.56 24.05 -20.79
CA SER C 148 -21.94 24.68 -19.64
C SER C 148 -22.99 25.32 -18.74
N THR C 149 -23.71 26.29 -19.27
CA THR C 149 -24.88 26.80 -18.60
C THR C 149 -26.07 25.93 -18.98
N GLY C 150 -27.01 25.77 -18.07
CA GLY C 150 -28.20 25.02 -18.39
C GLY C 150 -29.05 25.80 -19.35
N ALA C 151 -29.09 25.38 -20.62
CA ALA C 151 -29.69 26.18 -21.65
C ALA C 151 -30.58 25.33 -22.54
N TRP C 152 -31.34 26.00 -23.39
CA TRP C 152 -32.19 25.35 -24.37
C TRP C 152 -31.76 25.76 -25.77
N ILE C 153 -32.20 24.96 -26.74
CA ILE C 153 -32.01 25.28 -28.16
C ILE C 153 -33.33 25.06 -28.85
N VAL C 154 -33.94 26.14 -29.33
CA VAL C 154 -35.19 26.07 -30.06
C VAL C 154 -34.87 26.01 -31.54
N THR C 155 -35.33 24.96 -32.20
CA THR C 155 -35.00 24.69 -33.59
C THR C 155 -36.22 24.10 -34.26
N GLY C 156 -36.45 24.45 -35.53
CA GLY C 156 -37.36 23.70 -36.37
C GLY C 156 -36.97 22.24 -36.38
N GLY C 157 -37.77 21.40 -35.73
CA GLY C 157 -37.33 20.09 -35.31
C GLY C 157 -37.43 18.97 -36.31
N LEU C 158 -37.49 19.29 -37.59
CA LEU C 158 -37.65 18.26 -38.61
C LEU C 158 -36.32 17.59 -38.88
N HIS C 159 -36.26 16.83 -39.96
CA HIS C 159 -35.02 16.28 -40.48
C HIS C 159 -34.82 16.86 -41.87
N THR C 160 -33.56 16.93 -42.28
CA THR C 160 -33.10 17.64 -43.50
C THR C 160 -33.61 19.07 -43.52
N GLY C 161 -33.18 19.82 -42.53
CA GLY C 161 -33.37 21.26 -42.51
C GLY C 161 -32.09 21.87 -42.03
N ILE C 162 -32.16 23.03 -41.37
CA ILE C 162 -30.98 23.53 -40.70
C ILE C 162 -30.68 22.71 -39.47
N GLY C 163 -31.70 22.11 -38.86
CA GLY C 163 -31.54 21.43 -37.60
C GLY C 163 -30.83 20.11 -37.70
N ARG C 164 -30.66 19.58 -38.91
CA ARG C 164 -29.93 18.33 -39.06
C ARG C 164 -28.46 18.53 -38.70
N HIS C 165 -27.89 19.67 -39.07
CA HIS C 165 -26.51 19.98 -38.70
C HIS C 165 -26.39 20.21 -37.20
N VAL C 166 -27.43 20.78 -36.59
CA VAL C 166 -27.45 20.98 -35.16
C VAL C 166 -27.46 19.64 -34.45
N GLY C 167 -28.25 18.70 -34.97
CA GLY C 167 -28.28 17.37 -34.40
C GLY C 167 -26.97 16.64 -34.55
N VAL C 168 -26.30 16.82 -35.69
CA VAL C 168 -24.99 16.23 -35.89
C VAL C 168 -23.99 16.80 -34.89
N ALA C 169 -24.07 18.10 -34.62
CA ALA C 169 -23.16 18.71 -33.67
C ALA C 169 -23.40 18.22 -32.25
N VAL C 170 -24.67 18.10 -31.85
CA VAL C 170 -25.01 17.61 -30.52
C VAL C 170 -24.55 16.16 -30.35
N ARG C 171 -24.82 15.35 -31.36
CA ARG C 171 -24.44 13.94 -31.31
C ARG C 171 -22.94 13.75 -31.24
N ASP C 172 -22.20 14.54 -32.01
CA ASP C 172 -20.75 14.46 -31.99
C ASP C 172 -20.19 14.89 -30.65
N HIS C 173 -20.78 15.93 -30.05
CA HIS C 173 -20.24 16.39 -28.79
C HIS C 173 -20.56 15.44 -27.65
N GLN C 174 -21.68 14.72 -27.73
CA GLN C 174 -21.91 13.68 -26.74
C GLN C 174 -20.97 12.50 -26.94
N MET C 175 -20.73 12.12 -28.20
CA MET C 175 -19.86 10.98 -28.48
C MET C 175 -18.39 11.27 -28.23
N ALA C 176 -18.00 12.54 -28.17
CA ALA C 176 -16.59 12.87 -27.99
C ALA C 176 -16.16 12.68 -26.54
N SER C 177 -16.96 13.18 -25.59
CA SER C 177 -16.61 13.09 -24.19
C SER C 177 -17.88 13.05 -23.35
N THR C 178 -17.71 12.69 -22.08
CA THR C 178 -18.81 12.60 -21.13
C THR C 178 -18.50 13.54 -19.95
N GLY C 179 -19.15 14.70 -19.96
CA GLY C 179 -18.99 15.64 -18.88
C GLY C 179 -20.27 15.84 -18.10
N GLY C 180 -21.27 15.03 -18.43
CA GLY C 180 -22.56 15.10 -17.76
C GLY C 180 -23.41 16.24 -18.26
N THR C 181 -24.68 16.22 -17.81
CA THR C 181 -25.71 17.23 -18.09
C THR C 181 -25.92 17.37 -19.61
N LYS C 182 -26.50 16.31 -20.18
CA LYS C 182 -26.65 16.17 -21.62
C LYS C 182 -27.49 17.30 -22.21
N VAL C 183 -27.20 17.63 -23.47
CA VAL C 183 -27.79 18.81 -24.08
C VAL C 183 -29.24 18.54 -24.45
N VAL C 184 -30.13 19.36 -23.94
CA VAL C 184 -31.53 19.26 -24.25
C VAL C 184 -31.81 20.15 -25.44
N ALA C 185 -32.94 19.90 -26.11
CA ALA C 185 -33.36 20.68 -27.26
C ALA C 185 -34.84 20.43 -27.48
N MET C 186 -35.57 21.47 -27.82
CA MET C 186 -36.95 21.29 -28.20
C MET C 186 -37.09 21.39 -29.70
N GLY C 187 -38.19 20.87 -30.22
CA GLY C 187 -38.47 21.02 -31.62
C GLY C 187 -39.89 21.47 -31.88
N VAL C 188 -40.03 22.64 -32.47
CA VAL C 188 -41.32 23.13 -32.93
C VAL C 188 -41.46 22.73 -34.38
N ALA C 189 -42.56 22.07 -34.72
CA ALA C 189 -42.71 21.63 -36.10
C ALA C 189 -44.17 21.61 -36.47
N PRO C 190 -44.50 21.86 -37.74
CA PRO C 190 -45.91 21.81 -38.15
C PRO C 190 -46.38 20.40 -38.46
N TRP C 191 -47.52 20.04 -37.86
CA TRP C 191 -48.24 18.81 -38.17
C TRP C 191 -48.70 18.85 -39.62
N GLY C 192 -48.14 18.00 -40.46
CA GLY C 192 -48.50 18.07 -41.86
C GLY C 192 -47.36 17.71 -42.79
N VAL C 193 -46.15 17.62 -42.24
CA VAL C 193 -44.99 17.21 -43.01
C VAL C 193 -44.33 15.98 -42.42
N VAL C 194 -44.81 15.49 -41.29
CA VAL C 194 -44.27 14.26 -40.70
C VAL C 194 -44.72 13.07 -41.55
N ARG C 195 -43.79 12.15 -41.80
CA ARG C 195 -43.98 11.13 -42.83
C ARG C 195 -45.06 10.13 -42.45
N ASN C 196 -44.85 9.39 -41.36
CA ASN C 196 -45.75 8.32 -40.98
C ASN C 196 -46.63 8.79 -39.84
N ARG C 197 -47.91 8.97 -40.13
CA ARG C 197 -48.92 9.07 -39.09
C ARG C 197 -49.40 7.67 -38.76
N ASP C 198 -50.54 7.58 -38.07
CA ASP C 198 -51.28 6.35 -37.76
C ASP C 198 -50.49 5.36 -36.91
N THR C 199 -49.35 5.78 -36.37
CA THR C 199 -48.66 5.05 -35.35
C THR C 199 -48.48 5.93 -34.12
N LEU C 200 -49.01 7.13 -34.15
CA LEU C 200 -49.01 8.02 -33.01
C LEU C 200 -50.41 8.33 -32.51
N ILE C 201 -51.42 8.25 -33.36
CA ILE C 201 -52.75 8.74 -33.04
C ILE C 201 -53.58 7.61 -32.43
N ASN C 202 -54.06 7.85 -31.21
CA ASN C 202 -54.91 6.94 -30.46
C ASN C 202 -55.60 7.76 -29.37
N PRO C 203 -56.91 7.59 -29.19
CA PRO C 203 -57.66 8.55 -28.37
C PRO C 203 -57.34 8.47 -26.89
N LYS C 204 -56.86 7.33 -26.40
CA LYS C 204 -56.37 7.27 -25.04
C LYS C 204 -54.91 7.68 -24.98
N GLY C 205 -54.13 7.25 -25.96
CA GLY C 205 -52.74 7.61 -26.04
C GLY C 205 -51.82 6.43 -25.78
N SER C 206 -50.67 6.46 -26.43
CA SER C 206 -49.70 5.37 -26.37
C SER C 206 -48.49 5.84 -25.59
N PHE C 207 -48.15 5.13 -24.53
CA PHE C 207 -47.03 5.57 -23.72
C PHE C 207 -45.68 5.13 -24.29
N PRO C 208 -45.47 3.90 -24.77
CA PRO C 208 -44.41 3.75 -25.77
C PRO C 208 -45.02 3.83 -27.15
N ALA C 209 -44.25 4.26 -28.14
CA ALA C 209 -44.71 4.26 -29.51
C ALA C 209 -43.56 3.90 -30.43
N ARG C 210 -43.60 2.71 -31.00
CA ARG C 210 -42.60 2.32 -31.98
C ARG C 210 -42.80 3.11 -33.26
N TYR C 211 -41.69 3.53 -33.87
CA TYR C 211 -41.73 4.49 -34.96
C TYR C 211 -40.96 3.94 -36.14
N ARG C 212 -41.50 4.15 -37.34
CA ARG C 212 -40.96 3.57 -38.57
C ARG C 212 -40.67 4.67 -39.58
N TRP C 213 -39.46 4.69 -40.13
CA TRP C 213 -39.17 5.65 -41.17
C TRP C 213 -39.64 5.14 -42.53
N ARG C 214 -39.22 3.94 -42.89
CA ARG C 214 -39.61 3.34 -44.16
C ARG C 214 -40.76 2.36 -43.98
N GLY C 215 -41.63 2.29 -44.99
CA GLY C 215 -42.77 1.40 -44.95
C GLY C 215 -43.71 1.61 -46.11
N VAL C 221 -44.78 16.16 -50.50
CA VAL C 221 -43.61 16.56 -49.72
C VAL C 221 -43.78 16.11 -48.27
N GLN C 222 -42.88 15.27 -47.79
CA GLN C 222 -42.90 14.81 -46.42
C GLN C 222 -41.48 14.75 -45.88
N PHE C 223 -41.37 14.55 -44.58
CA PHE C 223 -40.11 14.52 -43.87
C PHE C 223 -40.24 13.62 -42.67
N PRO C 224 -39.16 13.01 -42.20
CA PRO C 224 -39.19 12.26 -40.95
C PRO C 224 -38.79 13.16 -39.78
N LEU C 225 -38.98 12.64 -38.58
CA LEU C 225 -38.54 13.34 -37.38
C LEU C 225 -37.12 12.93 -37.02
N ASP C 226 -36.34 13.90 -36.57
CA ASP C 226 -34.97 13.62 -36.24
C ASP C 226 -34.89 12.84 -34.94
N TYR C 227 -33.80 12.10 -34.77
CA TYR C 227 -33.60 11.34 -33.54
C TYR C 227 -32.41 11.95 -32.80
N ASN C 228 -32.60 13.13 -32.28
CA ASN C 228 -31.63 13.61 -31.32
C ASN C 228 -32.26 14.45 -30.23
N TYR C 229 -33.56 14.69 -30.29
CA TYR C 229 -34.18 15.72 -29.50
C TYR C 229 -34.82 15.13 -28.27
N SER C 230 -35.51 15.98 -27.52
CA SER C 230 -36.15 15.53 -26.30
C SER C 230 -37.56 16.07 -26.13
N ALA C 231 -38.06 16.89 -27.06
CA ALA C 231 -39.41 17.41 -26.95
C ALA C 231 -39.89 17.79 -28.33
N PHE C 232 -41.16 17.50 -28.60
CA PHE C 232 -41.73 17.73 -29.93
C PHE C 232 -43.08 18.41 -29.79
N PHE C 233 -43.12 19.71 -30.01
CA PHE C 233 -44.38 20.41 -30.15
C PHE C 233 -44.79 20.32 -31.61
N LEU C 234 -46.00 19.87 -31.84
CA LEU C 234 -46.51 19.79 -33.20
C LEU C 234 -47.66 20.78 -33.30
N VAL C 235 -47.38 21.90 -33.91
CA VAL C 235 -48.40 22.90 -34.17
C VAL C 235 -49.23 22.41 -35.33
N ASP C 236 -50.53 22.64 -35.27
CA ASP C 236 -51.38 22.30 -36.39
C ASP C 236 -52.20 23.51 -36.82
N ASP C 237 -52.40 23.66 -38.12
CA ASP C 237 -53.23 24.70 -38.67
C ASP C 237 -54.26 24.19 -39.65
N GLY C 238 -54.11 22.98 -40.15
CA GLY C 238 -55.08 22.36 -41.02
C GLY C 238 -54.65 22.49 -42.46
N THR C 239 -53.97 21.46 -42.95
CA THR C 239 -53.34 21.41 -44.27
C THR C 239 -52.74 20.03 -44.48
N HIS C 240 -52.10 19.82 -45.62
CA HIS C 240 -51.36 18.59 -45.86
C HIS C 240 -50.11 18.95 -46.66
N GLY C 241 -49.01 19.20 -45.95
CA GLY C 241 -47.75 19.45 -46.61
C GLY C 241 -47.42 20.89 -46.92
N CYS C 242 -47.78 21.82 -46.04
CA CYS C 242 -47.45 23.23 -46.22
C CYS C 242 -46.27 23.56 -45.32
N LEU C 243 -45.06 23.50 -45.88
CA LEU C 243 -43.86 23.85 -45.13
C LEU C 243 -43.79 25.36 -44.96
N GLY C 244 -43.33 25.79 -43.78
CA GLY C 244 -43.33 27.20 -43.44
C GLY C 244 -44.73 27.75 -43.25
N GLY C 245 -45.45 27.22 -42.27
CA GLY C 245 -46.84 27.58 -42.06
C GLY C 245 -47.20 27.93 -40.64
N GLU C 246 -46.21 27.94 -39.74
CA GLU C 246 -46.45 28.36 -38.37
C GLU C 246 -45.24 29.09 -37.83
N ASN C 247 -45.46 30.35 -37.46
CA ASN C 247 -44.42 31.18 -36.83
C ASN C 247 -44.88 31.97 -35.63
N ARG C 248 -46.17 32.33 -35.54
CA ARG C 248 -46.60 33.22 -34.47
C ARG C 248 -46.63 32.53 -33.12
N PHE C 249 -46.86 31.22 -33.11
CA PHE C 249 -46.72 30.43 -31.90
C PHE C 249 -45.28 30.46 -31.40
N ARG C 250 -44.32 30.31 -32.30
CA ARG C 250 -42.92 30.33 -31.94
C ARG C 250 -42.49 31.70 -31.42
N LEU C 251 -42.98 32.76 -32.06
CA LEU C 251 -42.63 34.11 -31.61
C LEU C 251 -43.27 34.43 -30.27
N ARG C 252 -44.51 33.99 -30.04
CA ARG C 252 -45.13 34.27 -28.75
C ARG C 252 -44.53 33.45 -27.63
N LEU C 253 -44.08 32.23 -27.89
CA LEU C 253 -43.38 31.47 -26.86
C LEU C 253 -42.04 32.12 -26.50
N GLU C 254 -41.28 32.48 -27.53
CA GLU C 254 -40.00 33.10 -27.31
C GLU C 254 -40.19 34.38 -26.53
N SER C 255 -41.27 35.10 -26.82
CA SER C 255 -41.49 36.36 -26.13
C SER C 255 -42.02 36.17 -24.72
N TYR C 256 -42.79 35.12 -24.47
CA TYR C 256 -43.32 34.91 -23.13
C TYR C 256 -42.24 34.45 -22.17
N ILE C 257 -41.19 33.79 -22.66
CA ILE C 257 -40.13 33.35 -21.75
C ILE C 257 -39.39 34.54 -21.15
N SER C 258 -39.21 35.60 -21.92
CA SER C 258 -38.40 36.73 -21.45
C SER C 258 -39.13 37.66 -20.48
N GLN C 259 -40.23 37.26 -19.87
CA GLN C 259 -40.90 38.05 -18.84
C GLN C 259 -41.23 37.18 -17.65
N GLN C 260 -40.25 36.41 -17.22
CA GLN C 260 -40.42 35.44 -16.16
C GLN C 260 -39.12 35.36 -15.38
N LYS C 261 -39.20 35.34 -14.06
CA LYS C 261 -37.99 35.44 -13.28
C LYS C 261 -37.27 34.11 -13.21
N THR C 262 -36.02 34.17 -12.79
CA THR C 262 -35.20 32.98 -12.58
C THR C 262 -35.04 32.73 -11.09
N GLY C 263 -34.39 31.63 -10.75
CA GLY C 263 -34.12 31.31 -9.38
C GLY C 263 -35.35 30.81 -8.64
N VAL C 264 -35.19 30.62 -7.33
CA VAL C 264 -36.28 30.08 -6.53
C VAL C 264 -37.32 31.15 -6.26
N GLY C 265 -36.93 32.18 -5.52
CA GLY C 265 -37.80 33.32 -5.36
C GLY C 265 -37.62 34.30 -6.48
N GLY C 266 -38.54 35.26 -6.57
CA GLY C 266 -38.35 36.26 -7.59
C GLY C 266 -37.46 37.35 -7.04
N THR C 267 -36.16 37.19 -7.24
CA THR C 267 -35.16 38.13 -6.75
C THR C 267 -34.26 38.65 -7.86
N GLY C 268 -33.73 37.75 -8.69
CA GLY C 268 -32.69 38.09 -9.63
C GLY C 268 -33.19 38.72 -10.91
N ILE C 269 -32.74 38.18 -12.04
CA ILE C 269 -32.95 38.81 -13.30
C ILE C 269 -34.00 38.05 -14.10
N ASP C 270 -34.43 38.65 -15.19
CA ASP C 270 -35.23 37.99 -16.20
C ASP C 270 -34.34 37.19 -17.14
N ILE C 271 -34.90 36.11 -17.68
CA ILE C 271 -34.12 35.19 -18.52
C ILE C 271 -33.78 35.89 -19.83
N PRO C 272 -32.52 35.89 -20.25
CA PRO C 272 -32.19 36.46 -21.55
C PRO C 272 -32.45 35.48 -22.67
N VAL C 273 -32.81 36.02 -23.83
CA VAL C 273 -33.15 35.22 -25.00
C VAL C 273 -32.55 35.88 -26.23
N LEU C 274 -32.04 35.09 -27.17
CA LEU C 274 -31.44 35.69 -28.34
C LEU C 274 -31.60 34.80 -29.57
N LEU C 275 -31.75 35.46 -30.72
CA LEU C 275 -31.96 34.83 -32.01
C LEU C 275 -30.65 34.88 -32.79
N LEU C 276 -30.16 33.71 -33.19
CA LEU C 276 -28.90 33.59 -33.92
C LEU C 276 -29.21 33.13 -35.32
N LEU C 277 -28.80 33.92 -36.31
CA LEU C 277 -29.06 33.53 -37.69
C LEU C 277 -27.76 33.45 -38.49
N ILE C 278 -27.50 32.27 -39.03
CA ILE C 278 -26.69 32.07 -40.21
C ILE C 278 -27.63 32.26 -41.38
N ASP C 279 -27.08 32.21 -42.61
CA ASP C 279 -27.73 32.41 -43.90
C ASP C 279 -29.14 31.86 -44.00
N GLY C 280 -30.05 32.69 -44.51
CA GLY C 280 -31.42 32.27 -44.71
C GLY C 280 -31.84 32.33 -46.16
N ASP C 281 -32.91 33.06 -46.44
CA ASP C 281 -33.43 33.19 -47.80
C ASP C 281 -34.11 34.56 -47.90
N GLU C 282 -34.93 34.74 -48.92
CA GLU C 282 -35.48 36.05 -49.25
C GLU C 282 -36.67 36.44 -48.40
N LYS C 283 -37.08 35.60 -47.43
CA LYS C 283 -38.18 35.93 -46.55
C LYS C 283 -37.76 35.97 -45.09
N MET C 284 -36.47 35.87 -44.81
CA MET C 284 -36.00 35.85 -43.44
C MET C 284 -35.95 37.24 -42.82
N LEU C 285 -35.93 38.29 -43.65
CA LEU C 285 -35.89 39.65 -43.15
C LEU C 285 -37.19 40.02 -42.45
N THR C 286 -38.30 39.48 -42.92
CA THR C 286 -39.57 39.67 -42.23
C THR C 286 -39.55 39.03 -40.85
N ARG C 287 -38.96 37.85 -40.75
CA ARG C 287 -38.84 37.15 -39.48
C ARG C 287 -37.94 37.92 -38.51
N ILE C 288 -36.92 38.58 -39.05
CA ILE C 288 -36.08 39.45 -38.22
C ILE C 288 -36.88 40.64 -37.71
N GLU C 289 -37.58 41.33 -38.61
CA GLU C 289 -38.17 42.61 -38.27
C GLU C 289 -39.36 42.46 -37.33
N ASN C 290 -40.08 41.32 -37.40
CA ASN C 290 -41.19 41.09 -36.47
C ASN C 290 -40.70 41.05 -35.03
N ALA C 291 -39.69 40.24 -34.76
CA ALA C 291 -39.18 40.08 -33.40
C ALA C 291 -38.51 41.36 -32.92
N THR C 292 -37.62 41.93 -33.73
CA THR C 292 -36.88 43.10 -33.27
C THR C 292 -37.73 44.36 -33.25
N GLN C 293 -38.93 44.33 -33.82
CA GLN C 293 -39.86 45.41 -33.58
C GLN C 293 -40.75 45.15 -32.38
N ALA C 294 -41.13 43.88 -32.17
CA ALA C 294 -42.13 43.60 -31.15
C ALA C 294 -41.54 43.55 -29.75
N GLN C 295 -40.63 42.60 -29.50
CA GLN C 295 -40.44 42.17 -28.12
C GLN C 295 -39.08 42.52 -27.57
N LEU C 296 -38.28 43.27 -28.32
CA LEU C 296 -36.87 43.59 -28.06
C LEU C 296 -36.01 42.40 -27.61
N PRO C 297 -35.81 41.36 -28.41
CA PRO C 297 -34.72 40.43 -28.10
C PRO C 297 -33.45 40.83 -28.83
N CYS C 298 -32.33 40.47 -28.24
CA CYS C 298 -31.05 40.77 -28.87
C CYS C 298 -30.82 39.81 -30.02
N LEU C 299 -30.32 40.33 -31.13
CA LEU C 299 -30.05 39.52 -32.31
C LEU C 299 -28.57 39.22 -32.42
N LEU C 300 -28.25 38.22 -33.25
CA LEU C 300 -26.86 37.98 -33.60
C LEU C 300 -26.81 37.42 -35.01
N VAL C 301 -25.92 38.00 -35.82
CA VAL C 301 -25.81 37.72 -37.24
C VAL C 301 -24.45 37.08 -37.48
N ALA C 302 -24.44 35.82 -37.88
CA ALA C 302 -23.16 35.17 -38.18
C ALA C 302 -22.63 35.69 -39.50
N GLY C 303 -21.38 36.10 -39.52
CA GLY C 303 -20.79 36.62 -40.73
C GLY C 303 -20.56 35.54 -41.77
N SER C 304 -20.37 36.01 -43.01
CA SER C 304 -20.08 35.17 -44.18
C SER C 304 -21.17 34.13 -44.44
N GLY C 305 -22.42 34.58 -44.43
CA GLY C 305 -23.52 33.77 -44.89
C GLY C 305 -23.83 34.07 -46.34
N GLY C 306 -25.11 34.13 -46.69
CA GLY C 306 -25.51 34.52 -48.02
C GLY C 306 -26.81 35.30 -48.10
N ALA C 307 -27.44 35.56 -46.96
CA ALA C 307 -28.67 36.36 -46.94
C ALA C 307 -28.74 37.30 -45.75
N ALA C 308 -27.72 37.33 -44.90
CA ALA C 308 -27.65 38.27 -43.81
C ALA C 308 -26.40 39.14 -43.87
N ASP C 309 -25.49 38.86 -44.81
CA ASP C 309 -24.32 39.71 -44.98
C ASP C 309 -24.68 41.06 -45.57
N CYS C 310 -25.85 41.17 -46.20
CA CYS C 310 -26.40 42.46 -46.57
C CYS C 310 -26.59 43.35 -45.35
N LEU C 311 -27.08 42.77 -44.25
CA LEU C 311 -27.24 43.52 -43.02
C LEU C 311 -25.89 43.88 -42.42
N ALA C 312 -24.89 43.02 -42.59
CA ALA C 312 -23.55 43.32 -42.11
C ALA C 312 -22.94 44.49 -42.88
N GLU C 313 -23.11 44.51 -44.20
CA GLU C 313 -22.58 45.62 -44.99
C GLU C 313 -23.33 46.92 -44.72
N THR C 314 -24.65 46.85 -44.53
CA THR C 314 -25.37 48.08 -44.28
C THR C 314 -25.23 48.56 -42.84
N LEU C 315 -24.76 47.71 -41.92
CA LEU C 315 -24.44 48.17 -40.59
C LEU C 315 -23.00 48.64 -40.48
N GLU C 316 -22.12 48.15 -41.36
CA GLU C 316 -20.73 48.58 -41.32
C GLU C 316 -20.50 49.92 -42.02
N ASP C 317 -21.55 50.63 -42.42
CA ASP C 317 -21.39 51.98 -42.97
C ASP C 317 -20.95 52.96 -41.88
N THR C 318 -21.48 52.79 -40.68
CA THR C 318 -21.13 53.68 -39.58
C THR C 318 -20.01 53.07 -38.75
N ARG C 327 -28.51 54.98 -55.84
CA ARG C 327 -28.37 54.68 -54.42
C ARG C 327 -27.53 53.44 -54.22
N GLN C 328 -26.77 53.42 -53.12
CA GLN C 328 -25.93 52.28 -52.81
C GLN C 328 -26.72 51.10 -52.28
N GLY C 329 -27.95 51.32 -51.81
CA GLY C 329 -28.76 50.22 -51.33
C GLY C 329 -29.16 49.26 -52.44
N GLU C 330 -29.37 49.79 -53.65
CA GLU C 330 -29.60 48.94 -54.80
C GLU C 330 -28.32 48.21 -55.21
N ALA C 331 -27.17 48.82 -54.96
CA ALA C 331 -25.91 48.13 -55.22
C ALA C 331 -25.71 46.99 -54.22
N ARG C 332 -26.20 47.16 -53.00
CA ARG C 332 -26.01 46.14 -51.98
C ARG C 332 -27.03 45.03 -52.08
N ASP C 333 -28.27 45.35 -52.43
CA ASP C 333 -29.35 44.36 -52.47
C ASP C 333 -29.27 43.42 -53.66
N ARG C 334 -28.35 43.65 -54.59
CA ARG C 334 -28.18 42.75 -55.71
C ARG C 334 -26.78 42.14 -55.77
N ILE C 335 -25.90 42.48 -54.83
CA ILE C 335 -24.56 41.94 -54.82
C ILE C 335 -24.36 40.86 -53.76
N ARG C 336 -24.84 41.08 -52.53
CA ARG C 336 -24.64 40.13 -51.44
C ARG C 336 -25.88 39.29 -51.18
N ARG C 337 -26.77 39.17 -52.15
CA ARG C 337 -27.98 38.37 -52.00
C ARG C 337 -28.41 37.92 -53.39
N PHE C 338 -29.60 37.31 -53.45
CA PHE C 338 -30.14 36.89 -54.71
C PHE C 338 -30.53 38.10 -55.54
N PHE C 339 -29.87 38.26 -56.69
CA PHE C 339 -30.08 39.41 -57.55
C PHE C 339 -31.49 39.47 -58.14
N PRO C 340 -32.15 38.35 -58.58
CA PRO C 340 -33.58 38.49 -58.88
C PRO C 340 -34.40 38.51 -57.62
N LYS C 341 -34.80 39.68 -57.19
CA LYS C 341 -35.75 39.81 -56.09
C LYS C 341 -36.84 40.82 -56.38
N GLY C 342 -36.51 41.91 -57.05
CA GLY C 342 -37.45 43.00 -57.25
C GLY C 342 -37.24 44.11 -56.25
N ASP C 343 -36.56 45.17 -56.67
CA ASP C 343 -36.25 46.31 -55.80
C ASP C 343 -37.49 47.17 -55.68
N LEU C 344 -38.39 46.76 -54.83
CA LEU C 344 -39.61 47.53 -54.62
C LEU C 344 -39.84 47.90 -53.17
N GLU C 345 -39.58 46.99 -52.23
CA GLU C 345 -39.80 47.26 -50.82
C GLU C 345 -38.62 46.73 -50.03
N VAL C 346 -37.83 45.86 -50.67
CA VAL C 346 -36.67 45.27 -50.03
C VAL C 346 -35.65 46.35 -49.67
N LEU C 347 -35.44 47.30 -50.57
CA LEU C 347 -34.57 48.43 -50.28
C LEU C 347 -35.16 49.34 -49.22
N GLN C 348 -36.48 49.47 -49.18
CA GLN C 348 -37.11 50.42 -48.27
C GLN C 348 -37.52 49.77 -46.95
N ALA C 349 -38.42 48.79 -47.02
CA ALA C 349 -39.00 48.24 -45.80
C ALA C 349 -38.05 47.28 -45.13
N GLN C 350 -37.65 46.23 -45.83
CA GLN C 350 -36.89 45.13 -45.25
C GLN C 350 -35.43 45.47 -44.98
N VAL C 351 -35.02 46.73 -45.17
CA VAL C 351 -33.76 47.22 -44.63
C VAL C 351 -33.98 48.39 -43.67
N GLU C 352 -34.90 49.30 -44.00
CA GLU C 352 -35.08 50.49 -43.17
C GLU C 352 -35.74 50.16 -41.84
N ARG C 353 -36.64 49.16 -41.81
CA ARG C 353 -37.26 48.77 -40.54
C ARG C 353 -36.25 48.09 -39.62
N ILE C 354 -35.20 47.51 -40.19
CA ILE C 354 -34.14 46.95 -39.38
C ILE C 354 -33.16 48.04 -38.95
N MET C 355 -32.70 48.85 -39.90
CA MET C 355 -31.71 49.87 -39.63
C MET C 355 -32.30 51.15 -39.05
N THR C 356 -33.54 51.11 -38.55
CA THR C 356 -34.05 52.23 -37.77
C THR C 356 -33.59 52.18 -36.32
N ARG C 357 -32.89 51.10 -35.97
CA ARG C 357 -32.28 50.93 -34.66
C ARG C 357 -31.01 50.10 -34.88
N LYS C 358 -29.95 50.35 -34.14
CA LYS C 358 -28.74 49.54 -34.27
C LYS C 358 -28.17 49.12 -32.94
N GLU C 359 -28.79 49.52 -31.82
CA GLU C 359 -28.35 49.06 -30.51
C GLU C 359 -28.69 47.61 -30.25
N LEU C 360 -29.54 47.00 -31.08
CA LEU C 360 -29.95 45.62 -30.91
C LEU C 360 -29.12 44.66 -31.74
N LEU C 361 -28.85 44.98 -32.99
CA LEU C 361 -28.08 44.10 -33.84
C LEU C 361 -26.61 44.14 -33.46
N THR C 362 -25.90 43.06 -33.79
CA THR C 362 -24.49 42.94 -33.43
C THR C 362 -23.82 42.05 -34.47
N VAL C 363 -22.72 42.53 -35.03
CA VAL C 363 -21.97 41.74 -36.00
C VAL C 363 -21.03 40.80 -35.26
N TYR C 364 -21.17 39.51 -35.51
CA TYR C 364 -20.22 38.54 -35.00
C TYR C 364 -18.92 38.63 -35.80
N SER C 365 -17.79 38.50 -35.11
CA SER C 365 -16.51 38.62 -35.76
C SER C 365 -16.22 37.40 -36.62
N SER C 366 -15.84 37.64 -37.87
CA SER C 366 -15.41 36.55 -38.73
C SER C 366 -13.92 36.30 -38.65
N GLU C 367 -13.13 37.31 -38.29
CA GLU C 367 -11.70 37.12 -38.12
C GLU C 367 -11.36 36.51 -36.76
N ASP C 368 -12.22 36.66 -35.77
CA ASP C 368 -12.04 36.05 -34.47
C ASP C 368 -12.99 34.86 -34.37
N GLY C 369 -12.44 33.66 -34.32
CA GLY C 369 -13.24 32.46 -34.42
C GLY C 369 -13.88 32.03 -33.13
N SER C 370 -13.74 30.75 -32.79
CA SER C 370 -14.41 30.17 -31.64
C SER C 370 -13.62 30.46 -30.37
N GLU C 371 -13.98 29.76 -29.29
CA GLU C 371 -13.40 29.86 -27.94
C GLU C 371 -13.51 31.27 -27.36
N GLU C 372 -14.42 32.09 -27.87
CA GLU C 372 -14.71 33.39 -27.29
C GLU C 372 -16.20 33.67 -27.30
N PHE C 373 -17.02 32.63 -27.48
CA PHE C 373 -18.40 32.83 -27.94
C PHE C 373 -19.29 33.41 -26.85
N GLU C 374 -19.21 32.87 -25.65
CA GLU C 374 -20.03 33.40 -24.57
C GLU C 374 -19.59 34.80 -24.14
N THR C 375 -18.33 35.17 -24.40
CA THR C 375 -17.91 36.55 -24.18
C THR C 375 -18.62 37.49 -25.15
N ILE C 376 -18.74 37.09 -26.42
CA ILE C 376 -19.41 37.92 -27.41
C ILE C 376 -20.90 38.01 -27.11
N VAL C 377 -21.49 36.88 -26.69
CA VAL C 377 -22.89 36.84 -26.28
C VAL C 377 -23.13 37.78 -25.11
N LEU C 378 -22.25 37.73 -24.11
CA LEU C 378 -22.39 38.54 -22.92
C LEU C 378 -22.27 40.02 -23.23
N LYS C 379 -21.32 40.37 -24.09
CA LYS C 379 -21.11 41.78 -24.44
C LYS C 379 -22.30 42.32 -25.23
N ALA C 380 -22.79 41.56 -26.21
CA ALA C 380 -23.93 42.02 -27.00
C ALA C 380 -25.20 42.11 -26.16
N LEU C 381 -25.37 41.17 -25.24
CA LEU C 381 -26.56 41.13 -24.42
C LEU C 381 -26.55 42.20 -23.36
N VAL C 382 -25.37 42.64 -22.91
CA VAL C 382 -25.29 43.80 -22.04
C VAL C 382 -25.54 45.08 -22.83
N LYS C 383 -24.92 45.17 -24.02
CA LYS C 383 -24.98 46.39 -24.83
C LYS C 383 -26.40 46.72 -25.26
N ALA C 384 -27.17 45.70 -25.63
CA ALA C 384 -28.53 45.97 -26.10
C ALA C 384 -29.50 46.29 -24.97
N CYS C 385 -29.08 46.17 -23.71
CA CYS C 385 -30.01 46.36 -22.60
C CYS C 385 -30.38 47.83 -22.43
N GLY C 386 -29.44 48.73 -22.67
CA GLY C 386 -29.70 50.14 -22.45
C GLY C 386 -30.35 50.86 -23.61
N SER C 387 -31.44 50.32 -24.13
CA SER C 387 -32.13 50.93 -25.27
C SER C 387 -33.44 51.58 -24.83
N TYR C 393 -32.20 46.39 -13.33
CA TYR C 393 -31.21 46.76 -14.32
C TYR C 393 -30.21 45.63 -14.51
N LEU C 394 -30.07 45.18 -15.76
CA LEU C 394 -29.19 44.05 -16.06
C LEU C 394 -27.74 44.48 -16.07
N ASP C 395 -26.90 43.69 -15.38
CA ASP C 395 -25.47 43.96 -15.29
C ASP C 395 -24.72 42.68 -15.61
N GLU C 396 -23.42 42.66 -15.35
CA GLU C 396 -22.62 41.52 -15.75
C GLU C 396 -22.51 40.47 -14.65
N LEU C 397 -22.32 40.90 -13.40
CA LEU C 397 -22.09 39.93 -12.33
C LEU C 397 -23.34 39.14 -12.02
N ARG C 398 -24.51 39.76 -12.06
CA ARG C 398 -25.74 39.03 -11.78
C ARG C 398 -26.03 38.00 -12.86
N LEU C 399 -25.66 38.31 -14.10
CA LEU C 399 -25.78 37.33 -15.17
C LEU C 399 -24.76 36.22 -15.01
N ALA C 400 -23.60 36.52 -14.42
CA ALA C 400 -22.62 35.45 -14.21
C ALA C 400 -23.05 34.53 -13.08
N VAL C 401 -23.66 35.08 -12.04
CA VAL C 401 -24.14 34.27 -10.92
C VAL C 401 -25.38 33.49 -11.33
N ALA C 402 -26.16 34.02 -12.27
CA ALA C 402 -27.29 33.25 -12.78
C ALA C 402 -26.82 32.05 -13.60
N TRP C 403 -25.67 32.16 -14.25
CA TRP C 403 -25.00 31.01 -14.84
C TRP C 403 -24.14 30.38 -13.75
N ASN C 404 -23.30 29.42 -14.10
CA ASN C 404 -22.45 28.82 -13.09
C ASN C 404 -20.98 29.04 -13.40
N ARG C 405 -20.69 29.86 -14.40
CA ARG C 405 -19.32 30.04 -14.85
C ARG C 405 -18.58 30.92 -13.87
N VAL C 406 -17.39 30.48 -13.46
CA VAL C 406 -16.58 31.22 -12.50
C VAL C 406 -15.58 32.13 -13.21
N ASP C 407 -15.07 31.70 -14.37
CA ASP C 407 -14.03 32.44 -15.07
C ASP C 407 -14.49 33.80 -15.57
N ILE C 408 -15.78 33.97 -15.83
CA ILE C 408 -16.31 35.26 -16.21
C ILE C 408 -16.18 36.24 -15.05
N ALA C 409 -16.52 35.79 -13.84
CA ALA C 409 -16.31 36.61 -12.66
C ALA C 409 -14.83 36.82 -12.37
N GLN C 410 -14.00 35.80 -12.67
CA GLN C 410 -12.54 35.93 -12.53
C GLN C 410 -12.00 37.06 -13.38
N SER C 411 -12.36 37.07 -14.66
CA SER C 411 -11.84 38.07 -15.57
C SER C 411 -12.44 39.44 -15.27
N GLU C 412 -13.72 39.49 -14.94
CA GLU C 412 -14.36 40.76 -14.67
C GLU C 412 -13.83 41.39 -13.39
N LEU C 413 -13.54 40.58 -12.38
CA LEU C 413 -13.04 41.14 -11.13
C LEU C 413 -11.56 41.49 -11.24
N PHE C 414 -10.74 40.60 -11.79
CA PHE C 414 -9.30 40.81 -11.78
C PHE C 414 -8.87 41.78 -12.88
N ARG C 415 -9.69 41.96 -13.91
CA ARG C 415 -9.35 42.90 -14.97
C ARG C 415 -9.42 44.33 -14.46
N GLY C 416 -8.38 45.10 -14.76
CA GLY C 416 -8.26 46.44 -14.25
C GLY C 416 -8.78 47.54 -15.14
N ASP C 417 -9.56 47.21 -16.17
CA ASP C 417 -10.04 48.23 -17.09
C ASP C 417 -11.06 49.15 -16.44
N ILE C 418 -11.97 48.60 -15.64
CA ILE C 418 -12.99 49.38 -14.96
C ILE C 418 -12.89 49.13 -13.47
N GLN C 419 -12.84 50.22 -12.70
CA GLN C 419 -12.90 50.10 -11.26
C GLN C 419 -14.31 49.72 -10.83
N TRP C 420 -14.41 48.74 -9.93
CA TRP C 420 -15.71 48.21 -9.52
C TRP C 420 -16.29 49.02 -8.38
N ARG C 421 -17.60 49.16 -8.39
CA ARG C 421 -18.31 49.92 -7.37
C ARG C 421 -18.67 48.99 -6.22
N SER C 422 -19.54 49.47 -5.34
CA SER C 422 -19.98 48.70 -4.18
C SER C 422 -21.39 48.16 -4.31
N PHE C 423 -22.25 48.87 -5.06
CA PHE C 423 -23.65 48.48 -5.18
C PHE C 423 -23.81 47.17 -5.93
N HIS C 424 -22.95 46.93 -6.91
CA HIS C 424 -23.04 45.70 -7.70
C HIS C 424 -22.75 44.48 -6.84
N LEU C 425 -21.69 44.55 -6.04
CA LEU C 425 -21.34 43.46 -5.14
C LEU C 425 -22.39 43.28 -4.07
N GLU C 426 -22.87 44.40 -3.51
CA GLU C 426 -23.84 44.34 -2.41
C GLU C 426 -25.18 43.79 -2.88
N ALA C 427 -25.50 43.97 -4.17
CA ALA C 427 -26.73 43.36 -4.67
C ALA C 427 -26.51 41.90 -5.04
N SER C 428 -25.38 41.59 -5.69
CA SER C 428 -25.19 40.26 -6.25
C SER C 428 -24.91 39.20 -5.19
N LEU C 429 -24.39 39.59 -4.03
CA LEU C 429 -24.21 38.60 -2.96
C LEU C 429 -25.54 38.03 -2.49
N MET C 430 -26.60 38.85 -2.53
CA MET C 430 -27.92 38.37 -2.14
C MET C 430 -28.41 37.30 -3.10
N ASP C 431 -28.09 37.43 -4.39
CA ASP C 431 -28.51 36.39 -5.31
C ASP C 431 -27.57 35.20 -5.25
N ALA C 432 -26.34 35.40 -4.77
CA ALA C 432 -25.43 34.28 -4.66
C ALA C 432 -25.80 33.38 -3.49
N LEU C 433 -26.35 33.96 -2.41
CA LEU C 433 -26.65 33.14 -1.25
C LEU C 433 -27.88 32.26 -1.43
N LEU C 434 -28.82 32.68 -2.28
CA LEU C 434 -30.10 31.99 -2.35
C LEU C 434 -30.01 30.71 -3.15
N ASN C 435 -29.31 30.73 -4.28
CA ASN C 435 -29.32 29.61 -5.21
C ASN C 435 -28.21 28.60 -4.93
N ASP C 436 -27.54 28.70 -3.78
CA ASP C 436 -26.55 27.74 -3.28
C ASP C 436 -25.38 27.57 -4.25
N ARG C 437 -24.64 28.67 -4.43
CA ARG C 437 -23.44 28.70 -5.25
C ARG C 437 -22.27 28.98 -4.33
N PRO C 438 -21.73 27.96 -3.67
CA PRO C 438 -20.72 28.21 -2.63
C PRO C 438 -19.37 28.66 -3.15
N GLU C 439 -19.07 28.45 -4.42
CA GLU C 439 -17.78 28.87 -4.92
C GLU C 439 -17.72 30.35 -5.20
N PHE C 440 -18.85 31.05 -5.28
CA PHE C 440 -18.81 32.47 -5.57
C PHE C 440 -18.68 33.35 -4.35
N VAL C 441 -19.07 32.86 -3.17
CA VAL C 441 -19.11 33.74 -2.02
C VAL C 441 -17.71 34.05 -1.54
N ARG C 442 -16.74 33.15 -1.80
CA ARG C 442 -15.34 33.44 -1.51
C ARG C 442 -14.82 34.60 -2.35
N LEU C 443 -15.20 34.64 -3.62
CA LEU C 443 -14.78 35.75 -4.47
C LEU C 443 -15.49 37.03 -4.09
N LEU C 444 -16.79 36.97 -3.84
CA LEU C 444 -17.51 38.19 -3.58
C LEU C 444 -17.27 38.75 -2.19
N ILE C 445 -16.67 37.99 -1.29
CA ILE C 445 -16.34 38.53 0.02
C ILE C 445 -14.84 38.65 0.24
N SER C 446 -14.02 38.11 -0.66
CA SER C 446 -12.57 38.18 -0.45
C SER C 446 -12.04 39.57 -0.75
N HIS C 447 -12.13 40.02 -2.00
CA HIS C 447 -11.68 41.35 -2.33
C HIS C 447 -12.83 42.33 -2.43
N GLY C 448 -13.88 42.08 -1.67
CA GLY C 448 -15.04 42.95 -1.75
C GLY C 448 -15.36 43.67 -0.46
N LEU C 449 -16.65 43.70 -0.15
CA LEU C 449 -17.17 44.52 0.93
C LEU C 449 -16.86 43.91 2.29
N SER C 450 -16.96 44.76 3.29
CA SER C 450 -16.99 44.30 4.67
C SER C 450 -18.41 43.89 5.03
N LEU C 451 -18.52 42.83 5.81
CA LEU C 451 -19.82 42.27 6.11
C LEU C 451 -20.59 43.12 7.11
N GLY C 452 -19.89 43.99 7.84
CA GLY C 452 -20.55 44.93 8.72
C GLY C 452 -21.39 45.95 7.98
N HIS C 453 -21.04 46.25 6.74
CA HIS C 453 -21.93 47.04 5.90
C HIS C 453 -23.12 46.23 5.41
N PHE C 454 -22.89 44.95 5.11
CA PHE C 454 -23.88 44.14 4.39
C PHE C 454 -25.05 43.75 5.29
N LEU C 455 -24.75 43.07 6.38
CA LEU C 455 -25.78 42.38 7.13
C LEU C 455 -26.59 43.37 7.94
N THR C 456 -27.83 43.59 7.50
CA THR C 456 -28.84 44.44 8.07
C THR C 456 -30.08 43.62 8.38
N PRO C 457 -30.88 43.97 9.39
CA PRO C 457 -31.98 43.09 9.82
C PRO C 457 -33.10 42.97 8.82
N MET C 458 -33.31 43.96 7.97
CA MET C 458 -34.25 43.80 6.87
C MET C 458 -33.74 42.74 5.89
N ARG C 459 -32.44 42.76 5.60
CA ARG C 459 -31.84 41.80 4.70
C ARG C 459 -31.89 40.39 5.28
N LEU C 460 -31.62 40.27 6.58
CA LEU C 460 -31.63 38.96 7.22
C LEU C 460 -33.04 38.41 7.33
N ALA C 461 -34.02 39.31 7.55
CA ALA C 461 -35.42 38.91 7.50
C ALA C 461 -35.80 38.43 6.11
N GLN C 462 -35.27 39.08 5.08
CA GLN C 462 -35.52 38.64 3.71
C GLN C 462 -34.89 37.28 3.44
N LEU C 463 -33.74 37.02 4.05
CA LEU C 463 -33.05 35.77 3.79
C LEU C 463 -33.73 34.60 4.48
N TYR C 464 -34.16 34.80 5.73
CA TYR C 464 -35.02 33.83 6.40
C TYR C 464 -36.34 33.67 5.67
N SER C 465 -36.82 34.76 5.06
CA SER C 465 -38.11 34.75 4.38
C SER C 465 -38.10 33.80 3.19
N ALA C 466 -36.97 33.65 2.54
CA ALA C 466 -36.83 32.58 1.57
C ALA C 466 -36.77 31.26 2.32
N ALA C 467 -37.66 30.34 1.94
CA ALA C 467 -37.66 29.00 2.49
C ALA C 467 -37.66 28.02 1.34
N PRO C 468 -36.51 27.40 1.03
CA PRO C 468 -36.42 26.61 -0.20
C PRO C 468 -37.17 25.30 -0.15
N SER C 469 -37.43 24.77 1.03
CA SER C 469 -38.13 23.50 1.13
C SER C 469 -39.54 23.75 1.62
N ASN C 470 -40.26 22.65 1.88
CA ASN C 470 -41.62 22.74 2.38
C ASN C 470 -41.89 21.86 3.60
N SER C 471 -40.87 21.22 4.16
CA SER C 471 -41.14 20.22 5.20
C SER C 471 -40.21 20.25 6.41
N LEU C 472 -39.11 20.98 6.40
CA LEU C 472 -38.17 20.91 7.51
C LEU C 472 -38.18 22.16 8.37
N ILE C 473 -37.91 23.32 7.77
CA ILE C 473 -38.09 24.57 8.49
C ILE C 473 -39.49 25.12 8.27
N ARG C 474 -40.17 24.71 7.19
CA ARG C 474 -41.55 25.14 6.99
C ARG C 474 -42.48 24.48 8.01
N ASN C 475 -42.26 23.20 8.27
CA ASN C 475 -43.04 22.52 9.29
C ASN C 475 -42.71 23.04 10.68
N LEU C 476 -41.45 23.41 10.93
CA LEU C 476 -41.08 23.94 12.24
C LEU C 476 -41.39 25.41 12.41
N LEU C 477 -41.80 26.10 11.36
CA LEU C 477 -42.37 27.43 11.48
C LEU C 477 -43.88 27.42 11.33
N ASP C 478 -44.47 26.25 11.04
CA ASP C 478 -45.92 26.09 11.13
C ASP C 478 -46.41 26.27 12.57
N GLN C 479 -45.60 25.85 13.54
CA GLN C 479 -45.92 26.12 14.93
C GLN C 479 -45.73 27.58 15.32
N ALA C 480 -44.95 28.33 14.55
CA ALA C 480 -44.65 29.72 14.89
C ALA C 480 -45.49 30.70 14.08
N PRO C 558 -21.50 38.70 13.85
CA PRO C 558 -22.57 38.54 12.86
C PRO C 558 -22.54 37.18 12.17
N TRP C 559 -21.37 36.52 12.21
CA TRP C 559 -21.17 35.31 11.44
C TRP C 559 -22.02 34.14 11.95
N SER C 560 -22.23 34.06 13.27
CA SER C 560 -22.99 32.95 13.83
C SER C 560 -24.45 33.00 13.41
N ASP C 561 -24.95 34.21 13.14
CA ASP C 561 -26.30 34.36 12.60
C ASP C 561 -26.43 33.68 11.24
N LEU C 562 -25.37 33.73 10.44
CA LEU C 562 -25.39 32.98 9.19
C LEU C 562 -25.11 31.51 9.41
N LEU C 563 -24.34 31.17 10.45
CA LEU C 563 -23.98 29.77 10.68
C LEU C 563 -25.19 28.94 11.08
N LEU C 564 -26.07 29.50 11.91
CA LEU C 564 -27.31 28.79 12.24
C LEU C 564 -28.19 28.62 11.01
N TRP C 565 -28.20 29.64 10.14
CA TRP C 565 -28.98 29.56 8.91
C TRP C 565 -28.46 28.47 7.99
N ALA C 566 -27.16 28.34 7.91
CA ALA C 566 -26.60 27.29 7.07
C ALA C 566 -26.84 25.92 7.67
N LEU C 567 -26.82 25.81 8.99
CA LEU C 567 -27.00 24.50 9.61
C LEU C 567 -28.43 24.03 9.57
N LEU C 568 -29.40 24.95 9.49
CA LEU C 568 -30.79 24.51 9.43
C LEU C 568 -31.14 23.87 8.09
N LEU C 569 -30.59 24.39 7.00
CA LEU C 569 -31.07 24.03 5.68
C LEU C 569 -30.16 23.03 4.96
N ASN C 570 -29.26 22.40 5.69
CA ASN C 570 -28.37 21.37 5.16
C ASN C 570 -27.38 21.67 4.03
N ARG C 571 -26.73 22.82 4.07
CA ARG C 571 -25.75 23.12 3.05
C ARG C 571 -24.38 22.89 3.66
N ALA C 572 -23.66 21.89 3.16
CA ALA C 572 -22.31 21.60 3.66
C ALA C 572 -21.18 22.56 3.28
N GLN C 573 -21.14 22.97 2.02
CA GLN C 573 -20.09 23.84 1.52
C GLN C 573 -20.29 25.29 1.94
N MET C 574 -21.49 25.67 2.38
CA MET C 574 -21.65 26.95 3.02
C MET C 574 -21.18 26.89 4.46
N ALA C 575 -21.51 25.79 5.14
CA ALA C 575 -21.34 25.73 6.58
C ALA C 575 -19.88 25.63 6.97
N MET C 576 -19.08 24.91 6.17
CA MET C 576 -17.65 24.85 6.47
C MET C 576 -16.98 26.21 6.32
N TYR C 577 -17.42 26.99 5.34
CA TYR C 577 -16.83 28.30 5.15
C TYR C 577 -17.22 29.24 6.26
N PHE C 578 -18.50 29.24 6.66
CA PHE C 578 -18.89 30.12 7.75
C PHE C 578 -18.30 29.69 9.09
N TRP C 579 -18.02 28.41 9.28
CA TRP C 579 -17.32 28.04 10.51
C TRP C 579 -15.88 28.50 10.47
N GLU C 580 -15.25 28.43 9.29
CA GLU C 580 -13.85 28.82 9.19
C GLU C 580 -13.66 30.31 9.35
N MET C 581 -14.67 31.12 9.02
CA MET C 581 -14.58 32.55 9.31
C MET C 581 -15.26 32.92 10.62
N GLY C 582 -15.32 32.00 11.57
CA GLY C 582 -16.04 32.24 12.81
C GLY C 582 -15.18 32.88 13.88
N SER C 583 -15.75 32.98 15.08
CA SER C 583 -15.05 33.57 16.21
C SER C 583 -14.77 32.59 17.32
N ASN C 584 -15.81 31.99 17.91
CA ASN C 584 -15.64 31.04 19.00
C ASN C 584 -15.51 29.65 18.41
N ALA C 585 -14.31 29.09 18.48
CA ALA C 585 -13.98 27.99 17.61
C ALA C 585 -14.52 26.65 18.13
N VAL C 586 -14.07 26.24 19.31
CA VAL C 586 -14.22 24.85 19.72
C VAL C 586 -15.65 24.54 20.14
N SER C 587 -16.31 25.48 20.81
CA SER C 587 -17.67 25.24 21.28
C SER C 587 -18.66 25.16 20.12
N SER C 588 -18.40 25.90 19.05
CA SER C 588 -19.32 25.94 17.92
C SER C 588 -19.37 24.61 17.20
N ALA C 589 -18.26 23.88 17.16
CA ALA C 589 -18.23 22.58 16.48
C ALA C 589 -19.11 21.57 17.17
N LEU C 590 -18.96 21.44 18.49
CA LEU C 590 -19.74 20.45 19.21
C LEU C 590 -21.20 20.83 19.26
N GLY C 591 -21.51 22.13 19.32
CA GLY C 591 -22.90 22.53 19.23
C GLY C 591 -23.53 22.23 17.88
N ALA C 592 -22.75 22.37 16.80
CA ALA C 592 -23.26 22.01 15.49
C ALA C 592 -23.52 20.52 15.39
N CYS C 593 -22.64 19.72 15.99
CA CYS C 593 -22.85 18.28 16.04
C CYS C 593 -24.12 17.93 16.79
N LEU C 594 -24.36 18.63 17.90
CA LEU C 594 -25.57 18.45 18.70
C LEU C 594 -26.82 18.76 17.89
N LEU C 595 -26.81 19.88 17.18
CA LEU C 595 -28.01 20.33 16.49
C LEU C 595 -28.33 19.44 15.28
N LEU C 596 -27.29 18.90 14.64
CA LEU C 596 -27.55 17.92 13.58
C LEU C 596 -28.09 16.61 14.14
N ARG C 597 -27.54 16.13 15.25
CA ARG C 597 -28.02 14.87 15.81
C ARG C 597 -29.46 15.00 16.31
N VAL C 598 -29.84 16.17 16.77
CA VAL C 598 -31.24 16.38 17.16
C VAL C 598 -32.13 16.43 15.93
N MET C 599 -31.79 17.28 14.95
CA MET C 599 -32.69 17.45 13.81
C MET C 599 -32.68 16.28 12.84
N ALA C 600 -31.85 15.27 13.06
CA ALA C 600 -31.88 14.09 12.21
C ALA C 600 -33.10 13.21 12.46
N ARG C 601 -33.76 13.39 13.61
CA ARG C 601 -34.84 12.47 13.98
C ARG C 601 -36.15 12.85 13.31
N LEU C 602 -36.43 14.14 13.17
CA LEU C 602 -37.78 14.58 12.88
C LEU C 602 -38.17 14.37 11.42
N GLU C 603 -37.20 14.37 10.52
CA GLU C 603 -37.50 14.14 9.11
C GLU C 603 -37.73 12.65 8.85
N PRO C 604 -38.63 12.29 7.92
CA PRO C 604 -38.98 10.87 7.72
C PRO C 604 -38.02 10.07 6.86
N ASP C 605 -37.40 10.70 5.85
CA ASP C 605 -36.67 9.95 4.85
C ASP C 605 -35.33 9.44 5.38
N ALA C 606 -34.73 8.53 4.62
CA ALA C 606 -33.38 8.05 4.89
C ALA C 606 -32.32 8.75 4.06
N GLU C 607 -32.69 9.29 2.90
CA GLU C 607 -31.75 10.02 2.06
C GLU C 607 -31.29 11.31 2.72
N GLU C 608 -32.12 11.89 3.59
CA GLU C 608 -31.65 13.03 4.37
C GLU C 608 -30.75 12.61 5.52
N ALA C 609 -31.03 11.45 6.13
CA ALA C 609 -30.28 11.03 7.30
C ALA C 609 -28.88 10.61 6.91
N ALA C 610 -28.73 10.02 5.72
CA ALA C 610 -27.42 9.66 5.21
C ALA C 610 -26.56 10.88 4.90
N ARG C 611 -27.14 12.07 4.81
CA ARG C 611 -26.34 13.29 4.74
C ARG C 611 -26.13 13.93 6.09
N ARG C 612 -27.16 13.90 6.95
CA ARG C 612 -27.05 14.54 8.26
C ARG C 612 -26.01 13.86 9.14
N LYS C 613 -25.99 12.52 9.17
CA LYS C 613 -25.01 11.82 9.98
C LYS C 613 -23.59 12.07 9.47
N ASP C 614 -23.44 12.22 8.16
CA ASP C 614 -22.11 12.41 7.59
C ASP C 614 -21.58 13.81 7.90
N LEU C 615 -22.46 14.81 7.80
CA LEU C 615 -22.06 16.17 8.14
C LEU C 615 -21.73 16.30 9.62
N ALA C 616 -22.45 15.57 10.48
CA ALA C 616 -22.14 15.60 11.90
C ALA C 616 -20.78 14.96 12.20
N PHE C 617 -20.44 13.86 11.51
CA PHE C 617 -19.10 13.30 11.68
C PHE C 617 -18.02 14.25 11.21
N LYS C 618 -18.29 15.01 10.15
CA LYS C 618 -17.29 15.93 9.62
C LYS C 618 -17.00 17.04 10.62
N PHE C 619 -18.05 17.61 11.22
CA PHE C 619 -17.83 18.63 12.25
C PHE C 619 -17.12 18.10 13.49
N GLU C 620 -17.50 16.90 13.93
CA GLU C 620 -16.85 16.35 15.13
C GLU C 620 -15.37 16.09 14.90
N GLY C 621 -15.03 15.59 13.71
CA GLY C 621 -13.62 15.36 13.40
C GLY C 621 -12.82 16.65 13.30
N MET C 622 -13.42 17.70 12.73
CA MET C 622 -12.73 18.98 12.64
C MET C 622 -12.49 19.57 14.03
N GLY C 623 -13.48 19.46 14.92
CA GLY C 623 -13.30 19.95 16.28
C GLY C 623 -12.22 19.20 17.04
N VAL C 624 -12.15 17.88 16.85
CA VAL C 624 -11.13 17.06 17.50
C VAL C 624 -9.73 17.47 17.07
N ASP C 625 -9.53 17.66 15.77
CA ASP C 625 -8.20 18.00 15.30
C ASP C 625 -7.80 19.42 15.70
N LEU C 626 -8.76 20.34 15.80
CA LEU C 626 -8.44 21.69 16.27
C LEU C 626 -7.99 21.68 17.73
N PHE C 627 -8.68 20.92 18.58
CA PHE C 627 -8.25 20.87 19.98
C PHE C 627 -6.92 20.16 20.14
N GLY C 628 -6.65 19.18 19.27
CA GLY C 628 -5.37 18.50 19.31
C GLY C 628 -4.21 19.38 18.88
N GLU C 629 -4.46 20.32 17.98
CA GLU C 629 -3.40 21.25 17.57
C GLU C 629 -3.25 22.42 18.53
N CYS C 630 -4.05 22.49 19.59
CA CYS C 630 -3.90 23.51 20.61
C CYS C 630 -3.39 22.96 21.92
N TYR C 631 -3.57 21.67 22.17
CA TYR C 631 -3.04 21.09 23.41
C TYR C 631 -1.52 20.99 23.39
N ARG C 632 -0.90 21.07 22.21
CA ARG C 632 0.54 20.90 22.06
C ARG C 632 1.33 21.94 22.84
N SER C 633 0.82 23.15 22.94
CA SER C 633 1.49 24.21 23.67
C SER C 633 0.63 24.69 24.81
N SER C 634 1.26 24.85 25.98
CA SER C 634 0.71 25.57 27.14
C SER C 634 -0.60 24.94 27.63
N GLU C 635 -0.45 23.76 28.23
CA GLU C 635 -1.59 22.96 28.69
C GLU C 635 -2.48 23.69 29.70
N VAL C 636 -1.93 24.67 30.43
CA VAL C 636 -2.74 25.52 31.29
C VAL C 636 -3.75 26.30 30.46
N ARG C 637 -3.33 26.78 29.28
CA ARG C 637 -4.23 27.52 28.43
C ARG C 637 -5.35 26.64 27.91
N ALA C 638 -5.04 25.39 27.57
CA ALA C 638 -6.07 24.48 27.06
C ALA C 638 -7.06 24.11 28.16
N ALA C 639 -6.54 23.87 29.36
CA ALA C 639 -7.42 23.58 30.48
C ALA C 639 -8.31 24.76 30.82
N ARG C 640 -7.80 25.98 30.66
CA ARG C 640 -8.65 27.13 30.89
C ARG C 640 -9.66 27.29 29.77
N LEU C 641 -9.29 26.90 28.55
CA LEU C 641 -10.19 27.08 27.41
C LEU C 641 -11.35 26.12 27.45
N LEU C 642 -11.11 24.89 27.88
CA LEU C 642 -12.15 23.87 27.75
C LEU C 642 -13.26 24.07 28.78
N LEU C 643 -12.90 24.46 29.99
CA LEU C 643 -13.86 24.44 31.09
C LEU C 643 -14.81 25.63 31.12
N ARG C 644 -14.50 26.71 30.39
CA ARG C 644 -15.22 27.96 30.61
C ARG C 644 -16.62 27.90 30.01
N ARG C 645 -17.34 29.02 30.15
CA ARG C 645 -18.71 29.16 29.66
C ARG C 645 -18.78 30.05 28.42
N CYS C 646 -19.54 29.61 27.42
CA CYS C 646 -19.65 30.33 26.17
C CYS C 646 -20.99 31.04 26.11
N PRO C 647 -21.01 32.35 25.88
CA PRO C 647 -22.27 33.09 26.05
C PRO C 647 -23.24 32.91 24.90
N LEU C 648 -22.76 32.44 23.74
CA LEU C 648 -23.59 32.44 22.55
C LEU C 648 -24.74 31.45 22.63
N TRP C 649 -24.58 30.40 23.45
CA TRP C 649 -25.60 29.37 23.62
C TRP C 649 -26.20 29.27 25.02
N GLY C 650 -26.05 30.29 25.86
CA GLY C 650 -26.50 30.21 27.22
C GLY C 650 -25.40 29.68 28.11
N ASP C 651 -25.72 29.59 29.40
CA ASP C 651 -24.72 29.19 30.40
C ASP C 651 -24.49 27.68 30.30
N ALA C 652 -23.70 27.30 29.31
CA ALA C 652 -23.31 25.92 29.13
C ALA C 652 -21.82 25.90 28.88
N THR C 653 -21.18 24.83 29.30
CA THR C 653 -19.77 24.66 29.04
C THR C 653 -19.58 23.82 27.78
N CYS C 654 -18.33 23.68 27.37
CA CYS C 654 -18.02 22.87 26.20
C CYS C 654 -18.22 21.39 26.48
N LEU C 655 -17.86 20.97 27.69
CA LEU C 655 -17.80 19.55 27.99
C LEU C 655 -19.19 18.95 28.10
N GLN C 656 -20.13 19.73 28.64
CA GLN C 656 -21.50 19.25 28.76
C GLN C 656 -22.18 19.15 27.40
N LEU C 657 -21.85 20.07 26.48
CA LEU C 657 -22.31 19.95 25.11
C LEU C 657 -21.73 18.74 24.43
N ALA C 658 -20.48 18.40 24.72
CA ALA C 658 -19.95 17.16 24.16
C ALA C 658 -20.60 15.94 24.77
N MET C 659 -21.06 16.05 26.02
CA MET C 659 -21.68 14.91 26.66
C MET C 659 -23.08 14.65 26.13
N GLN C 660 -23.88 15.70 25.96
CA GLN C 660 -25.27 15.46 25.57
C GLN C 660 -25.46 15.18 24.09
N ALA C 661 -24.40 15.10 23.30
CA ALA C 661 -24.52 14.75 21.90
C ALA C 661 -23.90 13.41 21.57
N ASP C 662 -23.29 12.75 22.56
CA ASP C 662 -22.67 11.43 22.43
C ASP C 662 -21.58 11.42 21.36
N ALA C 663 -20.61 12.28 21.54
CA ALA C 663 -19.46 12.37 20.65
C ALA C 663 -18.35 11.51 21.22
N ARG C 664 -18.13 10.34 20.63
CA ARG C 664 -17.15 9.41 21.18
C ARG C 664 -15.73 9.90 20.93
N ALA C 665 -15.46 10.40 19.73
CA ALA C 665 -14.10 10.70 19.34
C ALA C 665 -13.53 11.92 20.06
N PHE C 666 -14.38 12.72 20.70
CA PHE C 666 -13.88 13.86 21.45
C PHE C 666 -13.41 13.46 22.84
N PHE C 667 -14.09 12.50 23.47
CA PHE C 667 -13.53 11.93 24.69
C PHE C 667 -12.45 10.91 24.42
N ALA C 668 -12.31 10.46 23.18
CA ALA C 668 -11.37 9.40 22.87
C ALA C 668 -9.92 9.84 23.02
N GLN C 669 -9.63 11.10 22.76
CA GLN C 669 -8.24 11.54 22.79
C GLN C 669 -7.79 11.74 24.23
N ASP C 670 -6.52 12.11 24.38
CA ASP C 670 -5.84 11.97 25.66
C ASP C 670 -5.94 13.18 26.56
N GLY C 671 -6.06 14.39 25.98
CA GLY C 671 -6.05 15.59 26.79
C GLY C 671 -7.27 15.71 27.67
N VAL C 672 -8.41 15.23 27.18
CA VAL C 672 -9.61 15.24 27.99
C VAL C 672 -9.48 14.26 29.15
N GLN C 673 -8.81 13.12 28.91
CA GLN C 673 -8.56 12.16 29.98
C GLN C 673 -7.64 12.75 31.04
N SER C 674 -6.59 13.44 30.61
CA SER C 674 -5.66 14.02 31.56
C SER C 674 -6.28 15.18 32.32
N LEU C 675 -7.29 15.84 31.76
CA LEU C 675 -8.00 16.83 32.56
C LEU C 675 -8.96 16.18 33.54
N LEU C 676 -9.60 15.08 33.15
CA LEU C 676 -10.52 14.42 34.07
C LEU C 676 -9.78 13.78 35.24
N THR C 677 -8.52 13.41 35.05
CA THR C 677 -7.74 12.87 36.15
C THR C 677 -7.51 13.91 37.24
N GLN C 678 -7.08 15.11 36.84
CA GLN C 678 -6.91 16.19 37.81
C GLN C 678 -8.22 16.69 38.37
N LYS C 679 -9.32 16.55 37.62
CA LYS C 679 -10.62 16.82 38.21
C LYS C 679 -10.93 15.82 39.29
N TRP C 680 -10.54 14.56 39.08
CA TRP C 680 -10.90 13.52 40.01
C TRP C 680 -10.02 13.50 41.25
N TRP C 681 -8.79 13.99 41.16
CA TRP C 681 -8.03 14.14 42.40
C TRP C 681 -8.47 15.33 43.22
N GLY C 682 -9.43 16.11 42.73
CA GLY C 682 -10.04 17.13 43.56
C GLY C 682 -9.14 18.32 43.78
N ASP C 683 -9.38 19.00 44.88
CA ASP C 683 -8.68 20.24 45.18
C ASP C 683 -7.25 19.93 45.60
N MET C 684 -6.30 20.33 44.76
CA MET C 684 -4.89 20.47 45.10
C MET C 684 -4.26 19.14 45.55
N ALA C 685 -4.18 18.22 44.61
CA ALA C 685 -3.31 17.07 44.76
C ALA C 685 -2.78 16.73 43.38
N SER C 686 -1.66 16.04 43.32
CA SER C 686 -1.08 15.72 42.03
C SER C 686 -0.36 14.38 42.14
N THR C 687 -1.07 13.30 41.79
CA THR C 687 -0.53 11.96 41.59
C THR C 687 0.23 11.43 42.82
N THR C 688 -0.28 11.74 44.01
CA THR C 688 0.23 11.08 45.20
C THR C 688 -0.24 9.64 45.22
N PRO C 689 0.59 8.71 45.69
CA PRO C 689 0.23 7.29 45.62
C PRO C 689 -0.88 6.92 46.58
N ILE C 690 -1.29 5.67 46.50
CA ILE C 690 -2.50 5.23 47.18
C ILE C 690 -2.26 5.11 48.68
N TRP C 691 -1.07 4.64 49.09
CA TRP C 691 -0.83 4.32 50.50
C TRP C 691 -0.81 5.57 51.37
N ALA C 692 -0.41 6.71 50.80
CA ALA C 692 -0.51 7.96 51.53
C ALA C 692 -1.97 8.33 51.78
N LEU C 693 -2.84 8.05 50.81
CA LEU C 693 -4.25 8.35 50.98
C LEU C 693 -4.88 7.45 52.03
N VAL C 694 -4.49 6.18 52.06
CA VAL C 694 -5.07 5.26 53.03
C VAL C 694 -4.57 5.58 54.42
N LEU C 695 -3.28 5.90 54.56
CA LEU C 695 -2.73 6.29 55.85
C LEU C 695 -3.28 7.63 56.33
N ALA C 696 -3.68 8.50 55.41
CA ALA C 696 -4.34 9.73 55.81
C ALA C 696 -5.77 9.49 56.25
N PHE C 697 -6.50 8.63 55.54
CA PHE C 697 -7.89 8.38 55.89
C PHE C 697 -8.01 7.59 57.18
N PHE C 698 -7.00 6.79 57.51
CA PHE C 698 -7.06 6.03 58.75
C PHE C 698 -6.83 6.94 59.96
N CYS C 699 -5.87 7.85 59.87
CA CYS C 699 -5.53 8.73 60.99
C CYS C 699 -5.69 10.19 60.56
N PRO C 700 -6.66 10.91 61.10
CA PRO C 700 -6.91 12.29 60.65
C PRO C 700 -5.79 13.28 60.98
N PRO C 701 -5.04 13.16 62.13
CA PRO C 701 -3.87 14.05 62.25
C PRO C 701 -2.64 13.59 61.51
N LEU C 702 -2.77 13.30 60.23
CA LEU C 702 -1.64 13.18 59.32
C LEU C 702 -1.78 14.04 58.08
N ILE C 703 -2.90 14.75 57.94
CA ILE C 703 -3.08 15.63 56.79
C ILE C 703 -2.52 17.01 57.07
N TYR C 704 -2.43 17.37 58.34
CA TYR C 704 -1.88 18.68 58.70
C TYR C 704 -0.36 18.71 58.52
N THR C 705 0.22 17.53 58.30
CA THR C 705 1.67 17.39 58.15
C THR C 705 2.20 17.30 56.73
N ARG C 706 3.46 16.86 56.65
CA ARG C 706 4.24 16.72 55.41
C ARG C 706 3.80 15.72 54.34
N LEU C 707 3.26 14.57 54.73
CA LEU C 707 2.92 13.53 53.76
C LEU C 707 1.93 13.94 52.67
N ILE C 708 0.88 14.66 53.02
CA ILE C 708 -0.06 15.09 52.00
C ILE C 708 0.65 16.12 51.12
N THR C 709 0.41 16.06 49.81
CA THR C 709 1.06 17.00 48.90
C THR C 709 0.04 17.86 48.16
N PHE C 710 0.25 19.17 48.17
CA PHE C 710 -0.66 20.09 47.50
C PHE C 710 0.04 20.82 46.36
N ARG C 766 -8.54 29.86 59.74
CA ARG C 766 -7.53 30.66 59.05
C ARG C 766 -6.86 29.85 57.94
N ARG C 767 -6.09 28.84 58.35
CA ARG C 767 -5.42 27.96 57.40
C ARG C 767 -5.84 26.51 57.55
N CYS C 768 -5.84 25.98 58.78
CA CYS C 768 -6.14 24.56 58.99
C CYS C 768 -7.62 24.27 58.78
N LEU C 769 -8.49 25.20 59.16
CA LEU C 769 -9.92 24.97 59.00
C LEU C 769 -10.36 25.11 57.55
N ARG C 770 -9.52 25.67 56.69
CA ARG C 770 -9.77 25.60 55.26
C ARG C 770 -9.09 24.41 54.61
N ARG C 771 -7.95 23.99 55.16
CA ARG C 771 -7.25 22.82 54.66
C ARG C 771 -8.10 21.55 54.88
N TRP C 772 -8.74 21.48 56.05
CA TRP C 772 -9.59 20.34 56.39
C TRP C 772 -10.87 20.33 55.57
N PHE C 773 -11.31 21.48 55.06
CA PHE C 773 -12.45 21.48 54.18
C PHE C 773 -12.06 21.20 52.74
N HIS C 774 -10.83 21.54 52.34
CA HIS C 774 -10.39 21.17 51.00
C HIS C 774 -10.14 19.67 50.88
N PHE C 775 -9.69 19.02 51.95
CA PHE C 775 -9.32 17.61 51.81
C PHE C 775 -10.52 16.71 51.64
N TRP C 776 -11.60 16.98 52.37
CA TRP C 776 -12.75 16.08 52.33
C TRP C 776 -13.70 16.44 51.20
N GLY C 777 -13.42 17.53 50.48
CA GLY C 777 -14.27 17.86 49.36
C GLY C 777 -13.96 17.11 48.09
N ALA C 778 -12.80 16.49 48.01
CA ALA C 778 -12.40 15.85 46.76
C ALA C 778 -13.19 14.57 46.56
N PRO C 779 -13.53 14.22 45.31
CA PRO C 779 -14.34 13.02 45.08
C PRO C 779 -13.63 11.71 45.41
N VAL C 780 -12.30 11.68 45.38
CA VAL C 780 -11.61 10.43 45.67
C VAL C 780 -11.64 10.08 47.15
N THR C 781 -12.12 10.99 47.98
CA THR C 781 -12.28 10.71 49.40
C THR C 781 -13.71 10.28 49.72
N ILE C 782 -14.70 10.92 49.12
CA ILE C 782 -16.08 10.51 49.34
C ILE C 782 -16.34 9.13 48.74
N PHE C 783 -15.59 8.77 47.69
CA PHE C 783 -15.63 7.41 47.15
C PHE C 783 -15.15 6.39 48.17
N MET C 784 -14.03 6.70 48.83
CA MET C 784 -13.48 5.79 49.84
C MET C 784 -14.43 5.66 51.02
N GLY C 785 -15.04 6.77 51.43
CA GLY C 785 -15.99 6.71 52.53
C GLY C 785 -17.23 5.88 52.20
N ASN C 786 -17.71 5.98 50.96
CA ASN C 786 -18.86 5.19 50.54
C ASN C 786 -18.54 3.70 50.57
N VAL C 787 -17.36 3.32 50.06
CA VAL C 787 -16.98 1.91 50.03
C VAL C 787 -16.80 1.34 51.43
N VAL C 788 -16.19 2.11 52.34
CA VAL C 788 -16.00 1.62 53.71
C VAL C 788 -17.34 1.43 54.42
N SER C 789 -18.27 2.37 54.22
CA SER C 789 -19.59 2.24 54.83
C SER C 789 -20.33 1.01 54.31
N TYR C 790 -20.19 0.73 53.01
CA TYR C 790 -20.92 -0.40 52.43
C TYR C 790 -20.37 -1.73 52.91
N LEU C 791 -19.04 -1.82 53.07
CA LEU C 791 -18.48 -3.07 53.58
C LEU C 791 -18.84 -3.30 55.04
N LEU C 792 -18.93 -2.23 55.84
CA LEU C 792 -19.39 -2.41 57.21
C LEU C 792 -20.84 -2.87 57.27
N PHE C 793 -21.67 -2.39 56.33
CA PHE C 793 -23.05 -2.88 56.21
C PHE C 793 -23.10 -4.38 55.93
N LEU C 794 -22.25 -4.86 55.04
CA LEU C 794 -22.25 -6.30 54.76
C LEU C 794 -21.78 -7.13 55.93
N LEU C 795 -20.77 -6.66 56.68
CA LEU C 795 -20.28 -7.45 57.79
C LEU C 795 -21.32 -7.53 58.92
N LEU C 796 -22.02 -6.41 59.16
CA LEU C 796 -23.10 -6.42 60.14
C LEU C 796 -24.23 -7.36 59.72
N PHE C 797 -24.54 -7.38 58.42
CA PHE C 797 -25.63 -8.24 57.94
C PHE C 797 -25.27 -9.71 58.09
N SER C 798 -23.99 -10.04 57.86
CA SER C 798 -23.55 -11.41 58.04
C SER C 798 -23.62 -11.84 59.50
N ARG C 799 -23.24 -10.95 60.42
CA ARG C 799 -23.28 -11.33 61.83
C ARG C 799 -24.71 -11.41 62.33
N VAL C 800 -25.64 -10.70 61.70
CA VAL C 800 -27.04 -10.91 62.02
C VAL C 800 -27.50 -12.28 61.55
N LEU C 801 -27.11 -12.67 60.33
CA LEU C 801 -27.70 -13.88 59.74
C LEU C 801 -27.15 -15.16 60.35
N LEU C 802 -25.84 -15.20 60.65
CA LEU C 802 -25.27 -16.50 61.03
C LEU C 802 -25.58 -16.90 62.46
N VAL C 803 -25.35 -16.02 63.43
CA VAL C 803 -25.45 -16.39 64.83
C VAL C 803 -26.80 -15.99 65.42
N ASP C 804 -27.25 -14.77 65.10
CA ASP C 804 -28.47 -14.19 65.63
C ASP C 804 -29.68 -14.70 64.85
N PHE C 805 -30.78 -13.91 64.83
CA PHE C 805 -32.01 -14.13 64.07
C PHE C 805 -32.74 -15.33 64.67
N GLN C 806 -32.99 -15.27 65.95
CA GLN C 806 -33.67 -16.29 66.73
C GLN C 806 -35.17 -16.06 66.73
N PRO C 807 -35.99 -17.08 67.04
CA PRO C 807 -37.43 -16.85 67.13
C PRO C 807 -37.81 -16.04 68.36
N ALA C 808 -37.63 -14.73 68.30
CA ALA C 808 -37.70 -13.89 69.49
C ALA C 808 -38.19 -12.52 69.08
N PRO C 809 -38.53 -11.65 70.04
CA PRO C 809 -38.61 -10.23 69.75
C PRO C 809 -37.25 -9.72 69.29
N PRO C 810 -37.24 -8.76 68.34
CA PRO C 810 -36.04 -8.53 67.51
C PRO C 810 -34.80 -8.01 68.22
N GLY C 811 -34.89 -6.87 68.89
CA GLY C 811 -33.75 -6.33 69.61
C GLY C 811 -32.92 -5.35 68.80
N SER C 812 -31.87 -4.85 69.46
CA SER C 812 -31.10 -3.72 68.94
C SER C 812 -30.32 -4.09 67.69
N LEU C 813 -29.77 -5.30 67.66
CA LEU C 813 -28.92 -5.70 66.54
C LEU C 813 -29.70 -6.02 65.29
N GLU C 814 -31.04 -6.04 65.34
CA GLU C 814 -31.84 -6.01 64.14
C GLU C 814 -32.46 -4.65 63.86
N LEU C 815 -32.80 -3.88 64.90
CA LEU C 815 -33.33 -2.55 64.68
C LEU C 815 -32.33 -1.64 64.00
N LEU C 816 -31.04 -1.83 64.30
CA LEU C 816 -29.99 -1.10 63.60
C LEU C 816 -30.00 -1.43 62.12
N LEU C 817 -30.22 -2.70 61.78
CA LEU C 817 -30.31 -3.12 60.38
C LEU C 817 -31.53 -2.51 59.69
N TYR C 818 -32.66 -2.44 60.39
CA TYR C 818 -33.85 -1.86 59.77
C TYR C 818 -33.68 -0.38 59.50
N PHE C 819 -33.08 0.35 60.45
CA PHE C 819 -32.76 1.75 60.28
C PHE C 819 -31.82 1.96 59.09
N TRP C 820 -30.86 1.05 58.95
CA TRP C 820 -29.90 1.09 57.86
C TRP C 820 -30.56 0.92 56.49
N ALA C 821 -31.52 -0.01 56.40
CA ALA C 821 -32.22 -0.26 55.15
C ALA C 821 -33.14 0.88 54.79
N PHE C 822 -33.73 1.53 55.79
CA PHE C 822 -34.56 2.70 55.54
C PHE C 822 -33.72 3.84 54.96
N THR C 823 -32.50 4.01 55.47
CA THR C 823 -31.62 5.04 54.91
C THR C 823 -31.22 4.72 53.47
N LEU C 824 -30.99 3.44 53.15
CA LEU C 824 -30.63 3.08 51.78
C LEU C 824 -31.79 3.31 50.81
N LEU C 825 -33.02 3.04 51.26
CA LEU C 825 -34.18 3.34 50.42
C LEU C 825 -34.32 4.84 50.21
N CYS C 826 -34.01 5.64 51.24
CA CYS C 826 -34.06 7.09 51.11
C CYS C 826 -33.05 7.62 50.11
N GLU C 827 -31.82 7.09 50.14
CA GLU C 827 -30.79 7.57 49.20
C GLU C 827 -31.08 7.12 47.78
N GLU C 828 -31.66 5.93 47.60
CA GLU C 828 -32.07 5.51 46.27
C GLU C 828 -33.20 6.36 45.74
N LEU C 829 -34.12 6.78 46.61
CA LEU C 829 -35.20 7.66 46.18
C LEU C 829 -34.67 9.03 45.79
N ARG C 830 -33.67 9.54 46.52
CA ARG C 830 -33.07 10.82 46.17
C ARG C 830 -32.38 10.79 44.81
N GLN C 831 -31.59 9.72 44.57
CA GLN C 831 -30.93 9.58 43.27
C GLN C 831 -31.94 9.44 42.14
N GLY C 832 -33.04 8.73 42.38
CA GLY C 832 -34.04 8.59 41.34
C GLY C 832 -34.78 9.88 41.06
N LEU C 833 -35.12 10.63 42.10
CA LEU C 833 -35.95 11.81 41.92
C LEU C 833 -35.16 13.02 41.45
N SER C 834 -33.85 13.07 41.73
CA SER C 834 -33.05 14.20 41.28
C SER C 834 -32.84 14.20 39.78
N GLY C 835 -32.98 13.06 39.11
CA GLY C 835 -32.89 12.98 37.66
C GLY C 835 -31.47 12.98 37.12
N GLY C 838 -31.99 13.23 30.00
CA GLY C 838 -31.00 12.20 30.24
C GLY C 838 -29.95 12.12 29.14
N SER C 839 -30.41 12.16 27.90
CA SER C 839 -29.50 12.11 26.74
C SER C 839 -30.26 12.69 25.55
N LEU C 840 -29.86 13.88 25.10
CA LEU C 840 -30.56 14.56 24.03
C LEU C 840 -30.34 13.90 22.67
N ALA C 841 -29.29 13.09 22.54
CA ALA C 841 -29.03 12.41 21.28
C ALA C 841 -30.07 11.36 20.98
N SER C 842 -30.65 10.76 22.03
CA SER C 842 -31.75 9.83 21.81
C SER C 842 -33.04 10.57 21.51
N GLY C 843 -33.23 11.74 22.12
CA GLY C 843 -34.48 12.47 21.98
C GLY C 843 -35.16 12.61 23.32
N GLY C 844 -34.37 12.62 24.39
CA GLY C 844 -34.90 12.69 25.71
C GLY C 844 -35.45 14.07 26.04
N PRO C 845 -36.05 14.20 27.22
CA PRO C 845 -36.70 15.47 27.59
C PRO C 845 -35.71 16.58 27.89
N GLY C 846 -34.47 16.27 28.20
CA GLY C 846 -33.46 17.28 28.40
C GLY C 846 -33.51 17.89 29.78
N PRO C 847 -32.56 18.78 30.07
CA PRO C 847 -32.52 19.42 31.39
C PRO C 847 -33.63 20.46 31.58
N GLY C 848 -33.64 21.08 32.74
CA GLY C 848 -34.70 22.03 33.08
C GLY C 848 -35.85 21.31 33.75
N HIS C 849 -37.02 21.36 33.12
CA HIS C 849 -38.22 20.74 33.65
C HIS C 849 -38.67 19.60 32.73
N ALA C 850 -39.09 18.51 33.33
CA ALA C 850 -39.69 17.40 32.61
C ALA C 850 -40.84 16.85 33.44
N SER C 851 -41.48 15.80 32.92
CA SER C 851 -42.62 15.25 33.62
C SER C 851 -42.19 14.19 34.61
N LEU C 852 -43.07 13.92 35.59
CA LEU C 852 -42.89 12.75 36.42
C LEU C 852 -43.04 11.48 35.61
N SER C 853 -43.95 11.51 34.62
CA SER C 853 -44.09 10.41 33.68
C SER C 853 -42.93 10.30 32.70
N GLN C 854 -42.02 11.27 32.68
CA GLN C 854 -40.79 11.15 31.92
C GLN C 854 -39.62 10.66 32.77
N ARG C 855 -39.48 11.19 33.98
CA ARG C 855 -38.40 10.73 34.85
C ARG C 855 -38.63 9.31 35.34
N LEU C 856 -39.89 8.92 35.54
CA LEU C 856 -40.19 7.55 35.92
C LEU C 856 -39.85 6.58 34.80
N ARG C 857 -40.10 6.98 33.56
CA ARG C 857 -39.72 6.13 32.43
C ARG C 857 -38.21 6.13 32.25
N LEU C 858 -37.55 7.25 32.57
CA LEU C 858 -36.10 7.32 32.42
C LEU C 858 -35.38 6.43 33.43
N TYR C 859 -35.81 6.48 34.68
CA TYR C 859 -35.06 5.84 35.76
C TYR C 859 -35.11 4.32 35.70
N LEU C 860 -36.18 3.76 35.17
CA LEU C 860 -36.36 2.31 35.16
C LEU C 860 -35.79 1.65 33.92
N ALA C 861 -34.93 2.32 33.19
CA ALA C 861 -34.32 1.72 32.01
C ALA C 861 -32.87 1.32 32.21
N ASP C 862 -32.20 1.85 33.23
CA ASP C 862 -30.84 1.46 33.54
C ASP C 862 -30.88 0.29 34.51
N SER C 863 -30.14 -0.77 34.18
CA SER C 863 -30.39 -2.08 34.76
C SER C 863 -29.98 -2.16 36.22
N TRP C 864 -28.96 -1.41 36.62
CA TRP C 864 -28.40 -1.57 37.97
C TRP C 864 -29.35 -1.05 39.04
N ASN C 865 -29.98 0.10 38.79
CA ASN C 865 -30.95 0.61 39.75
C ASN C 865 -32.19 -0.26 39.79
N GLN C 866 -32.52 -0.90 38.68
CA GLN C 866 -33.60 -1.88 38.65
C GLN C 866 -33.28 -3.07 39.55
N CYS C 867 -32.03 -3.51 39.53
CA CYS C 867 -31.60 -4.61 40.38
C CYS C 867 -31.63 -4.23 41.86
N ASP C 868 -31.22 -2.99 42.17
CA ASP C 868 -31.25 -2.56 43.57
C ASP C 868 -32.69 -2.41 44.09
N LEU C 869 -33.61 -1.99 43.20
CA LEU C 869 -35.02 -1.91 43.57
C LEU C 869 -35.59 -3.29 43.87
N VAL C 870 -35.25 -4.28 43.03
CA VAL C 870 -35.67 -5.66 43.27
C VAL C 870 -35.13 -6.18 44.59
N ALA C 871 -33.87 -5.85 44.89
CA ALA C 871 -33.26 -6.28 46.14
C ALA C 871 -33.96 -5.69 47.35
N LEU C 872 -34.32 -4.40 47.29
CA LEU C 872 -35.01 -3.77 48.41
C LEU C 872 -36.40 -4.36 48.63
N THR C 873 -37.12 -4.65 47.55
CA THR C 873 -38.46 -5.23 47.72
C THR C 873 -38.39 -6.65 48.26
N CYS C 874 -37.37 -7.41 47.85
CA CYS C 874 -37.20 -8.75 48.41
C CYS C 874 -36.83 -8.71 49.88
N PHE C 875 -36.02 -7.71 50.27
CA PHE C 875 -35.70 -7.51 51.68
C PHE C 875 -36.94 -7.20 52.50
N LEU C 876 -37.83 -6.35 51.96
CA LEU C 876 -39.06 -6.04 52.66
C LEU C 876 -39.95 -7.25 52.82
N LEU C 877 -40.03 -8.11 51.79
CA LEU C 877 -40.84 -9.32 51.88
C LEU C 877 -40.34 -10.24 52.98
N GLY C 878 -39.03 -10.42 53.06
CA GLY C 878 -38.49 -11.27 54.12
C GLY C 878 -38.68 -10.70 55.52
N VAL C 879 -38.42 -9.40 55.69
CA VAL C 879 -38.50 -8.86 57.04
C VAL C 879 -39.94 -8.65 57.48
N GLY C 880 -40.88 -8.58 56.55
CA GLY C 880 -42.28 -8.65 56.94
C GLY C 880 -42.73 -10.07 57.15
N CYS C 881 -42.09 -11.02 56.49
CA CYS C 881 -42.47 -12.42 56.66
C CYS C 881 -42.21 -12.87 58.08
N ARG C 882 -41.07 -12.46 58.62
CA ARG C 882 -40.65 -12.79 59.98
C ARG C 882 -41.51 -12.25 61.12
N LEU C 883 -41.97 -11.00 61.00
CA LEU C 883 -42.74 -10.40 62.09
C LEU C 883 -44.06 -11.12 62.34
N THR C 884 -44.66 -11.69 61.30
CA THR C 884 -45.81 -12.55 61.56
C THR C 884 -45.34 -13.89 62.10
N PRO C 885 -46.03 -14.45 63.09
CA PRO C 885 -45.64 -15.77 63.60
C PRO C 885 -46.25 -16.88 62.77
N GLY C 886 -45.56 -18.02 62.77
CA GLY C 886 -45.99 -19.18 62.03
C GLY C 886 -45.37 -19.34 60.66
N LEU C 887 -44.60 -18.37 60.20
CA LEU C 887 -43.87 -18.44 58.94
C LEU C 887 -42.42 -18.07 59.18
N TYR C 888 -41.82 -18.69 60.20
CA TYR C 888 -40.48 -18.31 60.62
C TYR C 888 -39.41 -18.74 59.63
N HIS C 889 -39.57 -19.92 59.03
CA HIS C 889 -38.50 -20.47 58.20
C HIS C 889 -38.39 -19.76 56.87
N LEU C 890 -39.53 -19.37 56.30
CA LEU C 890 -39.53 -18.83 54.94
C LEU C 890 -38.86 -17.47 54.89
N GLY C 891 -38.88 -16.73 56.00
CA GLY C 891 -38.20 -15.44 56.02
C GLY C 891 -36.69 -15.59 55.95
N ARG C 892 -36.15 -16.56 56.68
CA ARG C 892 -34.73 -16.88 56.58
C ARG C 892 -34.37 -17.34 55.18
N THR C 893 -35.22 -18.18 54.57
CA THR C 893 -34.92 -18.71 53.25
C THR C 893 -34.91 -17.61 52.19
N VAL C 894 -35.81 -16.64 52.30
CA VAL C 894 -35.83 -15.55 51.33
C VAL C 894 -34.65 -14.61 51.56
N LEU C 895 -34.37 -14.30 52.84
CA LEU C 895 -33.36 -13.30 53.14
C LEU C 895 -31.95 -13.78 52.83
N CYS C 896 -31.70 -15.09 52.97
CA CYS C 896 -30.39 -15.64 52.59
C CYS C 896 -30.13 -15.52 51.09
N ILE C 897 -31.15 -15.69 50.27
CA ILE C 897 -30.96 -15.50 48.84
C ILE C 897 -30.80 -14.04 48.52
N ASP C 898 -31.50 -13.16 49.24
CA ASP C 898 -31.39 -11.74 48.93
C ASP C 898 -30.03 -11.14 49.32
N PHE C 899 -29.32 -11.79 50.26
CA PHE C 899 -27.93 -11.40 50.55
C PHE C 899 -27.03 -11.48 49.33
N MET C 900 -27.28 -12.46 48.47
CA MET C 900 -26.54 -12.60 47.21
C MET C 900 -26.72 -11.38 46.32
N VAL C 901 -27.95 -10.88 46.21
CA VAL C 901 -28.21 -9.75 45.32
C VAL C 901 -27.65 -8.47 45.92
N PHE C 902 -27.65 -8.35 47.24
CA PHE C 902 -26.91 -7.24 47.83
C PHE C 902 -25.42 -7.32 47.58
N THR C 903 -24.85 -8.52 47.58
CA THR C 903 -23.40 -8.63 47.45
C THR C 903 -22.94 -8.39 46.03
N VAL C 904 -23.75 -8.76 45.03
CA VAL C 904 -23.25 -8.68 43.66
C VAL C 904 -23.28 -7.27 43.11
N ARG C 905 -23.80 -6.32 43.86
CA ARG C 905 -23.81 -4.94 43.39
C ARG C 905 -22.43 -4.29 43.58
N LEU C 906 -21.51 -5.00 44.22
CA LEU C 906 -20.21 -4.46 44.54
C LEU C 906 -19.28 -4.47 43.33
N LEU C 907 -19.81 -4.77 42.15
CA LEU C 907 -19.07 -4.57 40.92
C LEU C 907 -19.42 -3.28 40.22
N HIS C 908 -20.63 -2.78 40.42
CA HIS C 908 -21.02 -1.54 39.77
C HIS C 908 -20.32 -0.34 40.39
N ILE C 909 -19.88 -0.46 41.64
CA ILE C 909 -19.17 0.66 42.26
C ILE C 909 -17.77 0.77 41.69
N PHE C 910 -17.08 -0.34 41.49
CA PHE C 910 -15.72 -0.26 41.01
C PHE C 910 -15.60 -0.08 39.51
N THR C 911 -16.64 0.38 38.83
CA THR C 911 -16.51 0.66 37.41
C THR C 911 -15.70 1.94 37.18
N VAL C 912 -15.63 2.80 38.19
CA VAL C 912 -15.02 4.11 38.02
C VAL C 912 -13.51 4.00 37.94
N ASN C 913 -12.93 3.04 38.65
CA ASN C 913 -11.49 2.97 38.85
C ASN C 913 -10.78 2.60 37.55
N LYS C 914 -9.48 2.91 37.51
CA LYS C 914 -8.75 2.87 36.25
C LYS C 914 -8.36 1.45 35.84
N GLN C 915 -7.96 0.61 36.78
CA GLN C 915 -7.41 -0.69 36.44
C GLN C 915 -8.45 -1.78 36.33
N LEU C 916 -9.71 -1.51 36.63
CA LEU C 916 -10.75 -2.50 36.46
C LEU C 916 -11.83 -2.05 35.48
N GLY C 917 -11.79 -0.79 35.06
CA GLY C 917 -12.78 -0.19 34.21
C GLY C 917 -13.00 -0.89 32.89
N PRO C 918 -11.98 -0.94 32.02
CA PRO C 918 -12.14 -1.67 30.77
C PRO C 918 -12.17 -3.18 30.92
N LYS C 919 -12.06 -3.73 32.13
CA LYS C 919 -12.14 -5.17 32.29
C LYS C 919 -13.51 -5.65 32.74
N ILE C 920 -14.22 -4.87 33.56
CA ILE C 920 -15.54 -5.32 34.01
C ILE C 920 -16.55 -5.32 32.86
N VAL C 921 -16.44 -4.36 31.94
CA VAL C 921 -17.47 -4.18 30.93
C VAL C 921 -17.47 -5.30 29.90
N ILE C 922 -16.30 -5.90 29.65
CA ILE C 922 -16.21 -6.93 28.61
C ILE C 922 -16.91 -8.21 29.01
N VAL C 923 -17.07 -8.46 30.31
CA VAL C 923 -17.66 -9.69 30.81
C VAL C 923 -19.13 -9.83 30.41
N SER C 924 -19.85 -8.71 30.31
CA SER C 924 -21.25 -8.81 29.92
C SER C 924 -21.43 -9.09 28.44
N LYS C 925 -20.45 -8.76 27.61
CA LYS C 925 -20.58 -9.01 26.18
C LYS C 925 -20.17 -10.41 25.78
N MET C 926 -19.74 -11.24 26.73
CA MET C 926 -19.36 -12.61 26.46
C MET C 926 -20.50 -13.57 26.77
N MET C 927 -21.73 -13.10 26.79
CA MET C 927 -22.89 -13.95 27.04
C MET C 927 -23.54 -14.42 25.75
N LYS C 928 -22.81 -14.42 24.64
CA LYS C 928 -23.32 -15.00 23.42
C LYS C 928 -22.83 -16.42 23.21
N ASP C 929 -22.06 -16.95 24.14
CA ASP C 929 -21.44 -18.26 23.99
C ASP C 929 -21.78 -19.22 25.11
N VAL C 930 -22.02 -18.71 26.32
CA VAL C 930 -22.42 -19.55 27.43
C VAL C 930 -23.78 -20.17 27.15
N PHE C 931 -24.66 -19.47 26.45
CA PHE C 931 -25.94 -20.06 26.10
C PHE C 931 -25.80 -21.16 25.05
N PHE C 932 -24.86 -21.00 24.11
CA PHE C 932 -24.56 -22.07 23.18
C PHE C 932 -24.02 -23.31 23.89
N PHE C 933 -23.14 -23.10 24.87
CA PHE C 933 -22.60 -24.21 25.63
C PHE C 933 -23.69 -24.93 26.42
N LEU C 934 -24.59 -24.17 27.04
CA LEU C 934 -25.66 -24.79 27.81
C LEU C 934 -26.62 -25.57 26.91
N PHE C 935 -26.90 -25.04 25.73
CA PHE C 935 -27.77 -25.74 24.79
C PHE C 935 -27.17 -27.07 24.37
N PHE C 936 -25.91 -27.04 23.93
CA PHE C 936 -25.30 -28.25 23.40
C PHE C 936 -25.11 -29.29 24.49
N LEU C 937 -24.79 -28.83 25.70
CA LEU C 937 -24.55 -29.77 26.78
C LEU C 937 -25.84 -30.34 27.31
N GLY C 938 -26.93 -29.57 27.31
CA GLY C 938 -28.20 -30.11 27.78
C GLY C 938 -28.75 -31.16 26.84
N VAL C 939 -28.70 -30.89 25.53
CA VAL C 939 -29.14 -31.86 24.55
C VAL C 939 -28.29 -33.13 24.61
N TRP C 940 -26.98 -32.97 24.74
CA TRP C 940 -26.16 -34.17 24.77
C TRP C 940 -26.24 -34.91 26.11
N LEU C 941 -26.65 -34.22 27.18
CA LEU C 941 -26.64 -34.81 28.51
C LEU C 941 -27.89 -35.63 28.80
N VAL C 942 -29.05 -35.15 28.36
CA VAL C 942 -30.30 -35.83 28.69
C VAL C 942 -30.34 -37.23 28.07
N ALA C 943 -29.72 -37.41 26.91
CA ALA C 943 -29.78 -38.68 26.23
C ALA C 943 -28.92 -39.72 26.92
N TYR C 944 -27.73 -39.31 27.38
CA TYR C 944 -26.88 -40.21 28.14
C TYR C 944 -27.53 -40.63 29.44
N GLY C 945 -28.19 -39.68 30.11
CA GLY C 945 -28.86 -40.02 31.37
C GLY C 945 -29.97 -41.03 31.18
N VAL C 946 -30.81 -40.82 30.17
CA VAL C 946 -31.92 -41.74 29.95
C VAL C 946 -31.43 -43.10 29.48
N ALA C 947 -30.37 -43.15 28.65
CA ALA C 947 -29.87 -44.44 28.19
C ALA C 947 -29.24 -45.23 29.32
N THR C 948 -28.52 -44.56 30.22
CA THR C 948 -27.93 -45.27 31.36
C THR C 948 -29.00 -45.81 32.28
N GLU C 949 -29.99 -44.99 32.63
CA GLU C 949 -31.02 -45.51 33.52
C GLU C 949 -32.00 -46.44 32.84
N GLY C 950 -31.94 -46.57 31.52
CA GLY C 950 -32.68 -47.62 30.87
C GLY C 950 -31.91 -48.93 30.89
N LEU C 951 -30.58 -48.86 30.76
CA LEU C 951 -29.84 -50.11 30.74
C LEU C 951 -29.71 -50.72 32.13
N LEU C 952 -29.59 -49.90 33.18
CA LEU C 952 -29.36 -50.53 34.48
C LEU C 952 -30.65 -51.04 35.12
N ARG C 953 -31.79 -50.36 34.89
CA ARG C 953 -33.11 -50.65 35.45
C ARG C 953 -33.11 -50.79 36.97
N PRO C 954 -33.04 -49.70 37.73
CA PRO C 954 -33.05 -49.84 39.20
C PRO C 954 -34.43 -50.30 39.67
N ARG C 955 -34.44 -51.37 40.47
CA ARG C 955 -35.70 -51.86 41.03
C ARG C 955 -35.98 -51.22 42.39
N ASP C 956 -35.84 -49.90 42.44
CA ASP C 956 -36.33 -49.08 43.55
C ASP C 956 -36.45 -47.68 43.00
N SER C 957 -37.66 -47.22 42.76
CA SER C 957 -37.84 -46.02 41.96
C SER C 957 -38.92 -45.13 42.56
N ASP C 958 -38.72 -43.82 42.40
CA ASP C 958 -39.70 -42.80 42.73
C ASP C 958 -39.62 -41.75 41.63
N PHE C 959 -40.17 -40.60 41.91
CA PHE C 959 -39.93 -39.44 41.06
C PHE C 959 -38.61 -38.70 41.37
N PRO C 960 -38.27 -38.35 42.63
CA PRO C 960 -37.03 -37.61 42.84
C PRO C 960 -35.78 -38.43 42.61
N SER C 961 -35.83 -39.74 42.91
CA SER C 961 -34.67 -40.58 42.70
C SER C 961 -34.34 -40.70 41.21
N ILE C 962 -35.35 -40.89 40.36
CA ILE C 962 -35.11 -41.00 38.93
C ILE C 962 -34.66 -39.66 38.36
N LEU C 963 -35.26 -38.56 38.82
CA LEU C 963 -34.87 -37.25 38.30
C LEU C 963 -33.43 -36.90 38.70
N ARG C 964 -33.06 -37.25 39.93
CA ARG C 964 -31.68 -37.06 40.40
C ARG C 964 -30.71 -37.89 39.58
N ARG C 965 -30.96 -39.18 39.50
CA ARG C 965 -30.03 -40.10 38.89
C ARG C 965 -29.99 -39.98 37.37
N VAL C 966 -30.90 -39.23 36.76
CA VAL C 966 -30.76 -38.92 35.35
C VAL C 966 -30.04 -37.60 35.13
N PHE C 967 -30.44 -36.52 35.81
CA PHE C 967 -29.75 -35.27 35.50
C PHE C 967 -28.48 -35.04 36.30
N TYR C 968 -28.56 -35.13 37.62
CA TYR C 968 -27.54 -34.56 38.50
C TYR C 968 -26.25 -35.37 38.51
N ARG C 969 -26.31 -36.67 38.32
CA ARG C 969 -25.09 -37.46 38.34
C ARG C 969 -24.22 -37.30 37.09
N PRO C 970 -24.75 -37.18 35.86
CA PRO C 970 -23.84 -36.84 34.76
C PRO C 970 -23.30 -35.43 34.80
N TYR C 971 -23.96 -34.51 35.49
CA TYR C 971 -23.47 -33.14 35.47
C TYR C 971 -22.21 -32.99 36.30
N LEU C 972 -22.03 -33.80 37.33
CA LEU C 972 -20.80 -33.76 38.09
C LEU C 972 -19.75 -34.70 37.55
N GLN C 973 -19.90 -35.19 36.33
CA GLN C 973 -18.83 -36.00 35.76
C GLN C 973 -17.94 -35.23 34.82
N ILE C 974 -18.28 -34.00 34.47
CA ILE C 974 -17.39 -33.20 33.67
C ILE C 974 -16.51 -32.31 34.52
N PHE C 975 -16.49 -32.54 35.83
CA PHE C 975 -15.64 -31.77 36.72
C PHE C 975 -14.79 -32.70 37.58
N GLY C 976 -14.40 -33.84 37.04
CA GLY C 976 -13.47 -34.72 37.73
C GLY C 976 -14.04 -35.44 38.92
N GLN C 977 -15.27 -35.92 38.83
CA GLN C 977 -15.87 -36.76 39.86
C GLN C 977 -16.55 -37.92 39.15
N ILE C 978 -15.82 -39.01 38.96
CA ILE C 978 -16.35 -40.16 38.22
C ILE C 978 -16.40 -41.34 39.16
N PRO C 979 -17.54 -41.55 39.83
CA PRO C 979 -17.63 -42.72 40.71
C PRO C 979 -18.02 -43.93 39.87
N GLN C 980 -17.24 -45.01 39.95
CA GLN C 980 -17.52 -46.21 39.15
C GLN C 980 -18.21 -47.36 39.88
N GLU C 981 -18.57 -47.16 41.14
CA GLU C 981 -19.22 -48.20 41.92
C GLU C 981 -20.59 -48.67 41.42
N ASP C 982 -21.40 -47.73 40.96
CA ASP C 982 -22.74 -48.08 40.48
C ASP C 982 -22.79 -48.34 38.98
N MET C 983 -21.65 -48.25 38.32
CA MET C 983 -21.60 -48.43 36.88
C MET C 983 -21.24 -49.87 36.53
N ASP C 984 -20.11 -50.37 37.01
CA ASP C 984 -19.76 -51.75 36.73
C ASP C 984 -20.57 -52.71 37.59
N VAL C 985 -20.41 -53.98 37.31
CA VAL C 985 -20.80 -55.03 38.25
C VAL C 985 -19.63 -55.80 38.77
N ALA C 986 -18.44 -55.64 38.17
CA ALA C 986 -17.27 -56.38 38.60
C ALA C 986 -16.58 -55.75 39.80
N LEU C 987 -17.20 -54.77 40.42
CA LEU C 987 -16.76 -54.25 41.69
C LEU C 987 -17.79 -54.49 42.78
N MET C 988 -18.89 -55.17 42.49
CA MET C 988 -19.94 -55.37 43.45
C MET C 988 -20.10 -56.86 43.74
N GLU C 989 -20.99 -57.17 44.68
CA GLU C 989 -21.21 -58.53 45.13
C GLU C 989 -22.38 -59.14 44.37
N HIS C 990 -22.18 -60.34 43.86
CA HIS C 990 -23.21 -61.02 43.08
C HIS C 990 -24.28 -61.55 44.04
N SER C 991 -25.35 -60.78 44.21
CA SER C 991 -26.42 -61.19 45.11
C SER C 991 -27.76 -61.21 44.40
N ASN C 992 -28.49 -62.32 44.53
CA ASN C 992 -29.80 -62.39 43.91
C ASN C 992 -30.91 -62.20 44.93
N CYS C 993 -31.45 -60.99 44.98
CA CYS C 993 -32.53 -60.66 45.89
C CYS C 993 -33.75 -60.19 45.10
N SER C 994 -33.67 -60.32 43.78
CA SER C 994 -34.73 -59.85 42.91
C SER C 994 -35.55 -61.05 42.42
N SER C 995 -36.77 -60.76 41.97
CA SER C 995 -37.71 -61.80 41.59
C SER C 995 -37.92 -61.95 40.10
N GLU C 996 -37.73 -60.88 39.32
CA GLU C 996 -37.82 -60.99 37.88
C GLU C 996 -36.64 -61.80 37.35
N PRO C 997 -36.84 -62.63 36.32
CA PRO C 997 -35.79 -63.56 35.90
C PRO C 997 -34.61 -62.86 35.24
N GLY C 998 -33.42 -63.34 35.54
CA GLY C 998 -32.20 -62.80 34.99
C GLY C 998 -31.06 -62.98 35.98
N PHE C 999 -30.24 -61.95 36.10
CA PHE C 999 -29.15 -61.93 37.05
C PHE C 999 -29.04 -60.53 37.61
N TRP C 1000 -28.74 -60.44 38.90
CA TRP C 1000 -28.83 -59.17 39.62
C TRP C 1000 -27.60 -58.96 40.47
N ALA C 1001 -27.32 -57.69 40.77
CA ALA C 1001 -26.16 -57.34 41.57
C ALA C 1001 -26.54 -56.26 42.55
N HIS C 1002 -25.74 -56.16 43.61
CA HIS C 1002 -26.05 -55.31 44.76
C HIS C 1002 -25.13 -54.11 44.79
N PRO C 1003 -25.67 -52.89 44.79
CA PRO C 1003 -24.82 -51.71 44.88
C PRO C 1003 -24.34 -51.49 46.30
N PRO C 1004 -23.14 -50.99 46.49
CA PRO C 1004 -22.65 -50.72 47.84
C PRO C 1004 -22.99 -49.31 48.31
N GLY C 1005 -23.31 -48.41 47.39
CA GLY C 1005 -23.52 -47.02 47.71
C GLY C 1005 -24.90 -46.73 48.26
N ALA C 1006 -25.28 -45.46 48.15
CA ALA C 1006 -26.64 -45.01 48.40
C ALA C 1006 -27.19 -44.39 47.13
N GLN C 1007 -28.54 -44.35 47.05
CA GLN C 1007 -29.36 -43.78 45.99
C GLN C 1007 -29.34 -44.57 44.68
N ALA C 1008 -28.46 -45.55 44.53
CA ALA C 1008 -28.43 -46.35 43.32
C ALA C 1008 -29.19 -47.64 43.50
N GLY C 1009 -30.41 -47.54 44.03
CA GLY C 1009 -31.34 -48.63 44.28
C GLY C 1009 -30.75 -49.67 45.21
N THR C 1010 -31.31 -50.88 45.11
CA THR C 1010 -30.73 -52.04 45.76
C THR C 1010 -30.50 -53.19 44.80
N CYS C 1011 -30.93 -53.08 43.55
CA CYS C 1011 -30.72 -54.15 42.58
C CYS C 1011 -30.40 -53.51 41.23
N VAL C 1012 -29.33 -53.99 40.60
CA VAL C 1012 -28.94 -53.52 39.27
C VAL C 1012 -28.82 -54.75 38.38
N SER C 1013 -29.36 -54.65 37.17
CA SER C 1013 -29.25 -55.74 36.22
C SER C 1013 -27.82 -55.93 35.74
N GLN C 1014 -27.56 -57.10 35.15
CA GLN C 1014 -26.24 -57.40 34.63
C GLN C 1014 -26.24 -57.72 33.14
N TYR C 1015 -27.36 -57.57 32.46
CA TYR C 1015 -27.45 -57.99 31.07
C TYR C 1015 -26.72 -56.98 30.21
N ALA C 1016 -25.64 -57.44 29.57
CA ALA C 1016 -24.82 -56.66 28.63
C ALA C 1016 -24.29 -55.39 29.30
N ASN C 1017 -23.43 -55.60 30.29
CA ASN C 1017 -23.00 -54.45 31.07
C ASN C 1017 -21.91 -53.65 30.37
N TRP C 1018 -21.27 -54.21 29.34
CA TRP C 1018 -20.18 -53.51 28.68
C TRP C 1018 -20.66 -52.29 27.89
N LEU C 1019 -21.93 -52.27 27.49
CA LEU C 1019 -22.48 -51.13 26.78
C LEU C 1019 -22.49 -49.87 27.67
N VAL C 1020 -22.62 -50.06 28.98
CA VAL C 1020 -22.55 -48.95 29.92
C VAL C 1020 -21.18 -48.31 29.93
N VAL C 1021 -20.13 -49.13 29.96
CA VAL C 1021 -18.77 -48.61 30.00
C VAL C 1021 -18.42 -47.93 28.68
N LEU C 1022 -18.91 -48.48 27.57
CA LEU C 1022 -18.64 -47.85 26.28
C LEU C 1022 -19.34 -46.50 26.15
N LEU C 1023 -20.57 -46.38 26.68
CA LEU C 1023 -21.24 -45.08 26.68
C LEU C 1023 -20.55 -44.09 27.60
N LEU C 1024 -19.98 -44.55 28.71
CA LEU C 1024 -19.22 -43.66 29.60
C LEU C 1024 -18.00 -43.09 28.89
N VAL C 1025 -17.30 -43.93 28.13
CA VAL C 1025 -16.12 -43.45 27.41
C VAL C 1025 -16.51 -42.44 26.34
N ILE C 1026 -17.59 -42.71 25.60
CA ILE C 1026 -18.04 -41.80 24.55
C ILE C 1026 -18.44 -40.44 25.11
N PHE C 1027 -19.21 -40.44 26.22
CA PHE C 1027 -19.66 -39.18 26.80
C PHE C 1027 -18.50 -38.37 27.36
N LEU C 1028 -17.55 -39.04 28.00
CA LEU C 1028 -16.44 -38.29 28.60
C LEU C 1028 -15.56 -37.69 27.51
N LEU C 1029 -15.36 -38.43 26.41
CA LEU C 1029 -14.55 -37.91 25.32
C LEU C 1029 -15.22 -36.73 24.61
N VAL C 1030 -16.55 -36.77 24.46
CA VAL C 1030 -17.22 -35.65 23.82
C VAL C 1030 -17.21 -34.42 24.71
N ALA C 1031 -17.77 -34.52 25.90
CA ALA C 1031 -17.83 -33.32 26.75
C ALA C 1031 -16.48 -32.75 27.19
N ASN C 1032 -15.58 -33.61 27.66
CA ASN C 1032 -14.27 -33.16 28.11
C ASN C 1032 -13.24 -32.63 27.11
N ILE C 1033 -13.10 -33.30 25.96
CA ILE C 1033 -12.08 -32.93 24.98
C ILE C 1033 -12.48 -32.03 23.80
N LEU C 1034 -13.76 -31.96 23.47
CA LEU C 1034 -14.19 -31.14 22.33
C LEU C 1034 -14.84 -29.83 22.78
N LEU C 1035 -15.78 -29.88 23.73
CA LEU C 1035 -16.60 -28.72 24.00
C LEU C 1035 -15.85 -27.64 24.76
N VAL C 1036 -15.08 -28.02 25.77
CA VAL C 1036 -14.37 -27.04 26.57
C VAL C 1036 -13.30 -26.34 25.74
N ASN C 1037 -12.60 -27.08 24.90
CA ASN C 1037 -11.58 -26.47 24.07
C ASN C 1037 -12.18 -25.62 22.96
N LEU C 1038 -13.34 -26.02 22.44
CA LEU C 1038 -14.05 -25.19 21.48
C LEU C 1038 -14.53 -23.90 22.11
N LEU C 1039 -14.94 -23.96 23.38
CA LEU C 1039 -15.39 -22.76 24.06
C LEU C 1039 -14.24 -21.81 24.34
N ILE C 1040 -13.05 -22.34 24.62
CA ILE C 1040 -11.85 -21.51 24.74
C ILE C 1040 -11.55 -20.79 23.43
N ALA C 1041 -11.68 -21.49 22.30
CA ALA C 1041 -11.44 -20.86 21.02
C ALA C 1041 -12.43 -19.74 20.73
N MET C 1042 -13.71 -19.96 21.05
CA MET C 1042 -14.70 -18.93 20.79
C MET C 1042 -14.53 -17.70 21.68
N PHE C 1043 -14.11 -17.90 22.94
CA PHE C 1043 -13.84 -16.74 23.79
C PHE C 1043 -12.68 -15.93 23.28
N SER C 1044 -11.62 -16.60 22.81
CA SER C 1044 -10.47 -15.86 22.29
C SER C 1044 -10.84 -15.04 21.06
N TYR C 1045 -11.58 -15.64 20.13
CA TYR C 1045 -11.95 -14.93 18.91
C TYR C 1045 -12.95 -13.82 19.16
N THR C 1046 -13.84 -13.95 20.14
CA THR C 1046 -14.77 -12.87 20.39
C THR C 1046 -14.09 -11.71 21.12
N PHE C 1047 -13.19 -12.04 22.05
CA PHE C 1047 -12.51 -11.03 22.85
C PHE C 1047 -11.62 -10.15 21.98
N GLY C 1048 -10.82 -10.78 21.12
CA GLY C 1048 -9.89 -10.02 20.29
C GLY C 1048 -10.53 -9.10 19.29
N LYS C 1049 -11.83 -9.27 19.01
CA LYS C 1049 -12.57 -8.37 18.17
C LYS C 1049 -13.26 -7.26 18.95
N VAL C 1050 -13.98 -7.61 20.03
CA VAL C 1050 -14.84 -6.63 20.69
C VAL C 1050 -14.07 -5.72 21.65
N GLN C 1051 -12.81 -6.02 21.92
CA GLN C 1051 -12.03 -5.23 22.87
C GLN C 1051 -11.87 -3.78 22.43
N GLY C 1052 -11.63 -3.56 21.13
CA GLY C 1052 -11.39 -2.22 20.63
C GLY C 1052 -12.60 -1.32 20.64
N ASN C 1053 -13.80 -1.87 20.68
CA ASN C 1053 -14.99 -1.04 20.81
C ASN C 1053 -15.35 -0.83 22.28
N SER C 1054 -15.15 -1.87 23.09
CA SER C 1054 -15.50 -1.76 24.50
C SER C 1054 -14.63 -0.76 25.23
N ASP C 1055 -13.37 -0.62 24.81
CA ASP C 1055 -12.50 0.35 25.47
C ASP C 1055 -12.96 1.79 25.22
N LEU C 1056 -13.36 2.10 23.99
CA LEU C 1056 -13.91 3.40 23.64
C LEU C 1056 -15.19 3.69 24.41
N TYR C 1057 -16.07 2.69 24.49
CA TYR C 1057 -17.32 2.91 25.21
C TYR C 1057 -17.09 3.09 26.71
N TRP C 1058 -16.05 2.49 27.27
CA TRP C 1058 -15.75 2.79 28.67
C TRP C 1058 -15.22 4.20 28.81
N LYS C 1059 -14.37 4.64 27.87
CA LYS C 1059 -13.84 6.00 27.95
C LYS C 1059 -14.91 7.06 27.82
N ALA C 1060 -16.05 6.74 27.20
CA ALA C 1060 -17.08 7.76 27.06
C ALA C 1060 -17.81 8.06 28.36
N GLN C 1061 -18.08 7.06 29.20
CA GLN C 1061 -19.02 7.23 30.31
C GLN C 1061 -18.35 7.73 31.58
N ARG C 1062 -17.04 7.97 31.54
CA ARG C 1062 -16.30 8.26 32.75
C ARG C 1062 -16.69 9.62 33.29
N TYR C 1063 -17.03 10.57 32.42
CA TYR C 1063 -17.44 11.89 32.89
C TYR C 1063 -18.74 11.84 33.66
N ARG C 1064 -19.71 11.06 33.19
CA ARG C 1064 -20.97 10.98 33.91
C ARG C 1064 -20.79 10.27 35.24
N LEU C 1065 -19.92 9.26 35.26
CA LEU C 1065 -19.69 8.58 36.53
C LEU C 1065 -18.91 9.44 37.52
N ILE C 1066 -18.09 10.38 37.04
CA ILE C 1066 -17.48 11.31 38.00
C ILE C 1066 -18.51 12.32 38.47
N ARG C 1067 -19.35 12.79 37.55
CA ARG C 1067 -20.30 13.86 37.84
C ARG C 1067 -21.36 13.40 38.83
N GLU C 1068 -21.66 12.11 38.87
CA GLU C 1068 -22.64 11.61 39.82
C GLU C 1068 -22.17 11.76 41.27
N PHE C 1069 -20.88 11.54 41.55
CA PHE C 1069 -20.42 11.51 42.94
C PHE C 1069 -20.36 12.88 43.58
N HIS C 1070 -20.26 13.93 42.80
CA HIS C 1070 -20.12 15.24 43.42
C HIS C 1070 -21.43 15.76 43.96
N SER C 1071 -22.54 15.41 43.32
CA SER C 1071 -23.86 15.83 43.79
C SER C 1071 -24.34 14.99 44.97
N ARG C 1072 -23.73 13.82 45.19
CA ARG C 1072 -24.08 12.98 46.31
C ARG C 1072 -23.66 13.65 47.62
N PRO C 1073 -24.40 13.42 48.71
CA PRO C 1073 -24.05 14.06 49.97
C PRO C 1073 -22.73 13.56 50.53
N ALA C 1074 -22.05 14.45 51.26
CA ALA C 1074 -20.67 14.27 51.68
C ALA C 1074 -20.54 13.62 53.05
N LEU C 1075 -21.57 12.93 53.51
CA LEU C 1075 -21.53 12.25 54.78
C LEU C 1075 -21.90 10.78 54.60
N ALA C 1076 -21.50 9.98 55.58
CA ALA C 1076 -21.71 8.54 55.53
C ALA C 1076 -23.18 8.20 55.79
N PRO C 1077 -23.62 7.00 55.42
CA PRO C 1077 -24.98 6.54 55.81
C PRO C 1077 -25.21 6.40 57.30
N PRO C 1078 -24.19 6.27 58.17
CA PRO C 1078 -24.44 6.56 59.58
C PRO C 1078 -24.61 8.04 59.91
N PHE C 1079 -24.27 8.96 59.01
CA PHE C 1079 -24.57 10.38 59.22
C PHE C 1079 -25.56 10.90 58.18
N ILE C 1080 -26.22 10.00 57.45
CA ILE C 1080 -27.16 10.41 56.41
C ILE C 1080 -28.42 11.01 56.99
N VAL C 1081 -28.73 10.72 58.25
CA VAL C 1081 -29.85 11.41 58.90
C VAL C 1081 -29.51 12.88 59.12
N ILE C 1082 -28.26 13.18 59.50
CA ILE C 1082 -27.85 14.57 59.66
C ILE C 1082 -27.69 15.26 58.31
N SER C 1083 -27.27 14.52 57.28
CA SER C 1083 -27.18 15.10 55.94
C SER C 1083 -28.57 15.39 55.37
N HIS C 1084 -29.53 14.50 55.61
CA HIS C 1084 -30.91 14.78 55.23
C HIS C 1084 -31.51 15.89 56.07
N LEU C 1085 -31.04 16.07 57.31
CA LEU C 1085 -31.45 17.21 58.12
C LEU C 1085 -30.94 18.52 57.51
N ARG C 1086 -29.69 18.55 57.06
CA ARG C 1086 -29.17 19.71 56.39
C ARG C 1086 -29.83 19.93 55.02
N LEU C 1087 -30.33 18.87 54.40
CA LEU C 1087 -31.01 19.00 53.12
C LEU C 1087 -32.43 19.53 53.31
N LEU C 1088 -33.16 19.00 54.30
CA LEU C 1088 -34.52 19.43 54.59
C LEU C 1088 -34.57 20.50 55.67
N LEU C 1089 -33.48 21.22 55.89
CA LEU C 1089 -33.51 22.42 56.72
C LEU C 1089 -33.92 23.65 55.92
N ARG C 1090 -33.58 23.70 54.62
CA ARG C 1090 -33.84 24.85 53.77
C ARG C 1090 -34.76 24.50 52.60
N GLN C 1091 -35.75 23.65 52.81
CA GLN C 1091 -36.73 23.35 51.76
C GLN C 1091 -38.06 22.93 52.36
N ALA C 1105 -24.04 21.35 40.75
CA ALA C 1105 -22.59 21.22 40.76
C ALA C 1105 -21.91 22.56 40.53
N LEU C 1106 -20.87 22.82 41.30
CA LEU C 1106 -20.15 24.09 41.17
C LEU C 1106 -18.65 23.89 40.99
N GLU C 1107 -18.06 22.90 41.65
CA GLU C 1107 -16.62 22.69 41.58
C GLU C 1107 -16.26 21.96 40.29
N HIS C 1108 -15.27 22.50 39.58
CA HIS C 1108 -14.75 21.98 38.31
C HIS C 1108 -15.84 21.87 37.25
N PHE C 1109 -16.77 22.82 37.26
CA PHE C 1109 -17.80 22.93 36.24
C PHE C 1109 -18.04 24.35 35.78
N ARG C 1110 -17.43 25.35 36.42
CA ARG C 1110 -17.49 26.73 35.99
C ARG C 1110 -16.25 27.43 36.49
N VAL C 1111 -15.49 28.03 35.58
CA VAL C 1111 -14.33 28.85 35.92
C VAL C 1111 -14.62 30.26 35.43
N TYR C 1112 -14.44 31.24 36.30
CA TYR C 1112 -14.74 32.62 35.97
C TYR C 1112 -13.45 33.40 35.82
N LEU C 1113 -13.34 34.13 34.71
CA LEU C 1113 -12.11 34.78 34.29
C LEU C 1113 -12.32 36.27 34.15
N SER C 1114 -11.22 37.01 34.10
CA SER C 1114 -11.30 38.43 33.78
C SER C 1114 -11.36 38.61 32.26
N LYS C 1115 -12.05 39.67 31.84
CA LYS C 1115 -12.41 39.80 30.43
C LYS C 1115 -11.22 40.14 29.55
N GLU C 1116 -10.18 40.74 30.12
CA GLU C 1116 -8.95 40.96 29.36
C GLU C 1116 -8.27 39.63 29.03
N ALA C 1117 -8.26 38.70 29.98
CA ALA C 1117 -7.71 37.38 29.70
C ALA C 1117 -8.56 36.60 28.71
N GLU C 1118 -9.88 36.82 28.73
CA GLU C 1118 -10.76 36.21 27.75
C GLU C 1118 -10.46 36.70 26.34
N ARG C 1119 -10.36 38.02 26.20
CA ARG C 1119 -10.05 38.63 24.92
C ARG C 1119 -8.67 38.26 24.44
N LYS C 1120 -7.74 37.99 25.37
CA LYS C 1120 -6.42 37.51 24.96
C LYS C 1120 -6.47 36.05 24.53
N LEU C 1121 -7.28 35.25 25.23
CA LEU C 1121 -7.33 33.82 24.99
C LEU C 1121 -7.94 33.51 23.63
N LEU C 1122 -8.95 34.28 23.23
CA LEU C 1122 -9.57 34.04 21.93
C LEU C 1122 -8.61 34.37 20.80
N THR C 1123 -7.78 35.39 20.97
CA THR C 1123 -6.72 35.66 20.01
C THR C 1123 -5.72 34.52 19.95
N TRP C 1124 -5.35 33.99 21.12
CA TRP C 1124 -4.38 32.90 21.18
C TRP C 1124 -4.88 31.65 20.45
N GLU C 1125 -6.18 31.37 20.53
CA GLU C 1125 -6.65 30.20 19.80
C GLU C 1125 -6.90 30.50 18.33
N SER C 1126 -7.29 31.73 18.00
CA SER C 1126 -7.57 32.06 16.61
C SER C 1126 -6.31 32.03 15.75
N VAL C 1127 -5.16 32.34 16.35
CA VAL C 1127 -3.89 32.18 15.65
C VAL C 1127 -3.65 30.74 15.26
N HIS C 1128 -3.90 29.81 16.18
CA HIS C 1128 -3.72 28.39 15.86
C HIS C 1128 -4.71 27.89 14.83
N LYS C 1129 -5.94 28.41 14.85
CA LYS C 1129 -6.93 27.96 13.87
C LYS C 1129 -6.55 28.42 12.46
N GLU C 1130 -6.16 29.68 12.33
CA GLU C 1130 -5.73 30.19 11.03
C GLU C 1130 -4.42 29.58 10.57
N ASN C 1131 -3.61 29.06 11.50
CA ASN C 1131 -2.42 28.34 11.06
C ASN C 1131 -2.77 26.94 10.58
N PHE C 1132 -3.71 26.30 11.27
CA PHE C 1132 -4.08 24.92 10.99
C PHE C 1132 -4.72 24.75 9.61
N LEU C 1133 -5.65 25.64 9.26
CA LEU C 1133 -6.31 25.51 7.97
C LEU C 1133 -5.35 25.73 6.80
N LEU C 1134 -4.45 26.70 6.95
CA LEU C 1134 -3.46 26.97 5.91
C LEU C 1134 -2.49 25.81 5.76
N ALA C 1135 -2.12 25.18 6.88
CA ALA C 1135 -1.23 24.03 6.80
C ALA C 1135 -1.88 22.87 6.07
N ARG C 1136 -3.16 22.61 6.35
CA ARG C 1136 -3.85 21.51 5.65
C ARG C 1136 -4.01 21.81 4.16
N ALA C 1137 -4.31 23.06 3.82
CA ALA C 1137 -4.49 23.41 2.41
C ALA C 1137 -3.19 23.31 1.64
N ARG C 1138 -2.07 23.73 2.24
CA ARG C 1138 -0.79 23.61 1.53
C ARG C 1138 -0.36 22.16 1.42
N ASP C 1139 -0.69 21.33 2.41
CA ASP C 1139 -0.36 19.91 2.33
C ASP C 1139 -1.15 19.24 1.20
N LYS C 1140 -2.38 19.68 0.98
CA LYS C 1140 -3.12 19.13 -0.15
C LYS C 1140 -2.56 19.66 -1.47
N ARG C 1141 -2.14 20.92 -1.47
CA ARG C 1141 -1.60 21.56 -2.66
C ARG C 1141 -0.30 20.96 -3.19
N GLU C 1142 0.59 20.57 -2.29
CA GLU C 1142 1.90 20.06 -2.69
C GLU C 1142 1.97 18.54 -2.63
N SER C 1143 0.88 17.86 -2.95
CA SER C 1143 0.86 16.41 -2.94
C SER C 1143 1.49 15.87 -4.22
N ASP C 1144 1.30 14.58 -4.49
CA ASP C 1144 1.86 13.97 -5.67
C ASP C 1144 0.79 13.50 -6.65
N SER C 1145 -0.37 14.14 -6.62
CA SER C 1145 -1.40 13.90 -7.60
C SER C 1145 -1.93 15.19 -8.21
N GLU C 1146 -1.56 16.34 -7.69
CA GLU C 1146 -1.96 17.60 -8.26
C GLU C 1146 -0.88 18.24 -9.10
N ARG C 1147 0.38 17.85 -8.85
CA ARG C 1147 1.47 18.13 -9.78
C ARG C 1147 1.12 17.67 -11.18
N LEU C 1148 0.56 16.46 -11.28
CA LEU C 1148 0.24 15.88 -12.56
C LEU C 1148 -0.87 16.66 -13.25
N LYS C 1149 -1.82 17.18 -12.46
CA LYS C 1149 -2.91 17.93 -13.04
C LYS C 1149 -2.44 19.29 -13.54
N ARG C 1150 -1.58 19.96 -12.78
CA ARG C 1150 -1.09 21.25 -13.25
C ARG C 1150 -0.14 21.10 -14.43
N THR C 1151 0.63 20.01 -14.49
CA THR C 1151 1.44 19.81 -15.69
C THR C 1151 0.59 19.47 -16.89
N SER C 1152 -0.53 18.78 -16.70
CA SER C 1152 -1.46 18.55 -17.80
C SER C 1152 -2.02 19.85 -18.34
N GLN C 1153 -2.41 20.75 -17.44
CA GLN C 1153 -2.95 22.04 -17.89
C GLN C 1153 -1.89 22.89 -18.57
N LYS C 1154 -0.66 22.87 -18.07
CA LYS C 1154 0.37 23.69 -18.69
C LYS C 1154 0.78 23.15 -20.05
N VAL C 1155 0.80 21.83 -20.22
CA VAL C 1155 1.12 21.27 -21.53
C VAL C 1155 0.01 21.58 -22.53
N ASP C 1156 -1.24 21.59 -22.06
CA ASP C 1156 -2.34 21.98 -22.95
C ASP C 1156 -2.24 23.45 -23.36
N LEU C 1157 -1.90 24.33 -22.42
CA LEU C 1157 -1.70 25.74 -22.74
C LEU C 1157 -0.55 25.94 -23.72
N ALA C 1158 0.55 25.21 -23.52
CA ALA C 1158 1.70 25.33 -24.41
C ALA C 1158 1.37 24.85 -25.81
N LEU C 1159 0.59 23.78 -25.93
CA LEU C 1159 0.19 23.29 -27.22
C LEU C 1159 -0.74 24.27 -27.93
N LYS C 1160 -1.64 24.90 -27.18
CA LYS C 1160 -2.55 25.89 -27.77
C LYS C 1160 -1.78 27.11 -28.26
N GLN C 1161 -0.79 27.56 -27.51
CA GLN C 1161 0.01 28.70 -27.97
C GLN C 1161 0.92 28.32 -29.12
N LEU C 1162 1.38 27.06 -29.16
CA LEU C 1162 2.16 26.60 -30.31
C LEU C 1162 1.31 26.50 -31.57
N GLY C 1163 0.00 26.32 -31.41
CA GLY C 1163 -0.89 26.26 -32.57
C GLY C 1163 -0.99 27.54 -33.38
N HIS C 1164 -0.57 28.67 -32.84
CA HIS C 1164 -0.61 29.92 -33.59
C HIS C 1164 0.58 30.10 -34.51
N ILE C 1165 1.70 29.48 -34.21
CA ILE C 1165 2.94 29.79 -34.92
C ILE C 1165 2.95 29.26 -36.35
N ARG C 1166 2.13 28.24 -36.65
CA ARG C 1166 2.35 27.45 -37.85
C ARG C 1166 1.99 28.20 -39.14
N GLU C 1167 0.88 28.93 -39.14
CA GLU C 1167 0.40 29.55 -40.38
C GLU C 1167 1.19 30.77 -40.78
N TYR C 1168 1.96 31.35 -39.85
CA TYR C 1168 2.73 32.54 -40.15
C TYR C 1168 3.84 32.25 -41.14
N GLU C 1169 4.42 31.05 -41.09
CA GLU C 1169 5.47 30.70 -42.04
C GLU C 1169 4.90 30.58 -43.45
N GLN C 1170 3.68 30.04 -43.58
CA GLN C 1170 3.04 29.92 -44.89
C GLN C 1170 2.69 31.29 -45.48
N ARG C 1171 2.03 32.15 -44.69
CA ARG C 1171 1.67 33.46 -45.22
C ARG C 1171 2.90 34.34 -45.45
N LEU C 1172 3.94 34.18 -44.62
CA LEU C 1172 5.12 35.02 -44.79
C LEU C 1172 5.96 34.55 -45.97
N LYS C 1173 5.98 33.23 -46.25
CA LYS C 1173 6.62 32.73 -47.46
C LYS C 1173 5.87 33.20 -48.71
N VAL C 1174 4.53 33.26 -48.64
CA VAL C 1174 3.75 33.76 -49.76
C VAL C 1174 4.01 35.25 -50.00
N LEU C 1175 4.09 36.04 -48.93
CA LEU C 1175 4.36 37.46 -49.08
C LEU C 1175 5.78 37.74 -49.55
N GLU C 1176 6.76 36.94 -49.11
CA GLU C 1176 8.12 37.10 -49.63
C GLU C 1176 8.21 36.69 -51.09
N ARG C 1177 7.44 35.68 -51.50
CA ARG C 1177 7.38 35.32 -52.92
C ARG C 1177 6.76 36.44 -53.74
N GLU C 1178 5.74 37.11 -53.20
CA GLU C 1178 5.13 38.23 -53.91
C GLU C 1178 6.09 39.41 -54.02
N VAL C 1179 6.86 39.68 -52.97
CA VAL C 1179 7.83 40.77 -53.02
C VAL C 1179 8.95 40.45 -53.99
N GLN C 1180 9.36 39.17 -54.05
CA GLN C 1180 10.38 38.76 -55.02
C GLN C 1180 9.86 38.90 -56.45
N GLN C 1181 8.59 38.54 -56.68
CA GLN C 1181 8.00 38.66 -58.01
C GLN C 1181 7.86 40.13 -58.42
N CYS C 1182 7.49 40.99 -57.48
CA CYS C 1182 7.37 42.42 -57.77
C CYS C 1182 8.74 43.03 -58.05
N SER C 1183 9.78 42.59 -57.34
CA SER C 1183 11.13 43.06 -57.62
C SER C 1183 11.60 42.59 -58.99
N ARG C 1184 11.27 41.36 -59.37
CA ARG C 1184 11.63 40.85 -60.69
C ARG C 1184 10.89 41.60 -61.80
N VAL C 1185 9.62 41.94 -61.58
CA VAL C 1185 8.85 42.67 -62.59
C VAL C 1185 9.32 44.11 -62.71
N LEU C 1186 9.67 44.74 -61.58
CA LEU C 1186 10.16 46.12 -61.64
C LEU C 1186 11.55 46.19 -62.26
N GLY C 1187 12.41 45.22 -61.95
CA GLY C 1187 13.68 45.13 -62.64
C GLY C 1187 13.53 44.83 -64.11
N TRP C 1188 12.49 44.06 -64.47
CA TRP C 1188 12.19 43.79 -65.87
C TRP C 1188 11.79 45.07 -66.61
N VAL C 1189 10.87 45.85 -66.02
CA VAL C 1189 10.40 47.07 -66.69
C VAL C 1189 11.46 48.15 -66.67
N ALA C 1190 12.41 48.09 -65.73
CA ALA C 1190 13.49 49.07 -65.70
C ALA C 1190 14.59 48.71 -66.68
N GLU C 1191 15.25 47.58 -66.48
CA GLU C 1191 16.47 47.24 -67.22
C GLU C 1191 16.24 46.04 -68.15
N ALA C 1192 15.00 45.86 -68.61
CA ALA C 1192 14.72 44.84 -69.60
C ALA C 1192 13.67 45.29 -70.61
N LEU C 1193 13.33 46.58 -70.65
CA LEU C 1193 12.35 47.10 -71.59
C LEU C 1193 12.63 48.56 -71.92
N GLU D 7 7.05 -37.61 -40.83
CA GLU D 7 5.80 -36.92 -40.52
C GLU D 7 4.81 -37.06 -41.68
N GLN D 8 4.52 -35.98 -42.37
CA GLN D 8 3.65 -36.05 -43.54
C GLN D 8 4.41 -36.67 -44.70
N SER D 9 3.68 -37.29 -45.60
CA SER D 9 4.29 -37.95 -46.75
C SER D 9 3.52 -37.76 -48.04
N TRP D 10 2.45 -36.98 -48.04
CA TRP D 10 1.71 -36.69 -49.27
C TRP D 10 2.39 -35.62 -50.11
N ILE D 11 3.39 -34.93 -49.54
CA ILE D 11 4.15 -33.93 -50.29
C ILE D 11 4.92 -34.53 -51.46
N PRO D 12 5.67 -35.64 -51.33
CA PRO D 12 6.23 -36.25 -52.53
C PRO D 12 5.24 -37.10 -53.31
N LYS D 13 3.99 -37.18 -52.88
CA LYS D 13 2.97 -37.83 -53.68
C LYS D 13 2.35 -36.88 -54.68
N ILE D 14 2.08 -35.64 -54.29
CA ILE D 14 1.40 -34.72 -55.21
C ILE D 14 2.38 -33.86 -55.99
N PHE D 15 3.22 -33.11 -55.29
CA PHE D 15 4.11 -32.15 -55.91
C PHE D 15 5.24 -32.84 -56.65
N LYS D 16 5.54 -32.36 -57.84
CA LYS D 16 6.48 -33.01 -58.74
C LYS D 16 7.66 -32.08 -59.01
N LYS D 17 8.67 -32.62 -59.68
CA LYS D 17 9.77 -31.81 -60.18
C LYS D 17 10.24 -32.37 -61.51
N LYS D 18 11.24 -31.72 -62.09
CA LYS D 18 11.66 -31.98 -63.45
C LYS D 18 13.19 -31.93 -63.54
N THR D 19 13.72 -32.68 -64.51
CA THR D 19 15.15 -32.81 -64.73
C THR D 19 15.51 -32.51 -66.18
N CYS D 20 16.76 -32.73 -66.57
CA CYS D 20 17.18 -32.50 -67.95
C CYS D 20 16.94 -33.74 -68.81
N HIS D 66 10.94 -32.36 -73.52
CA HIS D 66 12.37 -32.10 -73.34
C HIS D 66 12.77 -32.36 -71.89
N THR D 67 11.82 -32.84 -71.09
CA THR D 67 12.09 -33.12 -69.68
C THR D 67 11.10 -34.16 -69.19
N THR D 68 11.24 -34.53 -67.92
CA THR D 68 10.42 -35.59 -67.31
C THR D 68 9.78 -35.06 -66.03
N GLU D 69 9.09 -35.95 -65.32
CA GLU D 69 8.44 -35.62 -64.06
C GLU D 69 8.75 -36.70 -63.03
N LYS D 70 9.11 -36.29 -61.84
CA LYS D 70 9.49 -37.20 -60.76
C LYS D 70 8.92 -36.68 -59.46
N PRO D 71 8.82 -37.51 -58.43
CA PRO D 71 8.52 -37.03 -57.08
C PRO D 71 9.63 -36.12 -56.56
N THR D 72 9.28 -35.37 -55.52
CA THR D 72 10.06 -34.22 -55.09
C THR D 72 10.78 -34.51 -53.81
N ASP D 73 12.07 -34.23 -53.79
CA ASP D 73 12.86 -34.31 -52.58
C ASP D 73 13.07 -32.91 -52.02
N ALA D 74 13.94 -32.81 -51.02
CA ALA D 74 14.45 -31.55 -50.47
C ALA D 74 13.35 -30.66 -49.92
N TYR D 75 12.72 -31.14 -48.85
CA TYR D 75 11.70 -30.32 -48.21
C TYR D 75 11.72 -30.56 -46.72
N GLY D 76 11.24 -29.56 -45.97
CA GLY D 76 11.18 -29.63 -44.53
C GLY D 76 11.33 -28.26 -43.91
N GLU D 77 11.64 -28.20 -42.63
CA GLU D 77 11.91 -26.93 -41.98
C GLU D 77 13.39 -26.58 -42.10
N LEU D 78 13.69 -25.29 -41.94
CA LEU D 78 15.05 -24.76 -42.04
C LEU D 78 15.43 -23.94 -40.82
N ASP D 79 16.61 -24.18 -40.28
CA ASP D 79 17.07 -23.45 -39.10
C ASP D 79 18.42 -22.75 -39.25
N PHE D 80 18.48 -21.49 -38.82
CA PHE D 80 19.71 -20.70 -38.87
C PHE D 80 20.15 -20.60 -37.42
N THR D 81 21.41 -20.93 -37.14
CA THR D 81 21.87 -20.91 -35.75
C THR D 81 22.05 -19.47 -35.29
N GLY D 82 20.89 -18.81 -35.11
CA GLY D 82 20.87 -17.41 -34.77
C GLY D 82 19.73 -17.15 -33.79
N ALA D 83 19.57 -15.87 -33.46
CA ALA D 83 18.50 -15.48 -32.56
C ALA D 83 17.15 -15.45 -33.29
N GLY D 84 16.32 -16.43 -32.99
CA GLY D 84 15.00 -16.54 -33.62
C GLY D 84 14.05 -17.41 -32.83
N ARG D 85 12.76 -17.24 -33.07
CA ARG D 85 11.75 -18.05 -32.38
C ARG D 85 11.18 -19.20 -33.21
N LYS D 86 11.62 -19.35 -34.45
CA LYS D 86 11.09 -20.42 -35.29
C LYS D 86 11.99 -20.89 -36.44
N HIS D 87 11.65 -22.06 -36.97
CA HIS D 87 12.36 -22.66 -38.10
C HIS D 87 11.50 -22.36 -39.32
N SER D 88 12.11 -21.86 -40.39
CA SER D 88 11.34 -21.49 -41.56
C SER D 88 11.14 -22.65 -42.51
N ASN D 89 10.02 -22.64 -43.23
CA ASN D 89 9.67 -23.74 -44.12
C ASN D 89 10.13 -23.45 -45.53
N PHE D 90 10.42 -24.52 -46.26
CA PHE D 90 10.80 -24.41 -47.66
C PHE D 90 10.25 -25.60 -48.43
N LEU D 91 10.05 -25.38 -49.72
CA LEU D 91 9.56 -26.44 -50.59
C LEU D 91 10.07 -26.22 -52.00
N ARG D 92 10.63 -27.25 -52.60
CA ARG D 92 10.95 -27.25 -54.01
C ARG D 92 9.72 -27.68 -54.78
N LEU D 93 9.36 -26.94 -55.83
CA LEU D 93 8.21 -27.38 -56.60
C LEU D 93 8.38 -26.95 -58.04
N SER D 94 7.73 -27.69 -58.91
CA SER D 94 7.85 -27.50 -60.34
C SER D 94 6.88 -26.45 -60.85
N ASP D 95 7.28 -25.81 -61.92
CA ASP D 95 6.44 -24.83 -62.59
C ASP D 95 5.28 -25.56 -63.28
N ARG D 96 4.25 -24.77 -63.64
CA ARG D 96 3.00 -25.23 -64.22
C ARG D 96 2.30 -26.22 -63.30
N THR D 97 2.07 -25.77 -62.07
CA THR D 97 1.31 -26.49 -61.07
C THR D 97 0.11 -25.62 -60.68
N ASP D 98 -0.99 -26.27 -60.35
CA ASP D 98 -2.18 -25.53 -59.92
C ASP D 98 -1.93 -24.90 -58.57
N PRO D 99 -1.99 -23.57 -58.45
CA PRO D 99 -1.62 -22.92 -57.18
C PRO D 99 -2.65 -23.07 -56.10
N ALA D 100 -3.82 -23.64 -56.40
CA ALA D 100 -4.79 -23.91 -55.34
C ALA D 100 -4.23 -24.91 -54.33
N ALA D 101 -3.41 -25.85 -54.82
CA ALA D 101 -2.79 -26.82 -53.93
C ALA D 101 -1.77 -26.15 -53.02
N VAL D 102 -0.98 -25.21 -53.53
CA VAL D 102 0.03 -24.62 -52.67
C VAL D 102 -0.60 -23.61 -51.71
N TYR D 103 -1.71 -22.98 -52.10
CA TYR D 103 -2.42 -22.12 -51.17
C TYR D 103 -3.05 -22.94 -50.04
N SER D 104 -3.61 -24.10 -50.39
CA SER D 104 -4.16 -24.99 -49.37
C SER D 104 -3.07 -25.54 -48.47
N LEU D 105 -1.87 -25.74 -49.02
CA LEU D 105 -0.75 -26.16 -48.21
C LEU D 105 -0.36 -25.11 -47.20
N VAL D 106 -0.27 -23.85 -47.64
CA VAL D 106 0.20 -22.79 -46.76
C VAL D 106 -0.84 -22.45 -45.71
N THR D 107 -2.12 -22.49 -46.08
CA THR D 107 -3.15 -22.18 -45.11
C THR D 107 -3.37 -23.32 -44.13
N ARG D 108 -3.48 -24.56 -44.62
CA ARG D 108 -3.93 -25.66 -43.78
C ARG D 108 -2.79 -26.27 -42.97
N THR D 109 -1.76 -26.80 -43.64
CA THR D 109 -0.78 -27.63 -42.97
C THR D 109 0.15 -26.80 -42.09
N TRP D 110 0.91 -25.90 -42.69
CA TRP D 110 1.72 -24.96 -41.95
C TRP D 110 0.82 -23.99 -41.20
N GLY D 111 1.35 -23.40 -40.14
CA GLY D 111 0.48 -22.68 -39.24
C GLY D 111 0.15 -21.24 -39.60
N PHE D 112 0.10 -20.90 -40.87
CA PHE D 112 -0.13 -19.52 -41.24
C PHE D 112 -1.61 -19.20 -41.31
N ARG D 113 -1.95 -17.99 -40.90
CA ARG D 113 -3.31 -17.49 -40.99
C ARG D 113 -3.56 -16.93 -42.37
N ALA D 114 -4.81 -16.95 -42.79
CA ALA D 114 -5.15 -16.45 -44.11
C ALA D 114 -4.98 -14.94 -44.14
N PRO D 115 -4.43 -14.40 -45.22
CA PRO D 115 -4.03 -12.99 -45.21
C PRO D 115 -5.20 -12.06 -45.47
N ASN D 116 -4.97 -10.79 -45.13
CA ASN D 116 -5.90 -9.71 -45.43
C ASN D 116 -5.44 -8.78 -46.52
N LEU D 117 -4.14 -8.70 -46.77
CA LEU D 117 -3.61 -7.76 -47.74
C LEU D 117 -2.31 -8.28 -48.30
N VAL D 118 -2.18 -8.29 -49.62
CA VAL D 118 -1.00 -8.79 -50.30
C VAL D 118 -0.41 -7.65 -51.11
N VAL D 119 0.69 -7.07 -50.62
CA VAL D 119 1.47 -6.14 -51.42
C VAL D 119 2.63 -6.91 -52.00
N SER D 120 3.16 -6.42 -53.10
CA SER D 120 4.27 -7.12 -53.75
C SER D 120 5.30 -6.10 -54.21
N VAL D 121 6.42 -6.04 -53.50
CA VAL D 121 7.54 -5.20 -53.89
C VAL D 121 8.18 -5.79 -55.13
N LEU D 122 8.24 -5.00 -56.19
CA LEU D 122 8.73 -5.58 -57.44
C LEU D 122 9.57 -4.55 -58.18
N GLY D 123 10.88 -4.60 -57.94
CA GLY D 123 11.77 -3.65 -58.57
C GLY D 123 13.21 -4.11 -58.48
N GLY D 124 14.07 -3.41 -59.21
CA GLY D 124 15.49 -3.64 -59.12
C GLY D 124 16.30 -2.37 -59.12
N SER D 125 17.06 -2.13 -58.06
CA SER D 125 17.96 -0.99 -58.01
C SER D 125 19.35 -1.31 -58.55
N GLY D 126 19.65 -2.58 -58.77
CA GLY D 126 20.97 -3.00 -59.20
C GLY D 126 21.95 -3.28 -58.09
N GLY D 127 21.63 -2.93 -56.85
CA GLY D 127 22.53 -3.17 -55.74
C GLY D 127 23.51 -2.13 -55.16
N PRO D 128 23.42 -0.83 -55.46
CA PRO D 128 24.11 0.12 -54.58
C PRO D 128 23.28 0.42 -53.34
N VAL D 129 23.86 1.23 -52.46
CA VAL D 129 23.11 1.71 -51.31
C VAL D 129 22.15 2.80 -51.78
N LEU D 130 20.90 2.71 -51.31
CA LEU D 130 19.86 3.63 -51.72
C LEU D 130 19.93 4.91 -50.90
N GLN D 131 19.39 5.99 -51.46
CA GLN D 131 19.34 7.25 -50.73
C GLN D 131 18.34 7.17 -49.59
N THR D 132 18.46 8.13 -48.66
CA THR D 132 17.96 7.92 -47.30
C THR D 132 16.44 7.94 -47.21
N TRP D 133 15.76 8.72 -48.05
CA TRP D 133 14.31 8.77 -47.90
C TRP D 133 13.63 7.53 -48.45
N LEU D 134 14.27 6.79 -49.34
CA LEU D 134 13.74 5.47 -49.70
C LEU D 134 13.84 4.51 -48.53
N GLN D 135 14.93 4.58 -47.77
CA GLN D 135 15.04 3.78 -46.56
C GLN D 135 13.99 4.19 -45.54
N ASP D 136 13.69 5.49 -45.46
CA ASP D 136 12.64 5.96 -44.58
C ASP D 136 11.27 5.45 -45.03
N LEU D 137 11.04 5.38 -46.35
CA LEU D 137 9.77 4.91 -46.86
C LEU D 137 9.57 3.42 -46.57
N LEU D 138 10.58 2.60 -46.89
CA LEU D 138 10.42 1.18 -46.61
C LEU D 138 10.54 0.84 -45.13
N ARG D 139 11.05 1.77 -44.34
CA ARG D 139 11.18 1.61 -42.89
C ARG D 139 9.98 2.15 -42.11
N ARG D 140 9.12 2.92 -42.77
CA ARG D 140 7.94 3.46 -42.11
C ARG D 140 6.63 3.00 -42.72
N GLY D 141 6.54 2.89 -44.04
CA GLY D 141 5.27 2.64 -44.70
C GLY D 141 4.92 1.19 -44.98
N LEU D 142 5.90 0.37 -45.35
CA LEU D 142 5.62 -1.01 -45.71
C LEU D 142 5.92 -1.99 -44.61
N VAL D 143 6.19 -1.53 -43.40
CA VAL D 143 6.38 -2.43 -42.26
C VAL D 143 5.37 -2.12 -41.17
N ARG D 144 5.17 -0.84 -40.87
CA ARG D 144 4.19 -0.48 -39.86
C ARG D 144 2.78 -0.80 -40.31
N ALA D 145 2.46 -0.51 -41.57
CA ALA D 145 1.17 -0.91 -42.12
C ALA D 145 1.08 -2.41 -42.27
N ALA D 146 2.21 -3.08 -42.46
CA ALA D 146 2.19 -4.50 -42.72
C ALA D 146 2.10 -5.34 -41.45
N GLN D 147 2.39 -4.79 -40.28
CA GLN D 147 2.04 -5.51 -39.06
C GLN D 147 0.83 -4.92 -38.36
N SER D 148 0.34 -3.76 -38.79
CA SER D 148 -0.93 -3.29 -38.26
C SER D 148 -2.07 -4.20 -38.71
N THR D 149 -2.28 -4.28 -40.01
CA THR D 149 -3.16 -5.28 -40.55
C THR D 149 -2.36 -6.55 -40.79
N GLY D 150 -3.01 -7.69 -40.63
CA GLY D 150 -2.33 -8.94 -40.91
C GLY D 150 -2.10 -9.08 -42.40
N ALA D 151 -0.85 -8.92 -42.83
CA ALA D 151 -0.57 -8.82 -44.24
C ALA D 151 0.62 -9.69 -44.61
N TRP D 152 0.84 -9.83 -45.91
CA TRP D 152 1.98 -10.54 -46.45
C TRP D 152 2.83 -9.61 -47.28
N ILE D 153 4.07 -10.01 -47.52
CA ILE D 153 4.97 -9.32 -48.41
C ILE D 153 5.60 -10.36 -49.32
N VAL D 154 5.28 -10.31 -50.60
CA VAL D 154 5.86 -11.21 -51.58
C VAL D 154 7.06 -10.53 -52.21
N THR D 155 8.22 -11.17 -52.11
CA THR D 155 9.48 -10.59 -52.54
C THR D 155 10.33 -11.70 -53.13
N GLY D 156 11.09 -11.39 -54.18
CA GLY D 156 12.18 -12.24 -54.60
C GLY D 156 13.12 -12.49 -53.44
N GLY D 157 13.10 -13.72 -52.92
CA GLY D 157 13.61 -13.99 -51.59
C GLY D 157 15.09 -14.25 -51.45
N LEU D 158 15.89 -13.80 -52.40
CA LEU D 158 17.32 -14.06 -52.37
C LEU D 158 18.00 -13.10 -51.41
N HIS D 159 19.32 -13.06 -51.48
CA HIS D 159 20.10 -12.04 -50.79
C HIS D 159 20.83 -11.24 -51.85
N THR D 160 21.16 -9.99 -51.50
CA THR D 160 21.68 -8.97 -52.42
C THR D 160 20.78 -8.81 -53.64
N GLY D 161 19.54 -8.42 -53.37
CA GLY D 161 18.64 -8.00 -54.41
C GLY D 161 17.91 -6.78 -53.90
N ILE D 162 16.68 -6.57 -54.36
CA ILE D 162 15.88 -5.52 -53.73
C ILE D 162 15.45 -5.96 -52.34
N GLY D 163 15.31 -7.27 -52.11
CA GLY D 163 14.76 -7.77 -50.88
C GLY D 163 15.69 -7.66 -49.71
N ARG D 164 16.97 -7.38 -49.94
CA ARG D 164 17.90 -7.22 -48.83
C ARG D 164 17.55 -5.96 -48.03
N HIS D 165 17.14 -4.90 -48.71
CA HIS D 165 16.71 -3.69 -48.02
C HIS D 165 15.40 -3.92 -47.28
N VAL D 166 14.53 -4.76 -47.84
CA VAL D 166 13.29 -5.11 -47.18
C VAL D 166 13.58 -5.87 -45.90
N GLY D 167 14.54 -6.79 -45.96
CA GLY D 167 14.93 -7.52 -44.77
C GLY D 167 15.55 -6.65 -43.72
N VAL D 168 16.35 -5.66 -44.14
CA VAL D 168 16.92 -4.69 -43.20
C VAL D 168 15.82 -3.89 -42.53
N ALA D 169 14.80 -3.51 -43.29
CA ALA D 169 13.69 -2.74 -42.71
C ALA D 169 12.89 -3.57 -41.71
N VAL D 170 12.61 -4.83 -42.05
CA VAL D 170 11.87 -5.70 -41.15
C VAL D 170 12.65 -5.95 -39.86
N ARG D 171 13.95 -6.23 -40.01
CA ARG D 171 14.81 -6.48 -38.86
C ARG D 171 14.91 -5.27 -37.95
N ASP D 172 15.05 -4.09 -38.53
CA ASP D 172 15.13 -2.87 -37.75
C ASP D 172 13.83 -2.59 -37.01
N HIS D 173 12.71 -2.86 -37.66
CA HIS D 173 11.45 -2.56 -37.00
C HIS D 173 11.15 -3.56 -35.89
N GLN D 174 11.62 -4.80 -36.01
CA GLN D 174 11.49 -5.71 -34.88
C GLN D 174 12.43 -5.31 -33.75
N MET D 175 13.65 -4.90 -34.07
CA MET D 175 14.60 -4.53 -33.04
C MET D 175 14.29 -3.21 -32.36
N ALA D 176 13.45 -2.37 -32.97
CA ALA D 176 13.16 -1.07 -32.39
C ALA D 176 12.16 -1.18 -31.24
N SER D 177 11.09 -1.95 -31.45
CA SER D 177 10.07 -2.09 -30.43
C SER D 177 9.39 -3.45 -30.57
N THR D 178 8.63 -3.81 -29.54
CA THR D 178 7.90 -5.07 -29.50
C THR D 178 6.42 -4.77 -29.31
N GLY D 179 5.67 -4.86 -30.41
CA GLY D 179 4.23 -4.63 -30.36
C GLY D 179 3.47 -5.89 -30.70
N GLY D 180 4.19 -6.99 -30.83
CA GLY D 180 3.59 -8.27 -31.15
C GLY D 180 3.23 -8.41 -32.62
N THR D 181 2.84 -9.64 -32.98
CA THR D 181 2.39 -10.04 -34.32
C THR D 181 3.49 -9.73 -35.36
N LYS D 182 4.57 -10.50 -35.27
CA LYS D 182 5.77 -10.27 -36.05
C LYS D 182 5.50 -10.37 -37.55
N VAL D 183 6.28 -9.64 -38.33
CA VAL D 183 5.99 -9.48 -39.74
C VAL D 183 6.40 -10.73 -40.48
N VAL D 184 5.47 -11.32 -41.19
CA VAL D 184 5.72 -12.49 -42.00
C VAL D 184 6.08 -12.03 -43.40
N ALA D 185 6.72 -12.91 -44.16
CA ALA D 185 7.11 -12.63 -45.53
C ALA D 185 7.39 -13.94 -46.22
N MET D 186 6.97 -14.05 -47.47
CA MET D 186 7.34 -15.23 -48.24
C MET D 186 8.43 -14.86 -49.22
N GLY D 187 9.12 -15.88 -49.71
CA GLY D 187 10.12 -15.66 -50.74
C GLY D 187 9.99 -16.64 -51.87
N VAL D 188 9.71 -16.11 -53.05
CA VAL D 188 9.71 -16.90 -54.27
C VAL D 188 11.09 -16.77 -54.88
N ALA D 189 11.74 -17.88 -55.18
CA ALA D 189 13.07 -17.79 -55.74
C ALA D 189 13.32 -18.97 -56.66
N PRO D 190 14.14 -18.79 -57.69
CA PRO D 190 14.45 -19.91 -58.59
C PRO D 190 15.56 -20.80 -58.05
N TRP D 191 15.27 -22.11 -58.05
CA TRP D 191 16.26 -23.15 -57.76
C TRP D 191 17.34 -23.11 -58.82
N GLY D 192 18.55 -22.73 -58.45
CA GLY D 192 19.59 -22.61 -59.45
C GLY D 192 20.57 -21.50 -59.16
N VAL D 193 20.24 -20.64 -58.21
CA VAL D 193 21.14 -19.59 -57.77
C VAL D 193 21.49 -19.68 -56.30
N VAL D 194 20.89 -20.62 -55.57
CA VAL D 194 21.22 -20.82 -54.18
C VAL D 194 22.60 -21.46 -54.08
N ARG D 195 23.41 -20.95 -53.14
CA ARG D 195 24.85 -21.25 -53.14
C ARG D 195 25.13 -22.69 -52.79
N ASN D 196 24.76 -23.12 -51.59
CA ASN D 196 25.10 -24.45 -51.11
C ASN D 196 23.89 -25.36 -51.23
N ARG D 197 23.95 -26.30 -52.14
CA ARG D 197 23.04 -27.44 -52.15
C ARG D 197 23.65 -28.53 -51.27
N ASP D 198 23.12 -29.75 -51.39
CA ASP D 198 23.63 -30.97 -50.76
C ASP D 198 23.62 -30.93 -49.24
N THR D 199 22.97 -29.93 -48.66
CA THR D 199 22.65 -29.92 -47.24
C THR D 199 21.16 -29.76 -47.06
N LEU D 200 20.40 -29.73 -48.14
CA LEU D 200 18.96 -29.69 -48.10
C LEU D 200 18.33 -30.92 -48.72
N ILE D 201 19.00 -31.58 -49.65
CA ILE D 201 18.40 -32.64 -50.46
C ILE D 201 18.60 -33.99 -49.78
N ASN D 202 17.48 -34.65 -49.50
CA ASN D 202 17.44 -35.98 -48.90
C ASN D 202 16.06 -36.56 -49.19
N PRO D 203 15.97 -37.82 -49.62
CA PRO D 203 14.70 -38.31 -50.17
C PRO D 203 13.61 -38.50 -49.14
N LYS D 204 13.97 -38.69 -47.87
CA LYS D 204 12.95 -38.68 -46.83
C LYS D 204 12.71 -37.26 -46.33
N GLY D 205 13.76 -36.48 -46.21
CA GLY D 205 13.65 -35.10 -45.80
C GLY D 205 14.22 -34.86 -44.42
N SER D 206 14.75 -33.66 -44.22
CA SER D 206 15.42 -33.29 -42.98
C SER D 206 14.56 -32.28 -42.26
N PHE D 207 14.19 -32.57 -41.02
CA PHE D 207 13.32 -31.65 -40.30
C PHE D 207 14.09 -30.50 -39.66
N PRO D 208 15.24 -30.68 -39.01
CA PRO D 208 16.15 -29.54 -38.94
C PRO D 208 17.16 -29.63 -40.07
N ALA D 209 17.69 -28.50 -40.52
CA ALA D 209 18.74 -28.51 -41.52
C ALA D 209 19.72 -27.39 -41.21
N ARG D 210 20.91 -27.75 -40.76
CA ARG D 210 21.95 -26.76 -40.55
C ARG D 210 22.44 -26.24 -41.89
N TYR D 211 22.69 -24.94 -41.95
CA TYR D 211 22.93 -24.26 -43.21
C TYR D 211 24.23 -23.49 -43.12
N ARG D 212 25.01 -23.52 -44.20
CA ARG D 212 26.36 -22.93 -44.22
C ARG D 212 26.46 -21.94 -45.38
N TRP D 213 26.92 -20.73 -45.09
CA TRP D 213 27.15 -19.78 -46.18
C TRP D 213 28.51 -20.01 -46.82
N ARG D 214 29.56 -20.03 -46.01
CA ARG D 214 30.91 -20.24 -46.51
C ARG D 214 31.35 -21.69 -46.34
N GLY D 215 32.14 -22.18 -47.28
CA GLY D 215 32.62 -23.54 -47.23
C GLY D 215 33.37 -23.94 -48.49
N VAL D 221 27.64 -17.67 -61.14
CA VAL D 221 26.83 -16.72 -60.38
C VAL D 221 25.97 -17.47 -59.38
N GLN D 222 26.17 -17.16 -58.10
CA GLN D 222 25.38 -17.77 -57.04
C GLN D 222 25.05 -16.72 -55.99
N PHE D 223 24.16 -17.09 -55.09
CA PHE D 223 23.67 -16.19 -54.04
C PHE D 223 23.29 -17.03 -52.83
N PRO D 224 23.35 -16.47 -51.63
CA PRO D 224 22.84 -17.17 -50.45
C PRO D 224 21.39 -16.79 -50.20
N LEU D 225 20.75 -17.52 -49.28
CA LEU D 225 19.41 -17.20 -48.86
C LEU D 225 19.43 -16.24 -47.69
N ASP D 226 18.51 -15.30 -47.69
CA ASP D 226 18.46 -14.30 -46.63
C ASP D 226 17.95 -14.93 -45.35
N TYR D 227 18.32 -14.34 -44.22
CA TYR D 227 17.83 -14.82 -42.94
C TYR D 227 16.92 -13.76 -42.33
N ASN D 228 15.78 -13.60 -42.92
CA ASN D 228 14.76 -12.84 -42.22
C ASN D 228 13.37 -13.36 -42.50
N TYR D 229 13.22 -14.37 -43.33
CA TYR D 229 11.93 -14.71 -43.88
C TYR D 229 11.32 -15.87 -43.12
N SER D 230 10.18 -16.33 -43.62
CA SER D 230 9.49 -17.42 -42.96
C SER D 230 8.97 -18.47 -43.93
N ALA D 231 9.16 -18.31 -45.23
CA ALA D 231 8.70 -19.29 -46.19
C ALA D 231 9.53 -19.16 -47.45
N PHE D 232 9.87 -20.30 -48.04
CA PHE D 232 10.74 -20.32 -49.22
C PHE D 232 10.16 -21.25 -50.27
N PHE D 233 9.52 -20.68 -51.28
CA PHE D 233 9.15 -21.46 -52.43
C PHE D 233 10.32 -21.43 -53.40
N LEU D 234 10.74 -22.59 -53.84
CA LEU D 234 11.83 -22.67 -54.79
C LEU D 234 11.25 -23.24 -56.07
N VAL D 235 11.03 -22.36 -57.02
CA VAL D 235 10.57 -22.77 -58.34
C VAL D 235 11.75 -23.36 -59.07
N ASP D 236 11.52 -24.40 -59.85
CA ASP D 236 12.59 -24.96 -60.67
C ASP D 236 12.12 -25.05 -62.10
N ASP D 237 13.04 -24.79 -63.02
CA ASP D 237 12.78 -24.93 -64.44
C ASP D 237 13.82 -25.75 -65.16
N GLY D 238 14.98 -25.96 -64.56
CA GLY D 238 16.02 -26.81 -65.11
C GLY D 238 17.07 -25.96 -65.79
N THR D 239 18.12 -25.65 -65.03
CA THR D 239 19.20 -24.75 -65.43
C THR D 239 20.25 -24.73 -64.33
N HIS D 240 21.29 -23.93 -64.50
CA HIS D 240 22.28 -23.72 -63.45
C HIS D 240 22.71 -22.26 -63.51
N GLY D 241 22.05 -21.40 -62.74
CA GLY D 241 22.46 -20.02 -62.64
C GLY D 241 21.80 -19.07 -63.61
N CYS D 242 20.53 -19.26 -63.92
CA CYS D 242 19.80 -18.33 -64.79
C CYS D 242 18.93 -17.44 -63.92
N LEU D 243 19.45 -16.26 -63.59
CA LEU D 243 18.68 -15.30 -62.82
C LEU D 243 17.61 -14.66 -63.68
N GLY D 244 16.44 -14.43 -63.09
CA GLY D 244 15.29 -13.95 -63.84
C GLY D 244 14.75 -15.00 -64.79
N GLY D 245 14.28 -16.12 -64.25
CA GLY D 245 13.85 -17.23 -65.07
C GLY D 245 12.51 -17.81 -64.68
N GLU D 246 11.84 -17.20 -63.71
CA GLU D 246 10.50 -17.64 -63.34
C GLU D 246 9.66 -16.45 -62.92
N ASN D 247 8.58 -16.22 -63.66
CA ASN D 247 7.61 -15.18 -63.34
C ASN D 247 6.16 -15.60 -63.43
N ARG D 248 5.82 -16.59 -64.26
CA ARG D 248 4.41 -16.91 -64.48
C ARG D 248 3.79 -17.61 -63.28
N PHE D 249 4.61 -18.35 -62.52
CA PHE D 249 4.15 -18.89 -61.25
C PHE D 249 3.79 -17.79 -60.27
N ARG D 250 4.62 -16.75 -60.20
CA ARG D 250 4.38 -15.62 -59.32
C ARG D 250 3.13 -14.84 -59.73
N LEU D 251 2.95 -14.65 -61.03
CA LEU D 251 1.77 -13.93 -61.49
C LEU D 251 0.50 -14.74 -61.27
N ARG D 252 0.55 -16.06 -61.48
CA ARG D 252 -0.65 -16.86 -61.25
C ARG D 252 -0.99 -17.00 -59.79
N LEU D 253 0.00 -17.02 -58.90
CA LEU D 253 -0.31 -17.02 -57.47
C LEU D 253 -0.94 -15.71 -57.03
N GLU D 254 -0.34 -14.61 -57.47
CA GLU D 254 -0.86 -13.30 -57.11
C GLU D 254 -2.27 -13.17 -57.64
N SER D 255 -2.53 -13.73 -58.82
CA SER D 255 -3.87 -13.60 -59.38
C SER D 255 -4.87 -14.54 -58.73
N TYR D 256 -4.43 -15.71 -58.27
CA TYR D 256 -5.36 -16.65 -57.64
C TYR D 256 -5.79 -16.17 -56.27
N ILE D 257 -4.95 -15.38 -55.59
CA ILE D 257 -5.35 -14.91 -54.25
C ILE D 257 -6.54 -13.96 -54.34
N SER D 258 -6.60 -13.16 -55.40
CA SER D 258 -7.64 -12.13 -55.48
C SER D 258 -9.00 -12.66 -55.92
N GLN D 259 -9.26 -13.94 -55.86
CA GLN D 259 -10.59 -14.51 -56.15
C GLN D 259 -10.98 -15.49 -55.07
N GLN D 260 -10.80 -15.07 -53.82
CA GLN D 260 -11.02 -15.93 -52.68
C GLN D 260 -11.53 -15.05 -51.55
N LYS D 261 -12.56 -15.51 -50.85
CA LYS D 261 -13.18 -14.65 -49.87
C LYS D 261 -12.38 -14.58 -48.59
N THR D 262 -12.70 -13.60 -47.76
CA THR D 262 -12.09 -13.44 -46.45
C THR D 262 -13.10 -13.83 -45.38
N GLY D 263 -12.64 -13.81 -44.13
CA GLY D 263 -13.50 -14.11 -43.03
C GLY D 263 -13.80 -15.58 -42.89
N VAL D 264 -14.70 -15.90 -41.96
CA VAL D 264 -15.02 -17.29 -41.70
C VAL D 264 -15.95 -17.84 -42.78
N GLY D 265 -17.15 -17.29 -42.87
CA GLY D 265 -18.03 -17.63 -43.95
C GLY D 265 -17.76 -16.75 -45.15
N GLY D 266 -18.32 -17.13 -46.29
CA GLY D 266 -18.14 -16.26 -47.42
C GLY D 266 -19.23 -15.21 -47.40
N THR D 267 -18.92 -14.09 -46.75
CA THR D 267 -19.85 -12.99 -46.62
C THR D 267 -19.28 -11.67 -47.13
N GLY D 268 -18.06 -11.34 -46.73
CA GLY D 268 -17.50 -10.03 -46.97
C GLY D 268 -16.91 -9.83 -48.34
N ILE D 269 -15.68 -9.35 -48.39
CA ILE D 269 -15.09 -8.89 -49.61
C ILE D 269 -14.03 -9.88 -50.08
N ASP D 270 -13.58 -9.70 -51.31
CA ASP D 270 -12.40 -10.37 -51.81
C ASP D 270 -11.14 -9.66 -51.36
N ILE D 271 -10.06 -10.43 -51.23
CA ILE D 271 -8.81 -9.88 -50.70
C ILE D 271 -8.21 -8.93 -51.72
N PRO D 272 -7.84 -7.72 -51.33
CA PRO D 272 -7.17 -6.82 -52.26
C PRO D 272 -5.70 -7.14 -52.38
N VAL D 273 -5.14 -6.88 -53.55
CA VAL D 273 -3.74 -7.16 -53.84
C VAL D 273 -3.19 -6.02 -54.66
N LEU D 274 -1.93 -5.64 -54.40
CA LEU D 274 -1.37 -4.54 -55.15
C LEU D 274 0.14 -4.68 -55.33
N LEU D 275 0.61 -4.21 -56.48
CA LEU D 275 2.01 -4.28 -56.88
C LEU D 275 2.63 -2.90 -56.70
N LEU D 276 3.69 -2.84 -55.91
CA LEU D 276 4.38 -1.59 -55.60
C LEU D 276 5.75 -1.64 -56.24
N LEU D 277 6.04 -0.68 -57.11
CA LEU D 277 7.35 -0.66 -57.74
C LEU D 277 8.06 0.67 -57.50
N ILE D 278 9.23 0.56 -56.88
CA ILE D 278 10.32 1.52 -56.99
C ILE D 278 11.08 1.12 -58.24
N ASP D 279 12.08 1.93 -58.62
CA ASP D 279 12.94 1.84 -59.79
C ASP D 279 13.31 0.41 -60.19
N GLY D 280 13.16 0.10 -61.46
CA GLY D 280 13.53 -1.20 -61.99
C GLY D 280 14.61 -1.12 -63.04
N ASP D 281 14.33 -1.67 -64.22
CA ASP D 281 15.28 -1.68 -65.32
C ASP D 281 14.48 -1.67 -66.62
N GLU D 282 15.14 -2.01 -67.72
CA GLU D 282 14.56 -1.87 -69.04
C GLU D 282 13.60 -2.98 -69.42
N LYS D 283 13.36 -3.96 -68.54
CA LYS D 283 12.42 -5.04 -68.81
C LYS D 283 11.28 -5.08 -67.81
N MET D 284 11.17 -4.08 -66.95
CA MET D 284 10.14 -4.07 -65.93
C MET D 284 8.78 -3.65 -66.49
N LEU D 285 8.78 -2.96 -67.64
CA LEU D 285 7.53 -2.52 -68.25
C LEU D 285 6.71 -3.69 -68.75
N THR D 286 7.38 -4.75 -69.21
CA THR D 286 6.68 -5.97 -69.58
C THR D 286 6.00 -6.60 -68.38
N ARG D 287 6.68 -6.60 -67.24
CA ARG D 287 6.13 -7.15 -66.01
C ARG D 287 4.93 -6.33 -65.54
N ILE D 288 4.97 -5.02 -65.77
CA ILE D 288 3.81 -4.18 -65.47
C ILE D 288 2.64 -4.53 -66.37
N GLU D 289 2.89 -4.60 -67.68
CA GLU D 289 1.80 -4.68 -68.65
C GLU D 289 1.11 -6.05 -68.61
N ASN D 290 1.86 -7.12 -68.25
CA ASN D 290 1.24 -8.44 -68.13
C ASN D 290 0.16 -8.45 -67.06
N ALA D 291 0.49 -7.98 -65.86
CA ALA D 291 -0.45 -7.99 -64.76
C ALA D 291 -1.60 -7.03 -64.99
N THR D 292 -1.30 -5.80 -65.38
CA THR D 292 -2.36 -4.81 -65.53
C THR D 292 -3.19 -5.04 -66.78
N GLN D 293 -2.77 -5.93 -67.68
CA GLN D 293 -3.67 -6.36 -68.73
C GLN D 293 -4.47 -7.59 -68.33
N ALA D 294 -3.86 -8.50 -67.56
CA ALA D 294 -4.51 -9.77 -67.30
C ALA D 294 -5.55 -9.68 -66.20
N GLN D 295 -5.11 -9.34 -64.98
CA GLN D 295 -5.92 -9.76 -63.83
C GLN D 295 -6.52 -8.59 -63.07
N LEU D 296 -6.37 -7.37 -63.59
CA LEU D 296 -6.73 -6.11 -62.96
C LEU D 296 -6.30 -5.97 -61.49
N PRO D 297 -5.01 -5.99 -61.14
CA PRO D 297 -4.64 -5.51 -59.81
C PRO D 297 -4.28 -4.04 -59.85
N CYS D 298 -4.47 -3.38 -58.72
CA CYS D 298 -4.13 -1.98 -58.64
C CYS D 298 -2.62 -1.83 -58.53
N LEU D 299 -2.06 -0.87 -59.24
CA LEU D 299 -0.63 -0.62 -59.23
C LEU D 299 -0.29 0.57 -58.34
N LEU D 300 0.99 0.68 -57.99
CA LEU D 300 1.45 1.88 -57.33
C LEU D 300 2.91 2.11 -57.72
N VAL D 301 3.20 3.35 -58.11
CA VAL D 301 4.50 3.74 -58.67
C VAL D 301 5.13 4.72 -57.69
N ALA D 302 6.23 4.33 -57.07
CA ALA D 302 6.91 5.26 -56.17
C ALA D 302 7.64 6.31 -56.99
N GLY D 303 7.43 7.57 -56.64
CA GLY D 303 8.08 8.64 -57.37
C GLY D 303 9.57 8.70 -57.12
N SER D 304 10.26 9.41 -58.03
CA SER D 304 11.70 9.66 -57.97
C SER D 304 12.52 8.36 -57.98
N GLY D 305 12.17 7.47 -58.89
CA GLY D 305 13.01 6.31 -59.15
C GLY D 305 13.93 6.59 -60.32
N GLY D 306 14.13 5.59 -61.19
CA GLY D 306 14.91 5.80 -62.38
C GLY D 306 14.43 5.02 -63.59
N ALA D 307 13.36 4.24 -63.45
CA ALA D 307 12.80 3.50 -64.57
C ALA D 307 11.29 3.47 -64.58
N ALA D 308 10.65 4.13 -63.63
CA ALA D 308 9.20 4.27 -63.61
C ALA D 308 8.75 5.71 -63.58
N ASP D 309 9.68 6.66 -63.47
CA ASP D 309 9.34 8.07 -63.55
C ASP D 309 8.93 8.47 -64.96
N CYS D 310 9.32 7.68 -65.96
CA CYS D 310 8.78 7.84 -67.30
C CYS D 310 7.27 7.69 -67.31
N LEU D 311 6.76 6.71 -66.56
CA LEU D 311 5.32 6.53 -66.46
C LEU D 311 4.67 7.67 -65.68
N ALA D 312 5.38 8.23 -64.70
CA ALA D 312 4.86 9.39 -63.98
C ALA D 312 4.75 10.61 -64.88
N GLU D 313 5.77 10.85 -65.71
CA GLU D 313 5.70 11.99 -66.62
C GLU D 313 4.65 11.78 -67.70
N THR D 314 4.51 10.56 -68.22
CA THR D 314 3.51 10.37 -69.26
C THR D 314 2.10 10.26 -68.70
N LEU D 315 1.93 10.06 -67.39
CA LEU D 315 0.62 10.15 -66.80
C LEU D 315 0.29 11.55 -66.32
N GLU D 316 1.31 12.37 -66.05
CA GLU D 316 1.06 13.74 -65.64
C GLU D 316 0.78 14.69 -66.79
N ASP D 317 0.60 14.17 -68.02
CA ASP D 317 0.19 15.02 -69.13
C ASP D 317 -1.25 15.49 -68.96
N THR D 318 -2.11 14.62 -68.45
CA THR D 318 -3.50 14.97 -68.25
C THR D 318 -3.73 15.45 -66.82
N ARG D 327 8.08 13.78 -81.84
CA ARG D 327 7.18 13.37 -80.78
C ARG D 327 7.83 13.53 -79.42
N GLN D 328 7.01 13.87 -78.42
CA GLN D 328 7.51 14.04 -77.07
C GLN D 328 7.81 12.73 -76.38
N GLY D 329 7.26 11.61 -76.88
CA GLY D 329 7.55 10.32 -76.29
C GLY D 329 8.99 9.92 -76.47
N GLU D 330 9.60 10.29 -77.60
CA GLU D 330 11.02 10.07 -77.78
C GLU D 330 11.84 11.00 -76.89
N ALA D 331 11.31 12.18 -76.57
CA ALA D 331 11.99 13.06 -75.64
C ALA D 331 11.93 12.49 -74.22
N ARG D 332 10.85 11.78 -73.91
CA ARG D 332 10.70 11.25 -72.56
C ARG D 332 11.45 9.92 -72.39
N ASP D 333 11.47 9.08 -73.42
CA ASP D 333 12.08 7.75 -73.32
C ASP D 333 13.60 7.79 -73.31
N ARG D 334 14.22 8.95 -73.52
CA ARG D 334 15.66 9.06 -73.46
C ARG D 334 16.13 10.03 -72.40
N ILE D 335 15.22 10.66 -71.67
CA ILE D 335 15.59 11.60 -70.63
C ILE D 335 15.46 11.02 -69.23
N ARG D 336 14.35 10.34 -68.93
CA ARG D 336 14.09 9.82 -67.59
C ARG D 336 14.36 8.33 -67.50
N ARG D 337 15.18 7.79 -68.40
CA ARG D 337 15.52 6.37 -68.40
C ARG D 337 16.85 6.21 -69.08
N PHE D 338 17.24 4.96 -69.29
CA PHE D 338 18.48 4.67 -69.99
C PHE D 338 18.34 5.07 -71.45
N PHE D 339 19.17 6.03 -71.87
CA PHE D 339 19.11 6.57 -73.21
C PHE D 339 19.48 5.54 -74.29
N PRO D 340 20.50 4.65 -74.11
CA PRO D 340 20.60 3.56 -75.09
C PRO D 340 19.58 2.48 -74.81
N LYS D 341 18.49 2.48 -75.54
CA LYS D 341 17.53 1.40 -75.48
C LYS D 341 17.08 0.95 -76.86
N GLY D 342 16.92 1.87 -77.80
CA GLY D 342 16.37 1.57 -79.10
C GLY D 342 14.90 1.91 -79.18
N ASP D 343 14.59 3.05 -79.79
CA ASP D 343 13.21 3.54 -79.90
C ASP D 343 12.54 2.77 -81.03
N LEU D 344 12.10 1.57 -80.73
CA LEU D 344 11.41 0.78 -81.73
C LEU D 344 10.03 0.31 -81.28
N GLU D 345 9.89 -0.10 -80.03
CA GLU D 345 8.61 -0.59 -79.54
C GLU D 345 8.37 -0.02 -78.15
N VAL D 346 9.44 0.50 -77.54
CA VAL D 346 9.35 1.08 -76.21
C VAL D 346 8.43 2.30 -76.22
N LEU D 347 8.55 3.13 -77.25
CA LEU D 347 7.65 4.27 -77.41
C LEU D 347 6.23 3.83 -77.72
N GLN D 348 6.06 2.71 -78.43
CA GLN D 348 4.74 2.29 -78.87
C GLN D 348 4.11 1.29 -77.91
N ALA D 349 4.74 0.14 -77.74
CA ALA D 349 4.12 -0.94 -76.99
C ALA D 349 4.22 -0.70 -75.50
N GLN D 350 5.44 -0.59 -75.00
CA GLN D 350 5.71 -0.54 -73.57
C GLN D 350 5.33 0.78 -72.91
N VAL D 351 4.71 1.71 -73.65
CA VAL D 351 4.03 2.84 -73.05
C VAL D 351 2.54 2.85 -73.40
N GLU D 352 2.19 2.52 -74.65
CA GLU D 352 0.80 2.61 -75.07
C GLU D 352 -0.06 1.52 -74.43
N ARG D 353 0.51 0.33 -74.20
CA ARG D 353 -0.26 -0.73 -73.55
C ARG D 353 -0.51 -0.40 -72.08
N ILE D 354 0.33 0.44 -71.50
CA ILE D 354 0.10 0.90 -70.13
C ILE D 354 -0.88 2.06 -70.13
N MET D 355 -0.64 3.05 -70.98
CA MET D 355 -1.45 4.26 -71.01
C MET D 355 -2.73 4.11 -71.83
N THR D 356 -3.14 2.87 -72.14
CA THR D 356 -4.47 2.66 -72.71
C THR D 356 -5.55 2.62 -71.63
N ARG D 357 -5.12 2.68 -70.38
CA ARG D 357 -6.01 2.77 -69.23
C ARG D 357 -5.27 3.59 -68.17
N LYS D 358 -5.99 4.41 -67.39
CA LYS D 358 -5.32 5.15 -66.34
C LYS D 358 -6.07 5.09 -65.02
N GLU D 359 -7.21 4.40 -64.98
CA GLU D 359 -7.94 4.23 -63.72
C GLU D 359 -7.24 3.26 -62.78
N LEU D 360 -6.25 2.51 -63.25
CA LEU D 360 -5.52 1.54 -62.45
C LEU D 360 -4.25 2.11 -61.85
N LEU D 361 -3.47 2.83 -62.64
CA LEU D 361 -2.22 3.39 -62.14
C LEU D 361 -2.51 4.58 -61.22
N THR D 362 -1.55 4.85 -60.33
CA THR D 362 -1.69 5.91 -59.35
C THR D 362 -0.31 6.42 -59.01
N VAL D 363 -0.13 7.73 -59.08
CA VAL D 363 1.15 8.34 -58.74
C VAL D 363 1.20 8.56 -57.23
N TYR D 364 2.20 7.98 -56.58
CA TYR D 364 2.42 8.28 -55.17
C TYR D 364 3.05 9.66 -55.04
N SER D 365 2.63 10.38 -54.01
CA SER D 365 3.10 11.74 -53.81
C SER D 365 4.54 11.73 -53.33
N SER D 366 5.39 12.52 -53.99
CA SER D 366 6.76 12.71 -53.54
C SER D 366 6.91 13.86 -52.58
N GLU D 367 6.02 14.85 -52.66
CA GLU D 367 6.05 15.97 -51.72
C GLU D 367 5.39 15.63 -50.40
N ASP D 368 4.49 14.66 -50.37
CA ASP D 368 3.87 14.19 -49.15
C ASP D 368 4.51 12.85 -48.78
N GLY D 369 5.23 12.83 -47.68
CA GLY D 369 6.03 11.67 -47.33
C GLY D 369 5.26 10.57 -46.65
N SER D 370 5.81 10.07 -45.55
CA SER D 370 5.25 8.92 -44.85
C SER D 370 4.11 9.37 -43.94
N GLU D 371 3.70 8.44 -43.06
CA GLU D 371 2.61 8.61 -42.09
C GLU D 371 1.26 8.92 -42.75
N GLU D 372 1.12 8.61 -44.03
CA GLU D 372 -0.16 8.72 -44.71
C GLU D 372 -0.37 7.55 -45.65
N PHE D 373 0.39 6.47 -45.47
CA PHE D 373 0.57 5.49 -46.54
C PHE D 373 -0.67 4.64 -46.76
N GLU D 374 -1.27 4.14 -45.69
CA GLU D 374 -2.47 3.34 -45.86
C GLU D 374 -3.66 4.17 -46.33
N THR D 375 -3.65 5.48 -46.09
CA THR D 375 -4.67 6.34 -46.68
C THR D 375 -4.53 6.39 -48.20
N ILE D 376 -3.30 6.49 -48.70
CA ILE D 376 -3.06 6.53 -50.14
C ILE D 376 -3.41 5.19 -50.77
N VAL D 377 -3.04 4.10 -50.08
CA VAL D 377 -3.39 2.75 -50.52
C VAL D 377 -4.90 2.60 -50.61
N LEU D 378 -5.61 3.05 -49.58
CA LEU D 378 -7.06 2.91 -49.53
C LEU D 378 -7.73 3.71 -50.62
N LYS D 379 -7.26 4.93 -50.86
CA LYS D 379 -7.86 5.77 -51.90
C LYS D 379 -7.62 5.20 -53.28
N ALA D 380 -6.39 4.74 -53.57
CA ALA D 380 -6.10 4.17 -54.89
C ALA D 380 -6.86 2.87 -55.11
N LEU D 381 -7.00 2.07 -54.06
CA LEU D 381 -7.65 0.78 -54.17
C LEU D 381 -9.16 0.92 -54.28
N VAL D 382 -9.73 2.00 -53.74
CA VAL D 382 -11.14 2.29 -53.98
C VAL D 382 -11.33 2.82 -55.40
N LYS D 383 -10.44 3.73 -55.81
CA LYS D 383 -10.57 4.41 -57.10
C LYS D 383 -10.49 3.44 -58.26
N ALA D 384 -9.59 2.47 -58.18
CA ALA D 384 -9.45 1.53 -59.30
C ALA D 384 -10.56 0.50 -59.36
N CYS D 385 -11.45 0.45 -58.37
CA CYS D 385 -12.47 -0.60 -58.34
C CYS D 385 -13.53 -0.38 -59.42
N GLY D 386 -13.88 0.87 -59.68
CA GLY D 386 -14.94 1.16 -60.63
C GLY D 386 -14.51 1.24 -62.07
N SER D 387 -13.80 0.21 -62.54
CA SER D 387 -13.33 0.20 -63.93
C SER D 387 -14.12 -0.80 -64.76
N TYR D 393 -19.79 -5.16 -54.30
CA TYR D 393 -19.21 -3.86 -54.60
C TYR D 393 -18.32 -3.40 -53.45
N LEU D 394 -17.06 -3.10 -53.78
CA LEU D 394 -16.10 -2.72 -52.77
C LEU D 394 -16.31 -1.28 -52.32
N ASP D 395 -16.32 -1.08 -51.02
CA ASP D 395 -16.51 0.24 -50.43
C ASP D 395 -15.44 0.47 -49.38
N GLU D 396 -15.58 1.52 -48.57
CA GLU D 396 -14.52 1.86 -47.63
C GLU D 396 -14.71 1.21 -46.27
N LEU D 397 -15.95 1.19 -45.77
CA LEU D 397 -16.17 0.68 -44.42
C LEU D 397 -15.96 -0.81 -44.33
N ARG D 398 -16.36 -1.56 -45.36
CA ARG D 398 -16.17 -3.01 -45.32
C ARG D 398 -14.69 -3.35 -45.38
N LEU D 399 -13.90 -2.55 -46.10
CA LEU D 399 -12.47 -2.75 -46.10
C LEU D 399 -11.86 -2.37 -44.77
N ALA D 400 -12.46 -1.41 -44.05
CA ALA D 400 -11.93 -1.06 -42.75
C ALA D 400 -12.24 -2.12 -41.72
N VAL D 401 -13.41 -2.73 -41.81
CA VAL D 401 -13.80 -3.80 -40.89
C VAL D 401 -13.03 -5.07 -41.21
N ALA D 402 -12.65 -5.26 -42.48
CA ALA D 402 -11.82 -6.41 -42.81
C ALA D 402 -10.42 -6.26 -42.23
N TRP D 403 -9.94 -5.03 -42.09
CA TRP D 403 -8.73 -4.75 -41.32
C TRP D 403 -9.16 -4.58 -39.87
N ASN D 404 -8.27 -4.13 -39.01
CA ASN D 404 -8.64 -3.93 -37.62
C ASN D 404 -8.48 -2.48 -37.21
N ARG D 405 -8.20 -1.61 -38.16
CA ARG D 405 -7.91 -0.21 -37.86
C ARG D 405 -9.21 0.51 -37.53
N VAL D 406 -9.21 1.23 -36.42
CA VAL D 406 -10.38 1.96 -35.97
C VAL D 406 -10.37 3.40 -36.47
N ASP D 407 -9.18 4.00 -36.59
CA ASP D 407 -9.05 5.41 -36.94
C ASP D 407 -9.54 5.71 -38.35
N ILE D 408 -9.48 4.73 -39.25
CA ILE D 408 -10.03 4.92 -40.58
C ILE D 408 -11.53 5.09 -40.52
N ALA D 409 -12.20 4.26 -39.72
CA ALA D 409 -13.63 4.43 -39.51
C ALA D 409 -13.93 5.72 -38.75
N GLN D 410 -13.05 6.11 -37.83
CA GLN D 410 -13.17 7.39 -37.11
C GLN D 410 -13.19 8.56 -38.06
N SER D 411 -12.21 8.62 -38.96
CA SER D 411 -12.12 9.75 -39.88
C SER D 411 -13.22 9.70 -40.92
N GLU D 412 -13.56 8.50 -41.41
CA GLU D 412 -14.60 8.39 -42.42
C GLU D 412 -15.97 8.75 -41.86
N LEU D 413 -16.24 8.38 -40.61
CA LEU D 413 -17.53 8.68 -40.04
C LEU D 413 -17.63 10.14 -39.61
N PHE D 414 -16.60 10.64 -38.90
CA PHE D 414 -16.70 11.97 -38.33
C PHE D 414 -16.43 13.06 -39.36
N ARG D 415 -15.78 12.72 -40.47
CA ARG D 415 -15.51 13.70 -41.51
C ARG D 415 -16.81 14.07 -42.22
N GLY D 416 -17.02 15.37 -42.37
CA GLY D 416 -18.26 15.88 -42.92
C GLY D 416 -18.27 16.14 -44.40
N ASP D 417 -17.29 15.61 -45.15
CA ASP D 417 -17.22 15.88 -46.58
C ASP D 417 -18.35 15.20 -47.34
N ILE D 418 -18.65 13.95 -46.98
CA ILE D 418 -19.71 13.17 -47.64
C ILE D 418 -20.72 12.74 -46.59
N GLN D 419 -21.99 13.00 -46.86
CA GLN D 419 -23.05 12.49 -46.00
C GLN D 419 -23.19 10.98 -46.21
N TRP D 420 -23.28 10.24 -45.12
CA TRP D 420 -23.32 8.79 -45.17
C TRP D 420 -24.74 8.28 -45.38
N ARG D 421 -24.85 7.21 -46.13
CA ARG D 421 -26.15 6.61 -46.42
C ARG D 421 -26.48 5.58 -45.34
N SER D 422 -27.51 4.77 -45.60
CA SER D 422 -27.93 3.74 -44.65
C SER D 422 -27.54 2.34 -45.08
N PHE D 423 -27.43 2.10 -46.39
CA PHE D 423 -27.14 0.77 -46.89
C PHE D 423 -25.75 0.30 -46.53
N HIS D 424 -24.80 1.23 -46.48
CA HIS D 424 -23.42 0.88 -46.15
C HIS D 424 -23.32 0.39 -44.71
N LEU D 425 -23.95 1.11 -43.78
CA LEU D 425 -23.95 0.71 -42.38
C LEU D 425 -24.72 -0.59 -42.19
N GLU D 426 -25.87 -0.71 -42.86
CA GLU D 426 -26.71 -1.88 -42.69
C GLU D 426 -26.05 -3.13 -43.25
N ALA D 427 -25.18 -2.97 -44.25
CA ALA D 427 -24.45 -4.14 -44.73
C ALA D 427 -23.24 -4.44 -43.86
N SER D 428 -22.50 -3.41 -43.46
CA SER D 428 -21.22 -3.62 -42.79
C SER D 428 -21.37 -4.10 -41.36
N LEU D 429 -22.51 -3.84 -40.71
CA LEU D 429 -22.72 -4.39 -39.37
C LEU D 429 -22.77 -5.91 -39.39
N MET D 430 -23.29 -6.49 -40.48
CA MET D 430 -23.34 -7.93 -40.62
C MET D 430 -21.94 -8.52 -40.68
N ASP D 431 -21.01 -7.83 -41.32
CA ASP D 431 -19.65 -8.33 -41.34
C ASP D 431 -18.93 -8.02 -40.05
N ALA D 432 -19.38 -7.03 -39.31
CA ALA D 432 -18.73 -6.72 -38.04
C ALA D 432 -19.09 -7.75 -36.99
N LEU D 433 -20.31 -8.29 -37.03
CA LEU D 433 -20.71 -9.22 -35.99
C LEU D 433 -20.07 -10.59 -36.13
N LEU D 434 -19.71 -10.99 -37.34
CA LEU D 434 -19.26 -12.36 -37.56
C LEU D 434 -17.83 -12.58 -37.10
N ASN D 435 -16.94 -11.65 -37.41
CA ASN D 435 -15.51 -11.83 -37.18
C ASN D 435 -15.06 -11.37 -35.81
N ASP D 436 -16.00 -11.08 -34.90
CA ASP D 436 -15.75 -10.75 -33.48
C ASP D 436 -14.84 -9.52 -33.34
N ARG D 437 -15.37 -8.39 -33.79
CA ARG D 437 -14.70 -7.10 -33.67
C ARG D 437 -15.56 -6.22 -32.77
N PRO D 438 -15.42 -6.37 -31.45
CA PRO D 438 -16.36 -5.69 -30.53
C PRO D 438 -16.17 -4.20 -30.45
N GLU D 439 -15.04 -3.65 -30.87
CA GLU D 439 -14.87 -2.22 -30.79
C GLU D 439 -15.58 -1.48 -31.90
N PHE D 440 -15.99 -2.16 -32.97
CA PHE D 440 -16.65 -1.46 -34.06
C PHE D 440 -18.15 -1.34 -33.89
N VAL D 441 -18.77 -2.21 -33.11
CA VAL D 441 -20.22 -2.23 -33.07
C VAL D 441 -20.74 -1.01 -32.31
N ARG D 442 -19.95 -0.47 -31.38
CA ARG D 442 -20.31 0.77 -30.72
C ARG D 442 -20.35 1.94 -31.70
N LEU D 443 -19.40 1.99 -32.61
CA LEU D 443 -19.42 3.05 -33.62
C LEU D 443 -20.54 2.85 -34.62
N LEU D 444 -20.74 1.63 -35.08
CA LEU D 444 -21.74 1.43 -36.11
C LEU D 444 -23.16 1.47 -35.58
N ILE D 445 -23.37 1.42 -34.28
CA ILE D 445 -24.71 1.54 -33.74
C ILE D 445 -24.91 2.83 -32.96
N SER D 446 -23.84 3.58 -32.69
CA SER D 446 -23.99 4.80 -31.90
C SER D 446 -24.61 5.91 -32.72
N HIS D 447 -23.92 6.38 -33.76
CA HIS D 447 -24.48 7.41 -34.61
C HIS D 447 -25.06 6.84 -35.89
N GLY D 448 -25.54 5.61 -35.82
CA GLY D 448 -26.05 4.99 -37.02
C GLY D 448 -27.51 4.63 -36.94
N LEU D 449 -27.83 3.44 -37.42
CA LEU D 449 -29.20 3.00 -37.63
C LEU D 449 -29.87 2.63 -36.33
N SER D 450 -31.19 2.61 -36.37
CA SER D 450 -31.96 2.00 -35.31
C SER D 450 -32.05 0.50 -35.55
N LEU D 451 -31.99 -0.26 -34.47
CA LEU D 451 -31.92 -1.70 -34.57
C LEU D 451 -33.26 -2.31 -34.96
N GLY D 452 -34.35 -1.56 -34.79
CA GLY D 452 -35.65 -2.01 -35.26
C GLY D 452 -35.75 -2.10 -36.76
N HIS D 453 -34.94 -1.32 -37.48
CA HIS D 453 -34.82 -1.53 -38.91
C HIS D 453 -33.96 -2.74 -39.24
N PHE D 454 -32.93 -2.98 -38.44
CA PHE D 454 -31.90 -3.96 -38.79
C PHE D 454 -32.39 -5.39 -38.62
N LEU D 455 -32.80 -5.72 -37.41
CA LEU D 455 -33.00 -7.12 -37.04
C LEU D 455 -34.28 -7.65 -37.66
N THR D 456 -34.11 -8.50 -38.65
CA THR D 456 -35.13 -9.19 -39.43
C THR D 456 -34.89 -10.70 -39.31
N PRO D 457 -35.94 -11.54 -39.38
CA PRO D 457 -35.76 -12.97 -39.10
C PRO D 457 -34.94 -13.70 -40.14
N MET D 458 -34.90 -13.24 -41.38
CA MET D 458 -33.98 -13.80 -42.35
C MET D 458 -32.54 -13.51 -41.94
N ARG D 459 -32.28 -12.29 -41.46
CA ARG D 459 -30.95 -11.90 -41.02
C ARG D 459 -30.53 -12.69 -39.79
N LEU D 460 -31.45 -12.87 -38.85
CA LEU D 460 -31.14 -13.60 -37.63
C LEU D 460 -30.93 -15.08 -37.92
N ALA D 461 -31.69 -15.62 -38.87
CA ALA D 461 -31.45 -16.99 -39.32
C ALA D 461 -30.08 -17.12 -39.97
N GLN D 462 -29.67 -16.09 -40.72
CA GLN D 462 -28.34 -16.10 -41.31
C GLN D 462 -27.26 -16.03 -40.25
N LEU D 463 -27.52 -15.31 -39.16
CA LEU D 463 -26.51 -15.14 -38.12
C LEU D 463 -26.36 -16.41 -37.29
N TYR D 464 -27.46 -17.06 -36.96
CA TYR D 464 -27.40 -18.39 -36.36
C TYR D 464 -26.78 -19.40 -37.32
N SER D 465 -27.01 -19.19 -38.62
CA SER D 465 -26.51 -20.12 -39.64
C SER D 465 -25.00 -20.16 -39.67
N ALA D 466 -24.35 -19.04 -39.36
CA ALA D 466 -22.92 -19.08 -39.11
C ALA D 466 -22.68 -19.79 -37.80
N ALA D 467 -21.84 -20.82 -37.83
CA ALA D 467 -21.43 -21.53 -36.64
C ALA D 467 -19.92 -21.59 -36.62
N PRO D 468 -19.25 -20.77 -35.82
CA PRO D 468 -17.79 -20.65 -35.93
C PRO D 468 -17.04 -21.85 -35.40
N SER D 469 -17.64 -22.63 -34.54
CA SER D 469 -16.94 -23.77 -33.98
C SER D 469 -17.53 -25.05 -34.56
N ASN D 470 -17.08 -26.19 -34.05
CA ASN D 470 -17.57 -27.48 -34.51
C ASN D 470 -17.96 -28.42 -33.38
N SER D 471 -17.98 -27.97 -32.13
CA SER D 471 -18.16 -28.90 -31.02
C SER D 471 -19.09 -28.43 -29.91
N LEU D 472 -19.51 -27.18 -29.85
CA LEU D 472 -20.30 -26.72 -28.72
C LEU D 472 -21.75 -26.46 -29.08
N ILE D 473 -21.99 -25.58 -30.05
CA ILE D 473 -23.35 -25.43 -30.57
C ILE D 473 -23.57 -26.37 -31.75
N ARG D 474 -22.50 -26.81 -32.42
CA ARG D 474 -22.66 -27.76 -33.51
C ARG D 474 -23.07 -29.13 -32.97
N ASN D 475 -22.46 -29.54 -31.85
CA ASN D 475 -22.86 -30.78 -31.22
C ASN D 475 -24.26 -30.69 -30.62
N LEU D 476 -24.65 -29.52 -30.11
CA LEU D 476 -25.98 -29.36 -29.55
C LEU D 476 -27.05 -29.08 -30.59
N LEU D 477 -26.67 -28.85 -31.83
CA LEU D 477 -27.63 -28.84 -32.94
C LEU D 477 -27.54 -30.12 -33.76
N ASP D 478 -26.61 -31.01 -33.43
CA ASP D 478 -26.64 -32.35 -34.02
C ASP D 478 -27.87 -33.11 -33.57
N GLN D 479 -28.35 -32.88 -32.35
CA GLN D 479 -29.61 -33.45 -31.91
C GLN D 479 -30.82 -32.79 -32.58
N ALA D 480 -30.67 -31.59 -33.11
CA ALA D 480 -31.80 -30.86 -33.70
C ALA D 480 -31.80 -30.94 -35.22
N PRO D 558 -35.78 -6.84 -28.73
CA PRO D 558 -34.94 -7.55 -29.70
C PRO D 558 -33.57 -7.87 -29.16
N TRP D 559 -33.13 -7.15 -28.12
CA TRP D 559 -31.76 -7.25 -27.65
C TRP D 559 -31.47 -8.60 -27.01
N SER D 560 -32.44 -9.19 -26.32
CA SER D 560 -32.22 -10.47 -25.66
C SER D 560 -31.98 -11.59 -26.65
N ASP D 561 -32.53 -11.46 -27.86
CA ASP D 561 -32.26 -12.41 -28.92
C ASP D 561 -30.78 -12.41 -29.29
N LEU D 562 -30.15 -11.24 -29.25
CA LEU D 562 -28.71 -11.20 -29.45
C LEU D 562 -27.95 -11.61 -28.21
N LEU D 563 -28.52 -11.40 -27.03
CA LEU D 563 -27.81 -11.72 -25.80
C LEU D 563 -27.64 -13.22 -25.62
N LEU D 564 -28.67 -13.99 -25.96
CA LEU D 564 -28.53 -15.45 -25.93
C LEU D 564 -27.50 -15.93 -26.93
N TRP D 565 -27.45 -15.27 -28.10
CA TRP D 565 -26.47 -15.62 -29.12
C TRP D 565 -25.06 -15.36 -28.66
N ALA D 566 -24.86 -14.25 -27.95
CA ALA D 566 -23.53 -13.96 -27.45
C ALA D 566 -23.15 -14.90 -26.32
N LEU D 567 -24.11 -15.30 -25.50
CA LEU D 567 -23.78 -16.17 -24.38
C LEU D 567 -23.51 -17.60 -24.81
N LEU D 568 -24.06 -18.04 -25.94
CA LEU D 568 -23.79 -19.40 -26.37
C LEU D 568 -22.36 -19.58 -26.87
N LEU D 569 -21.81 -18.58 -27.55
CA LEU D 569 -20.57 -18.76 -28.27
C LEU D 569 -19.36 -18.18 -27.56
N ASN D 570 -19.50 -17.86 -26.28
CA ASN D 570 -18.40 -17.35 -25.45
C ASN D 570 -17.68 -16.05 -25.79
N ARG D 571 -18.41 -15.03 -26.21
CA ARG D 571 -17.76 -13.76 -26.49
C ARG D 571 -18.05 -12.85 -25.31
N ALA D 572 -17.01 -12.49 -24.57
CA ALA D 572 -17.17 -11.58 -23.43
C ALA D 572 -17.44 -10.10 -23.72
N GLN D 573 -16.71 -9.53 -24.67
CA GLN D 573 -16.83 -8.13 -25.01
C GLN D 573 -18.07 -7.83 -25.84
N MET D 574 -18.68 -8.84 -26.44
CA MET D 574 -20.00 -8.64 -27.02
C MET D 574 -21.07 -8.68 -25.94
N ALA D 575 -20.91 -9.60 -24.99
CA ALA D 575 -22.00 -9.89 -24.06
C ALA D 575 -22.18 -8.78 -23.05
N MET D 576 -21.09 -8.15 -22.63
CA MET D 576 -21.22 -7.02 -21.70
C MET D 576 -21.94 -5.85 -22.36
N TYR D 577 -21.69 -5.63 -23.65
CA TYR D 577 -22.33 -4.53 -24.33
C TYR D 577 -23.81 -4.80 -24.53
N PHE D 578 -24.14 -6.02 -24.94
CA PHE D 578 -25.56 -6.32 -25.11
C PHE D 578 -26.32 -6.37 -23.80
N TRP D 579 -25.67 -6.70 -22.69
CA TRP D 579 -26.36 -6.60 -21.41
C TRP D 579 -26.56 -5.15 -21.03
N GLU D 580 -25.58 -4.30 -21.32
CA GLU D 580 -25.69 -2.90 -20.95
C GLU D 580 -26.75 -2.17 -21.75
N MET D 581 -27.03 -2.61 -22.97
CA MET D 581 -28.15 -2.05 -23.72
C MET D 581 -29.42 -2.85 -23.56
N GLY D 582 -29.60 -3.56 -22.46
CA GLY D 582 -30.74 -4.44 -22.29
C GLY D 582 -31.94 -3.74 -21.69
N SER D 583 -32.95 -4.54 -21.37
CA SER D 583 -34.18 -4.02 -20.79
C SER D 583 -34.42 -4.51 -19.37
N ASN D 584 -34.54 -5.81 -19.17
CA ASN D 584 -34.80 -6.36 -17.85
C ASN D 584 -33.46 -6.64 -17.19
N ALA D 585 -33.12 -5.86 -16.18
CA ALA D 585 -31.74 -5.77 -15.77
C ALA D 585 -31.34 -6.93 -14.86
N VAL D 586 -31.97 -7.05 -13.70
CA VAL D 586 -31.42 -7.87 -12.63
C VAL D 586 -31.61 -9.35 -12.90
N SER D 587 -32.76 -9.73 -13.48
CA SER D 587 -33.01 -11.15 -13.73
C SER D 587 -32.09 -11.70 -14.82
N SER D 588 -31.71 -10.87 -15.78
CA SER D 588 -30.90 -11.32 -16.88
C SER D 588 -29.50 -11.71 -16.43
N ALA D 589 -28.96 -11.02 -15.41
CA ALA D 589 -27.64 -11.32 -14.91
C ALA D 589 -27.57 -12.71 -14.30
N LEU D 590 -28.50 -13.01 -13.39
CA LEU D 590 -28.48 -14.31 -12.73
C LEU D 590 -28.80 -15.42 -13.69
N GLY D 591 -29.67 -15.17 -14.67
CA GLY D 591 -29.90 -16.19 -15.68
C GLY D 591 -28.69 -16.47 -16.54
N ALA D 592 -27.91 -15.43 -16.85
CA ALA D 592 -26.68 -15.64 -17.59
C ALA D 592 -25.68 -16.44 -16.78
N CYS D 593 -25.61 -16.18 -15.48
CA CYS D 593 -24.75 -16.97 -14.60
C CYS D 593 -25.18 -18.42 -14.58
N LEU D 594 -26.49 -18.66 -14.55
CA LEU D 594 -27.03 -20.02 -14.59
C LEU D 594 -26.65 -20.74 -15.87
N LEU D 595 -26.79 -20.07 -17.01
CA LEU D 595 -26.57 -20.74 -18.28
C LEU D 595 -25.09 -21.01 -18.51
N LEU D 596 -24.21 -20.15 -18.00
CA LEU D 596 -22.79 -20.47 -18.08
C LEU D 596 -22.42 -21.64 -17.16
N ARG D 597 -22.96 -21.67 -15.93
CA ARG D 597 -22.63 -22.77 -15.03
C ARG D 597 -23.14 -24.10 -15.55
N VAL D 598 -24.26 -24.09 -16.27
CA VAL D 598 -24.73 -25.33 -16.89
C VAL D 598 -23.84 -25.72 -18.05
N MET D 599 -23.60 -24.80 -18.99
CA MET D 599 -22.85 -25.18 -20.19
C MET D 599 -21.36 -25.37 -19.94
N ALA D 600 -20.87 -25.13 -18.73
CA ALA D 600 -19.46 -25.39 -18.44
C ALA D 600 -19.16 -26.89 -18.32
N ARG D 601 -20.19 -27.71 -18.12
CA ARG D 601 -19.94 -29.12 -17.85
C ARG D 601 -19.70 -29.92 -19.13
N LEU D 602 -20.41 -29.59 -20.20
CA LEU D 602 -20.51 -30.51 -21.33
C LEU D 602 -19.26 -30.51 -22.19
N GLU D 603 -18.51 -29.40 -22.21
CA GLU D 603 -17.29 -29.36 -22.99
C GLU D 603 -16.16 -30.08 -22.26
N PRO D 604 -15.24 -30.74 -23.00
CA PRO D 604 -14.21 -31.56 -22.33
C PRO D 604 -13.00 -30.82 -21.80
N ASP D 605 -12.59 -29.73 -22.48
CA ASP D 605 -11.31 -29.11 -22.17
C ASP D 605 -11.36 -28.32 -20.87
N ALA D 606 -10.18 -27.94 -20.38
CA ALA D 606 -10.04 -27.05 -19.24
C ALA D 606 -9.79 -25.60 -19.64
N GLU D 607 -9.25 -25.38 -20.84
CA GLU D 607 -9.01 -24.02 -21.32
C GLU D 607 -10.31 -23.28 -21.58
N GLU D 608 -11.38 -24.01 -21.89
CA GLU D 608 -12.69 -23.37 -21.99
C GLU D 608 -13.28 -23.09 -20.61
N ALA D 609 -13.05 -23.99 -19.65
CA ALA D 609 -13.67 -23.84 -18.33
C ALA D 609 -13.05 -22.68 -17.58
N ALA D 610 -11.75 -22.46 -17.78
CA ALA D 610 -11.09 -21.32 -17.17
C ALA D 610 -11.57 -19.98 -17.72
N ARG D 611 -12.27 -19.98 -18.86
CA ARG D 611 -12.95 -18.77 -19.31
C ARG D 611 -14.39 -18.71 -18.88
N ARG D 612 -15.08 -19.86 -18.89
CA ARG D 612 -16.50 -19.88 -18.53
C ARG D 612 -16.73 -19.52 -17.07
N LYS D 613 -15.92 -20.06 -16.16
CA LYS D 613 -16.08 -19.71 -14.74
C LYS D 613 -15.78 -18.25 -14.50
N ASP D 614 -14.84 -17.67 -15.24
CA ASP D 614 -14.48 -16.28 -15.03
C ASP D 614 -15.57 -15.35 -15.53
N LEU D 615 -16.15 -15.66 -16.68
CA LEU D 615 -17.25 -14.87 -17.21
C LEU D 615 -18.48 -14.94 -16.29
N ALA D 616 -18.71 -16.13 -15.69
CA ALA D 616 -19.83 -16.24 -14.76
C ALA D 616 -19.61 -15.41 -13.50
N PHE D 617 -18.37 -15.38 -12.98
CA PHE D 617 -18.11 -14.49 -11.85
C PHE D 617 -18.30 -13.03 -12.20
N LYS D 618 -17.95 -12.65 -13.44
CA LYS D 618 -18.08 -11.26 -13.84
C LYS D 618 -19.55 -10.83 -13.88
N PHE D 619 -20.42 -11.68 -14.44
CA PHE D 619 -21.85 -11.38 -14.44
C PHE D 619 -22.45 -11.34 -13.05
N GLU D 620 -22.07 -12.28 -12.19
CA GLU D 620 -22.62 -12.29 -10.84
C GLU D 620 -22.23 -11.05 -10.05
N GLY D 621 -20.98 -10.60 -10.21
CA GLY D 621 -20.55 -9.39 -9.53
C GLY D 621 -21.24 -8.14 -10.04
N MET D 622 -21.48 -8.07 -11.36
CA MET D 622 -22.19 -6.93 -11.92
C MET D 622 -23.63 -6.88 -11.42
N GLY D 623 -24.29 -8.04 -11.34
CA GLY D 623 -25.65 -8.06 -10.81
C GLY D 623 -25.74 -7.66 -9.36
N VAL D 624 -24.76 -8.08 -8.55
CA VAL D 624 -24.72 -7.72 -7.13
C VAL D 624 -24.59 -6.22 -6.96
N ASP D 625 -23.68 -5.60 -7.71
CA ASP D 625 -23.49 -4.16 -7.53
C ASP D 625 -24.67 -3.36 -8.05
N LEU D 626 -25.36 -3.85 -9.09
CA LEU D 626 -26.56 -3.17 -9.56
C LEU D 626 -27.67 -3.19 -8.52
N PHE D 627 -27.89 -4.34 -7.89
CA PHE D 627 -28.93 -4.39 -6.86
C PHE D 627 -28.55 -3.57 -5.64
N GLY D 628 -27.26 -3.49 -5.33
CA GLY D 628 -26.83 -2.66 -4.22
C GLY D 628 -27.00 -1.17 -4.47
N GLU D 629 -26.90 -0.75 -5.73
CA GLU D 629 -27.12 0.66 -6.04
C GLU D 629 -28.60 1.00 -6.21
N CYS D 630 -29.49 0.02 -6.07
CA CYS D 630 -30.92 0.28 -6.11
C CYS D 630 -31.58 0.12 -4.75
N TYR D 631 -30.98 -0.64 -3.84
CA TYR D 631 -31.55 -0.77 -2.51
C TYR D 631 -31.43 0.51 -1.69
N ARG D 632 -30.54 1.42 -2.10
CA ARG D 632 -30.26 2.64 -1.34
C ARG D 632 -31.49 3.53 -1.21
N SER D 633 -32.34 3.55 -2.22
CA SER D 633 -33.55 4.36 -2.18
C SER D 633 -34.77 3.47 -2.30
N SER D 634 -35.77 3.74 -1.44
CA SER D 634 -37.13 3.22 -1.55
C SER D 634 -37.17 1.69 -1.50
N GLU D 635 -36.89 1.17 -0.31
CA GLU D 635 -36.79 -0.27 -0.09
C GLU D 635 -38.07 -1.03 -0.46
N VAL D 636 -39.22 -0.37 -0.42
CA VAL D 636 -40.45 -0.98 -0.91
C VAL D 636 -40.34 -1.30 -2.40
N ARG D 637 -39.71 -0.39 -3.16
CA ARG D 637 -39.53 -0.63 -4.58
C ARG D 637 -38.61 -1.81 -4.84
N ALA D 638 -37.55 -1.95 -4.05
CA ALA D 638 -36.63 -3.07 -4.23
C ALA D 638 -37.28 -4.39 -3.87
N ALA D 639 -38.06 -4.38 -2.78
CA ALA D 639 -38.79 -5.58 -2.40
C ALA D 639 -39.82 -5.98 -3.44
N ARG D 640 -40.43 -4.99 -4.09
CA ARG D 640 -41.36 -5.33 -5.15
C ARG D 640 -40.63 -5.81 -6.39
N LEU D 641 -39.43 -5.31 -6.63
CA LEU D 641 -38.67 -5.68 -7.83
C LEU D 641 -38.15 -7.10 -7.74
N LEU D 642 -37.70 -7.51 -6.56
CA LEU D 642 -37.01 -8.78 -6.47
C LEU D 642 -37.97 -9.96 -6.58
N LEU D 643 -39.15 -9.84 -5.99
CA LEU D 643 -40.03 -10.99 -5.84
C LEU D 643 -40.82 -11.34 -7.09
N ARG D 644 -40.93 -10.43 -8.05
CA ARG D 644 -41.90 -10.60 -9.13
C ARG D 644 -41.45 -11.66 -10.12
N ARG D 645 -42.27 -11.87 -11.14
CA ARG D 645 -42.03 -12.86 -12.18
C ARG D 645 -41.62 -12.20 -13.51
N CYS D 646 -40.59 -12.75 -14.15
CA CYS D 646 -40.07 -12.20 -15.38
C CYS D 646 -40.52 -13.05 -16.55
N PRO D 647 -41.16 -12.46 -17.56
CA PRO D 647 -41.80 -13.30 -18.59
C PRO D 647 -40.84 -13.88 -19.59
N LEU D 648 -39.62 -13.34 -19.69
CA LEU D 648 -38.71 -13.71 -20.77
C LEU D 648 -38.20 -15.14 -20.63
N TRP D 649 -38.17 -15.65 -19.40
CA TRP D 649 -37.70 -17.02 -19.12
C TRP D 649 -38.75 -17.99 -18.58
N GLY D 650 -40.03 -17.66 -18.72
CA GLY D 650 -41.06 -18.48 -18.13
C GLY D 650 -41.39 -18.01 -16.73
N ASP D 651 -42.34 -18.69 -16.11
CA ASP D 651 -42.84 -18.27 -14.79
C ASP D 651 -41.82 -18.67 -13.73
N ALA D 652 -40.77 -17.84 -13.64
CA ALA D 652 -39.76 -18.02 -12.62
C ALA D 652 -39.49 -16.66 -12.00
N THR D 653 -39.13 -16.67 -10.74
CA THR D 653 -38.77 -15.43 -10.07
C THR D 653 -37.25 -15.26 -10.12
N CYS D 654 -36.81 -14.11 -9.64
CA CYS D 654 -35.37 -13.84 -9.59
C CYS D 654 -34.68 -14.69 -8.55
N LEU D 655 -35.33 -14.89 -7.42
CA LEU D 655 -34.68 -15.51 -6.28
C LEU D 655 -34.46 -16.99 -6.51
N GLN D 656 -35.38 -17.64 -7.20
CA GLN D 656 -35.23 -19.07 -7.49
C GLN D 656 -34.13 -19.29 -8.52
N LEU D 657 -33.98 -18.37 -9.47
CA LEU D 657 -32.85 -18.43 -10.39
C LEU D 657 -31.54 -18.22 -9.68
N ALA D 658 -31.51 -17.36 -8.67
CA ALA D 658 -30.29 -17.24 -7.89
C ALA D 658 -30.02 -18.48 -7.07
N MET D 659 -31.07 -19.19 -6.67
CA MET D 659 -30.88 -20.39 -5.86
C MET D 659 -30.36 -21.55 -6.68
N GLN D 660 -30.90 -21.76 -7.87
CA GLN D 660 -30.51 -22.95 -8.63
C GLN D 660 -29.18 -22.81 -9.35
N ALA D 661 -28.49 -21.69 -9.21
CA ALA D 661 -27.17 -21.54 -9.82
C ALA D 661 -26.06 -21.44 -8.80
N ASP D 662 -26.39 -21.47 -7.50
CA ASP D 662 -25.44 -21.44 -6.39
C ASP D 662 -24.56 -20.20 -6.44
N ALA D 663 -25.21 -19.05 -6.43
CA ALA D 663 -24.53 -17.76 -6.42
C ALA D 663 -24.40 -17.32 -4.97
N ARG D 664 -23.20 -17.42 -4.41
CA ARG D 664 -23.01 -17.12 -3.00
C ARG D 664 -23.07 -15.62 -2.75
N ALA D 665 -22.44 -14.84 -3.63
CA ALA D 665 -22.28 -13.42 -3.36
C ALA D 665 -23.58 -12.64 -3.50
N PHE D 666 -24.61 -13.24 -4.09
CA PHE D 666 -25.88 -12.55 -4.17
C PHE D 666 -26.70 -12.71 -2.91
N PHE D 667 -26.63 -13.85 -2.25
CA PHE D 667 -27.20 -13.96 -0.92
C PHE D 667 -26.30 -13.37 0.15
N ALA D 668 -25.05 -13.07 -0.18
CA ALA D 668 -24.12 -12.60 0.82
C ALA D 668 -24.46 -11.21 1.34
N GLN D 669 -25.04 -10.36 0.49
CA GLN D 669 -25.28 -8.99 0.91
C GLN D 669 -26.52 -8.93 1.80
N ASP D 670 -26.83 -7.73 2.27
CA ASP D 670 -27.71 -7.56 3.42
C ASP D 670 -29.17 -7.41 3.06
N GLY D 671 -29.48 -6.86 1.89
CA GLY D 671 -30.85 -6.60 1.54
C GLY D 671 -31.66 -7.86 1.34
N VAL D 672 -31.03 -8.90 0.82
CA VAL D 672 -31.69 -10.17 0.68
C VAL D 672 -31.98 -10.79 2.03
N GLN D 673 -31.06 -10.60 2.99
CA GLN D 673 -31.28 -11.08 4.35
C GLN D 673 -32.44 -10.35 5.00
N SER D 674 -32.50 -9.04 4.82
CA SER D 674 -33.58 -8.27 5.43
C SER D 674 -34.92 -8.55 4.78
N LEU D 675 -34.93 -9.00 3.52
CA LEU D 675 -36.19 -9.44 2.95
C LEU D 675 -36.59 -10.82 3.46
N LEU D 676 -35.61 -11.71 3.65
CA LEU D 676 -35.96 -13.04 4.14
C LEU D 676 -36.44 -12.99 5.58
N THR D 677 -36.01 -12.01 6.35
CA THR D 677 -36.51 -11.87 7.72
C THR D 677 -38.01 -11.55 7.74
N GLN D 678 -38.43 -10.57 6.94
CA GLN D 678 -39.86 -10.27 6.85
C GLN D 678 -40.64 -11.37 6.17
N LYS D 679 -40.01 -12.15 5.30
CA LYS D 679 -40.68 -13.34 4.80
C LYS D 679 -40.91 -14.34 5.92
N TRP D 680 -39.95 -14.44 6.83
CA TRP D 680 -40.03 -15.45 7.86
C TRP D 680 -40.95 -15.05 9.00
N TRP D 681 -41.15 -13.75 9.24
CA TRP D 681 -42.19 -13.39 10.20
C TRP D 681 -43.59 -13.53 9.64
N GLY D 682 -43.73 -13.90 8.38
CA GLY D 682 -45.02 -14.25 7.86
C GLY D 682 -45.91 -13.05 7.64
N ASP D 683 -47.21 -13.29 7.69
CA ASP D 683 -48.18 -12.27 7.38
C ASP D 683 -48.27 -11.29 8.52
N MET D 684 -47.83 -10.06 8.26
CA MET D 684 -48.13 -8.87 9.06
C MET D 684 -47.63 -9.00 10.50
N ALA D 685 -46.32 -9.03 10.64
CA ALA D 685 -45.68 -8.79 11.92
C ALA D 685 -44.39 -8.07 11.64
N SER D 686 -43.87 -7.36 12.63
CA SER D 686 -42.64 -6.62 12.41
C SER D 686 -41.86 -6.57 13.72
N THR D 687 -40.94 -7.52 13.89
CA THR D 687 -39.93 -7.55 14.95
C THR D 687 -40.53 -7.46 16.35
N THR D 688 -41.65 -8.12 16.56
CA THR D 688 -42.17 -8.29 17.91
C THR D 688 -41.29 -9.30 18.64
N PRO D 689 -41.04 -9.08 19.94
CA PRO D 689 -40.11 -9.95 20.66
C PRO D 689 -40.68 -11.34 20.88
N ILE D 690 -39.83 -12.19 21.48
CA ILE D 690 -40.14 -13.61 21.55
C ILE D 690 -41.23 -13.88 22.58
N TRP D 691 -41.20 -13.17 23.72
CA TRP D 691 -42.10 -13.48 24.83
C TRP D 691 -43.55 -13.22 24.49
N ALA D 692 -43.81 -12.25 23.62
CA ALA D 692 -45.17 -12.04 23.15
C ALA D 692 -45.64 -13.21 22.31
N LEU D 693 -44.74 -13.79 21.53
CA LEU D 693 -45.12 -14.95 20.71
C LEU D 693 -45.38 -16.17 21.58
N VAL D 694 -44.60 -16.36 22.64
CA VAL D 694 -44.80 -17.51 23.51
C VAL D 694 -46.08 -17.36 24.32
N LEU D 695 -46.33 -16.14 24.83
CA LEU D 695 -47.57 -15.88 25.55
C LEU D 695 -48.79 -15.95 24.65
N ALA D 696 -48.63 -15.67 23.36
CA ALA D 696 -49.74 -15.86 22.44
C ALA D 696 -49.99 -17.32 22.13
N PHE D 697 -48.92 -18.09 21.95
CA PHE D 697 -49.09 -19.50 21.61
C PHE D 697 -49.60 -20.30 22.79
N PHE D 698 -49.31 -19.85 24.02
CA PHE D 698 -49.82 -20.56 25.19
C PHE D 698 -51.31 -20.34 25.37
N CYS D 699 -51.79 -19.12 25.19
CA CYS D 699 -53.20 -18.79 25.39
C CYS D 699 -53.78 -18.21 24.11
N PRO D 700 -54.69 -18.90 23.44
CA PRO D 700 -55.21 -18.43 22.15
C PRO D 700 -56.05 -17.16 22.23
N PRO D 701 -56.85 -16.88 23.33
CA PRO D 701 -57.45 -15.55 23.38
C PRO D 701 -56.54 -14.44 23.90
N LEU D 702 -55.36 -14.31 23.31
CA LEU D 702 -54.55 -13.11 23.45
C LEU D 702 -54.12 -12.53 22.11
N ILE D 703 -54.50 -13.17 21.01
CA ILE D 703 -54.15 -12.65 19.69
C ILE D 703 -55.22 -11.68 19.21
N TYR D 704 -56.44 -11.82 19.71
CA TYR D 704 -57.50 -10.91 19.32
C TYR D 704 -57.34 -9.52 19.96
N THR D 705 -56.41 -9.44 20.91
CA THR D 705 -56.15 -8.21 21.65
C THR D 705 -54.96 -7.37 21.17
N ARG D 706 -54.58 -6.43 22.04
CA ARG D 706 -53.51 -5.46 21.84
C ARG D 706 -52.06 -5.94 21.69
N LEU D 707 -51.67 -6.99 22.41
CA LEU D 707 -50.27 -7.42 22.39
C LEU D 707 -49.70 -7.81 21.02
N ILE D 708 -50.47 -8.52 20.21
CA ILE D 708 -49.98 -8.87 18.88
C ILE D 708 -49.90 -7.58 18.06
N THR D 709 -48.86 -7.43 17.26
CA THR D 709 -48.71 -6.23 16.45
C THR D 709 -48.72 -6.54 14.96
N PHE D 710 -49.53 -5.83 14.20
CA PHE D 710 -49.63 -6.05 12.76
C PHE D 710 -49.17 -4.82 11.98
N ARG D 766 -65.54 -12.42 9.14
CA ARG D 766 -65.47 -11.03 8.73
C ARG D 766 -64.09 -10.46 8.99
N ARG D 767 -63.74 -10.31 10.27
CA ARG D 767 -62.42 -9.82 10.66
C ARG D 767 -61.65 -10.82 11.50
N CYS D 768 -62.28 -11.39 12.53
CA CYS D 768 -61.57 -12.28 13.45
C CYS D 768 -61.27 -13.63 12.79
N LEU D 769 -62.18 -14.11 11.95
CA LEU D 769 -61.97 -15.39 11.31
C LEU D 769 -60.94 -15.32 10.19
N ARG D 770 -60.58 -14.10 9.75
CA ARG D 770 -59.45 -13.94 8.87
C ARG D 770 -58.16 -13.65 9.64
N ARG D 771 -58.28 -12.99 10.79
CA ARG D 771 -57.14 -12.72 11.65
C ARG D 771 -56.56 -14.02 12.19
N TRP D 772 -57.43 -14.95 12.57
CA TRP D 772 -57.02 -16.25 13.09
C TRP D 772 -56.42 -17.13 12.01
N PHE D 773 -56.76 -16.90 10.74
CA PHE D 773 -56.11 -17.63 9.68
C PHE D 773 -54.80 -16.99 9.25
N HIS D 774 -54.66 -15.67 9.42
CA HIS D 774 -53.37 -15.05 9.15
C HIS D 774 -52.33 -15.41 10.20
N PHE D 775 -52.74 -15.60 11.45
CA PHE D 775 -51.74 -15.81 12.50
C PHE D 775 -51.08 -17.17 12.40
N TRP D 776 -51.86 -18.21 12.09
CA TRP D 776 -51.30 -19.56 12.10
C TRP D 776 -50.67 -19.91 10.75
N GLY D 777 -50.79 -19.02 9.78
CA GLY D 777 -50.16 -19.29 8.50
C GLY D 777 -48.69 -18.96 8.44
N ALA D 778 -48.19 -18.19 9.38
CA ALA D 778 -46.81 -17.74 9.32
C ALA D 778 -45.87 -18.89 9.67
N PRO D 779 -44.70 -18.96 9.03
CA PRO D 779 -43.79 -20.09 9.30
C PRO D 779 -43.22 -20.10 10.71
N VAL D 780 -43.12 -18.97 11.38
CA VAL D 780 -42.54 -18.95 12.72
C VAL D 780 -43.47 -19.55 13.75
N THR D 781 -44.71 -19.82 13.37
CA THR D 781 -45.63 -20.49 14.27
C THR D 781 -45.68 -21.99 14.02
N ILE D 782 -45.64 -22.42 12.77
CA ILE D 782 -45.60 -23.85 12.47
C ILE D 782 -44.28 -24.46 12.93
N PHE D 783 -43.21 -23.66 12.96
CA PHE D 783 -41.95 -24.09 13.54
C PHE D 783 -42.09 -24.38 15.03
N MET D 784 -42.75 -23.48 15.75
CA MET D 784 -42.96 -23.66 17.18
C MET D 784 -43.83 -24.87 17.46
N GLY D 785 -44.85 -25.08 16.65
CA GLY D 785 -45.71 -26.25 16.82
C GLY D 785 -44.98 -27.55 16.58
N ASN D 786 -44.09 -27.57 15.58
CA ASN D 786 -43.32 -28.77 15.30
C ASN D 786 -42.38 -29.11 16.47
N VAL D 787 -41.72 -28.09 17.03
CA VAL D 787 -40.79 -28.33 18.13
C VAL D 787 -41.52 -28.82 19.37
N VAL D 788 -42.69 -28.24 19.67
CA VAL D 788 -43.44 -28.67 20.86
C VAL D 788 -43.92 -30.10 20.72
N SER D 789 -44.39 -30.47 19.52
CA SER D 789 -44.83 -31.85 19.29
C SER D 789 -43.68 -32.83 19.44
N TYR D 790 -42.49 -32.46 18.98
CA TYR D 790 -41.36 -33.38 19.04
C TYR D 790 -40.87 -33.58 20.47
N LEU D 791 -40.90 -32.52 21.29
CA LEU D 791 -40.50 -32.68 22.68
C LEU D 791 -41.51 -33.52 23.47
N LEU D 792 -42.80 -33.38 23.15
CA LEU D 792 -43.77 -34.26 23.80
C LEU D 792 -43.58 -35.72 23.42
N PHE D 793 -43.17 -35.97 22.17
CA PHE D 793 -42.82 -37.32 21.74
C PHE D 793 -41.68 -37.90 22.55
N LEU D 794 -40.64 -37.10 22.81
CA LEU D 794 -39.52 -37.61 23.60
C LEU D 794 -39.90 -37.88 25.04
N LEU D 795 -40.74 -37.02 25.64
CA LEU D 795 -41.10 -37.25 27.04
C LEU D 795 -41.97 -38.50 27.20
N LEU D 796 -42.88 -38.72 26.24
CA LEU D 796 -43.67 -39.94 26.25
C LEU D 796 -42.80 -41.19 26.08
N PHE D 797 -41.78 -41.09 25.21
CA PHE D 797 -40.92 -42.24 24.98
C PHE D 797 -40.10 -42.57 26.22
N SER D 798 -39.67 -41.53 26.95
CA SER D 798 -38.93 -41.76 28.18
C SER D 798 -39.81 -42.42 29.24
N ARG D 799 -41.07 -41.99 29.35
CA ARG D 799 -41.93 -42.58 30.37
C ARG D 799 -42.32 -44.00 29.99
N VAL D 800 -42.30 -44.33 28.71
CA VAL D 800 -42.47 -45.73 28.33
C VAL D 800 -41.26 -46.55 28.75
N LEU D 801 -40.06 -46.02 28.52
CA LEU D 801 -38.87 -46.85 28.70
C LEU D 801 -38.51 -47.07 30.17
N LEU D 802 -38.68 -46.06 31.02
CA LEU D 802 -38.13 -46.18 32.38
C LEU D 802 -39.01 -47.04 33.29
N VAL D 803 -40.30 -46.75 33.36
CA VAL D 803 -41.18 -47.40 34.33
C VAL D 803 -41.93 -48.57 33.72
N ASP D 804 -42.46 -48.37 32.51
CA ASP D 804 -43.28 -49.35 31.80
C ASP D 804 -42.40 -50.38 31.10
N PHE D 805 -42.92 -50.99 30.03
CA PHE D 805 -42.23 -51.94 29.14
C PHE D 805 -41.97 -53.23 29.91
N GLN D 806 -43.02 -53.80 30.44
CA GLN D 806 -43.01 -55.02 31.23
C GLN D 806 -43.21 -56.23 30.32
N PRO D 807 -42.83 -57.44 30.77
CA PRO D 807 -43.10 -58.63 29.95
C PRO D 807 -44.58 -58.97 29.91
N ALA D 808 -45.35 -58.28 29.09
CA ALA D 808 -46.80 -58.33 29.16
C ALA D 808 -47.36 -58.07 27.78
N PRO D 809 -48.66 -58.29 27.57
CA PRO D 809 -49.32 -57.69 26.42
C PRO D 809 -49.24 -56.19 26.49
N PRO D 810 -49.10 -55.51 25.34
CA PRO D 810 -48.56 -54.13 25.32
C PRO D 810 -49.39 -53.05 25.99
N GLY D 811 -50.63 -52.86 25.56
CA GLY D 811 -51.49 -51.86 26.17
C GLY D 811 -51.44 -50.51 25.48
N SER D 812 -52.24 -49.59 26.03
CA SER D 812 -52.51 -48.31 25.37
C SER D 812 -51.28 -47.42 25.32
N LEU D 813 -50.47 -47.43 26.38
CA LEU D 813 -49.32 -46.54 26.44
C LEU D 813 -48.17 -46.99 25.56
N GLU D 814 -48.25 -48.16 24.95
CA GLU D 814 -47.36 -48.50 23.85
C GLU D 814 -48.01 -48.41 22.49
N LEU D 815 -49.32 -48.68 22.39
CA LEU D 815 -50.00 -48.54 21.12
C LEU D 815 -50.00 -47.10 20.63
N LEU D 816 -50.07 -46.14 21.57
CA LEU D 816 -49.94 -44.74 21.22
C LEU D 816 -48.58 -44.46 20.60
N LEU D 817 -47.53 -45.07 21.14
CA LEU D 817 -46.18 -44.92 20.61
C LEU D 817 -46.07 -45.52 19.21
N TYR D 818 -46.70 -46.67 18.99
CA TYR D 818 -46.62 -47.30 17.66
C TYR D 818 -47.33 -46.46 16.62
N PHE D 819 -48.51 -45.92 16.96
CA PHE D 819 -49.23 -45.02 16.09
C PHE D 819 -48.41 -43.78 15.75
N TRP D 820 -47.70 -43.28 16.76
CA TRP D 820 -46.84 -42.12 16.61
C TRP D 820 -45.69 -42.37 15.62
N ALA D 821 -45.07 -43.55 15.72
CA ALA D 821 -43.96 -43.90 14.85
C ALA D 821 -44.43 -44.13 13.42
N PHE D 822 -45.64 -44.66 13.26
CA PHE D 822 -46.20 -44.83 11.93
C PHE D 822 -46.44 -43.47 11.26
N THR D 823 -46.89 -42.49 12.04
CA THR D 823 -47.07 -41.15 11.48
C THR D 823 -45.74 -40.51 11.09
N LEU D 824 -44.68 -40.75 11.88
CA LEU D 824 -43.38 -40.19 11.53
C LEU D 824 -42.80 -40.82 10.27
N LEU D 825 -43.03 -42.13 10.09
CA LEU D 825 -42.60 -42.77 8.84
C LEU D 825 -43.38 -42.22 7.65
N CYS D 826 -44.67 -41.92 7.85
CA CYS D 826 -45.48 -41.34 6.79
C CYS D 826 -44.99 -39.95 6.38
N GLU D 827 -44.65 -39.11 7.37
CA GLU D 827 -44.18 -37.76 7.03
C GLU D 827 -42.80 -37.79 6.39
N GLU D 828 -41.93 -38.72 6.81
CA GLU D 828 -40.64 -38.86 6.14
C GLU D 828 -40.81 -39.34 4.71
N LEU D 829 -41.78 -40.22 4.46
CA LEU D 829 -42.04 -40.67 3.10
C LEU D 829 -42.57 -39.55 2.22
N ARG D 830 -43.42 -38.68 2.79
CA ARG D 830 -43.93 -37.54 2.04
C ARG D 830 -42.82 -36.56 1.66
N GLN D 831 -41.94 -36.24 2.63
CA GLN D 831 -40.82 -35.35 2.33
C GLN D 831 -39.89 -35.95 1.29
N GLY D 832 -39.66 -37.27 1.34
CA GLY D 832 -38.80 -37.89 0.36
C GLY D 832 -39.42 -37.93 -1.02
N LEU D 833 -40.71 -38.21 -1.11
CA LEU D 833 -41.34 -38.40 -2.41
C LEU D 833 -41.70 -37.09 -3.08
N SER D 834 -41.90 -36.02 -2.31
CA SER D 834 -42.23 -34.73 -2.91
C SER D 834 -41.05 -34.11 -3.65
N GLY D 835 -39.83 -34.51 -3.32
CA GLY D 835 -38.65 -34.05 -4.03
C GLY D 835 -38.17 -32.66 -3.63
N GLY D 838 -32.80 -30.96 -8.02
CA GLY D 838 -32.31 -30.59 -6.71
C GLY D 838 -31.37 -29.40 -6.74
N SER D 839 -30.43 -29.42 -7.69
CA SER D 839 -29.47 -28.33 -7.85
C SER D 839 -28.94 -28.40 -9.28
N LEU D 840 -29.32 -27.44 -10.12
CA LEU D 840 -28.93 -27.46 -11.51
C LEU D 840 -27.46 -27.15 -11.72
N ALA D 841 -26.80 -26.53 -10.73
CA ALA D 841 -25.38 -26.22 -10.85
C ALA D 841 -24.54 -27.47 -10.84
N SER D 842 -25.00 -28.51 -10.15
CA SER D 842 -24.28 -29.78 -10.19
C SER D 842 -24.55 -30.51 -11.50
N GLY D 843 -25.77 -30.38 -12.03
CA GLY D 843 -26.16 -31.11 -13.21
C GLY D 843 -27.32 -32.04 -12.90
N GLY D 844 -28.13 -31.66 -11.92
CA GLY D 844 -29.22 -32.47 -11.49
C GLY D 844 -30.36 -32.47 -12.49
N PRO D 845 -31.38 -33.29 -12.23
CA PRO D 845 -32.48 -33.43 -13.19
C PRO D 845 -33.38 -32.21 -13.27
N GLY D 846 -33.38 -31.34 -12.27
CA GLY D 846 -34.14 -30.12 -12.34
C GLY D 846 -35.60 -30.32 -12.00
N PRO D 847 -36.35 -29.21 -11.95
CA PRO D 847 -37.78 -29.30 -11.63
C PRO D 847 -38.61 -29.89 -12.76
N GLY D 848 -39.91 -29.98 -12.54
CA GLY D 848 -40.80 -30.61 -13.50
C GLY D 848 -40.90 -32.09 -13.22
N HIS D 849 -40.50 -32.90 -14.19
CA HIS D 849 -40.56 -34.35 -14.08
C HIS D 849 -39.15 -34.94 -14.06
N ALA D 850 -38.95 -35.93 -13.21
CA ALA D 850 -37.72 -36.69 -13.17
C ALA D 850 -38.05 -38.15 -12.91
N SER D 851 -37.02 -38.98 -12.83
CA SER D 851 -37.26 -40.39 -12.64
C SER D 851 -37.35 -40.73 -11.15
N LEU D 852 -37.98 -41.89 -10.88
CA LEU D 852 -37.89 -42.45 -9.55
C LEU D 852 -36.47 -42.87 -9.23
N SER D 853 -35.75 -43.36 -10.25
CA SER D 853 -34.33 -43.66 -10.12
C SER D 853 -33.46 -42.42 -10.01
N GLN D 854 -34.02 -41.23 -10.21
CA GLN D 854 -33.30 -39.98 -9.95
C GLN D 854 -33.62 -39.42 -8.57
N ARG D 855 -34.89 -39.43 -8.17
CA ARG D 855 -35.24 -38.93 -6.84
C ARG D 855 -34.74 -39.85 -5.74
N LEU D 856 -34.70 -41.16 -6.00
CA LEU D 856 -34.15 -42.09 -5.02
C LEU D 856 -32.66 -41.86 -4.84
N ARG D 857 -31.95 -41.57 -5.92
CA ARG D 857 -30.53 -41.25 -5.79
C ARG D 857 -30.33 -39.89 -5.14
N LEU D 858 -31.25 -38.94 -5.38
CA LEU D 858 -31.13 -37.63 -4.78
C LEU D 858 -31.34 -37.66 -3.28
N TYR D 859 -32.36 -38.37 -2.82
CA TYR D 859 -32.78 -38.29 -1.42
C TYR D 859 -31.77 -38.94 -0.47
N LEU D 860 -31.05 -39.94 -0.93
CA LEU D 860 -30.15 -40.68 -0.06
C LEU D 860 -28.74 -40.11 -0.03
N ALA D 861 -28.57 -38.86 -0.46
CA ALA D 861 -27.25 -38.25 -0.41
C ALA D 861 -27.11 -37.21 0.69
N ASP D 862 -28.21 -36.71 1.24
CA ASP D 862 -28.15 -35.78 2.35
C ASP D 862 -28.18 -36.57 3.65
N SER D 863 -27.23 -36.27 4.54
CA SER D 863 -26.87 -37.19 5.61
C SER D 863 -27.95 -37.28 6.68
N TRP D 864 -28.70 -36.20 6.92
CA TRP D 864 -29.62 -36.18 8.04
C TRP D 864 -30.81 -37.10 7.83
N ASN D 865 -31.36 -37.10 6.61
CA ASN D 865 -32.47 -38.01 6.32
C ASN D 865 -32.00 -39.45 6.31
N GLN D 866 -30.74 -39.68 5.95
CA GLN D 866 -30.15 -41.01 6.04
C GLN D 866 -30.09 -41.47 7.50
N CYS D 867 -29.75 -40.56 8.40
CA CYS D 867 -29.71 -40.89 9.82
C CYS D 867 -31.11 -41.18 10.37
N ASP D 868 -32.11 -40.41 9.93
CA ASP D 868 -33.47 -40.67 10.40
C ASP D 868 -34.02 -41.99 9.88
N LEU D 869 -33.62 -42.37 8.65
CA LEU D 869 -34.01 -43.66 8.10
C LEU D 869 -33.40 -44.81 8.90
N VAL D 870 -32.11 -44.67 9.26
CA VAL D 870 -31.45 -45.67 10.10
C VAL D 870 -32.13 -45.79 11.45
N ALA D 871 -32.53 -44.65 12.02
CA ALA D 871 -33.21 -44.66 13.31
C ALA D 871 -34.55 -45.37 13.24
N LEU D 872 -35.32 -45.14 12.17
CA LEU D 872 -36.62 -45.81 12.04
C LEU D 872 -36.47 -47.32 11.86
N THR D 873 -35.46 -47.75 11.09
CA THR D 873 -35.29 -49.19 10.90
C THR D 873 -34.82 -49.87 12.18
N CYS D 874 -33.98 -49.18 12.97
CA CYS D 874 -33.57 -49.74 14.26
C CYS D 874 -34.73 -49.82 15.24
N PHE D 875 -35.63 -48.82 15.19
CA PHE D 875 -36.85 -48.87 16.00
C PHE D 875 -37.73 -50.06 15.63
N LEU D 876 -37.86 -50.32 14.32
CA LEU D 876 -38.66 -51.47 13.89
C LEU D 876 -38.05 -52.78 14.34
N LEU D 877 -36.71 -52.89 14.30
CA LEU D 877 -36.05 -54.12 14.76
C LEU D 877 -36.31 -54.38 16.23
N GLY D 878 -36.22 -53.34 17.05
CA GLY D 878 -36.50 -53.52 18.47
C GLY D 878 -37.95 -53.85 18.77
N VAL D 879 -38.89 -53.15 18.14
CA VAL D 879 -40.28 -53.39 18.48
C VAL D 879 -40.80 -54.68 17.88
N GLY D 880 -40.15 -55.20 16.85
CA GLY D 880 -40.47 -56.55 16.42
C GLY D 880 -39.76 -57.58 17.25
N CYS D 881 -38.62 -57.23 17.83
CA CYS D 881 -37.89 -58.16 18.66
C CYS D 881 -38.71 -58.54 19.89
N ARG D 882 -39.35 -57.53 20.48
CA ARG D 882 -40.18 -57.70 21.67
C ARG D 882 -41.44 -58.56 21.51
N LEU D 883 -42.14 -58.41 20.39
CA LEU D 883 -43.40 -59.15 20.21
C LEU D 883 -43.20 -60.66 20.17
N THR D 884 -42.04 -61.11 19.68
CA THR D 884 -41.75 -62.53 19.82
C THR D 884 -41.32 -62.83 21.24
N PRO D 885 -41.75 -63.94 21.83
CA PRO D 885 -41.32 -64.28 23.18
C PRO D 885 -40.00 -65.02 23.16
N GLY D 886 -39.25 -64.89 24.26
CA GLY D 886 -37.97 -65.53 24.40
C GLY D 886 -36.78 -64.66 24.05
N LEU D 887 -37.01 -63.46 23.53
CA LEU D 887 -35.96 -62.49 23.25
C LEU D 887 -36.33 -61.16 23.85
N TYR D 888 -36.71 -61.19 25.12
CA TYR D 888 -37.23 -60.00 25.77
C TYR D 888 -36.15 -58.96 26.05
N HIS D 889 -34.94 -59.40 26.42
CA HIS D 889 -33.92 -58.45 26.86
C HIS D 889 -33.32 -57.68 25.70
N LEU D 890 -33.16 -58.35 24.55
CA LEU D 890 -32.44 -57.74 23.44
C LEU D 890 -33.23 -56.59 22.83
N GLY D 891 -34.55 -56.63 22.95
CA GLY D 891 -35.36 -55.52 22.45
C GLY D 891 -35.15 -54.25 23.26
N ARG D 892 -35.10 -54.39 24.58
CA ARG D 892 -34.76 -53.26 25.44
C ARG D 892 -33.38 -52.72 25.14
N THR D 893 -32.41 -53.63 24.94
CA THR D 893 -31.03 -53.21 24.71
C THR D 893 -30.90 -52.45 23.39
N VAL D 894 -31.62 -52.87 22.37
CA VAL D 894 -31.55 -52.15 21.10
C VAL D 894 -32.29 -50.82 21.18
N LEU D 895 -33.45 -50.82 21.82
CA LEU D 895 -34.28 -49.62 21.83
C LEU D 895 -33.68 -48.51 22.68
N CYS D 896 -32.97 -48.86 23.75
CA CYS D 896 -32.28 -47.84 24.56
C CYS D 896 -31.19 -47.14 23.77
N ILE D 897 -30.47 -47.86 22.92
CA ILE D 897 -29.46 -47.20 22.09
C ILE D 897 -30.13 -46.38 21.02
N ASP D 898 -31.27 -46.84 20.49
CA ASP D 898 -31.92 -46.07 19.43
C ASP D 898 -32.53 -44.76 19.92
N PHE D 899 -32.84 -44.67 21.23
CA PHE D 899 -33.26 -43.40 21.83
C PHE D 899 -32.22 -42.30 21.65
N MET D 900 -30.94 -42.67 21.69
CA MET D 900 -29.85 -41.72 21.46
C MET D 900 -29.92 -41.12 20.06
N VAL D 901 -30.21 -41.95 19.05
CA VAL D 901 -30.22 -41.46 17.68
C VAL D 901 -31.47 -40.63 17.44
N PHE D 902 -32.57 -40.96 18.10
CA PHE D 902 -33.72 -40.04 18.05
C PHE D 902 -33.41 -38.70 18.71
N THR D 903 -32.63 -38.70 19.79
CA THR D 903 -32.42 -37.45 20.51
C THR D 903 -31.43 -36.55 19.79
N VAL D 904 -30.46 -37.11 19.08
CA VAL D 904 -29.42 -36.25 18.51
C VAL D 904 -29.88 -35.54 17.25
N ARG D 905 -31.07 -35.82 16.77
CA ARG D 905 -31.57 -35.13 15.59
C ARG D 905 -32.09 -33.73 15.95
N LEU D 906 -32.10 -33.41 17.24
CA LEU D 906 -32.64 -32.15 17.71
C LEU D 906 -31.67 -30.99 17.50
N LEU D 907 -30.58 -31.23 16.78
CA LEU D 907 -29.72 -30.16 16.33
C LEU D 907 -30.00 -29.74 14.91
N HIS D 908 -30.49 -30.65 14.08
CA HIS D 908 -30.78 -30.29 12.71
C HIS D 908 -31.98 -29.37 12.60
N ILE D 909 -32.88 -29.39 13.59
CA ILE D 909 -34.03 -28.50 13.55
C ILE D 909 -33.61 -27.08 13.85
N PHE D 910 -32.73 -26.88 14.82
CA PHE D 910 -32.36 -25.52 15.18
C PHE D 910 -31.30 -24.92 14.29
N THR D 911 -31.10 -25.44 13.08
CA THR D 911 -30.17 -24.80 12.17
C THR D 911 -30.75 -23.51 11.60
N VAL D 912 -32.07 -23.39 11.63
CA VAL D 912 -32.74 -22.28 10.96
C VAL D 912 -32.56 -20.99 11.74
N ASN D 913 -32.49 -21.09 13.06
CA ASN D 913 -32.55 -19.93 13.93
C ASN D 913 -31.29 -19.08 13.81
N LYS D 914 -31.39 -17.83 14.23
CA LYS D 914 -30.36 -16.84 13.92
C LYS D 914 -29.15 -16.97 14.83
N GLN D 915 -29.34 -17.23 16.11
CA GLN D 915 -28.24 -17.19 17.06
C GLN D 915 -27.50 -18.50 17.21
N LEU D 916 -27.95 -19.57 16.57
CA LEU D 916 -27.24 -20.83 16.61
C LEU D 916 -26.80 -21.29 15.24
N GLY D 917 -27.26 -20.63 14.18
CA GLY D 917 -27.00 -20.99 12.82
C GLY D 917 -25.55 -21.09 12.43
N PRO D 918 -24.81 -19.98 12.50
CA PRO D 918 -23.37 -20.06 12.20
C PRO D 918 -22.55 -20.74 13.27
N LYS D 919 -23.13 -21.22 14.36
CA LYS D 919 -22.37 -21.92 15.38
C LYS D 919 -22.46 -23.43 15.27
N ILE D 920 -23.61 -23.97 14.85
CA ILE D 920 -23.73 -25.42 14.74
C ILE D 920 -22.87 -25.96 13.60
N VAL D 921 -22.76 -25.22 12.51
CA VAL D 921 -22.12 -25.74 11.30
C VAL D 921 -20.61 -25.89 11.48
N ILE D 922 -20.00 -25.07 12.32
CA ILE D 922 -18.55 -25.10 12.47
C ILE D 922 -18.07 -26.36 13.20
N VAL D 923 -18.95 -26.96 14.01
CA VAL D 923 -18.57 -28.12 14.81
C VAL D 923 -18.24 -29.33 13.95
N SER D 924 -18.88 -29.47 12.78
CA SER D 924 -18.56 -30.62 11.94
C SER D 924 -17.25 -30.46 11.22
N LYS D 925 -16.77 -29.23 11.02
CA LYS D 925 -15.50 -29.04 10.33
C LYS D 925 -14.29 -29.14 11.24
N MET D 926 -14.51 -29.37 12.53
CA MET D 926 -13.42 -29.53 13.48
C MET D 926 -13.10 -30.99 13.74
N MET D 927 -13.47 -31.88 12.82
CA MET D 927 -13.16 -33.29 12.95
C MET D 927 -11.88 -33.69 12.21
N LYS D 928 -11.00 -32.73 11.96
CA LYS D 928 -9.70 -33.06 11.41
C LYS D 928 -8.63 -33.15 12.48
N ASP D 929 -8.99 -32.97 13.74
CA ASP D 929 -8.04 -32.93 14.83
C ASP D 929 -8.33 -33.93 15.93
N VAL D 930 -9.59 -34.28 16.14
CA VAL D 930 -9.94 -35.29 17.12
C VAL D 930 -9.38 -36.64 16.71
N PHE D 931 -9.31 -36.91 15.41
CA PHE D 931 -8.72 -38.17 14.96
C PHE D 931 -7.21 -38.18 15.19
N PHE D 932 -6.54 -37.04 15.02
CA PHE D 932 -5.12 -36.94 15.36
C PHE D 932 -4.89 -37.19 16.85
N PHE D 933 -5.76 -36.62 17.69
CA PHE D 933 -5.64 -36.83 19.13
C PHE D 933 -5.84 -38.29 19.50
N LEU D 934 -6.83 -38.95 18.89
CA LEU D 934 -7.07 -40.35 19.20
C LEU D 934 -5.93 -41.23 18.74
N PHE D 935 -5.34 -40.92 17.59
CA PHE D 935 -4.20 -41.69 17.10
C PHE D 935 -3.02 -41.59 18.05
N PHE D 936 -2.65 -40.36 18.42
CA PHE D 936 -1.45 -40.17 19.23
C PHE D 936 -1.66 -40.75 20.61
N LEU D 937 -2.87 -40.63 21.14
CA LEU D 937 -3.12 -41.10 22.50
C LEU D 937 -3.23 -42.62 22.53
N GLY D 938 -3.74 -43.25 21.47
CA GLY D 938 -3.82 -44.70 21.46
C GLY D 938 -2.45 -45.34 21.36
N VAL D 939 -1.60 -44.81 20.48
CA VAL D 939 -0.23 -45.31 20.35
C VAL D 939 0.54 -45.10 21.65
N TRP D 940 0.39 -43.94 22.27
CA TRP D 940 1.13 -43.72 23.50
C TRP D 940 0.55 -44.47 24.70
N LEU D 941 -0.72 -44.86 24.64
CA LEU D 941 -1.40 -45.48 25.77
C LEU D 941 -1.15 -46.97 25.85
N VAL D 942 -1.14 -47.66 24.71
CA VAL D 942 -1.01 -49.11 24.73
C VAL D 942 0.34 -49.54 25.29
N ALA D 943 1.37 -48.74 25.07
CA ALA D 943 2.71 -49.12 25.51
C ALA D 943 2.84 -48.98 27.02
N TYR D 944 2.28 -47.93 27.59
CA TYR D 944 2.27 -47.77 29.04
C TYR D 944 1.50 -48.88 29.72
N GLY D 945 0.36 -49.26 29.13
CA GLY D 945 -0.43 -50.34 29.72
C GLY D 945 0.31 -51.67 29.73
N VAL D 946 0.94 -52.02 28.62
CA VAL D 946 1.64 -53.29 28.55
C VAL D 946 2.88 -53.28 29.45
N ALA D 947 3.58 -52.15 29.54
CA ALA D 947 4.76 -52.10 30.38
C ALA D 947 4.42 -52.20 31.86
N THR D 948 3.32 -51.56 32.27
CA THR D 948 2.90 -51.67 33.67
C THR D 948 2.47 -53.09 34.01
N GLU D 949 1.66 -53.72 33.16
CA GLU D 949 1.24 -55.07 33.49
C GLU D 949 2.32 -56.11 33.24
N GLY D 950 3.44 -55.72 32.63
CA GLY D 950 4.57 -56.61 32.61
C GLY D 950 5.41 -56.48 33.86
N LEU D 951 5.51 -55.27 34.40
CA LEU D 951 6.33 -55.12 35.60
C LEU D 951 5.63 -55.66 36.84
N LEU D 952 4.31 -55.52 36.94
CA LEU D 952 3.69 -55.96 38.19
C LEU D 952 3.47 -57.47 38.25
N ARG D 953 3.19 -58.11 37.10
CA ARG D 953 2.88 -59.54 36.95
C ARG D 953 1.79 -60.03 37.89
N PRO D 954 0.52 -59.75 37.62
CA PRO D 954 -0.54 -60.24 38.52
C PRO D 954 -0.67 -61.75 38.41
N ARG D 955 -0.62 -62.43 39.56
CA ARG D 955 -0.80 -63.87 39.57
C ARG D 955 -2.26 -64.25 39.76
N ASP D 956 -3.12 -63.61 38.98
CA ASP D 956 -4.52 -64.02 38.81
C ASP D 956 -4.97 -63.39 37.51
N SER D 957 -5.12 -64.19 36.46
CA SER D 957 -5.26 -63.62 35.13
C SER D 957 -6.32 -64.36 34.34
N ASP D 958 -7.01 -63.62 33.48
CA ASP D 958 -7.92 -64.14 32.50
C ASP D 958 -7.74 -63.32 31.24
N PHE D 959 -8.69 -63.41 30.33
CA PHE D 959 -8.75 -62.48 29.21
C PHE D 959 -9.40 -61.14 29.56
N PRO D 960 -10.59 -61.07 30.20
CA PRO D 960 -11.17 -59.74 30.44
C PRO D 960 -10.43 -58.93 31.47
N SER D 961 -9.85 -59.59 32.49
CA SER D 961 -9.11 -58.87 33.51
C SER D 961 -7.87 -58.20 32.92
N ILE D 962 -7.13 -58.91 32.07
CA ILE D 962 -5.94 -58.33 31.48
C ILE D 962 -6.31 -57.24 30.49
N LEU D 963 -7.38 -57.44 29.71
CA LEU D 963 -7.78 -56.41 28.75
C LEU D 963 -8.26 -55.15 29.44
N ARG D 964 -8.99 -55.31 30.55
CA ARG D 964 -9.42 -54.19 31.37
C ARG D 964 -8.25 -53.44 31.95
N ARG D 965 -7.37 -54.17 32.64
CA ARG D 965 -6.28 -53.56 33.38
C ARG D 965 -5.18 -53.03 32.48
N VAL D 966 -5.20 -53.35 31.18
CA VAL D 966 -4.29 -52.69 30.26
C VAL D 966 -4.93 -51.47 29.61
N PHE D 967 -6.14 -51.56 29.08
CA PHE D 967 -6.66 -50.38 28.41
C PHE D 967 -7.39 -49.41 29.34
N TYR D 968 -8.36 -49.89 30.10
CA TYR D 968 -9.36 -49.04 30.71
C TYR D 968 -8.82 -48.24 31.90
N ARG D 969 -7.86 -48.78 32.63
CA ARG D 969 -7.34 -48.04 33.77
C ARG D 969 -6.43 -46.86 33.40
N PRO D 970 -5.56 -46.92 32.38
CA PRO D 970 -4.89 -45.69 31.99
C PRO D 970 -5.78 -44.65 31.35
N TYR D 971 -6.92 -45.04 30.78
CA TYR D 971 -7.74 -44.04 30.11
C TYR D 971 -8.44 -43.14 31.10
N LEU D 972 -8.73 -43.61 32.29
CA LEU D 972 -9.31 -42.75 33.30
C LEU D 972 -8.26 -42.06 34.16
N GLN D 973 -7.00 -42.03 33.74
CA GLN D 973 -6.01 -41.28 34.48
C GLN D 973 -5.72 -39.92 33.89
N ILE D 974 -6.25 -39.62 32.71
CA ILE D 974 -6.08 -38.28 32.18
C ILE D 974 -7.28 -37.41 32.49
N PHE D 975 -8.16 -37.86 33.38
CA PHE D 975 -9.29 -37.06 33.80
C PHE D 975 -9.36 -36.96 35.31
N GLY D 976 -8.21 -36.93 35.96
CA GLY D 976 -8.17 -36.68 37.39
C GLY D 976 -8.67 -37.81 38.25
N GLN D 977 -8.33 -39.05 37.91
CA GLN D 977 -8.64 -40.21 38.74
C GLN D 977 -7.38 -41.07 38.78
N ILE D 978 -6.52 -40.82 39.76
CA ILE D 978 -5.25 -41.53 39.85
C ILE D 978 -5.24 -42.33 41.13
N PRO D 979 -5.68 -43.60 41.09
CA PRO D 979 -5.63 -44.41 42.30
C PRO D 979 -4.23 -44.99 42.45
N GLN D 980 -3.59 -44.79 43.59
CA GLN D 980 -2.22 -45.28 43.81
C GLN D 980 -2.09 -46.56 44.64
N GLU D 981 -3.22 -47.15 45.03
CA GLU D 981 -3.20 -48.36 45.84
C GLU D 981 -2.56 -49.59 45.19
N ASP D 982 -2.82 -49.79 43.90
CA ASP D 982 -2.27 -50.94 43.20
C ASP D 982 -0.94 -50.67 42.52
N MET D 983 -0.45 -49.45 42.65
CA MET D 983 0.80 -49.07 42.00
C MET D 983 1.98 -49.24 42.93
N ASP D 984 1.96 -48.61 44.10
CA ASP D 984 3.04 -48.78 45.04
C ASP D 984 2.96 -50.13 45.74
N VAL D 985 3.98 -50.42 46.53
CA VAL D 985 3.88 -51.46 47.54
C VAL D 985 3.99 -50.90 48.93
N ALA D 986 4.41 -49.65 49.08
CA ALA D 986 4.58 -49.05 50.39
C ALA D 986 3.28 -48.54 50.99
N LEU D 987 2.15 -48.86 50.36
CA LEU D 987 0.85 -48.63 50.95
C LEU D 987 0.11 -49.93 51.21
N MET D 988 0.74 -51.08 50.95
CA MET D 988 0.07 -52.36 51.09
C MET D 988 0.77 -53.18 52.16
N GLU D 989 0.20 -54.34 52.46
CA GLU D 989 0.68 -55.22 53.50
C GLU D 989 1.63 -56.26 52.90
N HIS D 990 2.78 -56.44 53.51
CA HIS D 990 3.78 -57.39 53.02
C HIS D 990 3.32 -58.80 53.37
N SER D 991 2.66 -59.46 52.43
CA SER D 991 2.18 -60.81 52.66
C SER D 991 2.70 -61.78 51.62
N ASN D 992 3.27 -62.90 52.06
CA ASN D 992 3.76 -63.89 51.11
C ASN D 992 2.81 -65.06 51.01
N CYS D 993 1.99 -65.06 49.96
CA CYS D 993 1.02 -66.12 49.70
C CYS D 993 1.30 -66.75 48.35
N SER D 994 2.42 -66.36 47.74
CA SER D 994 2.78 -66.84 46.41
C SER D 994 3.87 -67.90 46.53
N SER D 995 4.00 -68.71 45.48
CA SER D 995 4.91 -69.84 45.50
C SER D 995 6.16 -69.66 44.65
N GLU D 996 6.10 -68.82 43.61
CA GLU D 996 7.30 -68.53 42.83
C GLU D 996 8.26 -67.68 43.67
N PRO D 997 9.57 -67.90 43.55
CA PRO D 997 10.52 -67.24 44.45
C PRO D 997 10.63 -65.75 44.21
N GLY D 998 10.75 -65.01 45.29
CA GLY D 998 10.88 -63.57 45.23
C GLY D 998 10.27 -62.94 46.47
N PHE D 999 9.55 -61.84 46.25
CA PHE D 999 8.83 -61.15 47.31
C PHE D 999 7.52 -60.66 46.75
N TRP D 1000 6.47 -60.74 47.55
CA TRP D 1000 5.12 -60.51 47.07
C TRP D 1000 4.36 -59.59 48.01
N ALA D 1001 3.36 -58.92 47.47
CA ALA D 1001 2.56 -58.00 48.26
C ALA D 1001 1.09 -58.18 47.90
N HIS D 1002 0.23 -57.74 48.82
CA HIS D 1002 -1.20 -58.00 48.75
C HIS D 1002 -1.96 -56.72 48.41
N PRO D 1003 -2.73 -56.69 47.34
CA PRO D 1003 -3.51 -55.49 47.03
C PRO D 1003 -4.73 -55.41 47.91
N PRO D 1004 -5.15 -54.21 48.29
CA PRO D 1004 -6.36 -54.06 49.09
C PRO D 1004 -7.62 -53.92 48.25
N GLY D 1005 -7.47 -53.57 46.98
CA GLY D 1005 -8.61 -53.27 46.13
C GLY D 1005 -9.27 -54.51 45.55
N ALA D 1006 -9.98 -54.30 44.46
CA ALA D 1006 -10.51 -55.36 43.63
C ALA D 1006 -9.93 -55.22 42.23
N GLN D 1007 -9.93 -56.34 41.50
CA GLN D 1007 -9.49 -56.53 40.11
C GLN D 1007 -7.99 -56.45 39.91
N ALA D 1008 -7.23 -56.04 40.92
CA ALA D 1008 -5.78 -55.99 40.80
C ALA D 1008 -5.13 -57.23 41.37
N GLY D 1009 -5.65 -58.40 40.99
CA GLY D 1009 -5.20 -59.71 41.40
C GLY D 1009 -5.25 -59.91 42.90
N THR D 1010 -4.44 -60.84 43.37
CA THR D 1010 -4.19 -61.01 44.79
C THR D 1010 -2.72 -61.01 45.14
N CYS D 1011 -1.83 -60.96 44.16
CA CYS D 1011 -0.40 -60.95 44.43
C CYS D 1011 0.26 -60.01 43.42
N VAL D 1012 1.10 -59.11 43.91
CA VAL D 1012 1.84 -58.20 43.06
C VAL D 1012 3.31 -58.33 43.43
N SER D 1013 4.19 -58.40 42.43
CA SER D 1013 5.61 -58.49 42.68
C SER D 1013 6.15 -57.19 43.26
N GLN D 1014 7.34 -57.27 43.82
CA GLN D 1014 8.00 -56.10 44.40
C GLN D 1014 9.35 -55.79 43.78
N TYR D 1015 9.74 -56.51 42.75
CA TYR D 1015 11.09 -56.36 42.21
C TYR D 1015 11.16 -55.06 41.42
N ALA D 1016 11.98 -54.13 41.91
CA ALA D 1016 12.24 -52.84 41.27
C ALA D 1016 10.95 -52.05 41.07
N ASN D 1017 10.34 -51.67 42.19
CA ASN D 1017 9.03 -51.06 42.07
C ASN D 1017 9.12 -49.59 41.69
N TRP D 1018 10.29 -48.97 41.81
CA TRP D 1018 10.41 -47.55 41.51
C TRP D 1018 10.25 -47.23 40.03
N LEU D 1019 10.50 -48.21 39.16
CA LEU D 1019 10.31 -48.02 37.74
C LEU D 1019 8.85 -47.77 37.39
N VAL D 1020 7.93 -48.34 38.17
CA VAL D 1020 6.50 -48.10 37.98
C VAL D 1020 6.14 -46.65 38.25
N VAL D 1021 6.68 -46.08 39.34
CA VAL D 1021 6.37 -44.71 39.69
C VAL D 1021 6.98 -43.75 38.68
N LEU D 1022 8.17 -44.08 38.18
CA LEU D 1022 8.79 -43.22 37.18
C LEU D 1022 8.01 -43.23 35.86
N LEU D 1023 7.50 -44.41 35.46
CA LEU D 1023 6.65 -44.45 34.27
C LEU D 1023 5.34 -43.72 34.46
N LEU D 1024 4.78 -43.74 35.68
CA LEU D 1024 3.57 -42.97 35.96
C LEU D 1024 3.79 -41.48 35.79
N VAL D 1025 4.94 -40.99 36.27
CA VAL D 1025 5.24 -39.57 36.14
C VAL D 1025 5.44 -39.17 34.68
N ILE D 1026 6.14 -40.01 33.91
CA ILE D 1026 6.37 -39.73 32.49
C ILE D 1026 5.07 -39.69 31.71
N PHE D 1027 4.18 -40.67 31.94
CA PHE D 1027 2.93 -40.71 31.20
C PHE D 1027 2.03 -39.55 31.55
N LEU D 1028 1.97 -39.17 32.82
CA LEU D 1028 1.08 -38.09 33.20
C LEU D 1028 1.58 -36.75 32.65
N LEU D 1029 2.91 -36.57 32.62
CA LEU D 1029 3.47 -35.34 32.07
C LEU D 1029 3.25 -35.24 30.56
N VAL D 1030 3.35 -36.36 29.84
CA VAL D 1030 3.13 -36.30 28.40
C VAL D 1030 1.67 -36.06 28.09
N ALA D 1031 0.77 -36.92 28.54
CA ALA D 1031 -0.63 -36.72 28.19
C ALA D 1031 -1.29 -35.46 28.72
N ASN D 1032 -1.08 -35.16 30.00
CA ASN D 1032 -1.67 -33.97 30.60
C ASN D 1032 -1.18 -32.57 30.21
N ILE D 1033 0.14 -32.40 30.08
CA ILE D 1033 0.70 -31.08 29.79
C ILE D 1033 1.05 -30.71 28.34
N LEU D 1034 1.21 -31.70 27.47
CA LEU D 1034 1.57 -31.41 26.10
C LEU D 1034 0.39 -31.57 25.14
N LEU D 1035 -0.35 -32.67 25.24
CA LEU D 1035 -1.34 -33.00 24.20
C LEU D 1035 -2.57 -32.13 24.28
N VAL D 1036 -3.09 -31.90 25.49
CA VAL D 1036 -4.31 -31.12 25.62
C VAL D 1036 -4.07 -29.67 25.22
N ASN D 1037 -2.92 -29.11 25.61
CA ASN D 1037 -2.62 -27.74 25.24
C ASN D 1037 -2.31 -27.61 23.76
N LEU D 1038 -1.69 -28.62 23.17
CA LEU D 1038 -1.48 -28.62 21.72
C LEU D 1038 -2.81 -28.69 20.98
N LEU D 1039 -3.76 -29.43 21.52
CA LEU D 1039 -5.06 -29.54 20.88
C LEU D 1039 -5.83 -28.23 20.97
N ILE D 1040 -5.67 -27.50 22.07
CA ILE D 1040 -6.24 -26.16 22.18
C ILE D 1040 -5.67 -25.23 21.12
N ALA D 1041 -4.36 -25.31 20.90
CA ALA D 1041 -3.74 -24.46 19.89
C ALA D 1041 -4.26 -24.78 18.49
N MET D 1042 -4.41 -26.07 18.18
CA MET D 1042 -4.89 -26.43 16.85
C MET D 1042 -6.35 -26.03 16.62
N PHE D 1043 -7.18 -26.13 17.65
CA PHE D 1043 -8.56 -25.66 17.49
C PHE D 1043 -8.62 -24.17 17.25
N SER D 1044 -7.81 -23.40 17.96
CA SER D 1044 -7.82 -21.95 17.76
C SER D 1044 -7.39 -21.58 16.34
N TYR D 1045 -6.32 -22.20 15.86
CA TYR D 1045 -5.82 -21.87 14.52
C TYR D 1045 -6.76 -22.36 13.42
N THR D 1046 -7.46 -23.47 13.61
CA THR D 1046 -8.38 -23.91 12.56
C THR D 1046 -9.64 -23.05 12.54
N PHE D 1047 -10.13 -22.68 13.72
CA PHE D 1047 -11.36 -21.91 13.83
C PHE D 1047 -11.20 -20.54 13.21
N GLY D 1048 -10.11 -19.85 13.54
CA GLY D 1048 -9.90 -18.50 13.04
C GLY D 1048 -9.71 -18.39 11.55
N LYS D 1049 -9.45 -19.50 10.88
CA LYS D 1049 -9.37 -19.53 9.42
C LYS D 1049 -10.71 -19.90 8.79
N VAL D 1050 -11.35 -20.98 9.26
CA VAL D 1050 -12.51 -21.51 8.54
C VAL D 1050 -13.80 -20.76 8.85
N GLN D 1051 -13.78 -19.85 9.84
CA GLN D 1051 -14.99 -19.13 10.23
C GLN D 1051 -15.54 -18.28 9.10
N GLY D 1052 -14.67 -17.62 8.35
CA GLY D 1052 -15.10 -16.71 7.30
C GLY D 1052 -15.72 -17.39 6.09
N ASN D 1053 -15.45 -18.67 5.89
CA ASN D 1053 -16.11 -19.40 4.82
C ASN D 1053 -17.39 -20.05 5.31
N SER D 1054 -17.37 -20.53 6.56
CA SER D 1054 -18.54 -21.20 7.10
C SER D 1054 -19.71 -20.25 7.27
N ASP D 1055 -19.44 -18.98 7.57
CA ASP D 1055 -20.53 -18.02 7.72
C ASP D 1055 -21.24 -17.75 6.40
N LEU D 1056 -20.48 -17.63 5.31
CA LEU D 1056 -21.06 -17.47 3.98
C LEU D 1056 -21.88 -18.68 3.57
N TYR D 1057 -21.36 -19.87 3.85
CA TYR D 1057 -22.09 -21.07 3.48
C TYR D 1057 -23.37 -21.23 4.31
N TRP D 1058 -23.39 -20.74 5.54
CA TRP D 1058 -24.65 -20.76 6.26
C TRP D 1058 -25.63 -19.77 5.67
N LYS D 1059 -25.15 -18.58 5.28
CA LYS D 1059 -26.03 -17.59 4.69
C LYS D 1059 -26.64 -18.05 3.38
N ALA D 1060 -25.99 -18.97 2.68
CA ALA D 1060 -26.55 -19.42 1.41
C ALA D 1060 -27.78 -20.31 1.57
N GLN D 1061 -27.83 -21.19 2.56
CA GLN D 1061 -28.83 -22.24 2.61
C GLN D 1061 -30.11 -21.84 3.31
N ARG D 1062 -30.17 -20.59 3.78
CA ARG D 1062 -31.28 -20.19 4.62
C ARG D 1062 -32.57 -20.11 3.84
N TYR D 1063 -32.49 -19.78 2.55
CA TYR D 1063 -33.69 -19.73 1.73
C TYR D 1063 -34.31 -21.10 1.54
N ARG D 1064 -33.50 -22.12 1.31
CA ARG D 1064 -34.04 -23.46 1.14
C ARG D 1064 -34.63 -23.97 2.44
N LEU D 1065 -33.98 -23.63 3.56
CA LEU D 1065 -34.54 -24.08 4.84
C LEU D 1065 -35.83 -23.34 5.20
N ILE D 1066 -36.02 -22.10 4.72
CA ILE D 1066 -37.31 -21.47 4.93
C ILE D 1066 -38.35 -22.08 4.01
N ARG D 1067 -37.96 -22.36 2.77
CA ARG D 1067 -38.89 -22.83 1.75
C ARG D 1067 -39.42 -24.23 2.07
N GLU D 1068 -38.64 -25.02 2.81
CA GLU D 1068 -39.11 -26.34 3.18
C GLU D 1068 -40.32 -26.29 4.12
N PHE D 1069 -40.35 -25.35 5.07
CA PHE D 1069 -41.39 -25.37 6.09
C PHE D 1069 -42.75 -24.93 5.57
N HIS D 1070 -42.80 -24.20 4.48
CA HIS D 1070 -44.09 -23.71 4.02
C HIS D 1070 -44.88 -24.80 3.32
N SER D 1071 -44.20 -25.72 2.65
CA SER D 1071 -44.89 -26.82 1.98
C SER D 1071 -45.29 -27.92 2.96
N ARG D 1072 -44.72 -27.93 4.16
CA ARG D 1072 -45.07 -28.90 5.16
C ARG D 1072 -46.50 -28.65 5.65
N PRO D 1073 -47.23 -29.69 6.05
CA PRO D 1073 -48.61 -29.49 6.50
C PRO D 1073 -48.68 -28.71 7.81
N ALA D 1074 -49.78 -27.97 7.95
CA ALA D 1074 -49.94 -26.97 8.99
C ALA D 1074 -50.60 -27.51 10.25
N LEU D 1075 -50.56 -28.82 10.45
CA LEU D 1075 -51.13 -29.43 11.64
C LEU D 1075 -50.08 -30.29 12.33
N ALA D 1076 -50.32 -30.56 13.61
CA ALA D 1076 -49.40 -31.31 14.43
C ALA D 1076 -49.44 -32.80 14.07
N PRO D 1077 -48.42 -33.57 14.44
CA PRO D 1077 -48.48 -35.04 14.29
C PRO D 1077 -49.57 -35.73 15.10
N PRO D 1078 -50.12 -35.15 16.18
CA PRO D 1078 -51.41 -35.66 16.64
C PRO D 1078 -52.60 -35.30 15.76
N PHE D 1079 -52.46 -34.36 14.81
CA PHE D 1079 -53.52 -34.11 13.84
C PHE D 1079 -53.07 -34.44 12.42
N ILE D 1080 -51.97 -35.18 12.28
CA ILE D 1080 -51.44 -35.52 10.97
C ILE D 1080 -52.32 -36.55 10.26
N VAL D 1081 -53.13 -37.30 10.99
CA VAL D 1081 -54.10 -38.17 10.35
C VAL D 1081 -55.19 -37.34 9.66
N ILE D 1082 -55.63 -36.25 10.30
CA ILE D 1082 -56.61 -35.38 9.67
C ILE D 1082 -55.98 -34.56 8.53
N SER D 1083 -54.70 -34.20 8.66
CA SER D 1083 -54.02 -33.50 7.57
C SER D 1083 -53.80 -34.42 6.37
N HIS D 1084 -53.46 -35.69 6.62
CA HIS D 1084 -53.39 -36.66 5.54
C HIS D 1084 -54.77 -36.97 4.96
N LEU D 1085 -55.83 -36.84 5.77
CA LEU D 1085 -57.18 -36.96 5.26
C LEU D 1085 -57.51 -35.82 4.30
N ARG D 1086 -57.13 -34.59 4.66
CA ARG D 1086 -57.31 -33.46 3.77
C ARG D 1086 -56.41 -33.56 2.53
N LEU D 1087 -55.28 -34.24 2.65
CA LEU D 1087 -54.39 -34.42 1.51
C LEU D 1087 -54.92 -35.49 0.55
N LEU D 1088 -55.38 -36.61 1.09
CA LEU D 1088 -55.93 -37.71 0.28
C LEU D 1088 -57.44 -37.63 0.14
N LEU D 1089 -58.03 -36.44 0.34
CA LEU D 1089 -59.43 -36.22 -0.02
C LEU D 1089 -59.58 -35.84 -1.48
N ARG D 1090 -58.59 -35.15 -2.06
CA ARG D 1090 -58.65 -34.67 -3.44
C ARG D 1090 -57.56 -35.27 -4.31
N GLN D 1091 -57.23 -36.54 -4.13
CA GLN D 1091 -56.26 -37.20 -4.99
C GLN D 1091 -56.50 -38.71 -5.05
N ALA D 1105 -45.98 -23.86 -3.48
CA ALA D 1105 -45.85 -22.65 -2.66
C ALA D 1105 -46.48 -21.45 -3.34
N LEU D 1106 -47.21 -20.67 -2.58
CA LEU D 1106 -47.87 -19.49 -3.13
C LEU D 1106 -47.56 -18.22 -2.35
N GLU D 1107 -47.44 -18.30 -1.03
CA GLU D 1107 -47.20 -17.13 -0.21
C GLU D 1107 -45.73 -16.74 -0.28
N HIS D 1108 -45.48 -15.45 -0.53
CA HIS D 1108 -44.14 -14.85 -0.63
C HIS D 1108 -43.28 -15.53 -1.69
N PHE D 1109 -43.92 -15.96 -2.78
CA PHE D 1109 -43.22 -16.50 -3.93
C PHE D 1109 -43.77 -16.00 -5.25
N ARG D 1110 -44.86 -15.25 -5.25
CA ARG D 1110 -45.40 -14.62 -6.44
C ARG D 1110 -46.19 -13.39 -6.01
N VAL D 1111 -45.82 -12.24 -6.54
CA VAL D 1111 -46.55 -11.00 -6.32
C VAL D 1111 -47.07 -10.54 -7.66
N TYR D 1112 -48.36 -10.22 -7.75
CA TYR D 1112 -48.98 -9.83 -9.00
C TYR D 1112 -49.30 -8.35 -8.97
N LEU D 1113 -48.88 -7.64 -10.01
CA LEU D 1113 -48.92 -6.19 -10.07
C LEU D 1113 -49.76 -5.72 -11.24
N SER D 1114 -50.15 -4.45 -11.22
CA SER D 1114 -50.78 -3.85 -12.38
C SER D 1114 -49.72 -3.39 -13.37
N LYS D 1115 -50.08 -3.42 -14.65
CA LYS D 1115 -49.07 -3.29 -15.70
C LYS D 1115 -48.55 -1.87 -15.83
N GLU D 1116 -49.34 -0.87 -15.39
CA GLU D 1116 -48.83 0.49 -15.35
C GLU D 1116 -47.73 0.64 -14.31
N ALA D 1117 -47.87 -0.01 -13.16
CA ALA D 1117 -46.82 0.02 -12.16
C ALA D 1117 -45.59 -0.77 -12.61
N GLU D 1118 -45.78 -1.83 -13.41
CA GLU D 1118 -44.67 -2.56 -13.99
C GLU D 1118 -43.87 -1.69 -14.95
N ARG D 1119 -44.58 -1.02 -15.86
CA ARG D 1119 -43.96 -0.14 -16.83
C ARG D 1119 -43.31 1.06 -16.15
N LYS D 1120 -43.82 1.48 -15.00
CA LYS D 1120 -43.17 2.54 -14.25
C LYS D 1120 -41.91 2.03 -13.54
N LEU D 1121 -41.98 0.80 -13.02
CA LEU D 1121 -40.91 0.25 -12.22
C LEU D 1121 -39.67 -0.02 -13.08
N LEU D 1122 -39.88 -0.47 -14.32
CA LEU D 1122 -38.74 -0.72 -15.19
C LEU D 1122 -38.02 0.56 -15.57
N THR D 1123 -38.77 1.65 -15.73
CA THR D 1123 -38.15 2.96 -15.92
C THR D 1123 -37.35 3.37 -14.70
N TRP D 1124 -37.92 3.14 -13.51
CA TRP D 1124 -37.25 3.52 -12.27
C TRP D 1124 -35.93 2.79 -12.10
N GLU D 1125 -35.86 1.53 -12.50
CA GLU D 1125 -34.58 0.86 -12.37
C GLU D 1125 -33.63 1.18 -13.51
N SER D 1126 -34.15 1.44 -14.71
CA SER D 1126 -33.29 1.74 -15.84
C SER D 1126 -32.55 3.05 -15.67
N VAL D 1127 -33.17 4.00 -14.97
CA VAL D 1127 -32.48 5.25 -14.63
C VAL D 1127 -31.27 4.98 -13.75
N HIS D 1128 -31.41 4.11 -12.75
CA HIS D 1128 -30.27 3.79 -11.90
C HIS D 1128 -29.20 3.02 -12.64
N LYS D 1129 -29.57 2.16 -13.59
CA LYS D 1129 -28.55 1.41 -14.32
C LYS D 1129 -27.73 2.33 -15.22
N GLU D 1130 -28.41 3.22 -15.94
CA GLU D 1130 -27.69 4.17 -16.79
C GLU D 1130 -26.91 5.19 -15.97
N ASN D 1131 -27.29 5.41 -14.72
CA ASN D 1131 -26.45 6.27 -13.89
C ASN D 1131 -25.22 5.54 -13.40
N PHE D 1132 -25.38 4.26 -13.06
CA PHE D 1132 -24.31 3.46 -12.48
C PHE D 1132 -23.16 3.25 -13.45
N LEU D 1133 -23.47 2.89 -14.71
CA LEU D 1133 -22.40 2.63 -15.67
C LEU D 1133 -21.61 3.90 -15.99
N LEU D 1134 -22.29 5.03 -16.10
CA LEU D 1134 -21.62 6.29 -16.36
C LEU D 1134 -20.75 6.71 -15.20
N ALA D 1135 -21.20 6.45 -13.97
CA ALA D 1135 -20.39 6.78 -12.80
C ALA D 1135 -19.11 5.95 -12.77
N ARG D 1136 -19.21 4.66 -13.07
CA ARG D 1136 -18.02 3.82 -13.07
C ARG D 1136 -17.04 4.22 -14.18
N ALA D 1137 -17.56 4.57 -15.35
CA ALA D 1137 -16.70 4.97 -16.46
C ALA D 1137 -15.98 6.28 -16.17
N ARG D 1138 -16.68 7.24 -15.57
CA ARG D 1138 -16.00 8.50 -15.24
C ARG D 1138 -14.98 8.32 -14.12
N ASP D 1139 -15.26 7.42 -13.18
CA ASP D 1139 -14.29 7.14 -12.13
C ASP D 1139 -13.03 6.50 -12.69
N LYS D 1140 -13.18 5.68 -13.73
CA LYS D 1140 -11.98 5.15 -14.36
C LYS D 1140 -11.26 6.22 -15.17
N ARG D 1141 -12.04 7.10 -15.79
CA ARG D 1141 -11.49 8.17 -16.62
C ARG D 1141 -10.65 9.20 -15.87
N GLU D 1142 -11.08 9.56 -14.66
CA GLU D 1142 -10.40 10.60 -13.89
C GLU D 1142 -9.50 10.02 -12.82
N SER D 1143 -8.86 8.89 -13.09
CA SER D 1143 -7.96 8.28 -12.11
C SER D 1143 -6.60 8.98 -12.16
N ASP D 1144 -5.60 8.36 -11.55
CA ASP D 1144 -4.25 8.95 -11.51
C ASP D 1144 -3.25 8.10 -12.29
N SER D 1145 -3.72 7.35 -13.28
CA SER D 1145 -2.83 6.64 -14.17
C SER D 1145 -3.18 6.88 -15.63
N GLU D 1146 -4.30 7.53 -15.92
CA GLU D 1146 -4.66 7.86 -17.28
C GLU D 1146 -4.36 9.30 -17.63
N ARG D 1147 -4.27 10.16 -16.60
CA ARG D 1147 -3.69 11.48 -16.77
C ARG D 1147 -2.32 11.40 -17.41
N LEU D 1148 -1.51 10.45 -16.95
CA LEU D 1148 -0.15 10.31 -17.44
C LEU D 1148 -0.15 9.85 -18.88
N LYS D 1149 -1.11 9.02 -19.26
CA LYS D 1149 -1.17 8.55 -20.63
C LYS D 1149 -1.62 9.65 -21.58
N ARG D 1150 -2.60 10.45 -21.18
CA ARG D 1150 -3.02 11.54 -22.05
C ARG D 1150 -1.97 12.63 -22.14
N THR D 1151 -1.22 12.89 -21.06
CA THR D 1151 -0.13 13.85 -21.19
C THR D 1151 0.99 13.31 -22.07
N SER D 1152 1.24 12.01 -22.05
CA SER D 1152 2.21 11.43 -22.97
C SER D 1152 1.78 11.63 -24.42
N GLN D 1153 0.50 11.40 -24.71
CA GLN D 1153 0.04 11.58 -26.08
C GLN D 1153 0.07 13.04 -26.50
N LYS D 1154 -0.26 13.96 -25.59
CA LYS D 1154 -0.26 15.37 -25.97
C LYS D 1154 1.15 15.90 -26.16
N VAL D 1155 2.11 15.42 -25.37
CA VAL D 1155 3.50 15.84 -25.56
C VAL D 1155 4.04 15.30 -26.89
N ASP D 1156 3.63 14.08 -27.25
CA ASP D 1156 4.04 13.55 -28.56
C ASP D 1156 3.44 14.35 -29.71
N LEU D 1157 2.17 14.74 -29.60
CA LEU D 1157 1.54 15.57 -30.62
C LEU D 1157 2.23 16.94 -30.73
N ALA D 1158 2.56 17.53 -29.58
CA ALA D 1158 3.22 18.83 -29.59
C ALA D 1158 4.60 18.75 -30.21
N LEU D 1159 5.32 17.66 -29.95
CA LEU D 1159 6.64 17.50 -30.55
C LEU D 1159 6.54 17.30 -32.06
N LYS D 1160 5.53 16.56 -32.51
CA LYS D 1160 5.35 16.35 -33.94
C LYS D 1160 4.98 17.64 -34.65
N GLN D 1161 4.15 18.47 -34.03
CA GLN D 1161 3.82 19.76 -34.65
C GLN D 1161 4.99 20.73 -34.58
N LEU D 1162 5.83 20.63 -33.55
CA LEU D 1162 7.03 21.45 -33.49
C LEU D 1162 8.05 21.03 -34.54
N GLY D 1163 8.00 19.77 -34.99
CA GLY D 1163 8.91 19.32 -36.03
C GLY D 1163 8.74 19.98 -37.39
N HIS D 1164 7.61 20.65 -37.63
CA HIS D 1164 7.43 21.34 -38.90
C HIS D 1164 8.07 22.72 -38.94
N ILE D 1165 8.27 23.35 -37.80
CA ILE D 1165 8.67 24.75 -37.78
C ILE D 1165 10.11 24.95 -38.21
N ARG D 1166 10.95 23.92 -38.12
CA ARG D 1166 12.39 24.13 -38.15
C ARG D 1166 12.91 24.50 -39.54
N GLU D 1167 12.42 23.83 -40.59
CA GLU D 1167 12.98 24.02 -41.92
C GLU D 1167 12.55 25.32 -42.57
N TYR D 1168 11.49 25.95 -42.05
CA TYR D 1168 11.01 27.20 -42.63
C TYR D 1168 12.00 28.32 -42.44
N GLU D 1169 12.73 28.33 -41.32
CA GLU D 1169 13.74 29.36 -41.09
C GLU D 1169 14.90 29.22 -42.08
N GLN D 1170 15.28 27.98 -42.41
CA GLN D 1170 16.35 27.76 -43.37
C GLN D 1170 15.94 28.18 -44.78
N ARG D 1171 14.77 27.73 -45.24
CA ARG D 1171 14.35 28.11 -46.60
C ARG D 1171 14.02 29.60 -46.69
N LEU D 1172 13.51 30.20 -45.61
CA LEU D 1172 13.16 31.61 -45.67
C LEU D 1172 14.40 32.49 -45.59
N LYS D 1173 15.45 32.04 -44.87
CA LYS D 1173 16.72 32.75 -44.89
C LYS D 1173 17.38 32.65 -46.27
N VAL D 1174 17.24 31.49 -46.94
CA VAL D 1174 17.77 31.34 -48.28
C VAL D 1174 17.04 32.24 -49.28
N LEU D 1175 15.71 32.33 -49.17
CA LEU D 1175 14.95 33.18 -50.06
C LEU D 1175 15.19 34.67 -49.80
N GLU D 1176 15.39 35.07 -48.54
CA GLU D 1176 15.73 36.45 -48.26
C GLU D 1176 17.13 36.78 -48.75
N ARG D 1177 18.06 35.82 -48.69
CA ARG D 1177 19.38 36.03 -49.27
C ARG D 1177 19.31 36.19 -50.78
N GLU D 1178 18.43 35.42 -51.44
CA GLU D 1178 18.25 35.55 -52.88
C GLU D 1178 17.64 36.90 -53.25
N VAL D 1179 16.69 37.38 -52.45
CA VAL D 1179 16.07 38.68 -52.73
C VAL D 1179 17.07 39.80 -52.50
N GLN D 1180 17.93 39.65 -51.48
CA GLN D 1180 18.98 40.64 -51.24
C GLN D 1180 19.99 40.66 -52.39
N GLN D 1181 20.34 39.48 -52.91
CA GLN D 1181 21.29 39.41 -54.02
C GLN D 1181 20.68 39.99 -55.30
N CYS D 1182 19.39 39.75 -55.52
CA CYS D 1182 18.73 40.32 -56.69
C CYS D 1182 18.61 41.84 -56.58
N SER D 1183 18.37 42.35 -55.37
CA SER D 1183 18.34 43.80 -55.17
C SER D 1183 19.72 44.40 -55.39
N ARG D 1184 20.78 43.72 -54.94
CA ARG D 1184 22.14 44.21 -55.16
C ARG D 1184 22.50 44.19 -56.65
N VAL D 1185 22.08 43.17 -57.38
CA VAL D 1185 22.38 43.08 -58.81
C VAL D 1185 21.58 44.11 -59.61
N LEU D 1186 20.32 44.36 -59.22
CA LEU D 1186 19.52 45.35 -59.93
C LEU D 1186 20.01 46.76 -59.63
N GLY D 1187 20.41 47.03 -58.39
CA GLY D 1187 21.05 48.30 -58.06
C GLY D 1187 22.38 48.46 -58.76
N TRP D 1188 23.10 47.35 -58.97
CA TRP D 1188 24.35 47.38 -59.73
C TRP D 1188 24.11 47.77 -61.19
N VAL D 1189 23.13 47.13 -61.83
CA VAL D 1189 22.87 47.39 -63.24
C VAL D 1189 22.22 48.76 -63.43
N ALA D 1190 21.57 49.29 -62.39
CA ALA D 1190 20.96 50.61 -62.50
C ALA D 1190 21.99 51.70 -62.25
N GLU D 1191 22.57 51.76 -61.06
CA GLU D 1191 23.40 52.88 -60.64
C GLU D 1191 24.86 52.47 -60.47
N ALA D 1192 25.28 51.45 -61.21
CA ALA D 1192 26.69 51.07 -61.24
C ALA D 1192 27.15 50.64 -62.63
N LEU D 1193 26.37 50.89 -63.67
CA LEU D 1193 26.74 50.52 -65.03
C LEU D 1193 26.10 51.44 -66.05
O28 DVT E . 5.02 7.48 -27.97
V10 DVT E . 4.31 6.07 -28.29
O18 DVT E . 2.44 6.51 -28.18
O15 DVT E . 4.46 5.84 -30.13
V1 DVT E . 3.77 4.23 -30.82
O5 DVT E . 4.06 4.28 -32.40
O27 DVT E . 5.71 4.85 -27.82
V9 DVT E . 5.39 3.12 -28.40
O2 DVT E . 3.37 4.02 -28.53
O4 DVT E . 5.15 3.04 -30.22
O8 DVT E . 4.25 1.47 -28.55
O26 DVT E . 6.83 2.42 -28.27
O24 DVT E . 4.72 2.89 -26.52
V7 DVT E . 4.12 0.94 -26.57
O11 DVT E . 3.09 -0.43 -27.19
O25 DVT E . 5.54 0.19 -26.46
O21 DVT E . 3.71 1.33 -24.85
V6 DVT E . 1.88 1.86 -24.63
O19 DVT E . 0.44 3.00 -25.19
O22 DVT E . 1.68 1.76 -23.03
O6 DVT E . 1.14 0.28 -25.30
V8 DVT E . 3.11 3.96 -26.48
O20 DVT E . 2.78 3.68 -24.83
O23 DVT E . 3.86 5.47 -26.38
O16 DVT E . 1.76 0.66 -29.06
V5 DVT E . 1.27 0.08 -27.13
O14 DVT E . 0.50 -1.31 -27.44
O7 DVT E . 2.26 2.10 -26.90
V2 DVT E . 2.51 2.16 -28.97
O1 DVT E . 2.81 2.45 -30.63
O17 DVT E . 1.37 4.64 -26.93
V4 DVT E . 0.21 2.98 -27.01
O13 DVT E . -0.11 1.29 -27.66
O12 DVT E . -1.26 3.70 -27.16
O9 DVT E . 0.88 3.21 -28.90
V3 DVT E . 1.49 5.13 -28.91
O3 DVT E . 1.93 4.74 -30.65
O10 DVT E . 0.07 5.89 -29.09
O28 DVT F . 35.55 -13.23 -46.51
V10 DVT F . 34.11 -13.35 -47.21
O18 DVT F . 34.52 -12.83 -49.03
O15 DVT F . 33.82 -15.16 -47.46
V1 DVT F . 32.15 -15.63 -48.23
O5 DVT F . 32.15 -17.22 -48.29
O27 DVT F . 32.96 -13.13 -45.71
V9 DVT F . 31.19 -13.58 -46.10
O2 DVT F . 32.04 -13.30 -48.11
O4 DVT F . 31.03 -15.29 -46.72
O8 DVT F . 29.50 -13.42 -47.18
O26 DVT F . 30.54 -13.75 -44.64
O24 DVT F . 31.02 -11.59 -46.31
V7 DVT F . 29.06 -11.44 -46.85
O11 DVT F . 27.65 -11.77 -47.94
O25 DVT F . 28.35 -11.62 -45.42
O21 DVT F . 29.51 -9.68 -46.90
V6 DVT F . 30.00 -9.09 -48.64
O19 DVT F . 31.08 -9.35 -50.22
O22 DVT F . 29.97 -7.48 -48.49
O6 DVT F . 28.38 -9.53 -49.46
V8 DVT F . 32.05 -11.23 -47.92
O20 DVT F . 31.84 -9.54 -47.88
O23 DVT F . 33.59 -11.35 -47.21
O16 DVT F . 28.62 -13.34 -49.68
V5 DVT F . 28.11 -11.33 -49.73
O14 DVT F . 26.68 -11.42 -50.49
O7 DVT F . 30.17 -11.40 -48.78
V2 DVT F . 30.15 -13.47 -48.99
O1 DVT F . 30.37 -15.16 -49.07
O17 DVT F . 32.66 -11.31 -49.75
V4 DVT F . 30.98 -11.09 -50.84
O13 DVT F . 29.25 -11.58 -51.23
O12 DVT F . 31.65 -10.94 -52.33
O9 DVT F . 31.15 -13.08 -50.60
V3 DVT F . 33.08 -13.30 -50.07
O3 DVT F . 32.63 -15.06 -50.00
O10 DVT F . 33.80 -13.18 -51.52
O28 DVT G . 17.32 15.44 -18.07
V10 DVT G . 18.44 14.35 -17.67
O18 DVT G . 18.00 12.87 -18.83
O15 DVT G . 20.01 14.91 -18.46
V1 DVT G . 21.54 13.86 -18.11
O5 DVT G . 22.74 14.57 -18.88
O27 DVT G . 18.87 14.93 -15.90
V9 DVT G . 20.40 14.11 -15.23
O2 DVT G . 19.86 12.76 -16.90
O4 DVT G . 21.85 14.39 -16.31
O8 DVT G . 21.51 12.49 -14.78
O26 DVT G . 20.78 15.04 -13.98
O24 DVT G . 19.05 12.90 -14.35
V7 DVT G . 20.29 11.59 -13.39
O11 DVT G . 21.58 10.33 -13.34
O25 DVT G . 20.72 12.49 -12.13
O21 DVT G . 18.69 10.90 -12.90
V6 DVT G . 18.12 9.47 -14.04
O19 DVT G . 17.80 8.84 -15.82
O22 DVT G . 16.93 8.80 -13.18
O6 DVT G . 19.60 8.38 -13.72
V8 DVT G . 18.29 11.93 -15.85
O20 DVT G . 17.16 11.05 -14.91
O23 DVT G . 17.29 13.16 -16.42
O16 DVT G . 22.32 10.15 -15.76
V5 DVT G . 21.16 8.93 -14.55
O14 DVT G . 22.24 7.80 -14.17
O7 DVT G . 19.75 10.55 -15.28
V2 DVT G . 21.33 11.38 -16.34
O1 DVT G . 22.46 12.24 -17.30
O17 DVT G . 18.16 10.82 -17.42
V4 DVT G . 19.22 9.17 -16.94
O13 DVT G . 20.77 8.38 -16.33
O12 DVT G . 18.83 8.22 -18.22
O9 DVT G . 20.57 10.38 -17.82
V3 DVT G . 19.40 11.70 -18.79
O3 DVT G . 21.00 12.42 -19.28
O10 DVT G . 19.01 10.83 -20.10
O28 DVT H . 45.79 38.80 0.59
V10 DVT H . 46.36 37.72 -0.45
O18 DVT H . 47.47 38.79 -1.59
O15 DVT H . 47.68 36.79 0.48
V1 DVT H . 48.51 35.38 -0.47
O5 DVT H . 49.56 34.75 0.55
O27 DVT H . 45.01 36.36 -0.32
V9 DVT H . 45.53 34.76 -1.12
O2 DVT H . 46.96 36.20 -2.01
O4 DVT H . 47.09 34.11 -0.40
O8 DVT H . 46.22 33.68 -2.67
O26 DVT H . 44.48 33.72 -0.52
O24 DVT H . 44.45 35.50 -2.66
V7 DVT H . 44.71 34.01 -4.02
O11 DVT H . 45.72 32.97 -5.12
O25 DVT H . 43.68 32.92 -3.46
O21 DVT H . 43.66 35.13 -4.99
V6 DVT H . 44.66 36.30 -6.12
O19 DVT H . 46.10 37.57 -6.28
O22 DVT H . 43.55 36.88 -7.12
O6 DVT H . 45.52 34.95 -7.08
V8 DVT H . 45.52 36.99 -3.26
O20 DVT H . 44.42 37.48 -4.48
O23 DVT H . 45.10 38.08 -2.04
O16 DVT H . 48.10 33.67 -4.56
V5 DVT H . 46.85 34.06 -6.17
O14 DVT H . 47.45 33.01 -7.26
O7 DVT H . 46.23 35.54 -4.58
V2 DVT H . 47.68 34.74 -3.33
O1 DVT H . 48.81 34.26 -2.13
O17 DVT H . 47.01 38.02 -3.92
V4 DVT H . 47.67 36.96 -5.52
O13 DVT H . 48.23 35.38 -6.27
O12 DVT H . 48.75 38.04 -6.12
O9 DVT H . 48.74 36.23 -3.97
V3 DVT H . 48.52 37.66 -2.58
O3 DVT H . 49.56 36.54 -1.58
O10 DVT H . 49.60 38.75 -3.10
O28 DVT I . 5.04 26.51 -11.70
V10 DVT I . 5.44 26.91 -10.20
O18 DVT I . 7.25 26.26 -10.08
O15 DVT I . 5.76 28.73 -10.24
V1 DVT I . 6.21 29.53 -8.58
O5 DVT I . 6.40 31.08 -8.89
O27 DVT I . 3.71 27.00 -9.38
V9 DVT I . 3.76 27.82 -7.71
O2 DVT I . 5.89 27.28 -8.02
O4 DVT I . 4.48 29.50 -7.78
O8 DVT I . 4.46 27.98 -5.83
O26 DVT I . 2.22 28.16 -7.44
O24 DVT I . 3.79 25.90 -7.09
V7 DVT I . 3.90 26.16 -5.07
O11 DVT I . 4.69 26.76 -3.55
O25 DVT I . 2.37 26.53 -4.75
O21 DVT I . 3.89 24.35 -5.13
V6 DVT I . 5.65 23.60 -5.09
O19 DVT I . 7.42 23.58 -5.83
O22 DVT I . 5.37 22.06 -4.76
O6 DVT I . 6.14 24.36 -3.45
V8 DVT I . 5.53 25.27 -7.65
O20 DVT I . 5.31 23.67 -7.11
O23 DVT I . 5.17 25.08 -9.29
O16 DVT I . 6.72 28.02 -4.42
V5 DVT I . 6.50 26.17 -3.51
O14 DVT I . 6.95 26.53 -2.01
O7 DVT I . 6.00 25.81 -5.69
V2 DVT I . 6.36 27.83 -6.05
O1 DVT I . 6.61 29.43 -6.60
O17 DVT I . 7.44 25.15 -7.85
V4 DVT I . 8.15 25.27 -5.96
O13 DVT I . 8.22 26.11 -4.33
O12 DVT I . 9.72 24.92 -6.24
O9 DVT I . 8.12 27.19 -6.58
V3 DVT I . 8.01 26.99 -8.59
O3 DVT I . 7.99 28.82 -8.54
O10 DVT I . 9.56 26.67 -8.93
O28 DVT J . -23.12 55.33 -2.69
V10 DVT J . -21.61 55.68 -2.26
O18 DVT J . -21.35 57.42 -3.05
O15 DVT J . -21.70 56.18 -0.48
V1 DVT J . -20.05 56.60 0.35
O5 DVT J . -20.41 56.95 1.87
O27 DVT J . -20.90 53.93 -1.96
V9 DVT J . -19.26 53.95 -1.08
O2 DVT J . -19.42 56.03 -1.82
O4 DVT J . -19.35 54.83 0.53
O8 DVT J . -17.35 54.55 -0.89
O26 DVT J . -19.11 52.44 -0.58
O24 DVT J . -18.56 53.77 -2.95
V7 DVT J . -16.56 53.77 -2.60
O11 DVT J . -15.02 54.54 -2.02
O25 DVT J . -16.34 52.27 -2.08
O21 DVT J . -16.54 53.60 -4.41
V6 DVT J . -16.36 55.27 -5.32
O19 DVT J . -16.98 57.08 -5.54
O22 DVT J . -15.99 54.83 -6.81
O6 DVT J . -14.73 55.75 -4.53
V8 DVT J . -18.99 55.47 -3.77
O20 DVT J . -18.39 55.07 -5.31
O23 DVT J . -20.64 55.20 -4.01
O16 DVT J . -15.80 56.72 -0.99
V5 DVT J . -14.84 56.27 -2.77
O14 DVT J . -13.32 56.67 -2.38
O7 DVT J . -17.03 55.88 -3.17
V2 DVT J . -17.45 56.44 -1.23
O1 DVT J . -18.05 56.88 0.32
O17 DVT J . -19.07 57.38 -4.07
V4 DVT J . -17.13 57.96 -3.93
O13 DVT J . -15.54 58.02 -3.01
O12 DVT J . -17.30 59.52 -4.43
O9 DVT J . -17.84 58.16 -2.05
V3 DVT J . -19.83 58.15 -2.33
O3 DVT J . -19.86 58.31 -0.51
O10 DVT J . -20.07 59.68 -2.81
O28 DVT K . -7.30 18.54 -21.64
V10 DVT K . -8.71 18.63 -20.87
O18 DVT K . -8.33 19.90 -19.47
O15 DVT K . -9.81 19.66 -21.93
V1 DVT K . -11.59 19.89 -21.32
O5 DVT K . -12.31 20.77 -22.43
O27 DVT K . -9.47 16.93 -21.33
V9 DVT K . -11.27 16.81 -20.91
O2 DVT K . -10.63 18.53 -19.68
O4 DVT K . -12.25 18.15 -21.72
O8 DVT K . -12.82 16.95 -19.63
O26 DVT K . -11.76 15.55 -21.77
O24 DVT K . -10.56 15.88 -19.27
V7 DVT K . -12.30 15.51 -18.28
O11 DVT K . -13.81 16.00 -17.43
O25 DVT K . -12.83 14.24 -19.11
O21 DVT K . -11.12 14.77 -17.11
V6 DVT K . -10.61 15.99 -15.72
O19 DVT K . -9.96 17.73 -15.24
O22 DVT K . -9.91 15.01 -14.65
O6 DVT K . -12.34 16.26 -15.06
V8 DVT K . -9.66 17.31 -18.31
O20 DVT K . -9.09 16.31 -17.05
O23 DVT K . -8.28 17.38 -19.26
O16 DVT K . -13.86 18.52 -17.75
V5 DVT K . -13.42 17.31 -16.12
O14 DVT K . -14.80 17.42 -15.29
O7 DVT K . -11.51 17.37 -17.35
V2 DVT K . -12.48 18.60 -18.71
O1 DVT K . -13.05 19.64 -19.95
O17 DVT K . -9.37 18.97 -17.39
V4 DVT K . -10.89 19.09 -16.06
O13 DVT K . -12.69 19.02 -15.69
O12 DVT K . -10.40 20.38 -15.21
O9 DVT K . -11.60 20.01 -17.71
V3 DVT K . -9.93 20.41 -18.74
O3 DVT K . -11.10 21.13 -19.94
O10 DVT K . -9.41 21.73 -17.95
O28 DVT L . -33.36 3.30 -49.80
V10 DVT L . -33.86 4.63 -49.04
O18 DVT L . -34.31 5.79 -50.51
O15 DVT L . -35.57 4.24 -48.43
V1 DVT L . -36.41 5.59 -47.43
O5 DVT L . -37.82 4.99 -47.00
O27 DVT L . -32.97 4.44 -47.36
V9 DVT L . -33.61 5.61 -46.07
O2 DVT L . -34.34 6.54 -47.94
O4 DVT L . -35.41 5.43 -45.80
O8 DVT L . -34.07 7.46 -45.41
O26 DVT L . -33.05 4.99 -44.71
O24 DVT L . -32.01 6.68 -46.64
V7 DVT L . -32.21 8.32 -45.45
O11 DVT L . -33.09 9.80 -44.87
O25 DVT L . -31.67 7.74 -44.05
O21 DVT L . -30.69 8.79 -46.33
V6 DVT L . -31.03 9.89 -47.86
O19 DVT L . -32.01 10.14 -49.50
O22 DVT L . -29.57 10.46 -48.20
O6 DVT L . -31.88 11.27 -46.92
V8 DVT L . -32.46 7.25 -48.43
O20 DVT L . -30.99 8.04 -48.73
O23 DVT L . -32.15 5.78 -49.21
O16 DVT L . -35.28 9.71 -46.14
V5 DVT L . -33.58 10.88 -46.34
O14 DVT L . -34.09 12.25 -45.64
O7 DVT L . -33.10 8.93 -47.40
V2 DVT L . -34.99 8.24 -46.91
O1 DVT L . -36.50 7.46 -46.63
O17 DVT L . -33.41 8.04 -49.91
V4 DVT L . -33.83 9.92 -49.27
O13 DVT L . -34.51 11.05 -48.00
O12 DVT L . -34.41 10.54 -50.66
O9 DVT L . -35.44 8.83 -48.70
V3 DVT L . -35.28 7.19 -49.84
O3 DVT L . -36.80 6.70 -48.95
O10 DVT L . -35.87 7.75 -51.24
#